data_5UGY
#
_entry.id   5UGY
#
_cell.length_a   154.824
_cell.length_b   192.190
_cell.length_c   333.219
_cell.angle_alpha   90.000
_cell.angle_beta   90.000
_cell.angle_gamma   90.000
#
_symmetry.space_group_name_H-M   'I 21 21 21'
#
loop_
_entity.id
_entity.type
_entity.pdbx_description
1 polymer 'Hemagglutinin HA1'
2 polymer 'Hemagglutinin HA2'
3 polymer 'CH65 heavy chain'
4 polymer 'CH65 light chain'
5 branched 2-acetamido-2-deoxy-beta-D-glucopyranose-(1-4)-2-acetamido-2-deoxy-beta-D-glucopyranose
6 branched beta-D-mannopyranose-(1-4)-2-acetamido-2-deoxy-beta-D-glucopyranose-(1-4)-2-acetamido-2-deoxy-beta-D-glucopyranose
7 non-polymer 2-acetamido-2-deoxy-beta-D-glucopyranose
#
loop_
_entity_poly.entity_id
_entity_poly.type
_entity_poly.pdbx_seq_one_letter_code
_entity_poly.pdbx_strand_id
1 'polypeptide(L)'
;EDTICIGYHANNSTDTVDTVLEKNVTVTHSVNLLEDSHNGKLCLLKGIAPLQLGNCSVAGWILGNPECELLISRESWSYI
VEKPNPENGTCYPGHFADYEELREQLSSVSSFERFEIFPKESSWPNHTTTGVSASCSHNGESSFYKNLLWLTGKNGLYPN
LSKSYANNKEKEVLVLWGVHHPPNIGDQRALYHTENAYVSVVSSHYSRKFTPEIAKRPKVRDREGRINYYWTLLEPGDTI
IFEANGNLIAPRYAFALSRGFGSGIINSNAPMDECDAKCQTPQGAINSSLPFQNVHPVTIGECPKYVRSAKLRMVTGLRN
IPS
;
A,C,E
2 'polypeptide(L)'
;GLFGAIAGFIEGGWTGMVDGWYGYHHQNEQGSGYAADQKSTQNAINGITNKVNSVIEKMNTQFTAVGKEFNKLERRMENL
NKKVDDGFIDIWTYNAELLVLLENERTLDFHDSNVKNLYEKVKSQLKNNAKEIGNGCFEFYHKCNDECMESVKNGTYDYP
KYSEESKLNREKI
;
B,D,F
3 'polypeptide(L)'
;EVQLVQSGAEVKKPGASVKVSCKASGYTFTDYHINWVRQAPGQGLEWMGWIHPNSGDTNYAQKFQGWVTMTRDTAISTAY
MEVNGLKSDDTAVYYCARGGLEPRSVDYYYYGMDVWGQGTTVTVSSASTKGPSVFPLAPSSKSTSGGTAALGCLVKDYFP
EPVTVSWNSGALTSGVHTFPAVLQSSGLYSLSSVVTVPSSSLGTQTYICNVNHKPSNTKVDKRVEPK
;
H,I,J
4 'polypeptide(L)'
;SVLTQPPSVSVAPGQTARITCGGNDIGRKSVHWNQQKPGQAPVLVVCYDSDRPSGIPERFSGSNSGNTATLTISRVEAGD
EADYYCQVWDSSSDHVIFGGGTKLTVLGQPKAAPSVTLFPPSSEELQANKATLVCLISDFYPGAVTVAWKADSSPVKAGV
ETTTPSKQSNNKYAASSYLSLTPEQWKSHRSYSCQVTHEGSTVEKTVAPT
;
L,M,N
#
# COMPACT_ATOMS: atom_id res chain seq x y z
N GLU A 1 25.72 94.71 21.00
CA GLU A 1 24.95 95.46 20.01
C GLU A 1 23.86 94.57 19.43
N ASP A 2 23.42 94.85 18.20
CA ASP A 2 22.44 93.99 17.57
C ASP A 2 23.04 92.62 17.27
N THR A 3 22.17 91.63 17.16
CA THR A 3 22.62 90.25 17.03
C THR A 3 21.61 89.46 16.20
N ILE A 4 22.13 88.51 15.43
CA ILE A 4 21.32 87.49 14.76
C ILE A 4 21.96 86.15 15.08
N CYS A 5 21.16 85.24 15.64
CA CYS A 5 21.63 83.91 15.98
C CYS A 5 20.88 82.87 15.17
N ILE A 6 21.49 81.71 15.01
CA ILE A 6 20.89 80.59 14.27
C ILE A 6 20.98 79.35 15.14
N GLY A 7 19.85 78.67 15.30
CA GLY A 7 19.78 77.52 16.20
C GLY A 7 18.76 76.49 15.75
N TYR A 8 18.39 75.58 16.65
CA TYR A 8 17.54 74.45 16.27
C TYR A 8 16.58 74.10 17.40
N HIS A 9 15.50 73.43 17.01
CA HIS A 9 14.37 73.13 17.87
C HIS A 9 14.75 72.17 18.99
N ALA A 10 14.03 72.29 20.11
CA ALA A 10 14.19 71.41 21.25
C ALA A 10 12.91 71.47 22.08
N ASN A 11 12.64 70.39 22.82
CA ASN A 11 11.41 70.29 23.59
C ASN A 11 11.64 69.35 24.77
N ASN A 12 10.55 68.98 25.45
CA ASN A 12 10.62 68.15 26.64
C ASN A 12 10.57 66.65 26.32
N SER A 13 10.50 66.28 25.05
CA SER A 13 10.35 64.88 24.68
C SER A 13 11.49 64.04 25.24
N THR A 14 11.16 62.82 25.66
CA THR A 14 12.12 61.88 26.21
C THR A 14 12.36 60.68 25.29
N ASP A 15 11.79 60.71 24.09
CA ASP A 15 11.99 59.64 23.13
C ASP A 15 13.48 59.39 22.89
N THR A 16 13.90 58.14 23.06
CA THR A 16 15.26 57.73 22.76
C THR A 16 15.29 56.80 21.57
N VAL A 17 16.35 56.90 20.78
CA VAL A 17 16.57 56.03 19.63
C VAL A 17 18.00 55.50 19.71
N ASP A 18 18.18 54.28 19.21
CA ASP A 18 19.51 53.69 19.14
C ASP A 18 20.19 54.07 17.84
N THR A 19 21.51 54.26 17.92
CA THR A 19 22.30 54.69 16.79
C THR A 19 23.53 53.81 16.69
N VAL A 20 24.10 53.75 15.48
CA VAL A 20 25.26 52.90 15.21
C VAL A 20 26.37 53.21 16.21
N LEU A 21 26.64 54.50 16.41
CA LEU A 21 27.78 54.95 17.20
C LEU A 21 27.43 55.18 18.66
N GLU A 22 26.18 55.56 18.94
CA GLU A 22 25.76 55.94 20.28
C GLU A 22 24.39 55.34 20.55
N LYS A 23 24.14 55.01 21.82
CA LYS A 23 22.89 54.39 22.22
C LYS A 23 22.18 55.28 23.23
N ASN A 24 20.85 55.18 23.25
CA ASN A 24 20.00 56.03 24.09
C ASN A 24 20.22 57.51 23.77
N VAL A 25 19.93 57.86 22.52
CA VAL A 25 20.00 59.25 22.05
C VAL A 25 18.61 59.85 22.14
N THR A 26 18.42 60.79 23.06
CA THR A 26 17.12 61.42 23.23
C THR A 26 16.88 62.39 22.07
N VAL A 27 15.68 62.33 21.47
CA VAL A 27 15.38 63.08 20.25
C VAL A 27 14.05 63.79 20.42
N THR A 28 13.82 64.76 19.54
CA THR A 28 12.62 65.59 19.60
C THR A 28 11.41 64.87 19.02
N HIS A 29 11.61 64.14 17.94
CA HIS A 29 10.52 63.44 17.26
C HIS A 29 10.98 62.03 16.92
N SER A 30 10.02 61.12 16.84
CA SER A 30 10.33 59.73 16.54
C SER A 30 9.07 59.06 15.98
N VAL A 31 9.25 57.85 15.47
CA VAL A 31 8.16 57.06 14.92
C VAL A 31 8.45 55.59 15.16
N ASN A 32 7.44 54.85 15.58
CA ASN A 32 7.60 53.41 15.79
C ASN A 32 7.46 52.67 14.47
N LEU A 33 8.24 51.60 14.32
CA LEU A 33 8.14 50.72 13.16
C LEU A 33 7.73 49.31 13.54
N LEU A 34 7.53 49.03 14.83
CA LEU A 34 7.40 47.67 15.33
C LEU A 34 6.04 47.52 16.03
N GLU A 35 5.11 46.86 15.36
CA GLU A 35 3.83 46.56 15.99
C GLU A 35 4.08 45.58 17.13
N ASP A 36 3.53 45.86 18.31
CA ASP A 36 3.71 44.97 19.45
C ASP A 36 2.44 44.83 20.28
N SER A 37 1.28 45.06 19.68
CA SER A 37 0.01 44.97 20.39
C SER A 37 -0.97 44.15 19.56
N HIS A 38 -1.71 43.27 20.24
CA HIS A 38 -2.76 42.49 19.63
C HIS A 38 -4.07 42.77 20.36
N ASN A 39 -5.18 42.71 19.63
CA ASN A 39 -6.47 43.11 20.16
C ASN A 39 -7.19 41.98 20.89
N GLY A 40 -6.50 40.88 21.18
CA GLY A 40 -7.10 39.79 21.94
C GLY A 40 -8.43 39.32 21.36
N LYS A 41 -8.58 39.43 20.04
CA LYS A 41 -9.83 39.08 19.38
C LYS A 41 -9.53 38.42 18.04
N LEU A 42 -10.39 37.47 17.65
CA LEU A 42 -10.26 36.82 16.35
C LEU A 42 -11.16 37.55 15.35
N CYS A 43 -10.65 38.69 14.88
CA CYS A 43 -11.37 39.45 13.87
C CYS A 43 -11.54 38.62 12.60
N LEU A 44 -12.34 39.14 11.68
CA LEU A 44 -12.50 38.53 10.38
C LEU A 44 -11.53 39.16 9.38
N LEU A 45 -11.07 38.36 8.43
CA LEU A 45 -10.06 38.79 7.47
C LEU A 45 -10.70 39.28 6.19
N LYS A 46 -10.14 40.39 5.67
CA LYS A 46 -10.48 40.95 4.37
C LYS A 46 -11.95 40.75 4.01
N GLY A 47 -12.83 40.99 4.98
CA GLY A 47 -14.27 40.94 4.76
C GLY A 47 -14.92 39.59 5.01
N ILE A 48 -14.15 38.50 4.97
CA ILE A 48 -14.69 37.17 5.17
C ILE A 48 -14.45 36.74 6.60
N ALA A 49 -15.48 36.10 7.22
CA ALA A 49 -15.42 35.69 8.61
C ALA A 49 -14.87 34.27 8.73
N PRO A 50 -14.18 33.96 9.83
CA PRO A 50 -13.69 32.59 10.02
C PRO A 50 -14.83 31.62 10.29
N LEU A 51 -14.47 30.34 10.28
CA LEU A 51 -15.40 29.25 10.56
C LEU A 51 -15.24 28.85 12.02
N GLN A 52 -16.32 28.99 12.80
CA GLN A 52 -16.28 28.65 14.21
C GLN A 52 -16.67 27.19 14.39
N LEU A 53 -15.82 26.46 15.11
CA LEU A 53 -16.09 25.07 15.48
C LEU A 53 -16.44 24.91 16.94
N GLY A 54 -16.27 25.97 17.75
CA GLY A 54 -16.71 25.95 19.13
C GLY A 54 -15.97 24.95 19.99
N ASN A 55 -16.46 23.71 20.00
CA ASN A 55 -15.92 22.66 20.84
C ASN A 55 -15.37 21.49 20.04
N CYS A 56 -15.50 21.50 18.72
CA CYS A 56 -15.17 20.36 17.89
C CYS A 56 -13.89 20.61 17.10
N SER A 57 -13.22 19.52 16.74
CA SER A 57 -12.12 19.58 15.79
C SER A 57 -12.69 19.52 14.38
N VAL A 58 -11.81 19.65 13.38
CA VAL A 58 -12.27 19.56 12.00
C VAL A 58 -12.87 18.19 11.74
N ALA A 59 -12.22 17.13 12.27
CA ALA A 59 -12.73 15.79 12.10
C ALA A 59 -14.18 15.68 12.53
N GLY A 60 -14.49 16.12 13.75
CA GLY A 60 -15.86 16.07 14.22
C GLY A 60 -16.80 16.89 13.36
N TRP A 61 -16.38 18.10 13.00
CA TRP A 61 -17.25 18.98 12.21
C TRP A 61 -17.63 18.36 10.88
N ILE A 62 -16.67 17.75 10.18
CA ILE A 62 -16.96 17.26 8.84
C ILE A 62 -17.53 15.84 8.85
N LEU A 63 -17.17 15.02 9.83
CA LEU A 63 -17.75 13.68 9.93
C LEU A 63 -19.22 13.74 10.33
N GLY A 64 -19.64 14.81 11.00
CA GLY A 64 -21.01 14.92 11.47
C GLY A 64 -21.16 14.38 12.88
N ASN A 65 -20.15 14.60 13.71
CA ASN A 65 -20.23 14.22 15.11
C ASN A 65 -21.56 14.71 15.69
N PRO A 66 -22.25 13.89 16.50
CA PRO A 66 -23.62 14.25 16.89
C PRO A 66 -23.73 15.50 17.74
N GLU A 67 -22.65 15.97 18.36
CA GLU A 67 -22.70 17.12 19.26
C GLU A 67 -22.18 18.41 18.64
N CYS A 68 -21.77 18.38 17.37
CA CYS A 68 -21.17 19.55 16.74
C CYS A 68 -22.22 20.38 16.02
N GLU A 69 -22.12 21.70 16.15
CA GLU A 69 -22.89 22.61 15.29
C GLU A 69 -22.41 22.44 13.87
N LEU A 70 -23.22 21.75 13.06
CA LEU A 70 -22.88 21.50 11.67
C LEU A 70 -22.78 22.79 10.87
N LEU A 71 -23.42 23.86 11.33
CA LEU A 71 -23.36 25.18 10.69
C LEU A 71 -23.63 25.07 9.19
N ILE A 72 -24.78 24.49 8.86
CA ILE A 72 -25.24 24.48 7.47
C ILE A 72 -25.27 25.88 6.90
N SER A 73 -25.42 26.89 7.77
CA SER A 73 -25.48 28.27 7.30
C SER A 73 -24.18 28.72 6.66
N ARG A 74 -23.05 28.17 7.10
CA ARG A 74 -21.74 28.65 6.63
C ARG A 74 -21.47 28.13 5.24
N GLU A 75 -21.30 29.05 4.29
CA GLU A 75 -21.08 28.72 2.90
C GLU A 75 -19.71 29.14 2.39
N SER A 76 -18.95 29.91 3.18
CA SER A 76 -17.61 30.34 2.81
C SER A 76 -16.92 30.87 4.06
N TRP A 77 -15.59 30.77 4.08
CA TRP A 77 -14.82 31.30 5.20
C TRP A 77 -13.38 31.52 4.76
N SER A 78 -12.66 32.30 5.57
CA SER A 78 -11.28 32.65 5.28
C SER A 78 -10.27 31.78 6.02
N TYR A 79 -10.60 31.35 7.24
CA TYR A 79 -9.74 30.43 7.98
C TYR A 79 -10.60 29.77 9.04
N ILE A 80 -10.07 28.69 9.61
CA ILE A 80 -10.81 27.86 10.56
C ILE A 80 -10.27 28.10 11.96
N VAL A 81 -11.16 27.99 12.95
CA VAL A 81 -10.87 28.29 14.33
C VAL A 81 -11.19 27.08 15.18
N GLU A 82 -10.18 26.50 15.80
CA GLU A 82 -10.32 25.49 16.85
C GLU A 82 -9.82 26.07 18.16
N LYS A 83 -9.89 25.24 19.20
CA LYS A 83 -9.28 25.51 20.50
C LYS A 83 -8.06 24.62 20.69
N PRO A 84 -7.25 24.88 21.71
CA PRO A 84 -6.02 24.08 21.88
C PRO A 84 -6.28 22.58 21.88
N ASN A 85 -7.30 22.12 22.59
CA ASN A 85 -7.65 20.69 22.66
C ASN A 85 -9.16 20.55 22.49
N PRO A 86 -9.65 20.56 21.25
CA PRO A 86 -11.10 20.45 21.05
C PRO A 86 -11.67 19.20 21.69
N GLU A 87 -12.92 19.30 22.12
CA GLU A 87 -13.52 18.27 22.97
C GLU A 87 -14.16 17.13 22.19
N ASN A 88 -14.73 17.41 21.01
CA ASN A 88 -15.53 16.44 20.27
C ASN A 88 -14.96 16.27 18.87
N GLY A 89 -14.14 15.25 18.69
CA GLY A 89 -13.57 14.91 17.40
C GLY A 89 -14.11 13.60 16.86
N THR A 90 -13.25 12.60 16.74
CA THR A 90 -13.68 11.26 16.35
C THR A 90 -14.29 10.58 17.58
N CYS A 91 -15.62 10.64 17.68
CA CYS A 91 -16.29 10.12 18.87
C CYS A 91 -16.21 8.60 18.95
N TYR A 92 -16.08 7.92 17.80
CA TYR A 92 -15.80 6.50 17.80
C TYR A 92 -14.33 6.34 17.42
N PRO A 93 -13.47 5.81 18.31
CA PRO A 93 -12.03 5.94 18.10
C PRO A 93 -11.57 5.32 16.79
N GLY A 94 -10.44 5.81 16.31
CA GLY A 94 -9.89 5.35 15.06
C GLY A 94 -8.93 6.38 14.49
N HIS A 95 -8.31 6.00 13.37
CA HIS A 95 -7.30 6.83 12.72
C HIS A 95 -7.93 7.56 11.54
N PHE A 96 -7.70 8.88 11.48
CA PHE A 96 -8.16 9.70 10.36
C PHE A 96 -6.98 9.87 9.41
N ALA A 97 -7.09 9.33 8.22
CA ALA A 97 -5.98 9.30 7.28
C ALA A 97 -5.90 10.59 6.49
N ASP A 98 -4.67 11.06 6.24
CA ASP A 98 -4.43 12.27 5.47
C ASP A 98 -5.19 13.45 6.09
N TYR A 99 -5.03 13.60 7.40
CA TYR A 99 -5.81 14.58 8.15
C TYR A 99 -5.24 15.98 8.01
N GLU A 100 -3.92 16.12 8.07
CA GLU A 100 -3.30 17.44 7.91
C GLU A 100 -3.60 18.01 6.53
N GLU A 101 -3.54 17.19 5.48
CA GLU A 101 -3.90 17.66 4.15
C GLU A 101 -5.31 18.23 4.13
N LEU A 102 -6.29 17.46 4.62
CA LEU A 102 -7.67 17.91 4.55
C LEU A 102 -7.86 19.20 5.35
N ARG A 103 -7.28 19.27 6.54
CA ARG A 103 -7.26 20.52 7.29
C ARG A 103 -6.69 21.66 6.45
N GLU A 104 -5.63 21.39 5.70
CA GLU A 104 -5.00 22.42 4.89
C GLU A 104 -5.95 22.91 3.79
N GLN A 105 -6.66 21.98 3.15
CA GLN A 105 -7.46 22.30 1.98
C GLN A 105 -8.82 22.88 2.34
N LEU A 106 -9.33 22.56 3.52
CA LEU A 106 -10.54 23.18 4.05
C LEU A 106 -10.27 24.47 4.79
N SER A 107 -9.00 24.87 4.92
CA SER A 107 -8.65 26.08 5.64
C SER A 107 -9.48 27.26 5.16
N SER A 108 -9.57 27.44 3.84
CA SER A 108 -10.40 28.48 3.24
C SER A 108 -11.21 27.88 2.10
N VAL A 109 -12.46 28.32 1.97
CA VAL A 109 -13.36 27.79 0.96
C VAL A 109 -14.14 28.96 0.36
N SER A 110 -14.31 28.92 -0.97
CA SER A 110 -15.10 29.94 -1.65
C SER A 110 -16.59 29.61 -1.60
N SER A 111 -16.95 28.37 -1.92
CA SER A 111 -18.33 27.92 -1.88
C SER A 111 -18.37 26.48 -1.40
N PHE A 112 -19.49 26.11 -0.76
CA PHE A 112 -19.53 24.92 0.07
C PHE A 112 -20.99 24.56 0.32
N GLU A 113 -21.44 23.41 -0.20
CA GLU A 113 -22.80 22.94 0.06
C GLU A 113 -22.78 21.47 0.45
N ARG A 114 -23.49 21.16 1.52
CA ARG A 114 -23.65 19.80 2.02
C ARG A 114 -24.85 19.16 1.32
N PHE A 115 -24.63 18.01 0.65
CA PHE A 115 -25.72 17.32 -0.03
C PHE A 115 -25.68 15.85 0.31
N GLU A 116 -26.85 15.21 0.26
CA GLU A 116 -26.99 13.81 0.67
C GLU A 116 -26.66 12.93 -0.52
N ILE A 117 -25.43 12.40 -0.54
CA ILE A 117 -24.95 11.64 -1.71
C ILE A 117 -25.64 10.28 -1.77
N PHE A 118 -25.80 9.61 -0.63
CA PHE A 118 -26.42 8.29 -0.55
C PHE A 118 -27.53 8.35 0.49
N PRO A 119 -28.76 8.66 0.08
CA PRO A 119 -29.85 8.82 1.06
C PRO A 119 -30.02 7.60 1.94
N LYS A 120 -30.31 7.84 3.22
CA LYS A 120 -30.44 6.75 4.19
C LYS A 120 -31.35 5.64 3.68
N GLU A 121 -32.46 6.01 3.06
CA GLU A 121 -33.35 5.05 2.41
C GLU A 121 -33.18 5.15 0.90
N SER A 122 -33.56 4.06 0.22
CA SER A 122 -33.42 3.92 -1.23
C SER A 122 -32.02 3.47 -1.60
N SER A 123 -31.01 3.96 -0.87
CA SER A 123 -29.63 3.64 -1.21
C SER A 123 -29.18 2.31 -0.64
N TRP A 124 -29.81 1.80 0.41
CA TRP A 124 -29.38 0.57 1.07
C TRP A 124 -30.61 -0.29 1.33
N PRO A 125 -31.22 -0.81 0.26
CA PRO A 125 -32.51 -1.50 0.42
C PRO A 125 -32.38 -2.83 1.16
N ASN A 126 -31.26 -3.52 0.99
CA ASN A 126 -31.09 -4.88 1.49
C ASN A 126 -30.08 -4.95 2.63
N HIS A 127 -29.71 -3.82 3.21
CA HIS A 127 -28.84 -3.77 4.38
C HIS A 127 -29.54 -2.96 5.48
N THR A 128 -28.96 -3.00 6.67
CA THR A 128 -29.50 -2.27 7.82
C THR A 128 -28.65 -1.02 8.06
N THR A 129 -29.33 0.12 8.16
CA THR A 129 -28.66 1.42 8.26
C THR A 129 -28.76 2.04 9.65
N THR A 130 -29.36 1.34 10.60
CA THR A 130 -29.72 1.92 11.89
C THR A 130 -28.59 1.87 12.92
N GLY A 131 -27.46 1.24 12.60
CA GLY A 131 -26.40 1.07 13.57
C GLY A 131 -26.00 2.33 14.30
N VAL A 132 -25.91 2.26 15.63
CA VAL A 132 -25.47 3.37 16.46
C VAL A 132 -24.62 2.83 17.59
N SER A 133 -23.85 3.72 18.22
CA SER A 133 -22.93 3.35 19.28
C SER A 133 -23.06 4.32 20.44
N ALA A 134 -22.82 3.81 21.65
CA ALA A 134 -22.82 4.66 22.83
C ALA A 134 -21.58 5.55 22.92
N SER A 135 -20.59 5.33 22.06
CA SER A 135 -19.43 6.21 21.99
C SER A 135 -19.74 7.52 21.28
N CYS A 136 -20.86 7.61 20.57
CA CYS A 136 -21.26 8.82 19.87
C CYS A 136 -22.71 9.13 20.28
N SER A 137 -22.89 9.50 21.55
CA SER A 137 -24.21 9.65 22.15
C SER A 137 -24.64 11.11 22.11
N HIS A 138 -25.82 11.34 21.54
CA HIS A 138 -26.45 12.66 21.54
C HIS A 138 -27.60 12.64 22.55
N ASN A 139 -27.43 13.38 23.64
CA ASN A 139 -28.41 13.43 24.74
C ASN A 139 -28.39 12.12 25.53
N GLY A 140 -27.18 11.66 25.87
CA GLY A 140 -27.03 10.43 26.63
C GLY A 140 -27.73 9.24 26.01
N GLU A 141 -28.01 9.33 24.71
CA GLU A 141 -28.71 8.28 23.97
C GLU A 141 -27.91 7.97 22.72
N SER A 142 -27.50 6.71 22.58
CA SER A 142 -26.55 6.32 21.55
C SER A 142 -26.95 6.86 20.19
N SER A 143 -25.96 7.37 19.46
CA SER A 143 -26.16 7.92 18.12
C SER A 143 -24.96 7.60 17.24
N PHE A 144 -24.71 8.41 16.22
CA PHE A 144 -23.63 8.13 15.28
C PHE A 144 -23.52 9.32 14.33
N TYR A 145 -22.40 9.37 13.59
CA TYR A 145 -22.12 10.47 12.69
C TYR A 145 -23.32 10.79 11.80
N LYS A 146 -23.50 12.08 11.52
CA LYS A 146 -24.62 12.54 10.70
C LYS A 146 -24.30 12.56 9.21
N ASN A 147 -23.04 12.33 8.83
CA ASN A 147 -22.65 12.29 7.42
C ASN A 147 -22.22 10.90 6.98
N LEU A 148 -22.32 9.90 7.86
CA LEU A 148 -21.91 8.53 7.54
C LEU A 148 -23.01 7.56 7.98
N LEU A 149 -22.92 6.34 7.48
CA LEU A 149 -23.84 5.26 7.83
C LEU A 149 -23.07 4.00 8.19
N TRP A 150 -23.55 3.29 9.22
CA TRP A 150 -23.00 2.00 9.60
C TRP A 150 -23.87 0.95 8.90
N LEU A 151 -23.33 0.26 7.91
CA LEU A 151 -24.07 -0.79 7.23
C LEU A 151 -23.87 -2.12 7.96
N THR A 152 -24.97 -2.82 8.23
CA THR A 152 -24.93 -4.10 8.91
C THR A 152 -25.91 -5.05 8.20
N GLY A 153 -25.90 -6.31 8.65
CA GLY A 153 -26.70 -7.33 7.99
C GLY A 153 -28.19 -7.13 8.23
N LYS A 154 -28.97 -7.42 7.20
CA LYS A 154 -30.43 -7.48 7.29
C LYS A 154 -30.84 -8.94 7.11
N ASN A 155 -31.38 -9.55 8.18
CA ASN A 155 -31.93 -10.90 8.11
C ASN A 155 -30.83 -11.92 7.81
N GLY A 156 -29.76 -11.87 8.61
CA GLY A 156 -28.67 -12.82 8.46
C GLY A 156 -27.93 -12.72 7.15
N LEU A 157 -28.00 -11.57 6.46
CA LEU A 157 -27.40 -11.40 5.16
C LEU A 157 -26.72 -10.05 5.08
N TYR A 158 -25.51 -10.03 4.53
CA TYR A 158 -24.83 -8.79 4.14
C TYR A 158 -24.45 -8.96 2.68
N PRO A 159 -25.39 -8.76 1.77
CA PRO A 159 -25.11 -9.05 0.35
C PRO A 159 -24.08 -8.10 -0.24
N ASN A 160 -23.27 -8.64 -1.15
CA ASN A 160 -22.27 -7.83 -1.86
C ASN A 160 -22.93 -6.58 -2.43
N LEU A 161 -22.38 -5.42 -2.11
CA LEU A 161 -22.94 -4.15 -2.56
C LEU A 161 -21.96 -3.42 -3.46
N SER A 162 -22.53 -2.66 -4.40
CA SER A 162 -21.76 -1.84 -5.33
C SER A 162 -22.58 -0.59 -5.63
N LYS A 163 -22.05 0.57 -5.25
CA LYS A 163 -22.70 1.86 -5.46
C LYS A 163 -21.75 2.81 -6.18
N SER A 164 -22.34 3.82 -6.81
CA SER A 164 -21.57 4.79 -7.57
C SER A 164 -22.25 6.15 -7.50
N TYR A 165 -21.44 7.21 -7.51
CA TYR A 165 -21.95 8.56 -7.66
C TYR A 165 -21.14 9.28 -8.72
N ALA A 166 -21.83 9.93 -9.64
CA ALA A 166 -21.22 10.73 -10.69
C ALA A 166 -21.40 12.20 -10.35
N ASN A 167 -20.30 12.93 -10.25
CA ASN A 167 -20.34 14.35 -9.88
C ASN A 167 -20.82 15.17 -11.07
N ASN A 168 -22.00 15.75 -10.95
CA ASN A 168 -22.56 16.64 -11.96
C ASN A 168 -22.72 18.07 -11.44
N LYS A 169 -21.98 18.43 -10.40
CA LYS A 169 -22.14 19.71 -9.72
C LYS A 169 -21.12 20.75 -10.13
N GLU A 170 -20.29 20.47 -11.13
CA GLU A 170 -19.34 21.43 -11.69
C GLU A 170 -18.28 21.88 -10.68
N LYS A 171 -18.24 21.27 -9.49
CA LYS A 171 -17.28 21.58 -8.47
C LYS A 171 -16.71 20.28 -7.92
N GLU A 172 -15.69 20.39 -7.05
CA GLU A 172 -15.13 19.17 -6.47
C GLU A 172 -16.02 18.70 -5.33
N VAL A 173 -16.15 17.39 -5.19
CA VAL A 173 -17.03 16.80 -4.18
C VAL A 173 -16.16 16.03 -3.20
N LEU A 174 -16.11 16.51 -1.97
CA LEU A 174 -15.42 15.82 -0.90
C LEU A 174 -16.27 14.68 -0.38
N VAL A 175 -15.73 13.46 -0.46
CA VAL A 175 -16.40 12.24 -0.01
C VAL A 175 -15.60 11.63 1.12
N LEU A 176 -16.30 11.21 2.17
CA LEU A 176 -15.70 10.60 3.35
C LEU A 176 -16.35 9.27 3.63
N TRP A 177 -15.58 8.34 4.20
CA TRP A 177 -16.10 7.04 4.61
C TRP A 177 -15.18 6.49 5.69
N GLY A 178 -15.47 5.27 6.12
CA GLY A 178 -14.68 4.61 7.14
C GLY A 178 -14.64 3.11 6.91
N VAL A 179 -13.85 2.43 7.75
CA VAL A 179 -13.72 0.98 7.70
C VAL A 179 -13.65 0.48 9.13
N HIS A 180 -14.49 -0.49 9.47
CA HIS A 180 -14.62 -0.96 10.85
C HIS A 180 -13.70 -2.15 11.09
N HIS A 181 -12.87 -2.03 12.13
CA HIS A 181 -12.01 -3.11 12.59
C HIS A 181 -12.51 -3.58 13.95
N PRO A 182 -13.24 -4.70 14.01
CA PRO A 182 -13.81 -5.16 15.29
C PRO A 182 -12.74 -5.73 16.19
N PRO A 183 -13.02 -5.83 17.49
CA PRO A 183 -12.03 -6.43 18.41
C PRO A 183 -12.09 -7.95 18.46
N ASN A 184 -13.22 -8.55 18.08
CA ASN A 184 -13.39 -9.99 18.14
C ASN A 184 -14.04 -10.48 16.85
N ILE A 185 -13.92 -11.78 16.60
CA ILE A 185 -14.50 -12.37 15.41
C ILE A 185 -16.00 -12.55 15.57
N GLY A 186 -16.48 -12.73 16.80
CA GLY A 186 -17.91 -12.79 17.03
C GLY A 186 -18.62 -11.54 16.52
N ASP A 187 -18.06 -10.37 16.82
CA ASP A 187 -18.64 -9.13 16.32
C ASP A 187 -18.60 -9.09 14.80
N GLN A 188 -17.50 -9.54 14.21
CA GLN A 188 -17.40 -9.57 12.74
C GLN A 188 -18.54 -10.38 12.14
N ARG A 189 -18.72 -11.62 12.62
CA ARG A 189 -19.78 -12.48 12.10
C ARG A 189 -21.15 -11.86 12.34
N ALA A 190 -21.40 -11.40 13.56
CA ALA A 190 -22.72 -10.87 13.91
C ALA A 190 -23.08 -9.68 13.05
N LEU A 191 -22.10 -8.81 12.77
CA LEU A 191 -22.36 -7.58 12.04
C LEU A 191 -22.47 -7.81 10.53
N TYR A 192 -21.58 -8.63 9.96
CA TYR A 192 -21.45 -8.66 8.50
C TYR A 192 -21.54 -10.06 7.89
N HIS A 193 -21.46 -11.12 8.67
CA HIS A 193 -21.67 -12.48 8.19
C HIS A 193 -20.62 -12.93 7.20
N THR A 194 -19.39 -12.43 7.35
CA THR A 194 -18.26 -12.93 6.58
C THR A 194 -17.01 -12.77 7.42
N GLU A 195 -16.08 -13.72 7.27
CA GLU A 195 -14.77 -13.63 7.92
C GLU A 195 -13.69 -13.14 6.97
N ASN A 196 -13.99 -12.99 5.69
CA ASN A 196 -13.05 -12.51 4.69
C ASN A 196 -13.71 -11.30 4.02
N ALA A 197 -13.41 -10.11 4.53
CA ALA A 197 -14.11 -8.90 4.17
C ALA A 197 -13.24 -8.01 3.29
N TYR A 198 -13.88 -7.32 2.35
CA TYR A 198 -13.19 -6.40 1.45
C TYR A 198 -14.01 -5.13 1.28
N VAL A 199 -13.31 -4.01 1.12
CA VAL A 199 -13.94 -2.74 0.72
C VAL A 199 -13.09 -2.12 -0.38
N SER A 200 -13.73 -1.82 -1.50
CA SER A 200 -13.05 -1.23 -2.66
C SER A 200 -13.62 0.16 -2.91
N VAL A 201 -12.73 1.15 -2.99
CA VAL A 201 -13.11 2.52 -3.34
C VAL A 201 -12.30 2.92 -4.55
N VAL A 202 -12.98 3.35 -5.61
CA VAL A 202 -12.34 3.60 -6.89
C VAL A 202 -12.79 4.93 -7.45
N SER A 203 -11.83 5.77 -7.82
CA SER A 203 -12.04 6.92 -8.68
C SER A 203 -10.81 7.05 -9.58
N SER A 204 -10.89 7.96 -10.56
CA SER A 204 -9.79 8.09 -11.51
C SER A 204 -8.53 8.60 -10.84
N HIS A 205 -8.66 9.33 -9.74
CA HIS A 205 -7.52 9.86 -9.02
C HIS A 205 -7.33 9.24 -7.63
N TYR A 206 -8.15 8.26 -7.27
CA TYR A 206 -8.00 7.56 -6.00
C TYR A 206 -8.55 6.15 -6.17
N SER A 207 -7.75 5.16 -5.82
CA SER A 207 -8.18 3.75 -5.90
C SER A 207 -7.49 3.00 -4.78
N ARG A 208 -8.26 2.51 -3.81
CA ARG A 208 -7.70 1.78 -2.68
C ARG A 208 -8.64 0.65 -2.30
N LYS A 209 -8.05 -0.38 -1.70
CA LYS A 209 -8.75 -1.60 -1.34
C LYS A 209 -8.38 -1.98 0.10
N PHE A 210 -9.34 -2.60 0.78
CA PHE A 210 -9.27 -2.82 2.22
C PHE A 210 -9.62 -4.25 2.54
N THR A 211 -8.80 -4.87 3.39
CA THR A 211 -9.04 -6.23 3.89
C THR A 211 -9.02 -6.20 5.40
N PRO A 212 -9.96 -5.49 6.02
CA PRO A 212 -9.87 -5.24 7.47
C PRO A 212 -9.88 -6.53 8.27
N GLU A 213 -8.85 -6.71 9.09
CA GLU A 213 -8.70 -7.87 9.95
C GLU A 213 -9.00 -7.50 11.39
N ILE A 214 -9.44 -8.48 12.16
CA ILE A 214 -9.75 -8.26 13.57
C ILE A 214 -8.52 -7.75 14.30
N ALA A 215 -8.74 -6.80 15.21
CA ALA A 215 -7.65 -6.25 16.02
C ALA A 215 -8.25 -5.77 17.33
N LYS A 216 -7.96 -6.49 18.41
CA LYS A 216 -8.41 -6.07 19.74
C LYS A 216 -7.49 -4.96 20.25
N ARG A 217 -8.09 -3.84 20.65
CA ARG A 217 -7.34 -2.66 20.99
C ARG A 217 -7.67 -2.19 22.40
N PRO A 218 -6.79 -1.41 23.03
CA PRO A 218 -7.10 -0.88 24.36
C PRO A 218 -8.31 0.03 24.32
N LYS A 219 -9.12 -0.04 25.37
CA LYS A 219 -10.38 0.69 25.39
C LYS A 219 -10.15 2.19 25.27
N VAL A 220 -10.67 2.77 24.19
CA VAL A 220 -10.70 4.22 24.00
C VAL A 220 -12.17 4.60 23.85
N ARG A 221 -12.65 5.44 24.74
CA ARG A 221 -14.08 5.70 24.84
C ARG A 221 -14.83 4.40 25.09
N ASP A 222 -14.16 3.47 25.77
CA ASP A 222 -14.69 2.16 26.10
C ASP A 222 -15.05 1.37 24.84
N ARG A 223 -14.08 1.23 23.94
CA ARG A 223 -14.30 0.51 22.69
C ARG A 223 -13.00 -0.15 22.25
N GLU A 224 -13.00 -1.48 22.25
CA GLU A 224 -11.84 -2.27 21.84
C GLU A 224 -11.64 -2.26 20.33
N GLY A 225 -12.65 -1.86 19.55
CA GLY A 225 -12.56 -1.81 18.11
C GLY A 225 -12.39 -0.39 17.61
N ARG A 226 -12.16 -0.26 16.30
CA ARG A 226 -11.87 1.03 15.72
C ARG A 226 -12.59 1.20 14.38
N ILE A 227 -12.57 2.44 13.89
CA ILE A 227 -12.96 2.78 12.52
C ILE A 227 -11.87 3.67 11.95
N ASN A 228 -11.26 3.23 10.85
CA ASN A 228 -10.29 4.06 10.15
C ASN A 228 -11.03 4.93 9.14
N TYR A 229 -10.78 6.24 9.21
CA TYR A 229 -11.50 7.23 8.43
C TYR A 229 -10.69 7.61 7.20
N TYR A 230 -11.38 7.77 6.08
CA TYR A 230 -10.74 7.98 4.78
C TYR A 230 -11.57 8.98 3.99
N TRP A 231 -10.91 9.74 3.13
CA TRP A 231 -11.59 10.76 2.36
C TRP A 231 -10.92 10.90 1.00
N THR A 232 -11.59 11.61 0.10
CA THR A 232 -10.98 11.97 -1.18
C THR A 232 -11.82 13.02 -1.87
N LEU A 233 -11.21 13.66 -2.87
CA LEU A 233 -11.86 14.67 -3.69
C LEU A 233 -12.25 14.06 -5.03
N LEU A 234 -13.48 14.32 -5.45
CA LEU A 234 -14.01 13.82 -6.71
C LEU A 234 -14.25 15.02 -7.63
N GLU A 235 -13.41 15.17 -8.64
CA GLU A 235 -13.55 16.31 -9.53
C GLU A 235 -14.73 16.10 -10.48
N PRO A 236 -15.29 17.18 -11.03
CA PRO A 236 -16.50 17.05 -11.86
C PRO A 236 -16.29 16.06 -13.00
N GLY A 237 -17.38 15.41 -13.39
CA GLY A 237 -17.36 14.43 -14.46
C GLY A 237 -16.94 13.05 -14.03
N ASP A 238 -16.11 12.93 -13.00
CA ASP A 238 -15.62 11.65 -12.55
C ASP A 238 -16.63 10.98 -11.64
N THR A 239 -16.53 9.66 -11.56
CA THR A 239 -17.47 8.83 -10.81
C THR A 239 -16.70 8.05 -9.75
N ILE A 240 -17.24 8.02 -8.54
CA ILE A 240 -16.66 7.24 -7.44
C ILE A 240 -17.51 5.99 -7.26
N ILE A 241 -16.84 4.87 -7.03
CA ILE A 241 -17.50 3.57 -6.90
C ILE A 241 -17.05 2.91 -5.61
N PHE A 242 -18.02 2.53 -4.78
CA PHE A 242 -17.82 1.73 -3.59
C PHE A 242 -18.29 0.30 -3.84
N GLU A 243 -17.54 -0.66 -3.31
CA GLU A 243 -17.96 -2.05 -3.31
C GLU A 243 -17.59 -2.66 -1.97
N ALA A 244 -18.42 -3.56 -1.46
CA ALA A 244 -18.06 -4.15 -0.18
C ALA A 244 -18.91 -5.38 0.11
N ASN A 245 -18.34 -6.28 0.90
CA ASN A 245 -19.06 -7.39 1.51
C ASN A 245 -19.10 -7.26 3.02
N GLY A 246 -18.70 -6.12 3.56
CA GLY A 246 -18.72 -5.92 5.00
C GLY A 246 -17.78 -4.80 5.40
N ASN A 247 -17.89 -4.42 6.67
CA ASN A 247 -16.98 -3.51 7.34
C ASN A 247 -16.98 -2.10 6.74
N LEU A 248 -17.94 -1.77 5.89
CA LEU A 248 -17.99 -0.44 5.28
C LEU A 248 -18.84 0.51 6.09
N ILE A 249 -18.34 1.74 6.27
CA ILE A 249 -19.09 2.83 6.86
C ILE A 249 -19.41 3.81 5.74
N ALA A 250 -20.53 3.59 5.04
CA ALA A 250 -20.78 4.27 3.79
C ALA A 250 -20.93 5.78 4.02
N PRO A 251 -20.68 6.58 2.98
CA PRO A 251 -21.02 8.01 3.08
C PRO A 251 -22.51 8.22 2.98
N ARG A 252 -23.01 9.20 3.73
CA ARG A 252 -24.39 9.65 3.64
C ARG A 252 -24.49 11.04 3.02
N TYR A 253 -23.74 11.98 3.56
CA TYR A 253 -23.64 13.33 3.01
C TYR A 253 -22.21 13.59 2.55
N ALA A 254 -22.08 14.22 1.39
CA ALA A 254 -20.82 14.67 0.85
C ALA A 254 -20.88 16.18 0.68
N PHE A 255 -19.74 16.77 0.32
CA PHE A 255 -19.61 18.24 0.32
C PHE A 255 -19.16 18.73 -1.05
N ALA A 256 -20.11 19.30 -1.81
CA ALA A 256 -19.79 19.92 -3.09
C ALA A 256 -19.24 21.32 -2.82
N LEU A 257 -17.94 21.49 -3.05
CA LEU A 257 -17.25 22.72 -2.76
C LEU A 257 -16.40 23.18 -3.94
N SER A 258 -16.21 24.49 -3.99
CA SER A 258 -15.15 25.13 -4.77
C SER A 258 -14.00 25.49 -3.84
N ARG A 259 -12.81 25.63 -4.43
CA ARG A 259 -11.58 25.46 -3.65
C ARG A 259 -11.29 26.59 -2.67
N GLY A 260 -10.78 27.71 -3.16
CA GLY A 260 -10.05 28.64 -2.31
C GLY A 260 -8.60 28.21 -2.19
N PHE A 261 -7.78 29.11 -1.63
CA PHE A 261 -6.34 28.87 -1.65
C PHE A 261 -5.64 29.58 -0.51
N GLY A 262 -4.54 28.96 -0.06
CA GLY A 262 -3.56 29.57 0.81
C GLY A 262 -4.05 30.17 2.11
N SER A 263 -4.51 29.34 3.03
CA SER A 263 -4.84 29.79 4.38
C SER A 263 -4.38 28.72 5.37
N GLY A 264 -4.70 28.93 6.66
CA GLY A 264 -4.31 28.02 7.71
C GLY A 264 -5.35 27.98 8.81
N ILE A 265 -5.06 27.21 9.85
CA ILE A 265 -5.96 27.02 10.98
C ILE A 265 -5.37 27.68 12.21
N ILE A 266 -6.26 28.21 13.06
CA ILE A 266 -5.88 28.86 14.30
C ILE A 266 -6.41 28.07 15.48
N ASN A 267 -5.58 27.91 16.51
CA ASN A 267 -5.93 27.19 17.73
C ASN A 267 -5.72 28.13 18.91
N SER A 268 -6.78 28.87 19.27
CA SER A 268 -6.71 29.80 20.39
C SER A 268 -8.10 29.95 20.99
N ASN A 269 -8.14 30.47 22.22
CA ASN A 269 -9.37 30.66 22.98
C ASN A 269 -9.88 32.09 22.91
N ALA A 270 -9.33 32.92 22.02
CA ALA A 270 -9.73 34.32 21.98
C ALA A 270 -11.18 34.46 21.50
N PRO A 271 -11.89 35.48 21.99
CA PRO A 271 -13.29 35.66 21.57
C PRO A 271 -13.38 36.15 20.14
N MET A 272 -14.38 35.63 19.42
CA MET A 272 -14.62 36.03 18.05
C MET A 272 -15.42 37.32 18.01
N ASP A 273 -15.10 38.18 17.04
CA ASP A 273 -15.63 39.53 17.01
C ASP A 273 -15.84 39.96 15.57
N GLU A 274 -16.60 41.04 15.39
CA GLU A 274 -16.98 41.53 14.06
C GLU A 274 -15.94 42.48 13.48
N CYS A 275 -14.89 42.82 14.22
CA CYS A 275 -13.83 43.67 13.70
C CYS A 275 -13.25 43.10 12.41
N ASP A 276 -12.72 43.99 11.57
CA ASP A 276 -12.08 43.62 10.32
C ASP A 276 -10.61 43.98 10.37
N ALA A 277 -9.77 43.11 9.79
CA ALA A 277 -8.33 43.31 9.78
C ALA A 277 -7.74 42.58 8.59
N LYS A 278 -6.46 42.83 8.35
CA LYS A 278 -5.72 42.16 7.29
C LYS A 278 -4.66 41.21 7.81
N CYS A 279 -4.44 41.17 9.13
CA CYS A 279 -3.47 40.25 9.71
C CYS A 279 -4.07 39.63 10.96
N GLN A 280 -4.02 38.30 11.03
CA GLN A 280 -4.57 37.59 12.17
C GLN A 280 -3.51 36.69 12.79
N THR A 281 -3.53 36.60 14.12
CA THR A 281 -2.59 35.78 14.89
C THR A 281 -3.30 35.26 16.13
N PRO A 282 -2.97 34.01 16.57
CA PRO A 282 -3.74 33.35 17.65
C PRO A 282 -4.26 34.28 18.74
N GLN A 283 -3.38 35.12 19.28
CA GLN A 283 -3.76 35.95 20.42
C GLN A 283 -4.76 37.03 20.01
N GLY A 284 -4.57 37.64 18.84
CA GLY A 284 -5.53 38.63 18.35
C GLY A 284 -5.02 39.36 17.12
N ALA A 285 -5.94 39.96 16.36
CA ALA A 285 -5.58 40.56 15.08
C ALA A 285 -4.49 41.61 15.26
N ILE A 286 -3.91 42.03 14.13
CA ILE A 286 -2.79 42.97 14.10
C ILE A 286 -3.11 44.11 13.15
N ASN A 287 -2.57 45.28 13.48
CA ASN A 287 -2.58 46.43 12.59
C ASN A 287 -1.41 46.27 11.61
N SER A 288 -1.73 46.09 10.33
CA SER A 288 -0.75 45.62 9.34
C SER A 288 -0.08 46.76 8.58
N SER A 289 -0.14 47.99 9.10
CA SER A 289 0.43 49.11 8.37
C SER A 289 1.94 49.19 8.52
N LEU A 290 2.49 48.75 9.65
CA LEU A 290 3.93 48.85 9.84
C LEU A 290 4.65 47.63 9.29
N PRO A 291 5.92 47.77 8.94
CA PRO A 291 6.60 46.67 8.23
C PRO A 291 6.94 45.48 9.11
N PHE A 292 7.12 45.68 10.41
CA PHE A 292 7.70 44.68 11.29
C PHE A 292 6.80 44.47 12.49
N GLN A 293 6.87 43.29 13.10
CA GLN A 293 6.12 43.04 14.32
C GLN A 293 6.95 42.12 15.21
N ASN A 294 6.45 41.88 16.42
CA ASN A 294 7.07 40.90 17.31
C ASN A 294 6.04 40.16 18.15
N VAL A 295 4.77 40.20 17.76
CA VAL A 295 3.68 39.61 18.54
C VAL A 295 3.83 38.09 18.52
N HIS A 296 3.60 37.48 17.36
CA HIS A 296 3.58 36.02 17.25
C HIS A 296 4.08 35.62 15.88
N PRO A 297 4.95 34.60 15.78
CA PRO A 297 5.50 34.25 14.46
C PRO A 297 4.47 33.76 13.46
N VAL A 298 3.62 32.82 13.87
CA VAL A 298 2.73 32.12 12.94
C VAL A 298 1.49 32.98 12.75
N THR A 299 1.34 33.56 11.56
CA THR A 299 0.26 34.49 11.26
C THR A 299 -0.54 34.00 10.07
N ILE A 300 -1.63 34.71 9.78
CA ILE A 300 -2.42 34.50 8.58
C ILE A 300 -2.86 35.88 8.07
N GLY A 301 -2.43 36.22 6.86
CA GLY A 301 -2.91 37.40 6.18
C GLY A 301 -1.78 38.18 5.56
N GLU A 302 -2.10 39.40 5.13
CA GLU A 302 -1.12 40.36 4.64
C GLU A 302 -0.44 40.99 5.85
N CYS A 303 0.53 40.25 6.40
CA CYS A 303 1.05 40.55 7.72
C CYS A 303 2.44 41.20 7.67
N PRO A 304 2.78 42.01 8.67
CA PRO A 304 4.18 42.42 8.84
C PRO A 304 5.08 41.23 9.06
N LYS A 305 6.38 41.46 8.93
CA LYS A 305 7.36 40.40 9.15
C LYS A 305 7.70 40.30 10.63
N TYR A 306 7.76 39.06 11.13
CA TYR A 306 8.08 38.82 12.53
C TYR A 306 9.59 38.92 12.74
N VAL A 307 9.98 39.56 13.84
CA VAL A 307 11.39 39.76 14.18
C VAL A 307 11.58 39.60 15.67
N ARG A 308 12.79 39.16 16.06
CA ARG A 308 13.14 39.02 17.47
C ARG A 308 13.70 40.33 18.02
N SER A 309 12.86 41.36 18.01
CA SER A 309 13.27 42.70 18.37
C SER A 309 12.33 43.25 19.44
N ALA A 310 12.91 43.94 20.41
CA ALA A 310 12.13 44.67 21.41
C ALA A 310 11.77 46.07 20.96
N LYS A 311 12.68 46.74 20.24
CA LYS A 311 12.53 48.15 19.92
C LYS A 311 13.08 48.42 18.53
N LEU A 312 12.24 48.97 17.65
CA LEU A 312 12.64 49.43 16.31
C LEU A 312 12.05 50.81 16.13
N ARG A 313 12.74 51.83 16.64
CA ARG A 313 12.27 53.20 16.60
C ARG A 313 13.22 54.06 15.77
N MET A 314 12.64 54.77 14.80
CA MET A 314 13.38 55.63 13.88
C MET A 314 13.19 57.08 14.26
N VAL A 315 14.29 57.84 14.25
CA VAL A 315 14.23 59.26 14.56
C VAL A 315 13.83 60.04 13.31
N THR A 316 12.83 60.91 13.46
CA THR A 316 12.49 61.88 12.42
C THR A 316 12.96 63.28 12.77
N GLY A 317 13.04 63.59 14.05
CA GLY A 317 13.56 64.86 14.51
C GLY A 317 15.07 64.82 14.68
N LEU A 318 15.56 65.64 15.61
CA LEU A 318 16.98 65.79 15.84
C LEU A 318 17.28 65.63 17.32
N ARG A 319 18.57 65.51 17.63
CA ARG A 319 19.01 65.27 19.00
C ARG A 319 18.49 66.36 19.93
N ASN A 320 17.61 65.99 20.84
CA ASN A 320 16.93 66.95 21.71
C ASN A 320 17.88 67.39 22.82
N ILE A 321 18.29 68.65 22.77
CA ILE A 321 19.19 69.21 23.78
C ILE A 321 18.55 70.46 24.38
N PRO A 322 17.56 70.32 25.27
CA PRO A 322 17.07 71.49 26.01
C PRO A 322 18.08 71.97 27.05
N SER A 323 17.76 73.04 27.75
CA SER A 323 18.59 73.54 28.84
C SER A 323 17.92 74.73 29.53
N GLY B 1 28.10 67.31 15.63
CA GLY B 1 28.39 65.89 15.51
C GLY B 1 29.32 65.58 14.36
N LEU B 2 28.76 65.07 13.26
CA LEU B 2 29.56 64.75 12.09
C LEU B 2 29.96 66.01 11.32
N PHE B 3 29.25 67.12 11.52
CA PHE B 3 29.61 68.40 10.92
C PHE B 3 29.95 69.47 11.95
N GLY B 4 29.84 69.16 13.24
CA GLY B 4 30.30 70.08 14.26
C GLY B 4 29.40 71.27 14.52
N ALA B 5 28.13 71.22 14.12
CA ALA B 5 27.21 72.30 14.44
C ALA B 5 26.32 71.90 15.61
N ILE B 6 25.46 70.89 15.43
CA ILE B 6 24.68 70.36 16.54
C ILE B 6 25.61 69.58 17.45
N ALA B 7 25.57 69.88 18.75
CA ALA B 7 26.51 69.36 19.73
C ALA B 7 27.95 69.74 19.41
N GLY B 8 28.15 70.64 18.45
CA GLY B 8 29.48 71.11 18.09
C GLY B 8 29.68 72.52 18.60
N PHE B 9 29.86 73.50 17.72
CA PHE B 9 29.99 74.87 18.22
C PHE B 9 28.65 75.43 18.70
N ILE B 10 27.51 74.92 18.23
CA ILE B 10 26.22 75.30 18.78
C ILE B 10 25.89 74.30 19.89
N GLU B 11 26.07 74.75 21.13
CA GLU B 11 26.07 73.85 22.28
C GLU B 11 24.71 73.19 22.52
N GLY B 12 23.62 73.87 22.19
CA GLY B 12 22.32 73.35 22.55
C GLY B 12 21.21 73.91 21.69
N GLY B 13 19.98 73.63 22.11
CA GLY B 13 18.79 73.98 21.36
C GLY B 13 17.95 75.05 22.03
N TRP B 14 16.98 75.54 21.27
CA TRP B 14 16.12 76.65 21.68
C TRP B 14 14.74 76.09 21.98
N THR B 15 14.46 75.86 23.26
CA THR B 15 13.17 75.33 23.66
C THR B 15 12.02 76.29 23.36
N GLY B 16 12.32 77.57 23.17
CA GLY B 16 11.30 78.57 22.91
C GLY B 16 10.85 78.67 21.47
N MET B 17 11.57 78.04 20.55
CA MET B 17 11.27 78.13 19.12
C MET B 17 10.36 76.97 18.73
N VAL B 18 9.08 77.26 18.55
CA VAL B 18 8.10 76.24 18.16
C VAL B 18 7.71 76.30 16.70
N ASP B 19 8.12 77.35 15.97
CA ASP B 19 7.71 77.50 14.58
C ASP B 19 8.30 76.41 13.68
N GLY B 20 9.33 75.71 14.12
CA GLY B 20 9.90 74.65 13.30
C GLY B 20 11.22 74.17 13.87
N TRP B 21 11.93 73.41 13.02
CA TRP B 21 13.20 72.78 13.41
C TRP B 21 14.36 73.76 13.40
N TYR B 22 14.37 74.69 12.43
CA TYR B 22 15.49 75.57 12.21
C TYR B 22 15.01 77.01 12.23
N GLY B 23 15.80 77.91 12.81
CA GLY B 23 15.31 79.26 12.95
C GLY B 23 16.35 80.22 13.50
N TYR B 24 15.85 81.38 13.90
CA TYR B 24 16.66 82.55 14.19
C TYR B 24 16.27 83.16 15.54
N HIS B 25 17.23 83.84 16.15
CA HIS B 25 17.01 84.68 17.32
C HIS B 25 17.73 86.00 17.09
N HIS B 26 16.97 87.10 17.08
CA HIS B 26 17.52 88.42 16.81
C HIS B 26 17.48 89.29 18.06
N GLN B 27 18.31 90.32 18.07
CA GLN B 27 18.42 91.23 19.20
C GLN B 27 18.62 92.67 18.71
N ASN B 28 17.63 93.17 17.98
CA ASN B 28 17.57 94.59 17.65
C ASN B 28 16.77 95.34 18.71
N GLU B 29 17.22 96.55 19.04
CA GLU B 29 16.57 97.39 20.05
C GLU B 29 15.09 97.12 20.19
N GLN B 30 14.36 97.18 19.08
CA GLN B 30 12.91 96.98 19.07
C GLN B 30 12.52 95.78 19.91
N GLY B 31 13.36 94.78 19.97
CA GLY B 31 13.16 93.66 20.88
C GLY B 31 13.70 92.37 20.30
N SER B 32 13.55 91.31 21.08
CA SER B 32 14.05 89.99 20.72
C SER B 32 12.96 89.16 20.07
N GLY B 33 13.08 87.84 20.14
CA GLY B 33 12.07 86.94 19.58
C GLY B 33 12.74 85.76 18.89
N TYR B 34 11.97 84.69 18.72
CA TYR B 34 12.40 83.53 17.97
C TYR B 34 11.56 83.39 16.71
N ALA B 35 12.18 82.92 15.63
CA ALA B 35 11.49 82.63 14.39
C ALA B 35 12.05 81.33 13.82
N ALA B 36 11.35 80.79 12.82
CA ALA B 36 11.80 79.61 12.12
C ALA B 36 12.00 79.91 10.65
N ASP B 37 12.98 79.24 10.04
CA ASP B 37 13.22 79.33 8.61
C ASP B 37 12.44 78.20 7.95
N GLN B 38 11.26 78.53 7.40
CA GLN B 38 10.35 77.52 6.91
C GLN B 38 10.84 76.83 5.65
N LYS B 39 11.77 77.44 4.92
CA LYS B 39 12.31 76.78 3.73
C LYS B 39 13.09 75.53 4.10
N SER B 40 14.13 75.68 4.92
CA SER B 40 14.96 74.54 5.29
C SER B 40 14.17 73.56 6.15
N THR B 41 13.41 74.06 7.12
CA THR B 41 12.58 73.17 7.94
C THR B 41 11.63 72.35 7.09
N GLN B 42 10.99 73.00 6.11
CA GLN B 42 10.03 72.29 5.26
C GLN B 42 10.72 71.26 4.37
N ASN B 43 11.88 71.61 3.82
CA ASN B 43 12.63 70.64 3.03
C ASN B 43 13.04 69.45 3.87
N ALA B 44 13.41 69.69 5.13
CA ALA B 44 13.78 68.59 6.02
C ALA B 44 12.58 67.72 6.37
N ILE B 45 11.42 68.34 6.58
CA ILE B 45 10.22 67.56 6.85
C ILE B 45 9.85 66.71 5.65
N ASN B 46 9.98 67.27 4.44
CA ASN B 46 9.69 66.49 3.24
C ASN B 46 10.67 65.34 3.09
N GLY B 47 11.96 65.58 3.33
CA GLY B 47 12.95 64.53 3.19
C GLY B 47 12.74 63.40 4.19
N ILE B 48 12.65 63.76 5.48
CA ILE B 48 12.48 62.75 6.52
C ILE B 48 11.16 62.00 6.33
N THR B 49 10.09 62.74 6.10
CA THR B 49 8.81 62.13 5.76
C THR B 49 8.98 61.09 4.66
N ASN B 50 9.67 61.46 3.58
CA ASN B 50 9.84 60.54 2.47
C ASN B 50 10.65 59.32 2.91
N LYS B 51 11.64 59.51 3.78
CA LYS B 51 12.42 58.39 4.28
C LYS B 51 11.52 57.40 5.02
N VAL B 52 10.81 57.87 6.05
CA VAL B 52 10.00 56.95 6.85
C VAL B 52 8.96 56.27 5.96
N ASN B 53 8.22 57.06 5.19
CA ASN B 53 7.26 56.48 4.24
C ASN B 53 7.93 55.58 3.22
N SER B 54 9.26 55.63 3.11
CA SER B 54 9.98 54.71 2.23
C SER B 54 10.39 53.43 2.94
N VAL B 55 10.60 53.47 4.26
CA VAL B 55 10.85 52.25 5.00
C VAL B 55 9.56 51.49 5.28
N ILE B 56 8.43 52.18 5.33
CA ILE B 56 7.15 51.54 5.61
C ILE B 56 6.50 51.08 4.32
N GLU B 57 6.17 52.03 3.44
CA GLU B 57 5.38 51.76 2.26
C GLU B 57 6.02 50.76 1.31
N LYS B 58 7.30 50.43 1.51
CA LYS B 58 8.00 49.49 0.66
C LYS B 58 7.77 48.02 1.04
N MET B 59 7.01 47.76 2.10
CA MET B 59 6.81 46.39 2.57
C MET B 59 5.55 45.82 1.92
N ASN B 60 5.75 45.21 0.75
CA ASN B 60 4.75 44.32 0.19
C ASN B 60 4.71 43.02 0.98
N THR B 61 3.49 42.54 1.26
CA THR B 61 3.31 41.26 1.94
C THR B 61 2.08 40.58 1.36
N GLN B 62 2.29 39.51 0.60
CA GLN B 62 1.17 38.71 0.13
C GLN B 62 0.39 38.09 1.29
N PHE B 63 -0.77 37.55 0.95
CA PHE B 63 -1.58 36.80 1.90
C PHE B 63 -0.90 35.46 2.14
N THR B 64 -0.54 35.18 3.40
CA THR B 64 0.30 34.04 3.71
C THR B 64 -0.13 33.41 5.03
N ALA B 65 -0.17 32.08 5.04
CA ALA B 65 -0.41 31.31 6.25
C ALA B 65 0.92 30.66 6.63
N VAL B 66 1.58 31.22 7.65
CA VAL B 66 2.91 30.77 8.02
C VAL B 66 2.87 29.34 8.55
N GLY B 67 1.77 28.95 9.19
CA GLY B 67 1.74 27.69 9.91
C GLY B 67 1.60 26.48 8.98
N LYS B 68 2.36 25.44 9.31
CA LYS B 68 2.21 24.12 8.70
C LYS B 68 2.28 23.07 9.79
N GLU B 69 1.37 22.10 9.71
CA GLU B 69 1.24 21.05 10.71
C GLU B 69 1.57 19.71 10.08
N PHE B 70 2.42 18.94 10.76
CA PHE B 70 2.94 17.69 10.24
C PHE B 70 2.72 16.59 11.27
N ASN B 71 2.79 15.34 10.81
CA ASN B 71 2.61 14.19 11.68
C ASN B 71 3.98 13.75 12.22
N LYS B 72 4.09 12.48 12.60
CA LYS B 72 5.28 11.97 13.28
C LYS B 72 6.27 11.28 12.36
N LEU B 73 5.88 10.99 11.10
CA LEU B 73 6.81 10.53 10.07
C LEU B 73 7.10 11.62 9.05
N GLU B 74 6.94 12.89 9.42
CA GLU B 74 7.26 14.01 8.57
C GLU B 74 8.20 14.98 9.29
N ARG B 75 9.05 14.45 10.16
CA ARG B 75 9.98 15.29 10.91
C ARG B 75 10.95 16.01 9.98
N ARG B 76 11.37 15.38 8.88
CA ARG B 76 12.20 16.07 7.91
C ARG B 76 11.48 17.29 7.36
N MET B 77 10.22 17.11 6.96
CA MET B 77 9.42 18.24 6.47
C MET B 77 9.23 19.28 7.57
N GLU B 78 8.89 18.85 8.78
CA GLU B 78 8.66 19.80 9.85
C GLU B 78 9.90 20.64 10.15
N ASN B 79 11.07 20.00 10.14
CA ASN B 79 12.31 20.73 10.37
C ASN B 79 12.66 21.60 9.17
N LEU B 80 12.23 21.23 7.96
CA LEU B 80 12.42 22.08 6.81
C LEU B 80 11.59 23.35 6.92
N ASN B 81 10.29 23.22 7.20
CA ASN B 81 9.44 24.38 7.47
C ASN B 81 10.05 25.25 8.56
N LYS B 82 10.37 24.64 9.70
CA LYS B 82 11.03 25.36 10.79
C LYS B 82 12.26 26.10 10.28
N LYS B 83 13.00 25.47 9.37
CA LYS B 83 14.22 26.07 8.83
C LYS B 83 13.91 27.30 7.98
N VAL B 84 12.85 27.22 7.17
CA VAL B 84 12.43 28.38 6.37
C VAL B 84 12.03 29.53 7.29
N ASP B 85 11.04 29.29 8.16
CA ASP B 85 10.58 30.33 9.07
C ASP B 85 11.75 30.96 9.82
N ASP B 86 12.58 30.13 10.45
CA ASP B 86 13.67 30.64 11.26
C ASP B 86 14.66 31.44 10.41
N GLY B 87 14.92 30.98 9.19
CA GLY B 87 15.80 31.72 8.31
C GLY B 87 15.28 33.12 8.02
N PHE B 88 14.02 33.22 7.59
CA PHE B 88 13.47 34.54 7.30
C PHE B 88 13.50 35.42 8.53
N ILE B 89 13.13 34.88 9.70
CA ILE B 89 13.10 35.70 10.91
C ILE B 89 14.50 36.23 11.22
N ASP B 90 15.53 35.39 11.09
CA ASP B 90 16.89 35.86 11.29
C ASP B 90 17.18 37.03 10.36
N ILE B 91 16.95 36.82 9.06
CA ILE B 91 17.23 37.86 8.07
C ILE B 91 16.56 39.17 8.46
N TRP B 92 15.23 39.15 8.61
CA TRP B 92 14.49 40.39 8.83
C TRP B 92 14.90 41.06 10.14
N THR B 93 15.15 40.29 11.20
CA THR B 93 15.60 40.89 12.44
C THR B 93 16.91 41.65 12.22
N TYR B 94 17.92 40.95 11.71
CA TYR B 94 19.23 41.57 11.54
C TYR B 94 19.14 42.81 10.65
N ASN B 95 18.61 42.65 9.44
CA ASN B 95 18.58 43.76 8.48
C ASN B 95 17.72 44.91 9.01
N ALA B 96 16.63 44.59 9.70
CA ALA B 96 15.76 45.65 10.23
C ALA B 96 16.51 46.47 11.26
N GLU B 97 17.14 45.81 12.23
CA GLU B 97 17.80 46.54 13.30
C GLU B 97 18.96 47.38 12.77
N LEU B 98 19.83 46.78 11.94
CA LEU B 98 20.93 47.58 11.39
C LEU B 98 20.40 48.73 10.54
N LEU B 99 19.31 48.51 9.80
CA LEU B 99 18.71 49.59 9.03
C LEU B 99 18.32 50.75 9.94
N VAL B 100 17.62 50.45 11.03
CA VAL B 100 17.21 51.50 11.98
C VAL B 100 18.44 52.24 12.51
N LEU B 101 19.47 51.50 12.93
CA LEU B 101 20.67 52.14 13.44
C LEU B 101 21.27 53.10 12.41
N LEU B 102 21.69 52.54 11.28
CA LEU B 102 22.37 53.31 10.24
C LEU B 102 21.56 54.54 9.83
N GLU B 103 20.25 54.37 9.65
CA GLU B 103 19.44 55.49 9.17
C GLU B 103 19.17 56.51 10.27
N ASN B 104 19.18 56.10 11.54
CA ASN B 104 19.14 57.09 12.61
C ASN B 104 20.39 57.97 12.57
N GLU B 105 21.57 57.34 12.49
CA GLU B 105 22.80 58.11 12.33
C GLU B 105 22.68 59.06 11.13
N ARG B 106 22.22 58.54 10.00
CA ARG B 106 22.10 59.37 8.80
C ARG B 106 21.16 60.56 9.04
N THR B 107 20.05 60.34 9.74
CA THR B 107 19.12 61.44 9.98
C THR B 107 19.75 62.52 10.85
N LEU B 108 20.36 62.13 11.97
CA LEU B 108 21.00 63.13 12.82
C LEU B 108 22.05 63.91 12.03
N ASP B 109 22.87 63.21 11.23
CA ASP B 109 23.84 63.90 10.40
C ASP B 109 23.16 64.84 9.41
N PHE B 110 21.96 64.49 8.94
CA PHE B 110 21.23 65.34 8.01
C PHE B 110 20.78 66.64 8.67
N HIS B 111 20.29 66.56 9.91
CA HIS B 111 19.95 67.78 10.63
C HIS B 111 21.18 68.64 10.85
N ASP B 112 22.25 68.03 11.37
CA ASP B 112 23.52 68.75 11.54
C ASP B 112 23.90 69.45 10.25
N SER B 113 23.75 68.76 9.12
CA SER B 113 23.96 69.38 7.81
C SER B 113 23.14 70.65 7.67
N ASN B 114 21.81 70.51 7.77
CA ASN B 114 20.94 71.65 7.49
C ASN B 114 21.31 72.86 8.34
N VAL B 115 21.63 72.64 9.62
CA VAL B 115 21.96 73.77 10.48
C VAL B 115 23.28 74.41 10.05
N LYS B 116 24.31 73.60 9.80
CA LYS B 116 25.59 74.18 9.39
C LYS B 116 25.44 74.96 8.09
N ASN B 117 24.75 74.37 7.11
CA ASN B 117 24.52 75.05 5.84
C ASN B 117 23.77 76.35 6.04
N LEU B 118 22.84 76.40 7.00
CA LEU B 118 22.11 77.62 7.25
C LEU B 118 23.02 78.69 7.84
N TYR B 119 23.81 78.31 8.86
CA TYR B 119 24.82 79.20 9.39
C TYR B 119 25.68 79.80 8.30
N GLU B 120 26.15 78.95 7.38
CA GLU B 120 27.00 79.44 6.29
C GLU B 120 26.22 80.36 5.36
N LYS B 121 24.94 80.05 5.09
CA LYS B 121 24.11 80.95 4.31
C LYS B 121 24.12 82.36 4.91
N VAL B 122 23.93 82.47 6.22
CA VAL B 122 23.95 83.80 6.83
C VAL B 122 25.35 84.40 6.76
N LYS B 123 26.39 83.60 6.99
CA LYS B 123 27.74 84.13 7.01
C LYS B 123 28.11 84.73 5.66
N SER B 124 27.76 84.06 4.56
CA SER B 124 28.11 84.54 3.22
C SER B 124 27.41 85.84 2.85
N GLN B 125 26.45 86.30 3.64
CA GLN B 125 25.78 87.56 3.41
C GLN B 125 26.36 88.73 4.18
N LEU B 126 27.20 88.47 5.19
CA LEU B 126 27.56 89.48 6.17
C LEU B 126 29.07 89.62 6.29
N LYS B 127 29.81 89.18 5.27
CA LYS B 127 31.26 88.98 5.32
C LYS B 127 31.96 89.96 6.26
N ASN B 128 32.01 91.25 5.92
CA ASN B 128 32.68 92.22 6.77
C ASN B 128 31.71 93.08 7.59
N ASN B 129 30.41 93.01 7.33
CA ASN B 129 29.45 93.79 8.10
C ASN B 129 29.12 93.16 9.45
N ALA B 130 29.86 92.14 9.88
CA ALA B 130 29.59 91.48 11.15
C ALA B 130 30.80 90.62 11.51
N LYS B 131 30.85 90.24 12.78
CA LYS B 131 31.87 89.33 13.29
C LYS B 131 31.19 88.11 13.91
N GLU B 132 31.94 87.01 13.99
CA GLU B 132 31.43 85.77 14.54
C GLU B 132 31.61 85.78 16.05
N ILE B 133 30.57 86.22 16.76
CA ILE B 133 30.57 86.19 18.22
C ILE B 133 30.09 84.82 18.66
N GLY B 134 30.62 84.36 19.79
CA GLY B 134 30.15 83.12 20.40
C GLY B 134 29.92 82.02 19.38
N ASN B 135 28.70 81.51 19.34
CA ASN B 135 28.39 80.34 18.54
C ASN B 135 26.97 80.45 17.99
N GLY B 136 26.82 80.22 16.70
CA GLY B 136 25.52 80.40 16.06
C GLY B 136 24.97 81.80 16.24
N CYS B 137 25.86 82.79 16.24
CA CYS B 137 25.48 84.17 16.51
C CYS B 137 26.44 85.12 15.82
N PHE B 138 25.89 86.18 15.24
CA PHE B 138 26.67 87.24 14.63
C PHE B 138 26.34 88.56 15.30
N GLU B 139 27.35 89.40 15.51
CA GLU B 139 27.14 90.76 16.00
C GLU B 139 27.37 91.73 14.85
N PHE B 140 26.41 92.62 14.64
CA PHE B 140 26.51 93.60 13.57
C PHE B 140 27.36 94.78 13.97
N TYR B 141 27.94 95.43 12.96
CA TYR B 141 28.58 96.72 13.12
C TYR B 141 27.62 97.87 12.90
N HIS B 142 26.64 97.68 12.02
CA HIS B 142 25.53 98.61 11.83
C HIS B 142 24.27 98.06 12.49
N LYS B 143 23.46 98.95 13.05
CA LYS B 143 22.23 98.53 13.72
C LYS B 143 21.19 98.10 12.70
N CYS B 144 20.55 96.96 12.97
CA CYS B 144 19.70 96.23 12.01
C CYS B 144 18.31 96.05 12.61
N ASN B 145 17.41 96.99 12.32
CA ASN B 145 16.04 96.91 12.82
C ASN B 145 15.32 95.70 12.20
N ASP B 146 14.16 95.38 12.79
CA ASP B 146 13.35 94.25 12.33
C ASP B 146 13.37 94.05 10.82
N GLU B 147 13.14 95.12 10.06
CA GLU B 147 13.09 94.99 8.60
C GLU B 147 14.35 94.32 8.07
N CYS B 148 15.51 94.80 8.50
CA CYS B 148 16.79 94.23 8.09
C CYS B 148 16.94 92.77 8.50
N MET B 149 16.61 92.43 9.75
CA MET B 149 16.64 91.03 10.17
C MET B 149 15.77 90.16 9.25
N GLU B 150 14.49 90.50 9.15
CA GLU B 150 13.60 89.80 8.23
C GLU B 150 14.16 89.79 6.82
N SER B 151 15.09 90.69 6.49
CA SER B 151 15.77 90.61 5.20
C SER B 151 16.77 89.46 5.20
N VAL B 152 17.61 89.36 6.23
CA VAL B 152 18.53 88.22 6.31
C VAL B 152 17.75 86.91 6.26
N LYS B 153 16.55 86.87 6.84
CA LYS B 153 15.81 85.62 6.91
C LYS B 153 15.37 85.15 5.52
N ASN B 154 14.83 86.05 4.70
CA ASN B 154 14.35 85.69 3.37
C ASN B 154 15.43 85.77 2.30
N GLY B 155 16.70 85.73 2.68
CA GLY B 155 17.80 85.75 1.73
C GLY B 155 18.28 87.12 1.28
N THR B 156 17.35 88.02 0.95
CA THR B 156 17.71 89.36 0.54
C THR B 156 18.23 90.15 1.73
N TYR B 157 19.45 90.67 1.65
CA TYR B 157 20.01 91.42 2.76
C TYR B 157 20.47 92.82 2.39
N ASP B 158 21.00 93.01 1.18
CA ASP B 158 21.42 94.33 0.73
C ASP B 158 22.64 94.79 1.54
N TYR B 159 23.80 94.38 1.10
CA TYR B 159 25.08 94.60 1.76
C TYR B 159 25.64 96.01 1.56
N PRO B 160 25.79 96.49 0.33
CA PRO B 160 26.39 97.82 0.14
C PRO B 160 25.56 98.94 0.72
N LYS B 161 24.27 98.70 1.03
CA LYS B 161 23.48 99.72 1.72
C LYS B 161 23.99 99.95 3.13
N TYR B 162 24.63 98.96 3.74
CA TYR B 162 25.12 99.06 5.11
C TYR B 162 26.64 98.94 5.18
N SER B 163 27.34 98.98 4.04
CA SER B 163 28.78 98.72 4.05
C SER B 163 29.56 99.85 4.69
N GLU B 164 29.11 101.09 4.54
CA GLU B 164 29.89 102.24 5.02
C GLU B 164 29.92 102.27 6.55
N GLU B 165 28.75 102.36 7.17
CA GLU B 165 28.62 102.32 8.62
C GLU B 165 29.50 101.22 9.21
N SER B 166 29.43 100.03 8.59
CA SER B 166 30.24 98.91 9.03
C SER B 166 31.72 99.24 8.94
N LYS B 167 32.15 99.78 7.79
CA LYS B 167 33.54 100.14 7.60
C LYS B 167 34.02 101.08 8.69
N LEU B 168 33.14 101.97 9.15
CA LEU B 168 33.50 102.84 10.29
C LEU B 168 33.64 102.02 11.56
N ASN B 169 32.54 101.40 12.00
CA ASN B 169 32.52 100.74 13.29
C ASN B 169 33.59 99.67 13.44
N ARG B 170 34.10 99.12 12.33
CA ARG B 170 35.03 98.00 12.44
C ARG B 170 36.47 98.43 12.71
N GLU B 171 36.88 99.63 12.28
CA GLU B 171 38.30 99.97 12.29
C GLU B 171 38.90 99.89 13.69
N LYS B 172 38.26 100.54 14.66
CA LYS B 172 38.84 100.61 16.00
C LYS B 172 38.85 99.25 16.70
N ILE B 173 37.88 98.39 16.39
CA ILE B 173 37.79 97.08 17.02
C ILE B 173 39.13 96.34 16.87
N GLU C 1 58.50 80.39 13.88
CA GLU C 1 58.15 80.72 15.26
C GLU C 1 57.50 79.52 15.93
N ASP C 2 56.67 79.76 16.94
CA ASP C 2 55.95 78.67 17.58
C ASP C 2 54.89 78.11 16.64
N THR C 3 54.52 76.86 16.87
CA THR C 3 53.62 76.15 15.98
C THR C 3 52.78 75.16 16.78
N ILE C 4 51.54 74.99 16.35
CA ILE C 4 50.66 73.91 16.80
C ILE C 4 50.10 73.23 15.56
N CYS C 5 50.29 71.92 15.46
CA CYS C 5 49.80 71.14 14.34
C CYS C 5 48.78 70.12 14.82
N ILE C 6 47.91 69.69 13.91
CA ILE C 6 46.89 68.70 14.18
C ILE C 6 46.99 67.61 13.13
N GLY C 7 47.03 66.36 13.57
CA GLY C 7 47.24 65.24 12.67
C GLY C 7 46.58 63.97 13.16
N TYR C 8 46.95 62.83 12.59
CA TYR C 8 46.27 61.58 12.89
C TYR C 8 47.26 60.42 12.91
N HIS C 9 46.84 59.37 13.60
CA HIS C 9 47.67 58.21 13.90
C HIS C 9 48.04 57.43 12.64
N ALA C 10 49.19 56.76 12.71
CA ALA C 10 49.68 55.90 11.64
C ALA C 10 50.68 54.91 12.23
N ASN C 11 50.81 53.76 11.57
CA ASN C 11 51.68 52.69 12.07
C ASN C 11 52.12 51.84 10.89
N ASN C 12 52.76 50.70 11.20
CA ASN C 12 53.29 49.79 10.20
C ASN C 12 52.29 48.74 9.75
N SER C 13 51.06 48.76 10.26
CA SER C 13 50.08 47.73 9.92
C SER C 13 49.84 47.70 8.42
N THR C 14 49.66 46.49 7.89
CA THR C 14 49.40 46.27 6.46
C THR C 14 47.99 45.78 6.19
N ASP C 15 47.12 45.75 7.19
CA ASP C 15 45.74 45.33 7.00
C ASP C 15 45.08 46.14 5.88
N THR C 16 44.50 45.44 4.92
CA THR C 16 43.73 46.06 3.84
C THR C 16 42.26 45.71 3.97
N VAL C 17 41.41 46.66 3.59
CA VAL C 17 39.96 46.48 3.56
C VAL C 17 39.44 46.97 2.22
N ASP C 18 38.38 46.34 1.74
CA ASP C 18 37.72 46.77 0.52
C ASP C 18 36.67 47.82 0.84
N THR C 19 36.50 48.77 -0.07
CA THR C 19 35.59 49.88 0.10
C THR C 19 34.77 50.05 -1.17
N VAL C 20 33.59 50.68 -1.00
CA VAL C 20 32.68 50.88 -2.12
C VAL C 20 33.40 51.54 -3.28
N LEU C 21 34.15 52.60 -2.98
CA LEU C 21 34.77 53.44 -4.00
C LEU C 21 36.20 52.99 -4.32
N GLU C 22 36.89 52.39 -3.36
CA GLU C 22 38.30 52.05 -3.52
C GLU C 22 38.55 50.67 -2.92
N LYS C 23 39.50 49.95 -3.51
CA LYS C 23 39.85 48.61 -3.07
C LYS C 23 41.30 48.56 -2.64
N ASN C 24 41.60 47.65 -1.71
CA ASN C 24 42.93 47.52 -1.11
C ASN C 24 43.35 48.84 -0.45
N VAL C 25 42.56 49.26 0.54
CA VAL C 25 42.83 50.45 1.33
C VAL C 25 43.52 50.00 2.60
N THR C 26 44.80 50.32 2.73
CA THR C 26 45.57 49.93 3.90
C THR C 26 45.15 50.78 5.09
N VAL C 27 44.92 50.14 6.24
CA VAL C 27 44.36 50.79 7.40
C VAL C 27 45.18 50.43 8.64
N THR C 28 45.01 51.22 9.70
CA THR C 28 45.79 51.05 10.91
C THR C 28 45.23 49.93 11.79
N HIS C 29 43.91 49.81 11.86
CA HIS C 29 43.27 48.81 12.70
C HIS C 29 42.14 48.16 11.90
N SER C 30 41.85 46.90 12.23
CA SER C 30 40.83 46.16 11.51
C SER C 30 40.33 45.03 12.40
N VAL C 31 39.24 44.40 11.97
CA VAL C 31 38.64 43.28 12.67
C VAL C 31 38.00 42.37 11.65
N ASN C 32 38.21 41.06 11.82
CA ASN C 32 37.62 40.08 10.92
C ASN C 32 36.18 39.81 11.31
N LEU C 33 35.33 39.56 10.31
CA LEU C 33 33.95 39.16 10.52
C LEU C 33 33.65 37.78 9.96
N LEU C 34 34.63 37.11 9.35
CA LEU C 34 34.41 35.89 8.58
C LEU C 34 35.23 34.76 9.19
N GLU C 35 34.57 33.87 9.93
CA GLU C 35 35.24 32.68 10.43
C GLU C 35 35.62 31.79 9.27
N ASP C 36 36.87 31.35 9.23
CA ASP C 36 37.35 30.49 8.13
C ASP C 36 38.27 29.40 8.64
N SER C 37 38.15 29.02 9.91
CA SER C 37 38.98 27.99 10.51
C SER C 37 38.13 26.98 11.25
N HIS C 38 38.45 25.70 11.08
CA HIS C 38 37.82 24.63 11.82
C HIS C 38 38.89 23.85 12.57
N ASN C 39 38.52 23.31 13.72
CA ASN C 39 39.47 22.65 14.61
C ASN C 39 39.67 21.17 14.27
N GLY C 40 39.18 20.71 13.12
CA GLY C 40 39.39 19.34 12.69
C GLY C 40 39.00 18.31 13.73
N LYS C 41 38.00 18.62 14.54
CA LYS C 41 37.57 17.74 15.61
C LYS C 41 36.05 17.75 15.73
N LEU C 42 35.49 16.61 16.10
CA LEU C 42 34.04 16.51 16.34
C LEU C 42 33.81 16.76 17.83
N CYS C 43 33.86 18.04 18.20
CA CYS C 43 33.60 18.45 19.56
C CYS C 43 32.16 18.09 19.94
N LEU C 44 31.86 18.23 21.23
CA LEU C 44 30.50 18.04 21.72
C LEU C 44 29.76 19.37 21.76
N LEU C 45 28.45 19.32 21.52
CA LEU C 45 27.63 20.52 21.44
C LEU C 45 26.96 20.82 22.77
N LYS C 46 26.93 22.11 23.11
CA LYS C 46 26.21 22.64 24.27
C LYS C 46 26.19 21.65 25.44
N GLY C 47 27.34 21.03 25.71
CA GLY C 47 27.49 20.16 26.86
C GLY C 47 27.17 18.70 26.60
N ILE C 48 26.40 18.39 25.56
CA ILE C 48 26.01 17.03 25.26
C ILE C 48 26.93 16.50 24.16
N ALA C 49 27.37 15.27 24.32
CA ALA C 49 28.32 14.67 23.41
C ALA C 49 27.63 13.95 22.26
N PRO C 50 28.27 13.88 21.10
CA PRO C 50 27.69 13.14 19.98
C PRO C 50 27.72 11.65 20.24
N LEU C 51 27.01 10.93 19.37
CA LEU C 51 26.97 9.46 19.42
C LEU C 51 27.94 8.92 18.38
N GLN C 52 28.95 8.19 18.83
CA GLN C 52 29.95 7.62 17.94
C GLN C 52 29.49 6.25 17.47
N LEU C 53 29.48 6.07 16.14
CA LEU C 53 29.18 4.78 15.53
C LEU C 53 30.42 4.12 14.95
N GLY C 54 31.55 4.82 14.90
CA GLY C 54 32.81 4.23 14.51
C GLY C 54 32.82 3.70 13.09
N ASN C 55 32.35 2.47 12.92
CA ASN C 55 32.38 1.79 11.64
C ASN C 55 30.99 1.45 11.11
N CYS C 56 29.95 1.69 11.89
CA CYS C 56 28.60 1.26 11.55
C CYS C 56 27.73 2.43 11.11
N SER C 57 26.72 2.12 10.32
CA SER C 57 25.67 3.08 9.99
C SER C 57 24.61 3.05 11.10
N VAL C 58 23.62 3.95 10.98
CA VAL C 58 22.54 3.95 11.95
C VAL C 58 21.81 2.62 11.92
N ALA C 59 21.57 2.09 10.71
CA ALA C 59 20.88 0.81 10.56
C ALA C 59 21.56 -0.28 11.37
N GLY C 60 22.86 -0.45 11.19
CA GLY C 60 23.58 -1.48 11.94
C GLY C 60 23.51 -1.25 13.44
N TRP C 61 23.74 0.00 13.87
CA TRP C 61 23.75 0.28 15.31
C TRP C 61 22.41 -0.07 15.95
N ILE C 62 21.30 0.28 15.31
CA ILE C 62 20.00 0.09 15.96
C ILE C 62 19.47 -1.32 15.75
N LEU C 63 19.80 -1.97 14.63
CA LEU C 63 19.38 -3.34 14.42
C LEU C 63 20.14 -4.31 15.32
N GLY C 64 21.34 -3.94 15.75
CA GLY C 64 22.14 -4.82 16.58
C GLY C 64 23.07 -5.69 15.75
N ASN C 65 23.60 -5.12 14.69
CA ASN C 65 24.58 -5.81 13.87
C ASN C 65 25.65 -6.44 14.77
N PRO C 66 26.08 -7.68 14.51
CA PRO C 66 26.97 -8.36 15.47
C PRO C 66 28.33 -7.69 15.64
N GLU C 67 28.73 -6.81 14.74
CA GLU C 67 30.05 -6.19 14.78
C GLU C 67 30.02 -4.76 15.30
N CYS C 68 28.86 -4.23 15.67
CA CYS C 68 28.75 -2.85 16.11
C CYS C 68 28.85 -2.73 17.62
N GLU C 69 29.57 -1.70 18.08
CA GLU C 69 29.53 -1.31 19.48
C GLU C 69 28.13 -0.78 19.79
N LEU C 70 27.35 -1.61 20.50
CA LEU C 70 25.98 -1.23 20.83
C LEU C 70 25.92 0.01 21.72
N LEU C 71 26.99 0.32 22.44
CA LEU C 71 27.06 1.50 23.28
C LEU C 71 25.82 1.63 24.16
N ILE C 72 25.54 0.56 24.91
CA ILE C 72 24.50 0.58 25.92
C ILE C 72 24.72 1.74 26.89
N SER C 73 25.98 2.15 27.05
CA SER C 73 26.32 3.22 27.98
C SER C 73 25.69 4.55 27.59
N ARG C 74 25.53 4.79 26.30
CA ARG C 74 25.07 6.08 25.81
C ARG C 74 23.58 6.24 26.06
N GLU C 75 23.21 7.26 26.82
CA GLU C 75 21.84 7.50 27.21
C GLU C 75 21.27 8.80 26.65
N SER C 76 22.11 9.65 26.04
CA SER C 76 21.66 10.90 25.44
C SER C 76 22.78 11.40 24.52
N TRP C 77 22.38 12.15 23.48
CA TRP C 77 23.36 12.73 22.58
C TRP C 77 22.74 13.92 21.84
N SER C 78 23.62 14.72 21.24
CA SER C 78 23.23 15.92 20.51
C SER C 78 23.17 15.70 19.00
N TYR C 79 24.05 14.87 18.47
CA TYR C 79 24.01 14.52 17.05
C TYR C 79 24.76 13.21 16.87
N ILE C 80 24.57 12.59 15.71
CA ILE C 80 25.14 11.28 15.42
C ILE C 80 26.28 11.44 14.42
N VAL C 81 27.28 10.57 14.55
CA VAL C 81 28.51 10.65 13.78
C VAL C 81 28.70 9.32 13.05
N GLU C 82 28.67 9.37 11.72
CA GLU C 82 29.08 8.29 10.85
C GLU C 82 30.33 8.69 10.08
N LYS C 83 30.80 7.78 9.24
CA LYS C 83 31.84 8.04 8.27
C LYS C 83 31.25 8.10 6.87
N PRO C 84 32.03 8.55 5.88
CA PRO C 84 31.46 8.70 4.52
C PRO C 84 30.79 7.44 4.01
N ASN C 85 31.41 6.27 4.19
CA ASN C 85 30.86 5.00 3.74
C ASN C 85 31.03 3.99 4.86
N PRO C 86 30.12 3.98 5.84
CA PRO C 86 30.27 3.04 6.95
C PRO C 86 30.34 1.61 6.46
N GLU C 87 31.06 0.79 7.21
CA GLU C 87 31.42 -0.56 6.77
C GLU C 87 30.36 -1.59 7.12
N ASN C 88 29.66 -1.41 8.24
CA ASN C 88 28.75 -2.42 8.78
C ASN C 88 27.37 -1.82 8.99
N GLY C 89 26.48 -2.05 8.04
CA GLY C 89 25.10 -1.62 8.16
C GLY C 89 24.14 -2.79 8.29
N THR C 90 23.28 -2.99 7.30
CA THR C 90 22.40 -4.15 7.25
C THR C 90 23.21 -5.35 6.77
N CYS C 91 23.68 -6.17 7.70
CA CYS C 91 24.57 -7.27 7.35
C CYS C 91 23.86 -8.35 6.56
N TYR C 92 22.54 -8.49 6.74
CA TYR C 92 21.76 -9.38 5.90
C TYR C 92 20.98 -8.51 4.92
N PRO C 93 21.23 -8.61 3.61
CA PRO C 93 20.75 -7.58 2.68
C PRO C 93 19.24 -7.41 2.72
N GLY C 94 18.80 -6.22 2.34
CA GLY C 94 17.39 -5.88 2.35
C GLY C 94 17.20 -4.39 2.39
N HIS C 95 15.93 -3.99 2.31
CA HIS C 95 15.55 -2.59 2.25
C HIS C 95 15.09 -2.12 3.63
N PHE C 96 15.63 -0.99 4.08
CA PHE C 96 15.25 -0.40 5.36
C PHE C 96 14.23 0.69 5.08
N ALA C 97 13.01 0.52 5.58
CA ALA C 97 11.91 1.41 5.23
C ALA C 97 11.90 2.65 6.12
N ASP C 98 11.60 3.80 5.52
CA ASP C 98 11.52 5.07 6.23
C ASP C 98 12.81 5.33 7.00
N TYR C 99 13.93 5.17 6.30
CA TYR C 99 15.24 5.22 6.93
C TYR C 99 15.68 6.64 7.21
N GLU C 100 15.46 7.55 6.24
CA GLU C 100 15.83 8.95 6.44
C GLU C 100 15.06 9.55 7.61
N GLU C 101 13.76 9.26 7.72
CA GLU C 101 12.98 9.72 8.86
C GLU C 101 13.59 9.25 10.17
N LEU C 102 13.87 7.95 10.29
CA LEU C 102 14.38 7.43 11.56
C LEU C 102 15.72 8.07 11.90
N ARG C 103 16.62 8.16 10.91
CA ARG C 103 17.86 8.90 11.10
C ARG C 103 17.59 10.31 11.63
N GLU C 104 16.57 10.98 11.08
CA GLU C 104 16.25 12.33 11.53
C GLU C 104 15.83 12.35 12.98
N GLN C 105 15.01 11.38 13.40
CA GLN C 105 14.39 11.43 14.72
C GLN C 105 15.32 10.93 15.80
N LEU C 106 16.27 10.07 15.46
CA LEU C 106 17.32 9.65 16.38
C LEU C 106 18.50 10.60 16.38
N SER C 107 18.47 11.65 15.55
CA SER C 107 19.59 12.58 15.46
C SER C 107 19.99 13.07 16.84
N SER C 108 19.02 13.49 17.65
CA SER C 108 19.26 13.89 19.03
C SER C 108 18.21 13.25 19.92
N VAL C 109 18.64 12.80 21.09
CA VAL C 109 17.75 12.13 22.03
C VAL C 109 18.05 12.63 23.43
N SER C 110 16.98 12.85 24.21
CA SER C 110 17.14 13.27 25.59
C SER C 110 17.37 12.08 26.51
N SER C 111 16.57 11.03 26.37
CA SER C 111 16.71 9.83 27.16
C SER C 111 16.43 8.61 26.29
N PHE C 112 17.06 7.48 26.65
CA PHE C 112 17.19 6.37 25.73
C PHE C 112 17.60 5.14 26.53
N GLU C 113 16.73 4.13 26.59
CA GLU C 113 17.07 2.87 27.25
C GLU C 113 16.67 1.70 26.37
N ARG C 114 17.59 0.75 26.23
CA ARG C 114 17.36 -0.49 25.50
C ARG C 114 16.78 -1.53 26.44
N PHE C 115 15.61 -2.07 26.11
CA PHE C 115 14.99 -3.10 26.95
C PHE C 115 14.53 -4.26 26.09
N GLU C 116 14.48 -5.45 26.69
CA GLU C 116 14.17 -6.67 25.97
C GLU C 116 12.64 -6.82 25.93
N ILE C 117 12.04 -6.45 24.80
CA ILE C 117 10.59 -6.42 24.69
C ILE C 117 10.03 -7.85 24.63
N PHE C 118 10.68 -8.73 23.88
CA PHE C 118 10.25 -10.12 23.72
C PHE C 118 11.44 -11.01 24.05
N PRO C 119 11.58 -11.42 25.30
CA PRO C 119 12.76 -12.22 25.69
C PRO C 119 12.94 -13.46 24.82
N LYS C 120 14.19 -13.76 24.50
CA LYS C 120 14.50 -14.88 23.62
C LYS C 120 13.79 -16.15 24.07
N GLU C 121 13.76 -16.41 25.37
CA GLU C 121 12.99 -17.51 25.93
C GLU C 121 11.76 -16.96 26.63
N SER C 122 10.75 -17.83 26.77
CA SER C 122 9.45 -17.49 27.36
C SER C 122 8.53 -16.89 26.30
N SER C 123 9.08 -16.09 25.38
CA SER C 123 8.26 -15.42 24.39
C SER C 123 7.95 -16.28 23.18
N TRP C 124 8.76 -17.30 22.88
CA TRP C 124 8.58 -18.10 21.67
C TRP C 124 8.69 -19.57 22.03
N PRO C 125 7.71 -20.09 22.78
CA PRO C 125 7.82 -21.46 23.30
C PRO C 125 7.75 -22.52 22.23
N ASN C 126 6.98 -22.29 21.18
CA ASN C 126 6.70 -23.31 20.17
C ASN C 126 7.35 -23.00 18.84
N HIS C 127 8.30 -22.07 18.80
CA HIS C 127 9.09 -21.76 17.62
C HIS C 127 10.57 -21.88 17.96
N THR C 128 11.41 -21.84 16.93
CA THR C 128 12.85 -21.92 17.08
C THR C 128 13.46 -20.54 16.89
N THR C 129 14.28 -20.12 17.85
CA THR C 129 14.82 -18.78 17.89
C THR C 129 16.31 -18.72 17.55
N THR C 130 16.92 -19.85 17.22
CA THR C 130 18.37 -19.95 17.10
C THR C 130 18.89 -19.54 15.72
N GLY C 131 18.02 -19.23 14.77
CA GLY C 131 18.42 -18.95 13.41
C GLY C 131 19.54 -17.94 13.28
N VAL C 132 20.56 -18.28 12.48
CA VAL C 132 21.69 -17.39 12.21
C VAL C 132 22.11 -17.55 10.76
N SER C 133 22.88 -16.57 10.28
CA SER C 133 23.34 -16.54 8.90
C SER C 133 24.81 -16.20 8.86
N ALA C 134 25.50 -16.73 7.84
CA ALA C 134 26.90 -16.40 7.63
C ALA C 134 27.10 -14.99 7.08
N SER C 135 26.01 -14.32 6.69
CA SER C 135 26.09 -12.93 6.27
C SER C 135 26.24 -11.97 7.44
N CYS C 136 26.00 -12.44 8.67
CA CYS C 136 26.13 -11.63 9.87
C CYS C 136 27.03 -12.39 10.85
N SER C 137 28.30 -12.52 10.49
CA SER C 137 29.25 -13.37 11.21
C SER C 137 30.04 -12.54 12.21
N HIS C 138 30.00 -12.95 13.47
CA HIS C 138 30.82 -12.36 14.52
C HIS C 138 31.93 -13.34 14.87
N ASN C 139 33.17 -12.95 14.56
CA ASN C 139 34.35 -13.78 14.79
C ASN C 139 34.37 -14.98 13.84
N GLY C 140 34.10 -14.70 12.55
CA GLY C 140 34.09 -15.74 11.53
C GLY C 140 33.16 -16.89 11.84
N GLU C 141 32.18 -16.67 12.72
CA GLU C 141 31.23 -17.69 13.13
C GLU C 141 29.84 -17.10 13.01
N SER C 142 28.99 -17.74 12.20
CA SER C 142 27.70 -17.18 11.84
C SER C 142 26.94 -16.69 13.06
N SER C 143 26.32 -15.52 12.93
CA SER C 143 25.55 -14.91 14.00
C SER C 143 24.36 -14.19 13.36
N PHE C 144 23.83 -13.19 14.05
CA PHE C 144 22.64 -12.48 13.59
C PHE C 144 22.42 -11.29 14.52
N TYR C 145 21.54 -10.38 14.09
CA TYR C 145 21.25 -9.16 14.84
C TYR C 145 21.00 -9.45 16.31
N LYS C 146 21.45 -8.54 17.17
CA LYS C 146 21.28 -8.67 18.61
C LYS C 146 19.97 -8.09 19.11
N ASN C 147 19.22 -7.38 18.26
CA ASN C 147 17.93 -6.82 18.65
C ASN C 147 16.76 -7.47 17.92
N LEU C 148 17.02 -8.50 17.12
CA LEU C 148 15.98 -9.21 16.37
C LEU C 148 16.15 -10.71 16.54
N LEU C 149 15.10 -11.45 16.20
CA LEU C 149 15.09 -12.90 16.23
C LEU C 149 14.57 -13.46 14.92
N TRP C 150 15.19 -14.53 14.44
CA TRP C 150 14.71 -15.25 13.28
C TRP C 150 13.85 -16.39 13.80
N LEU C 151 12.54 -16.31 13.62
CA LEU C 151 11.66 -17.38 14.05
C LEU C 151 11.52 -18.41 12.94
N THR C 152 11.67 -19.68 13.29
CA THR C 152 11.56 -20.79 12.35
C THR C 152 10.75 -21.90 12.99
N GLY C 153 10.48 -22.94 12.21
CA GLY C 153 9.64 -24.02 12.68
C GLY C 153 10.35 -24.86 13.73
N LYS C 154 9.56 -25.31 14.72
CA LYS C 154 10.01 -26.27 15.72
C LYS C 154 9.28 -27.58 15.48
N ASN C 155 10.02 -28.62 15.10
CA ASN C 155 9.46 -29.96 14.94
C ASN C 155 8.42 -29.99 13.82
N GLY C 156 8.82 -29.50 12.65
CA GLY C 156 7.92 -29.51 11.50
C GLY C 156 6.70 -28.65 11.66
N LEU C 157 6.72 -27.68 12.57
CA LEU C 157 5.57 -26.83 12.85
C LEU C 157 6.00 -25.39 13.00
N TYR C 158 5.26 -24.48 12.38
CA TYR C 158 5.39 -23.04 12.62
C TYR C 158 3.98 -22.55 12.97
N PRO C 159 3.54 -22.76 14.20
CA PRO C 159 2.15 -22.45 14.54
C PRO C 159 1.86 -20.96 14.51
N ASN C 160 0.63 -20.62 14.10
CA ASN C 160 0.18 -19.23 14.10
C ASN C 160 0.49 -18.57 15.44
N LEU C 161 1.20 -17.44 15.40
CA LEU C 161 1.61 -16.74 16.61
C LEU C 161 0.96 -15.35 16.66
N SER C 162 0.73 -14.90 17.89
CA SER C 162 0.19 -13.57 18.15
C SER C 162 0.78 -13.06 19.46
N LYS C 163 1.52 -11.96 19.38
CA LYS C 163 2.15 -11.36 20.54
C LYS C 163 1.79 -9.88 20.62
N SER C 164 1.90 -9.34 21.83
CA SER C 164 1.52 -7.96 22.07
C SER C 164 2.42 -7.38 23.14
N TYR C 165 2.71 -6.08 23.02
CA TYR C 165 3.39 -5.35 24.08
C TYR C 165 2.63 -4.05 24.33
N ALA C 166 2.37 -3.78 25.61
CA ALA C 166 1.73 -2.54 26.05
C ALA C 166 2.79 -1.64 26.66
N ASN C 167 2.92 -0.44 26.12
CA ASN C 167 3.94 0.50 26.58
C ASN C 167 3.50 1.11 27.90
N ASN C 168 4.22 0.77 28.97
CA ASN C 168 3.98 1.31 30.30
C ASN C 168 5.16 2.15 30.79
N LYS C 169 5.99 2.64 29.89
CA LYS C 169 7.23 3.31 30.25
C LYS C 169 7.13 4.84 30.17
N GLU C 170 5.94 5.38 29.93
CA GLU C 170 5.70 6.81 29.92
C GLU C 170 6.49 7.55 28.84
N LYS C 171 7.16 6.83 27.95
CA LYS C 171 7.92 7.41 26.86
C LYS C 171 7.59 6.67 25.58
N GLU C 172 8.08 7.17 24.45
CA GLU C 172 7.82 6.46 23.20
C GLU C 172 8.76 5.28 23.07
N VAL C 173 8.26 4.20 22.49
CA VAL C 173 9.03 2.96 22.36
C VAL C 173 9.24 2.72 20.88
N LEU C 174 10.48 2.81 20.44
CA LEU C 174 10.84 2.47 19.07
C LEU C 174 10.94 0.96 18.94
N VAL C 175 10.13 0.39 18.04
CA VAL C 175 10.09 -1.05 17.79
C VAL C 175 10.49 -1.30 16.34
N LEU C 176 11.34 -2.31 16.15
CA LEU C 176 11.85 -2.69 14.85
C LEU C 176 11.58 -4.17 14.60
N TRP C 177 11.39 -4.53 13.34
CA TRP C 177 11.21 -5.91 12.94
C TRP C 177 11.58 -6.04 11.48
N GLY C 178 11.41 -7.25 10.93
CA GLY C 178 11.73 -7.51 9.54
C GLY C 178 10.78 -8.52 8.95
N VAL C 179 10.94 -8.73 7.64
CA VAL C 179 10.15 -9.72 6.91
C VAL C 179 11.06 -10.41 5.91
N HIS C 180 11.05 -11.74 5.91
CA HIS C 180 11.99 -12.53 5.13
C HIS C 180 11.39 -12.89 3.77
N HIS C 181 12.11 -12.55 2.69
CA HIS C 181 11.75 -12.93 1.34
C HIS C 181 12.78 -13.95 0.84
N PRO C 182 12.46 -15.24 0.86
CA PRO C 182 13.45 -16.26 0.45
C PRO C 182 13.65 -16.25 -1.05
N PRO C 183 14.77 -16.82 -1.53
CA PRO C 183 14.99 -16.87 -2.99
C PRO C 183 14.30 -18.04 -3.66
N ASN C 184 13.99 -19.11 -2.93
CA ASN C 184 13.36 -20.29 -3.50
C ASN C 184 12.23 -20.73 -2.58
N ILE C 185 11.33 -21.55 -3.13
CA ILE C 185 10.20 -22.03 -2.34
C ILE C 185 10.61 -23.12 -1.38
N GLY C 186 11.66 -23.88 -1.71
CA GLY C 186 12.19 -24.84 -0.76
C GLY C 186 12.57 -24.19 0.56
N ASP C 187 13.24 -23.04 0.50
CA ASP C 187 13.58 -22.32 1.71
C ASP C 187 12.33 -21.92 2.49
N GLN C 188 11.31 -21.44 1.77
CA GLN C 188 10.06 -21.06 2.43
C GLN C 188 9.47 -22.23 3.20
N ARG C 189 9.33 -23.39 2.53
CA ARG C 189 8.75 -24.55 3.19
C ARG C 189 9.61 -24.99 4.38
N ALA C 190 10.92 -25.11 4.17
CA ALA C 190 11.80 -25.60 5.22
C ALA C 190 11.77 -24.71 6.44
N LEU C 191 11.72 -23.39 6.24
CA LEU C 191 11.79 -22.46 7.36
C LEU C 191 10.45 -22.32 8.07
N TYR C 192 9.33 -22.25 7.33
CA TYR C 192 8.08 -21.85 7.94
C TYR C 192 6.91 -22.80 7.68
N HIS C 193 7.04 -23.74 6.75
CA HIS C 193 6.04 -24.79 6.54
C HIS C 193 4.71 -24.22 6.04
N THR C 194 4.77 -23.12 5.29
CA THR C 194 3.60 -22.60 4.58
C THR C 194 4.08 -21.90 3.32
N GLU C 195 3.26 -21.99 2.27
CA GLU C 195 3.52 -21.27 1.04
C GLU C 195 2.68 -20.00 0.93
N ASN C 196 1.76 -19.78 1.87
CA ASN C 196 0.90 -18.60 1.91
C ASN C 196 1.13 -17.96 3.27
N ALA C 197 2.04 -17.00 3.33
CA ALA C 197 2.52 -16.44 4.59
C ALA C 197 1.98 -15.03 4.79
N TYR C 198 1.69 -14.68 6.04
CA TYR C 198 1.21 -13.35 6.37
C TYR C 198 1.90 -12.88 7.64
N VAL C 199 2.15 -11.57 7.71
CA VAL C 199 2.60 -10.92 8.94
C VAL C 199 1.78 -9.65 9.14
N SER C 200 1.15 -9.54 10.30
CA SER C 200 0.31 -8.39 10.61
C SER C 200 0.91 -7.63 11.79
N VAL C 201 1.10 -6.32 11.61
CA VAL C 201 1.60 -5.45 12.68
C VAL C 201 0.57 -4.35 12.87
N VAL C 202 0.08 -4.18 14.09
CA VAL C 202 -1.02 -3.27 14.36
C VAL C 202 -0.72 -2.44 15.60
N SER C 203 -0.84 -1.12 15.47
CA SER C 203 -0.94 -0.19 16.58
C SER C 203 -1.92 0.91 16.17
N SER C 204 -2.26 1.79 17.11
CA SER C 204 -3.25 2.81 16.81
C SER C 204 -2.76 3.79 15.75
N HIS C 205 -1.46 3.95 15.63
CA HIS C 205 -0.88 4.87 14.66
C HIS C 205 -0.09 4.17 13.56
N TYR C 206 -0.07 2.85 13.54
CA TYR C 206 0.61 2.10 12.48
C TYR C 206 -0.08 0.75 12.34
N SER C 207 -0.50 0.42 11.11
CA SER C 207 -1.16 -0.86 10.85
C SER C 207 -0.79 -1.28 9.44
N ARG C 208 -0.04 -2.36 9.31
CA ARG C 208 0.39 -2.85 8.00
C ARG C 208 0.39 -4.37 8.00
N LYS C 209 0.23 -4.93 6.80
CA LYS C 209 0.12 -6.36 6.61
C LYS C 209 1.03 -6.77 5.47
N PHE C 210 1.55 -7.99 5.56
CA PHE C 210 2.63 -8.46 4.70
C PHE C 210 2.28 -9.83 4.16
N THR C 211 2.47 -10.00 2.85
CA THR C 211 2.27 -11.29 2.18
C THR C 211 3.54 -11.63 1.40
N PRO C 212 4.66 -11.83 2.10
CA PRO C 212 5.95 -11.94 1.42
C PRO C 212 5.99 -13.09 0.44
N GLU C 213 6.30 -12.78 -0.81
CA GLU C 213 6.39 -13.76 -1.89
C GLU C 213 7.85 -14.03 -2.23
N ILE C 214 8.11 -15.23 -2.75
CA ILE C 214 9.46 -15.63 -3.12
C ILE C 214 9.99 -14.67 -4.19
N ALA C 215 11.26 -14.31 -4.05
CA ALA C 215 11.91 -13.44 -5.02
C ALA C 215 13.40 -13.76 -5.03
N LYS C 216 13.87 -14.38 -6.10
CA LYS C 216 15.29 -14.67 -6.25
C LYS C 216 16.01 -13.41 -6.68
N ARG C 217 17.05 -13.04 -5.95
CA ARG C 217 17.72 -11.76 -6.12
C ARG C 217 19.21 -11.95 -6.40
N PRO C 218 19.86 -10.96 -7.01
CA PRO C 218 21.30 -11.07 -7.22
C PRO C 218 22.05 -11.16 -5.91
N LYS C 219 23.11 -11.96 -5.90
CA LYS C 219 23.83 -12.22 -4.66
C LYS C 219 24.40 -10.94 -4.08
N VAL C 220 23.92 -10.58 -2.89
CA VAL C 220 24.47 -9.48 -2.11
C VAL C 220 24.92 -10.07 -0.78
N ARG C 221 26.22 -9.96 -0.49
CA ARG C 221 26.81 -10.69 0.62
C ARG C 221 26.54 -12.18 0.48
N ASP C 222 26.47 -12.63 -0.78
CA ASP C 222 26.25 -14.03 -1.13
C ASP C 222 24.90 -14.52 -0.60
N ARG C 223 23.83 -13.80 -0.93
CA ARG C 223 22.49 -14.15 -0.46
C ARG C 223 21.45 -13.72 -1.49
N GLU C 224 20.80 -14.70 -2.10
CA GLU C 224 19.74 -14.43 -3.09
C GLU C 224 18.44 -13.96 -2.45
N GLY C 225 18.28 -14.12 -1.13
CA GLY C 225 17.09 -13.67 -0.44
C GLY C 225 17.34 -12.37 0.31
N ARG C 226 16.26 -11.83 0.87
CA ARG C 226 16.32 -10.52 1.52
C ARG C 226 15.51 -10.52 2.81
N ILE C 227 15.71 -9.46 3.60
CA ILE C 227 14.86 -9.11 4.73
C ILE C 227 14.54 -7.64 4.62
N ASN C 228 13.25 -7.31 4.52
CA ASN C 228 12.82 -5.93 4.52
C ASN C 228 12.60 -5.47 5.97
N TYR C 229 13.23 -4.36 6.32
CA TYR C 229 13.28 -3.87 7.69
C TYR C 229 12.24 -2.78 7.89
N TYR C 230 11.58 -2.81 9.05
CA TYR C 230 10.44 -1.94 9.32
C TYR C 230 10.50 -1.51 10.78
N TRP C 231 9.96 -0.33 11.05
CA TRP C 231 9.99 0.21 12.40
C TRP C 231 8.75 1.06 12.64
N THR C 232 8.51 1.40 13.90
CA THR C 232 7.47 2.35 14.23
C THR C 232 7.64 2.80 15.68
N LEU C 233 6.97 3.89 16.00
CA LEU C 233 6.98 4.45 17.35
C LEU C 233 5.68 4.09 18.05
N LEU C 234 5.78 3.64 19.28
CA LEU C 234 4.63 3.23 20.09
C LEU C 234 4.54 4.21 21.26
N GLU C 235 3.55 5.09 21.22
CA GLU C 235 3.40 6.07 22.28
C GLU C 235 2.83 5.42 23.54
N PRO C 236 3.04 6.04 24.70
CA PRO C 236 2.58 5.40 25.95
C PRO C 236 1.11 5.07 25.93
N GLY C 237 0.75 4.01 26.64
CA GLY C 237 -0.64 3.58 26.72
C GLY C 237 -1.07 2.70 25.57
N ASP C 238 -0.46 2.90 24.40
CA ASP C 238 -0.84 2.15 23.21
C ASP C 238 -0.15 0.80 23.19
N THR C 239 -0.76 -0.15 22.49
CA THR C 239 -0.30 -1.53 22.45
C THR C 239 0.01 -1.93 21.01
N ILE C 240 1.15 -2.60 20.80
CA ILE C 240 1.52 -3.10 19.49
C ILE C 240 1.27 -4.60 19.46
N ILE C 241 0.75 -5.10 18.34
CA ILE C 241 0.39 -6.49 18.17
C ILE C 241 1.01 -7.03 16.89
N PHE C 242 1.75 -8.13 17.03
CA PHE C 242 2.28 -8.91 15.92
C PHE C 242 1.47 -10.19 15.77
N GLU C 243 1.23 -10.59 14.53
CA GLU C 243 0.63 -11.87 14.22
C GLU C 243 1.33 -12.44 13.00
N ALA C 244 1.53 -13.75 12.97
CA ALA C 244 2.21 -14.30 11.80
C ALA C 244 2.07 -15.80 11.75
N ASN C 245 2.15 -16.34 10.53
CA ASN C 245 2.31 -17.77 10.31
C ASN C 245 3.65 -18.08 9.65
N GLY C 246 4.55 -17.11 9.58
CA GLY C 246 5.85 -17.32 8.96
C GLY C 246 6.46 -16.02 8.54
N ASN C 247 7.74 -16.11 8.13
CA ASN C 247 8.50 -15.04 7.52
C ASN C 247 8.70 -13.83 8.44
N LEU C 248 8.43 -13.97 9.73
CA LEU C 248 8.59 -12.86 10.67
C LEU C 248 9.97 -12.90 11.30
N ILE C 249 10.60 -11.73 11.37
CA ILE C 249 11.84 -11.54 12.12
C ILE C 249 11.48 -10.71 13.35
N ALA C 250 11.09 -11.40 14.43
CA ALA C 250 10.46 -10.72 15.54
C ALA C 250 11.42 -9.75 16.21
N PRO C 251 10.90 -8.73 16.90
CA PRO C 251 11.76 -7.90 17.74
C PRO C 251 12.18 -8.64 19.01
N ARG C 252 13.41 -8.41 19.43
CA ARG C 252 13.91 -8.89 20.71
C ARG C 252 14.09 -7.76 21.70
N TYR C 253 14.81 -6.73 21.30
CA TYR C 253 14.99 -5.52 22.10
C TYR C 253 14.37 -4.33 21.39
N ALA C 254 13.69 -3.49 22.16
CA ALA C 254 13.14 -2.23 21.69
C ALA C 254 13.76 -1.09 22.50
N PHE C 255 13.48 0.14 22.08
CA PHE C 255 14.17 1.31 22.63
C PHE C 255 13.16 2.30 23.21
N ALA C 256 13.05 2.34 24.53
CA ALA C 256 12.22 3.32 25.21
C ALA C 256 12.98 4.64 25.30
N LEU C 257 12.54 5.63 24.52
CA LEU C 257 13.21 6.91 24.43
C LEU C 257 12.23 8.06 24.61
N SER C 258 12.78 9.18 25.07
CA SER C 258 12.18 10.50 24.98
C SER C 258 12.82 11.24 23.82
N ARG C 259 12.09 12.23 23.29
CA ARG C 259 12.32 12.66 21.92
C ARG C 259 13.63 13.41 21.73
N GLY C 260 13.67 14.69 22.11
CA GLY C 260 14.67 15.60 21.58
C GLY C 260 14.18 16.17 20.26
N PHE C 261 14.87 17.19 19.77
CA PHE C 261 14.35 17.92 18.62
C PHE C 261 15.47 18.58 17.83
N GLY C 262 15.23 18.69 16.52
CA GLY C 262 16.01 19.53 15.62
C GLY C 262 17.51 19.32 15.62
N SER C 263 17.97 18.17 15.14
CA SER C 263 19.39 17.94 14.93
C SER C 263 19.58 17.18 13.63
N GLY C 264 20.83 16.81 13.34
CA GLY C 264 21.17 16.12 12.12
C GLY C 264 22.33 15.18 12.33
N ILE C 265 22.75 14.53 11.23
CA ILE C 265 23.82 13.55 11.25
C ILE C 265 25.02 14.12 10.51
N ILE C 266 26.21 13.75 10.97
CA ILE C 266 27.47 14.18 10.36
C ILE C 266 28.20 12.97 9.79
N ASN C 267 28.73 13.14 8.58
CA ASN C 267 29.47 12.10 7.87
C ASN C 267 30.86 12.63 7.55
N SER C 268 31.80 12.40 8.47
CA SER C 268 33.17 12.84 8.28
C SER C 268 34.11 11.91 9.03
N ASN C 269 35.39 11.97 8.67
CA ASN C 269 36.43 11.16 9.30
C ASN C 269 37.20 11.94 10.36
N ALA C 270 36.69 13.09 10.79
CA ALA C 270 37.43 13.90 11.74
C ALA C 270 37.50 13.19 13.08
N PRO C 271 38.59 13.36 13.82
CA PRO C 271 38.70 12.69 15.12
C PRO C 271 37.76 13.30 16.14
N MET C 272 37.17 12.42 16.96
CA MET C 272 36.28 12.88 18.03
C MET C 272 37.13 13.29 19.22
N ASP C 273 36.73 14.36 19.89
CA ASP C 273 37.54 14.96 20.92
C ASP C 273 36.62 15.51 22.00
N GLU C 274 37.21 15.84 23.15
CA GLU C 274 36.42 16.24 24.31
C GLU C 274 36.11 17.74 24.31
N CYS C 275 36.60 18.48 23.32
CA CYS C 275 36.29 19.89 23.21
C CYS C 275 34.78 20.12 23.17
N ASP C 276 34.36 21.30 23.62
CA ASP C 276 32.97 21.73 23.58
C ASP C 276 32.84 22.92 22.64
N ALA C 277 31.74 22.98 21.90
CA ALA C 277 31.51 24.05 20.94
C ALA C 277 30.01 24.23 20.76
N LYS C 278 29.65 25.31 20.07
CA LYS C 278 28.25 25.60 19.77
C LYS C 278 27.90 25.45 18.28
N CYS C 279 28.88 25.21 17.42
CA CYS C 279 28.64 24.98 16.00
C CYS C 279 29.51 23.83 15.53
N GLN C 280 28.91 22.86 14.84
CA GLN C 280 29.68 21.73 14.34
C GLN C 280 29.48 21.57 12.85
N THR C 281 30.54 21.15 12.19
CA THR C 281 30.52 20.93 10.78
C THR C 281 31.44 19.77 10.43
N PRO C 282 31.10 18.98 9.40
CA PRO C 282 31.85 17.75 9.11
C PRO C 282 33.36 17.82 9.35
N GLN C 283 34.01 18.85 8.82
CA GLN C 283 35.47 18.91 8.90
C GLN C 283 35.94 19.16 10.34
N GLY C 284 35.25 20.02 11.07
CA GLY C 284 35.58 20.27 12.46
C GLY C 284 34.81 21.45 13.04
N ALA C 285 34.70 21.51 14.37
CA ALA C 285 33.86 22.51 15.02
C ALA C 285 34.28 23.92 14.61
N ILE C 286 33.42 24.89 14.93
CA ILE C 286 33.61 26.27 14.54
C ILE C 286 33.45 27.17 15.76
N ASN C 287 34.18 28.28 15.76
CA ASN C 287 33.99 29.36 16.72
C ASN C 287 32.82 30.21 16.26
N SER C 288 31.73 30.21 17.03
CA SER C 288 30.46 30.74 16.59
C SER C 288 30.24 32.19 17.02
N SER C 289 31.31 32.90 17.39
CA SER C 289 31.15 34.26 17.88
C SER C 289 30.94 35.26 16.75
N LEU C 290 31.52 35.02 15.57
CA LEU C 290 31.38 35.95 14.47
C LEU C 290 30.13 35.64 13.67
N PRO C 291 29.59 36.64 12.96
CA PRO C 291 28.29 36.43 12.30
C PRO C 291 28.35 35.56 11.07
N PHE C 292 29.50 35.48 10.40
CA PHE C 292 29.60 34.88 9.07
C PHE C 292 30.71 33.84 9.03
N GLN C 293 30.58 32.89 8.11
CA GLN C 293 31.57 31.86 7.89
C GLN C 293 31.63 31.50 6.41
N ASN C 294 32.64 30.68 6.07
CA ASN C 294 32.75 30.14 4.71
C ASN C 294 33.33 28.73 4.75
N VAL C 295 33.31 28.06 5.90
CA VAL C 295 33.92 26.75 6.06
C VAL C 295 33.12 25.72 5.28
N HIS C 296 31.89 25.45 5.73
CA HIS C 296 31.07 24.40 5.13
C HIS C 296 29.61 24.79 5.25
N PRO C 297 28.80 24.60 4.21
CA PRO C 297 27.39 25.03 4.29
C PRO C 297 26.59 24.27 5.33
N VAL C 298 26.68 22.94 5.34
CA VAL C 298 25.81 22.11 6.15
C VAL C 298 26.39 22.00 7.55
N THR C 299 25.73 22.65 8.51
CA THR C 299 26.20 22.71 9.89
C THR C 299 25.14 22.18 10.84
N ILE C 300 25.51 22.10 12.12
CA ILE C 300 24.59 21.74 13.20
C ILE C 300 24.93 22.60 14.41
N GLY C 301 23.98 23.42 14.85
CA GLY C 301 24.13 24.16 16.08
C GLY C 301 23.72 25.61 15.91
N GLU C 302 24.07 26.41 16.91
CA GLU C 302 23.90 27.86 16.85
C GLU C 302 25.06 28.42 16.03
N CYS C 303 24.90 28.35 14.71
CA CYS C 303 26.04 28.56 13.81
C CYS C 303 25.97 29.92 13.12
N PRO C 304 27.13 30.47 12.75
CA PRO C 304 27.14 31.62 11.84
C PRO C 304 26.52 31.26 10.49
N LYS C 305 26.22 32.29 9.72
CA LYS C 305 25.64 32.10 8.40
C LYS C 305 26.73 31.85 7.37
N TYR C 306 26.49 30.86 6.51
CA TYR C 306 27.45 30.52 5.47
C TYR C 306 27.33 31.49 4.30
N VAL C 307 28.47 31.93 3.78
CA VAL C 307 28.52 32.87 2.68
C VAL C 307 29.64 32.47 1.72
N ARG C 308 29.45 32.79 0.44
CA ARG C 308 30.45 32.52 -0.58
C ARG C 308 31.45 33.68 -0.67
N SER C 309 32.16 33.89 0.43
CA SER C 309 33.06 35.03 0.56
C SER C 309 34.45 34.55 0.98
N ALA C 310 35.46 35.19 0.40
CA ALA C 310 36.85 34.97 0.80
C ALA C 310 37.26 35.89 1.93
N LYS C 311 36.78 37.14 1.92
CA LYS C 311 37.26 38.17 2.84
C LYS C 311 36.10 39.07 3.23
N LEU C 312 35.84 39.19 4.54
CA LEU C 312 34.88 40.14 5.10
C LEU C 312 35.58 40.83 6.26
N ARG C 313 36.35 41.87 5.97
CA ARG C 313 37.13 42.57 6.97
C ARG C 313 36.64 44.00 7.09
N MET C 314 36.35 44.41 8.32
CA MET C 314 35.82 45.74 8.61
C MET C 314 36.93 46.59 9.21
N VAL C 315 37.02 47.83 8.74
CA VAL C 315 38.03 48.76 9.25
C VAL C 315 37.50 49.42 10.52
N THR C 316 38.31 49.38 11.58
CA THR C 316 38.05 50.12 12.79
C THR C 316 38.95 51.33 12.94
N GLY C 317 40.16 51.29 12.38
CA GLY C 317 41.06 52.42 12.37
C GLY C 317 40.81 53.31 11.17
N LEU C 318 41.88 53.97 10.72
CA LEU C 318 41.78 54.93 9.63
C LEU C 318 42.85 54.61 8.59
N ARG C 319 42.73 55.25 7.43
CA ARG C 319 43.61 54.98 6.30
C ARG C 319 45.06 55.22 6.71
N ASN C 320 45.85 54.16 6.71
CA ASN C 320 47.23 54.19 7.19
C ASN C 320 48.12 54.84 6.14
N ILE C 321 48.61 56.04 6.44
CA ILE C 321 49.50 56.76 5.53
C ILE C 321 50.78 57.14 6.28
N PRO C 322 51.70 56.21 6.53
CA PRO C 322 53.01 56.61 7.07
C PRO C 322 53.86 57.31 6.02
N SER C 323 55.06 57.73 6.41
CA SER C 323 56.00 58.34 5.48
C SER C 323 57.32 58.64 6.17
N GLY D 1 39.68 62.90 2.39
CA GLY D 1 38.80 62.07 1.58
C GLY D 1 37.49 62.75 1.28
N LEU D 2 36.43 62.35 2.01
CA LEU D 2 35.12 62.95 1.80
C LEU D 2 35.02 64.35 2.42
N PHE D 3 35.91 64.68 3.35
CA PHE D 3 35.96 66.01 3.94
C PHE D 3 37.28 66.72 3.65
N GLY D 4 38.21 66.09 2.96
CA GLY D 4 39.40 66.78 2.50
C GLY D 4 40.45 67.04 3.56
N ALA D 5 40.40 66.32 4.68
CA ALA D 5 41.44 66.42 5.71
C ALA D 5 42.42 65.25 5.63
N ILE D 6 41.94 64.04 5.90
CA ILE D 6 42.78 62.86 5.71
C ILE D 6 42.96 62.61 4.23
N ALA D 7 44.22 62.46 3.80
CA ALA D 7 44.58 62.41 2.39
C ALA D 7 44.17 63.66 1.63
N GLY D 8 43.75 64.71 2.34
CA GLY D 8 43.36 65.96 1.73
C GLY D 8 44.45 67.00 1.94
N PHE D 9 44.15 68.07 2.68
CA PHE D 9 45.22 69.04 2.94
C PHE D 9 46.24 68.50 3.93
N ILE D 10 45.86 67.55 4.79
CA ILE D 10 46.82 66.88 5.67
C ILE D 10 47.32 65.66 4.91
N GLU D 11 48.54 65.75 4.39
CA GLU D 11 49.02 64.77 3.42
C GLU D 11 49.17 63.38 4.00
N GLY D 12 49.47 63.25 5.28
CA GLY D 12 49.77 61.95 5.84
C GLY D 12 49.59 61.90 7.33
N GLY D 13 50.09 60.81 7.92
CA GLY D 13 49.91 60.53 9.33
C GLY D 13 51.22 60.60 10.11
N TRP D 14 51.06 60.57 11.43
CA TRP D 14 52.17 60.74 12.38
C TRP D 14 52.47 59.40 13.03
N THR D 15 53.51 58.73 12.53
CA THR D 15 53.89 57.42 13.08
C THR D 15 54.38 57.51 14.52
N GLY D 16 54.79 58.69 14.97
CA GLY D 16 55.31 58.85 16.32
C GLY D 16 54.25 59.03 17.40
N MET D 17 53.01 59.27 17.01
CA MET D 17 51.93 59.53 17.96
C MET D 17 51.22 58.22 18.27
N VAL D 18 51.49 57.67 19.46
CA VAL D 18 50.87 56.42 19.89
C VAL D 18 49.78 56.63 20.92
N ASP D 19 49.62 57.84 21.45
CA ASP D 19 48.63 58.09 22.49
C ASP D 19 47.20 57.92 22.00
N GLY D 20 46.97 57.93 20.69
CA GLY D 20 45.63 57.75 20.19
C GLY D 20 45.54 58.05 18.71
N TRP D 21 44.29 58.18 18.24
CA TRP D 21 44.00 58.40 16.82
C TRP D 21 44.21 59.84 16.41
N TYR D 22 43.89 60.79 17.29
CA TYR D 22 43.89 62.21 16.96
C TYR D 22 44.77 62.92 17.97
N GLY D 23 45.51 63.93 17.52
CA GLY D 23 46.43 64.57 18.42
C GLY D 23 47.12 65.77 17.84
N TYR D 24 48.16 66.21 18.54
CA TYR D 24 48.81 67.49 18.34
C TYR D 24 50.31 67.33 18.25
N HIS D 25 50.94 68.28 17.55
CA HIS D 25 52.39 68.46 17.54
C HIS D 25 52.68 69.94 17.72
N HIS D 26 53.40 70.27 18.80
CA HIS D 26 53.71 71.66 19.13
C HIS D 26 55.20 71.92 18.93
N GLN D 27 55.54 73.20 18.78
CA GLN D 27 56.91 73.62 18.56
C GLN D 27 57.19 74.93 19.29
N ASN D 28 57.07 74.89 20.61
CA ASN D 28 57.52 76.00 21.45
C ASN D 28 58.96 75.75 21.90
N GLU D 29 59.75 76.84 21.96
CA GLU D 29 61.15 76.79 22.35
C GLU D 29 61.47 75.63 23.29
N GLN D 30 60.75 75.54 24.41
CA GLN D 30 60.97 74.51 25.41
C GLN D 30 61.18 73.13 24.77
N GLY D 31 60.53 72.90 23.64
CA GLY D 31 60.76 71.70 22.86
C GLY D 31 59.51 71.23 22.17
N SER D 32 59.66 70.14 21.40
CA SER D 32 58.57 69.60 20.59
C SER D 32 57.87 68.46 21.34
N GLY D 33 57.24 67.56 20.61
CA GLY D 33 56.56 66.42 21.20
C GLY D 33 55.23 66.16 20.49
N TYR D 34 54.74 64.93 20.65
CA TYR D 34 53.42 64.56 20.16
C TYR D 34 52.49 64.27 21.34
N ALA D 35 51.22 64.60 21.15
CA ALA D 35 50.19 64.30 22.13
C ALA D 35 48.95 63.83 21.41
N ALA D 36 48.00 63.26 22.16
CA ALA D 36 46.73 62.84 21.62
C ALA D 36 45.59 63.58 22.31
N ASP D 37 44.52 63.83 21.56
CA ASP D 37 43.30 64.44 22.10
C ASP D 37 42.38 63.29 22.50
N GLN D 38 42.37 62.97 23.80
CA GLN D 38 41.66 61.78 24.27
C GLN D 38 40.14 61.94 24.21
N LYS D 39 39.63 63.17 24.16
CA LYS D 39 38.18 63.34 24.04
C LYS D 39 37.67 62.80 22.72
N SER D 40 38.16 63.35 21.60
CA SER D 40 37.70 62.91 20.29
C SER D 40 38.11 61.47 20.01
N THR D 41 39.35 61.11 20.34
CA THR D 41 39.79 59.73 20.16
C THR D 41 38.90 58.77 20.92
N GLN D 42 38.55 59.10 22.16
CA GLN D 42 37.73 58.21 22.97
C GLN D 42 36.31 58.12 22.41
N ASN D 43 35.75 59.25 21.97
CA ASN D 43 34.43 59.21 21.35
C ASN D 43 34.45 58.36 20.08
N ALA D 44 35.54 58.42 19.32
CA ALA D 44 35.64 57.62 18.11
C ALA D 44 35.77 56.14 18.44
N ILE D 45 36.53 55.81 19.48
CA ILE D 45 36.66 54.40 19.89
C ILE D 45 35.32 53.87 20.37
N ASN D 46 34.56 54.68 21.11
CA ASN D 46 33.24 54.25 21.56
C ASN D 46 32.31 54.05 20.38
N GLY D 47 32.32 54.97 19.42
CA GLY D 47 31.44 54.84 18.27
C GLY D 47 31.76 53.64 17.41
N ILE D 48 33.02 53.50 17.02
CA ILE D 48 33.42 52.38 16.16
C ILE D 48 33.20 51.06 16.90
N THR D 49 33.65 50.98 18.15
CA THR D 49 33.37 49.82 18.98
C THR D 49 31.89 49.46 18.92
N ASN D 50 31.01 50.45 19.11
CA ASN D 50 29.59 50.17 19.11
C ASN D 50 29.14 49.67 17.73
N LYS D 51 29.72 50.21 16.67
CA LYS D 51 29.39 49.73 15.32
C LYS D 51 29.72 48.24 15.18
N VAL D 52 30.97 47.87 15.42
CA VAL D 52 31.38 46.49 15.22
C VAL D 52 30.56 45.56 16.11
N ASN D 53 30.48 45.89 17.40
CA ASN D 53 29.66 45.11 18.32
C ASN D 53 28.19 45.11 17.93
N SER D 54 27.77 46.00 17.03
CA SER D 54 26.41 45.98 16.51
C SER D 54 26.29 45.11 15.26
N VAL D 55 27.36 44.98 14.48
CA VAL D 55 27.32 44.07 13.34
C VAL D 55 27.47 42.62 13.80
N ILE D 56 28.12 42.39 14.94
CA ILE D 56 28.33 41.03 15.43
C ILE D 56 27.17 40.63 16.35
N GLU D 57 27.03 41.35 17.47
CA GLU D 57 26.09 40.96 18.53
C GLU D 57 24.64 40.92 18.07
N LYS D 58 24.32 41.47 16.90
CA LYS D 58 22.95 41.51 16.40
C LYS D 58 22.55 40.24 15.67
N MET D 59 23.44 39.26 15.55
CA MET D 59 23.19 38.02 14.82
C MET D 59 22.64 36.98 15.78
N ASN D 60 21.32 36.94 15.91
CA ASN D 60 20.65 35.80 16.54
C ASN D 60 20.69 34.59 15.61
N THR D 61 20.97 33.42 16.19
CA THR D 61 20.96 32.17 15.45
C THR D 61 20.41 31.07 16.36
N GLN D 62 19.20 30.59 16.06
CA GLN D 62 18.67 29.43 16.74
C GLN D 62 19.54 28.20 16.48
N PHE D 63 19.26 27.15 17.25
CA PHE D 63 19.88 25.85 17.04
C PHE D 63 19.25 25.22 15.79
N THR D 64 20.08 24.91 14.80
CA THR D 64 19.56 24.50 13.49
C THR D 64 20.47 23.44 12.88
N ALA D 65 19.84 22.42 12.30
CA ALA D 65 20.52 21.37 11.54
C ALA D 65 20.21 21.62 10.07
N VAL D 66 21.20 22.14 9.34
CA VAL D 66 20.98 22.52 7.94
C VAL D 66 20.73 21.29 7.07
N GLY D 67 21.31 20.16 7.43
CA GLY D 67 21.29 19.01 6.54
C GLY D 67 19.94 18.31 6.53
N LYS D 68 19.52 17.93 5.32
CA LYS D 68 18.37 17.06 5.12
C LYS D 68 18.73 16.02 4.07
N GLU D 69 18.35 14.78 4.32
CA GLU D 69 18.66 13.66 3.45
C GLU D 69 17.37 13.07 2.89
N PHE D 70 17.35 12.85 1.58
CA PHE D 70 16.16 12.40 0.87
C PHE D 70 16.50 11.17 0.04
N ASN D 71 15.47 10.42 -0.34
CA ASN D 71 15.66 9.22 -1.15
C ASN D 71 15.56 9.59 -2.63
N LYS D 72 15.21 8.61 -3.48
CA LYS D 72 15.24 8.79 -4.93
C LYS D 72 13.88 9.15 -5.52
N LEU D 73 12.79 9.01 -4.77
CA LEU D 73 11.48 9.52 -5.16
C LEU D 73 11.09 10.76 -4.37
N GLU D 74 12.09 11.49 -3.87
CA GLU D 74 11.89 12.75 -3.17
C GLU D 74 12.77 13.85 -3.77
N ARG D 75 13.02 13.77 -5.08
CA ARG D 75 13.86 14.77 -5.74
C ARG D 75 13.24 16.16 -5.67
N ARG D 76 11.91 16.25 -5.75
CA ARG D 76 11.27 17.55 -5.59
C ARG D 76 11.61 18.15 -4.22
N MET D 77 11.49 17.35 -3.16
CA MET D 77 11.84 17.81 -1.83
C MET D 77 13.33 18.16 -1.75
N GLU D 78 14.18 17.30 -2.30
CA GLU D 78 15.62 17.55 -2.23
C GLU D 78 15.98 18.86 -2.92
N ASN D 79 15.39 19.13 -4.09
CA ASN D 79 15.66 20.36 -4.81
C ASN D 79 15.04 21.56 -4.12
N LEU D 80 13.93 21.36 -3.39
CA LEU D 80 13.35 22.44 -2.60
C LEU D 80 14.28 22.82 -1.46
N ASN D 81 14.73 21.84 -0.68
CA ASN D 81 15.72 22.10 0.36
C ASN D 81 16.93 22.82 -0.22
N LYS D 82 17.51 22.25 -1.29
CA LYS D 82 18.63 22.88 -1.97
C LYS D 82 18.31 24.34 -2.31
N LYS D 83 17.07 24.59 -2.72
CA LYS D 83 16.65 25.94 -3.10
C LYS D 83 16.62 26.88 -1.90
N VAL D 84 16.15 26.38 -0.76
CA VAL D 84 16.16 27.17 0.47
C VAL D 84 17.59 27.52 0.86
N ASP D 85 18.43 26.50 1.06
CA ASP D 85 19.81 26.72 1.45
C ASP D 85 20.48 27.72 0.51
N ASP D 86 20.40 27.47 -0.79
CA ASP D 86 21.10 28.32 -1.75
C ASP D 86 20.55 29.75 -1.71
N GLY D 87 19.23 29.90 -1.52
CA GLY D 87 18.66 31.22 -1.42
C GLY D 87 19.21 32.00 -0.24
N PHE D 88 19.18 31.40 0.95
CA PHE D 88 19.72 32.11 2.11
C PHE D 88 21.20 32.44 1.92
N ILE D 89 21.98 31.49 1.38
CA ILE D 89 23.40 31.75 1.19
C ILE D 89 23.60 32.94 0.26
N ASP D 90 22.83 33.01 -0.83
CA ASP D 90 22.91 34.16 -1.73
C ASP D 90 22.63 35.46 -0.96
N ILE D 91 21.49 35.52 -0.27
CA ILE D 91 21.13 36.72 0.48
C ILE D 91 22.27 37.15 1.39
N TRP D 92 22.68 36.27 2.31
CA TRP D 92 23.66 36.64 3.32
C TRP D 92 24.99 37.03 2.70
N THR D 93 25.41 36.34 1.64
CA THR D 93 26.65 36.71 0.97
C THR D 93 26.56 38.15 0.46
N TYR D 94 25.55 38.43 -0.36
CA TYR D 94 25.41 39.75 -0.96
C TYR D 94 25.33 40.84 0.11
N ASN D 95 24.35 40.72 1.01
CA ASN D 95 24.13 41.76 2.01
C ASN D 95 25.34 41.92 2.92
N ALA D 96 26.02 40.81 3.24
CA ALA D 96 27.20 40.89 4.09
C ALA D 96 28.31 41.70 3.43
N GLU D 97 28.63 41.36 2.18
CA GLU D 97 29.72 42.05 1.51
C GLU D 97 29.41 43.53 1.30
N LEU D 98 28.21 43.84 0.79
CA LEU D 98 27.88 45.25 0.61
C LEU D 98 27.87 46.00 1.93
N LEU D 99 27.39 45.35 3.00
CA LEU D 99 27.43 45.97 4.31
C LEU D 99 28.86 46.34 4.70
N VAL D 100 29.79 45.39 4.56
CA VAL D 100 31.18 45.66 4.90
C VAL D 100 31.72 46.83 4.09
N LEU D 101 31.47 46.83 2.77
CA LEU D 101 31.94 47.92 1.92
C LEU D 101 31.41 49.26 2.42
N LEU D 102 30.08 49.41 2.40
CA LEU D 102 29.43 50.66 2.72
C LEU D 102 29.90 51.19 4.07
N GLU D 103 29.93 50.32 5.08
CA GLU D 103 30.30 50.78 6.41
C GLU D 103 31.79 51.04 6.57
N ASN D 104 32.63 50.39 5.76
CA ASN D 104 34.03 50.78 5.72
C ASN D 104 34.17 52.22 5.22
N GLU D 105 33.54 52.52 4.09
CA GLU D 105 33.52 53.90 3.60
C GLU D 105 33.03 54.84 4.69
N ARG D 106 31.93 54.49 5.36
CA ARG D 106 31.39 55.33 6.41
C ARG D 106 32.40 55.56 7.53
N THR D 107 33.13 54.51 7.91
CA THR D 107 34.11 54.66 8.99
C THR D 107 35.23 55.62 8.60
N LEU D 108 35.82 55.41 7.42
CA LEU D 108 36.89 56.32 6.99
C LEU D 108 36.38 57.76 6.94
N ASP D 109 35.18 57.96 6.40
CA ASP D 109 34.59 59.29 6.39
C ASP D 109 34.40 59.83 7.81
N PHE D 110 34.12 58.94 8.77
CA PHE D 110 33.92 59.36 10.15
C PHE D 110 35.23 59.87 10.76
N HIS D 111 36.34 59.17 10.50
CA HIS D 111 37.63 59.68 10.97
C HIS D 111 37.96 61.02 10.31
N ASP D 112 37.82 61.10 8.99
CA ASP D 112 38.02 62.36 8.30
C ASP D 112 37.23 63.47 8.96
N SER D 113 35.97 63.19 9.30
CA SER D 113 35.16 64.13 10.06
C SER D 113 35.88 64.56 11.33
N ASN D 114 36.22 63.61 12.20
CA ASN D 114 36.77 63.96 13.49
C ASN D 114 37.99 64.87 13.34
N VAL D 115 38.87 64.57 12.38
CA VAL D 115 40.07 65.39 12.24
C VAL D 115 39.70 66.79 11.76
N LYS D 116 38.84 66.91 10.75
CA LYS D 116 38.49 68.24 10.27
C LYS D 116 37.83 69.06 11.38
N ASN D 117 36.88 68.46 12.10
CA ASN D 117 36.24 69.17 13.21
C ASN D 117 37.27 69.60 14.25
N LEU D 118 38.30 68.79 14.47
CA LEU D 118 39.32 69.18 15.45
C LEU D 118 40.11 70.39 14.96
N TYR D 119 40.58 70.33 13.71
CA TYR D 119 41.24 71.47 13.09
C TYR D 119 40.42 72.74 13.25
N GLU D 120 39.12 72.66 12.94
CA GLU D 120 38.26 73.83 13.06
C GLU D 120 38.14 74.28 14.51
N LYS D 121 38.05 73.34 15.44
CA LYS D 121 38.05 73.70 16.86
C LYS D 121 39.25 74.56 17.19
N VAL D 122 40.44 74.18 16.73
CA VAL D 122 41.63 74.98 17.01
C VAL D 122 41.54 76.33 16.29
N LYS D 123 41.08 76.32 15.03
CA LYS D 123 41.05 77.57 14.26
C LYS D 123 40.15 78.61 14.91
N SER D 124 38.96 78.20 15.38
CA SER D 124 38.02 79.16 15.96
C SER D 124 38.52 79.77 17.26
N GLN D 125 39.63 79.27 17.81
CA GLN D 125 40.22 79.81 19.03
C GLN D 125 41.33 80.80 18.77
N LEU D 126 41.85 80.86 17.53
CA LEU D 126 43.11 81.55 17.26
C LEU D 126 42.94 82.57 16.14
N LYS D 127 41.71 82.99 15.88
CA LYS D 127 41.31 83.73 14.68
C LYS D 127 42.40 84.61 14.11
N ASN D 128 42.78 85.69 14.81
CA ASN D 128 43.81 86.60 14.31
C ASN D 128 45.16 86.41 14.98
N ASN D 129 45.24 85.64 16.07
CA ASN D 129 46.52 85.46 16.76
C ASN D 129 47.42 84.43 16.11
N ALA D 130 47.07 83.96 14.91
CA ALA D 130 47.88 82.96 14.22
C ALA D 130 47.44 82.91 12.77
N LYS D 131 48.28 82.30 11.93
CA LYS D 131 47.99 82.12 10.52
C LYS D 131 48.04 80.63 10.17
N GLU D 132 47.34 80.28 9.08
CA GLU D 132 47.27 78.91 8.62
C GLU D 132 48.49 78.63 7.75
N ILE D 133 49.55 78.12 8.37
CA ILE D 133 50.75 77.73 7.64
C ILE D 133 50.56 76.32 7.13
N GLY D 134 51.15 76.03 5.97
CA GLY D 134 51.14 74.69 5.45
C GLY D 134 49.80 74.01 5.60
N ASN D 135 49.79 72.87 6.29
CA ASN D 135 48.60 72.04 6.37
C ASN D 135 48.54 71.37 7.74
N GLY D 136 47.36 71.45 8.38
CA GLY D 136 47.23 70.94 9.73
C GLY D 136 48.20 71.56 10.70
N CYS D 137 48.49 72.85 10.51
CA CYS D 137 49.49 73.55 11.32
C CYS D 137 49.16 75.03 11.37
N PHE D 138 49.34 75.61 12.55
CA PHE D 138 49.19 77.04 12.76
C PHE D 138 50.50 77.60 13.29
N GLU D 139 50.87 78.79 12.82
CA GLU D 139 52.01 79.52 13.37
C GLU D 139 51.51 80.68 14.19
N PHE D 140 52.02 80.80 15.41
CA PHE D 140 51.61 81.87 16.31
C PHE D 140 52.35 83.16 16.00
N TYR D 141 51.71 84.27 16.36
CA TYR D 141 52.35 85.58 16.38
C TYR D 141 52.94 85.89 17.74
N HIS D 142 52.32 85.38 18.80
CA HIS D 142 52.88 85.44 20.15
C HIS D 142 53.44 84.07 20.53
N LYS D 143 54.54 84.09 21.28
CA LYS D 143 55.16 82.84 21.68
C LYS D 143 54.33 82.14 22.76
N CYS D 144 54.12 80.83 22.59
CA CYS D 144 53.16 80.03 23.35
C CYS D 144 53.89 78.87 24.02
N ASN D 145 54.34 79.07 25.25
CA ASN D 145 55.03 78.03 26.01
C ASN D 145 54.08 76.85 26.29
N ASP D 146 54.69 75.74 26.72
CA ASP D 146 53.95 74.52 27.03
C ASP D 146 52.59 74.77 27.65
N GLU D 147 52.53 75.61 28.69
CA GLU D 147 51.27 75.87 29.37
C GLU D 147 50.19 76.31 28.39
N CYS D 148 50.51 77.29 27.54
CA CYS D 148 49.58 77.78 26.53
C CYS D 148 49.16 76.68 25.56
N MET D 149 50.10 75.89 25.05
CA MET D 149 49.74 74.77 24.19
C MET D 149 48.74 73.84 24.88
N GLU D 150 49.12 73.31 26.04
CA GLU D 150 48.21 72.49 26.83
C GLU D 150 46.89 73.20 27.10
N SER D 151 46.86 74.53 26.97
CA SER D 151 45.60 75.24 27.07
C SER D 151 44.78 75.06 25.81
N VAL D 152 45.39 75.25 24.63
CA VAL D 152 44.66 74.99 23.38
C VAL D 152 44.13 73.56 23.37
N LYS D 153 44.88 72.62 23.95
CA LYS D 153 44.49 71.22 23.88
C LYS D 153 43.22 70.95 24.68
N ASN D 154 43.12 71.49 25.89
CA ASN D 154 41.95 71.28 26.73
C ASN D 154 40.85 72.31 26.49
N GLY D 155 40.85 72.97 25.35
CA GLY D 155 39.80 73.93 25.00
C GLY D 155 40.01 75.35 25.48
N THR D 156 40.41 75.54 26.74
CA THR D 156 40.64 76.87 27.28
C THR D 156 41.90 77.44 26.68
N TYR D 157 41.80 78.61 26.06
CA TYR D 157 42.97 79.22 25.43
C TYR D 157 43.24 80.64 25.90
N ASP D 158 42.20 81.43 26.18
CA ASP D 158 42.39 82.79 26.67
C ASP D 158 43.00 83.65 25.59
N TYR D 159 42.15 84.18 24.72
CA TYR D 159 42.52 84.93 23.53
C TYR D 159 42.94 86.37 23.83
N PRO D 160 42.13 87.16 24.53
CA PRO D 160 42.53 88.56 24.78
C PRO D 160 43.78 88.70 25.63
N LYS D 161 44.21 87.63 26.32
CA LYS D 161 45.46 87.68 27.06
C LYS D 161 46.66 87.81 26.13
N TYR D 162 46.54 87.31 24.90
CA TYR D 162 47.62 87.35 23.92
C TYR D 162 47.30 88.21 22.70
N SER D 163 46.19 88.96 22.74
CA SER D 163 45.73 89.66 21.55
C SER D 163 46.65 90.81 21.16
N GLU D 164 47.25 91.49 22.14
CA GLU D 164 48.04 92.69 21.84
C GLU D 164 49.32 92.33 21.11
N GLU D 165 50.17 91.50 21.72
CA GLU D 165 51.38 91.03 21.07
C GLU D 165 51.11 90.59 19.65
N SER D 166 50.03 89.82 19.45
CA SER D 166 49.66 89.37 18.11
C SER D 166 49.37 90.55 17.21
N LYS D 167 48.57 91.51 17.71
CA LYS D 167 48.24 92.69 16.92
C LYS D 167 49.51 93.40 16.46
N LEU D 168 50.55 93.38 17.29
CA LEU D 168 51.84 93.95 16.88
C LEU D 168 52.47 93.10 15.78
N ASN D 169 52.81 91.85 16.09
CA ASN D 169 53.57 91.01 15.17
C ASN D 169 52.88 90.85 13.83
N ARG D 170 51.55 91.03 13.75
CA ARG D 170 50.86 90.76 12.50
C ARG D 170 50.96 91.91 11.50
N GLU D 171 51.13 93.14 11.97
CA GLU D 171 51.02 94.30 11.09
C GLU D 171 52.01 94.22 9.94
N LYS D 172 53.29 93.99 10.25
CA LYS D 172 54.32 94.02 9.23
C LYS D 172 54.19 92.84 8.26
N ILE D 173 53.73 91.70 8.73
CA ILE D 173 53.56 90.53 7.88
C ILE D 173 52.69 90.88 6.67
N GLU E 1 37.39 92.27 -12.54
CA GLU E 1 38.77 91.97 -12.89
C GLU E 1 38.88 90.51 -13.31
N ASP E 2 40.05 89.91 -13.14
CA ASP E 2 40.22 88.50 -13.45
C ASP E 2 39.43 87.65 -12.46
N THR E 3 39.07 86.43 -12.91
CA THR E 3 38.18 85.58 -12.13
C THR E 3 38.53 84.12 -12.36
N ILE E 4 38.38 83.33 -11.31
CA ILE E 4 38.40 81.87 -11.40
C ILE E 4 37.18 81.35 -10.67
N CYS E 5 36.38 80.55 -11.37
CA CYS E 5 35.17 79.95 -10.80
C CYS E 5 35.34 78.44 -10.77
N ILE E 6 34.55 77.80 -9.90
CA ILE E 6 34.56 76.35 -9.77
C ILE E 6 33.11 75.87 -9.85
N GLY E 7 32.85 74.88 -10.70
CA GLY E 7 31.49 74.43 -10.93
C GLY E 7 31.43 72.96 -11.27
N TYR E 8 30.29 72.52 -11.80
CA TYR E 8 30.06 71.10 -12.04
C TYR E 8 29.25 70.89 -13.30
N HIS E 9 29.39 69.67 -13.84
CA HIS E 9 28.86 69.30 -15.14
C HIS E 9 27.34 69.29 -15.18
N ALA E 10 26.79 69.52 -16.38
CA ALA E 10 25.36 69.49 -16.61
C ALA E 10 25.14 69.22 -18.10
N ASN E 11 24.00 68.62 -18.42
CA ASN E 11 23.68 68.25 -19.80
C ASN E 11 22.16 68.20 -19.96
N ASN E 12 21.72 67.64 -21.08
CA ASN E 12 20.30 67.57 -21.42
C ASN E 12 19.62 66.31 -20.90
N SER E 13 20.34 65.45 -20.18
CA SER E 13 19.76 64.18 -19.74
C SER E 13 18.53 64.41 -18.88
N THR E 14 17.52 63.57 -19.07
CA THR E 14 16.28 63.62 -18.32
C THR E 14 16.12 62.43 -17.38
N ASP E 15 17.14 61.59 -17.26
CA ASP E 15 17.08 60.45 -16.36
C ASP E 15 16.74 60.90 -14.95
N THR E 16 15.70 60.29 -14.37
CA THR E 16 15.32 60.55 -12.99
C THR E 16 15.60 59.33 -12.14
N VAL E 17 15.99 59.58 -10.89
CA VAL E 17 16.26 58.54 -9.91
C VAL E 17 15.52 58.89 -8.64
N ASP E 18 15.06 57.86 -7.92
CA ASP E 18 14.42 58.06 -6.65
C ASP E 18 15.46 58.09 -5.54
N THR E 19 15.21 58.92 -4.53
CA THR E 19 16.14 59.11 -3.43
C THR E 19 15.36 59.04 -2.12
N VAL E 20 16.08 58.70 -1.06
CA VAL E 20 15.47 58.54 0.26
C VAL E 20 14.67 59.78 0.61
N LEU E 21 15.27 60.95 0.40
CA LEU E 21 14.70 62.22 0.84
C LEU E 21 13.86 62.89 -0.24
N GLU E 22 14.18 62.65 -1.51
CA GLU E 22 13.52 63.33 -2.62
C GLU E 22 13.28 62.33 -3.74
N LYS E 23 12.19 62.53 -4.48
CA LYS E 23 11.80 61.65 -5.56
C LYS E 23 11.78 62.42 -6.87
N ASN E 24 12.03 61.69 -7.97
CA ASN E 24 12.14 62.28 -9.30
C ASN E 24 13.25 63.33 -9.33
N VAL E 25 14.46 62.88 -9.04
CA VAL E 25 15.65 63.72 -9.07
C VAL E 25 16.32 63.53 -10.43
N THR E 26 16.28 64.57 -11.25
CA THR E 26 16.89 64.49 -12.58
C THR E 26 18.41 64.53 -12.44
N VAL E 27 19.09 63.62 -13.14
CA VAL E 27 20.53 63.44 -12.97
C VAL E 27 21.19 63.39 -14.34
N THR E 28 22.50 63.58 -14.33
CA THR E 28 23.27 63.63 -15.58
C THR E 28 23.56 62.23 -16.11
N HIS E 29 23.85 61.29 -15.22
CA HIS E 29 24.19 59.93 -15.62
C HIS E 29 23.46 58.96 -14.71
N SER E 30 23.17 57.76 -15.24
CA SER E 30 22.45 56.76 -14.49
C SER E 30 22.75 55.40 -15.10
N VAL E 31 22.32 54.35 -14.39
CA VAL E 31 22.49 52.98 -14.86
C VAL E 31 21.32 52.16 -14.34
N ASN E 32 20.76 51.32 -15.21
CA ASN E 32 19.66 50.45 -14.83
C ASN E 32 20.20 49.22 -14.12
N LEU E 33 19.45 48.73 -13.14
CA LEU E 33 19.77 47.50 -12.45
C LEU E 33 18.70 46.43 -12.64
N LEU E 34 17.62 46.74 -13.34
CA LEU E 34 16.43 45.91 -13.38
C LEU E 34 16.14 45.49 -14.81
N GLU E 35 16.47 44.25 -15.15
CA GLU E 35 16.09 43.71 -16.44
C GLU E 35 14.58 43.58 -16.51
N ASP E 36 13.97 44.06 -17.61
CA ASP E 36 12.53 43.97 -17.75
C ASP E 36 12.11 43.62 -19.18
N SER E 37 12.98 42.96 -19.95
CA SER E 37 12.68 42.61 -21.33
C SER E 37 13.06 41.15 -21.57
N HIS E 38 12.21 40.44 -22.28
CA HIS E 38 12.48 39.07 -22.70
C HIS E 38 12.40 38.99 -24.22
N ASN E 39 13.19 38.08 -24.80
CA ASN E 39 13.32 37.99 -26.25
C ASN E 39 12.25 37.14 -26.90
N GLY E 40 11.19 36.77 -26.16
CA GLY E 40 10.10 36.01 -26.72
C GLY E 40 10.52 34.74 -27.43
N LYS E 41 11.61 34.13 -26.96
CA LYS E 41 12.18 32.95 -27.59
C LYS E 41 12.67 32.00 -26.51
N LEU E 42 12.57 30.70 -26.80
CA LEU E 42 13.08 29.67 -25.90
C LEU E 42 14.50 29.31 -26.33
N CYS E 43 15.45 30.19 -25.97
CA CYS E 43 16.84 29.96 -26.26
C CYS E 43 17.31 28.69 -25.57
N LEU E 44 18.52 28.25 -25.93
CA LEU E 44 19.15 27.11 -25.27
C LEU E 44 20.05 27.59 -24.14
N LEU E 45 20.15 26.77 -23.10
CA LEU E 45 20.89 27.14 -21.89
C LEU E 45 22.31 26.59 -21.93
N LYS E 46 23.25 27.43 -21.50
CA LYS E 46 24.65 27.06 -21.31
C LYS E 46 25.12 26.02 -22.31
N GLY E 47 24.76 26.22 -23.59
CA GLY E 47 25.22 25.38 -24.67
C GLY E 47 24.34 24.19 -24.99
N ILE E 48 23.50 23.75 -24.06
CA ILE E 48 22.62 22.60 -24.28
C ILE E 48 21.24 23.09 -24.65
N ALA E 49 20.61 22.42 -25.65
CA ALA E 49 19.30 22.80 -26.16
C ALA E 49 18.20 22.08 -25.40
N PRO E 50 17.03 22.70 -25.27
CA PRO E 50 15.91 22.04 -24.60
C PRO E 50 15.36 20.89 -25.44
N LEU E 51 14.48 20.11 -24.81
CA LEU E 51 13.83 18.99 -25.47
C LEU E 51 12.45 19.43 -25.94
N GLN E 52 12.21 19.36 -27.24
CA GLN E 52 10.93 19.75 -27.82
C GLN E 52 10.00 18.55 -27.86
N LEU E 53 8.80 18.73 -27.28
CA LEU E 53 7.76 17.72 -27.33
C LEU E 53 6.60 18.09 -28.26
N GLY E 54 6.57 19.32 -28.77
CA GLY E 54 5.61 19.72 -29.77
C GLY E 54 4.17 19.66 -29.29
N ASN E 55 3.55 18.48 -29.42
CA ASN E 55 2.14 18.29 -29.10
C ASN E 55 1.92 17.30 -27.97
N CYS E 56 2.96 16.67 -27.46
CA CYS E 56 2.84 15.60 -26.49
C CYS E 56 3.26 16.06 -25.10
N SER E 57 2.71 15.40 -24.08
CA SER E 57 3.18 15.56 -22.72
C SER E 57 4.36 14.63 -22.49
N VAL E 58 4.98 14.72 -21.31
CA VAL E 58 6.09 13.83 -21.00
C VAL E 58 5.62 12.38 -21.02
N ALA E 59 4.43 12.13 -20.47
CA ALA E 59 3.88 10.78 -20.47
C ALA E 59 3.84 10.19 -21.87
N GLY E 60 3.24 10.92 -22.82
CA GLY E 60 3.17 10.41 -24.18
C GLY E 60 4.55 10.20 -24.78
N TRP E 61 5.44 11.16 -24.61
CA TRP E 61 6.77 11.06 -25.19
C TRP E 61 7.52 9.83 -24.70
N ILE E 62 7.46 9.54 -23.40
CA ILE E 62 8.28 8.46 -22.87
C ILE E 62 7.57 7.10 -22.99
N LEU E 63 6.24 7.08 -22.93
CA LEU E 63 5.51 5.84 -23.12
C LEU E 63 5.57 5.36 -24.56
N GLY E 64 5.80 6.25 -25.52
CA GLY E 64 5.85 5.88 -26.92
C GLY E 64 4.49 6.01 -27.59
N ASN E 65 3.73 7.03 -27.19
CA ASN E 65 2.45 7.31 -27.83
C ASN E 65 2.63 7.30 -29.35
N PRO E 66 1.71 6.70 -30.11
CA PRO E 66 1.97 6.50 -31.54
C PRO E 66 2.09 7.79 -32.34
N GLU E 67 1.64 8.92 -31.82
CA GLU E 67 1.63 10.18 -32.56
C GLU E 67 2.77 11.13 -32.17
N CYS E 68 3.63 10.72 -31.25
CA CYS E 68 4.69 11.59 -30.75
C CYS E 68 5.98 11.39 -31.53
N GLU E 69 6.66 12.49 -31.83
CA GLU E 69 8.04 12.42 -32.31
C GLU E 69 8.92 11.89 -31.18
N LEU E 70 9.33 10.63 -31.31
CA LEU E 70 10.16 9.99 -30.30
C LEU E 70 11.51 10.68 -30.15
N LEU E 71 11.96 11.39 -31.18
CA LEU E 71 13.22 12.14 -31.15
C LEU E 71 14.37 11.27 -30.63
N ILE E 72 14.55 10.13 -31.28
CA ILE E 72 15.70 9.27 -31.00
C ILE E 72 17.00 10.08 -31.12
N SER E 73 16.99 11.13 -31.94
CA SER E 73 18.20 11.92 -32.14
C SER E 73 18.64 12.61 -30.85
N ARG E 74 17.70 12.95 -29.97
CA ARG E 74 18.03 13.72 -28.78
C ARG E 74 18.70 12.83 -27.75
N GLU E 75 19.94 13.19 -27.39
CA GLU E 75 20.75 12.42 -26.46
C GLU E 75 21.03 13.17 -25.18
N SER E 76 20.70 14.47 -25.12
CA SER E 76 20.90 15.30 -23.95
C SER E 76 20.10 16.58 -24.12
N TRP E 77 19.67 17.16 -23.00
CA TRP E 77 18.95 18.44 -23.05
C TRP E 77 19.07 19.12 -21.69
N SER E 78 18.76 20.42 -21.69
CA SER E 78 18.87 21.24 -20.50
C SER E 78 17.54 21.43 -19.78
N TYR E 79 16.44 21.49 -20.52
CA TYR E 79 15.11 21.56 -19.91
C TYR E 79 14.10 21.10 -20.95
N ILE E 80 12.88 20.81 -20.49
CA ILE E 80 11.84 20.26 -21.33
C ILE E 80 10.79 21.32 -21.60
N VAL E 81 10.19 21.25 -22.79
CA VAL E 81 9.23 22.23 -23.26
C VAL E 81 7.94 21.50 -23.63
N GLU E 82 6.86 21.81 -22.92
CA GLU E 82 5.52 21.42 -23.27
C GLU E 82 4.72 22.67 -23.64
N LYS E 83 3.46 22.46 -23.99
CA LYS E 83 2.50 23.53 -24.17
C LYS E 83 1.52 23.53 -23.00
N PRO E 84 0.69 24.57 -22.87
CA PRO E 84 -0.22 24.63 -21.71
C PRO E 84 -1.07 23.39 -21.53
N ASN E 85 -1.64 22.86 -22.60
CA ASN E 85 -2.48 21.66 -22.55
C ASN E 85 -2.07 20.74 -23.68
N PRO E 86 -1.01 19.96 -23.52
CA PRO E 86 -0.56 19.09 -24.61
C PRO E 86 -1.69 18.17 -25.07
N GLU E 87 -1.64 17.83 -26.36
CA GLU E 87 -2.76 17.15 -27.01
C GLU E 87 -2.69 15.63 -26.90
N ASN E 88 -1.49 15.06 -26.86
CA ASN E 88 -1.31 13.61 -26.93
C ASN E 88 -0.50 13.13 -25.74
N GLY E 89 -1.19 12.65 -24.70
CA GLY E 89 -0.55 12.10 -23.53
C GLY E 89 -0.75 10.61 -23.37
N THR E 90 -1.46 10.20 -22.32
CA THR E 90 -1.81 8.79 -22.13
C THR E 90 -3.00 8.49 -23.02
N CYS E 91 -2.74 7.94 -24.21
CA CYS E 91 -3.79 7.73 -25.18
C CYS E 91 -4.77 6.65 -24.75
N TYR E 92 -4.33 5.71 -23.91
CA TYR E 92 -5.24 4.76 -23.30
C TYR E 92 -5.45 5.19 -21.85
N PRO E 93 -6.66 5.57 -21.44
CA PRO E 93 -6.82 6.29 -20.18
C PRO E 93 -6.30 5.51 -18.98
N GLY E 94 -5.93 6.24 -17.94
CA GLY E 94 -5.39 5.62 -16.75
C GLY E 94 -4.57 6.63 -15.97
N HIS E 95 -4.10 6.18 -14.81
CA HIS E 95 -3.35 7.00 -13.88
C HIS E 95 -1.85 6.73 -14.03
N PHE E 96 -1.07 7.80 -14.17
CA PHE E 96 0.39 7.71 -14.26
C PHE E 96 0.93 8.01 -12.86
N ALA E 97 1.54 7.01 -12.24
CA ALA E 97 1.94 7.11 -10.84
C ALA E 97 3.30 7.79 -10.72
N ASP E 98 3.46 8.61 -9.68
CA ASP E 98 4.70 9.32 -9.42
C ASP E 98 5.14 10.11 -10.65
N TYR E 99 4.20 10.89 -11.19
CA TYR E 99 4.41 11.58 -12.45
C TYR E 99 5.22 12.86 -12.26
N GLU E 100 4.93 13.63 -11.21
CA GLU E 100 5.69 14.83 -10.94
C GLU E 100 7.16 14.51 -10.71
N GLU E 101 7.45 13.46 -9.94
CA GLU E 101 8.83 13.05 -9.74
C GLU E 101 9.53 12.78 -11.07
N LEU E 102 8.92 11.95 -11.92
CA LEU E 102 9.58 11.58 -13.17
C LEU E 102 9.81 12.81 -14.03
N ARG E 103 8.80 13.69 -14.14
CA ARG E 103 8.99 14.98 -14.81
C ARG E 103 10.19 15.73 -14.23
N GLU E 104 10.33 15.71 -12.90
CA GLU E 104 11.43 16.42 -12.26
C GLU E 104 12.78 15.83 -12.66
N GLN E 105 12.86 14.50 -12.71
CA GLN E 105 14.15 13.85 -12.89
C GLN E 105 14.57 13.79 -14.36
N LEU E 106 13.61 13.82 -15.27
CA LEU E 106 13.88 13.92 -16.69
C LEU E 106 14.03 15.36 -17.17
N SER E 107 13.87 16.33 -16.28
CA SER E 107 13.97 17.73 -16.67
C SER E 107 15.25 18.01 -17.46
N SER E 108 16.38 17.52 -16.95
CA SER E 108 17.66 17.63 -17.64
C SER E 108 18.36 16.29 -17.59
N VAL E 109 19.01 15.93 -18.70
CA VAL E 109 19.71 14.65 -18.81
C VAL E 109 21.04 14.88 -19.50
N SER E 110 22.08 14.20 -19.00
CA SER E 110 23.40 14.29 -19.62
C SER E 110 23.53 13.33 -20.79
N SER E 111 23.12 12.07 -20.61
CA SER E 111 23.16 11.08 -21.67
C SER E 111 21.93 10.19 -21.57
N PHE E 112 21.51 9.65 -22.72
CA PHE E 112 20.17 9.09 -22.85
C PHE E 112 20.13 8.23 -24.09
N GLU E 113 19.94 6.92 -23.92
CA GLU E 113 19.80 6.01 -25.06
C GLU E 113 18.61 5.09 -24.84
N ARG E 114 17.78 4.97 -25.87
CA ARG E 114 16.64 4.08 -25.90
C ARG E 114 17.07 2.71 -26.40
N PHE E 115 16.84 1.66 -25.61
CA PHE E 115 17.22 0.31 -26.01
C PHE E 115 16.06 -0.64 -25.76
N GLU E 116 16.00 -1.71 -26.56
CA GLU E 116 14.89 -2.65 -26.50
C GLU E 116 15.19 -3.68 -25.42
N ILE E 117 14.59 -3.49 -24.24
CA ILE E 117 14.89 -4.33 -23.09
C ILE E 117 14.31 -5.73 -23.27
N PHE E 118 13.07 -5.80 -23.77
CA PHE E 118 12.38 -7.08 -23.98
C PHE E 118 11.88 -7.10 -25.42
N PRO E 119 12.69 -7.64 -26.34
CA PRO E 119 12.31 -7.60 -27.76
C PRO E 119 10.94 -8.22 -28.01
N LYS E 120 10.19 -7.60 -28.92
CA LYS E 120 8.83 -8.04 -29.22
C LYS E 120 8.77 -9.55 -29.47
N GLU E 121 9.74 -10.08 -30.20
CA GLU E 121 9.88 -11.51 -30.40
C GLU E 121 11.05 -12.02 -29.57
N SER E 122 11.02 -13.32 -29.28
CA SER E 122 12.00 -14.00 -28.45
C SER E 122 11.66 -13.86 -26.97
N SER E 123 11.14 -12.69 -26.58
CA SER E 123 10.85 -12.44 -25.18
C SER E 123 9.51 -12.99 -24.73
N TRP E 124 8.57 -13.22 -25.64
CA TRP E 124 7.22 -13.65 -25.27
C TRP E 124 6.80 -14.78 -26.20
N PRO E 125 7.45 -15.94 -26.08
CA PRO E 125 7.20 -17.02 -27.06
C PRO E 125 5.82 -17.62 -26.94
N ASN E 126 5.26 -17.67 -25.73
CA ASN E 126 4.01 -18.38 -25.46
C ASN E 126 2.86 -17.43 -25.14
N HIS E 127 3.02 -16.14 -25.41
CA HIS E 127 1.95 -15.16 -25.26
C HIS E 127 1.77 -14.42 -26.57
N THR E 128 0.69 -13.65 -26.66
CA THR E 128 0.38 -12.86 -27.85
C THR E 128 0.74 -11.41 -27.59
N THR E 129 1.51 -10.82 -28.51
CA THR E 129 2.06 -9.48 -28.34
C THR E 129 1.40 -8.44 -29.24
N THR E 130 0.40 -8.83 -30.03
CA THR E 130 -0.14 -7.97 -31.09
C THR E 130 -1.23 -7.02 -30.61
N GLY E 131 -1.65 -7.12 -29.35
CA GLY E 131 -2.76 -6.33 -28.86
C GLY E 131 -2.65 -4.85 -29.16
N VAL E 132 -3.72 -4.26 -29.68
CA VAL E 132 -3.80 -2.84 -29.98
C VAL E 132 -5.19 -2.33 -29.66
N SER E 133 -5.31 -1.01 -29.53
CA SER E 133 -6.57 -0.38 -29.17
C SER E 133 -6.83 0.81 -30.10
N ALA E 134 -8.12 1.07 -30.34
CA ALA E 134 -8.51 2.22 -31.15
C ALA E 134 -8.34 3.54 -30.41
N SER E 135 -8.06 3.51 -29.10
CA SER E 135 -7.77 4.72 -28.34
C SER E 135 -6.37 5.25 -28.61
N CYS E 136 -5.50 4.46 -29.22
CA CYS E 136 -4.14 4.86 -29.53
C CYS E 136 -3.91 4.60 -31.02
N SER E 137 -4.60 5.36 -31.86
CA SER E 137 -4.63 5.11 -33.30
C SER E 137 -3.62 5.98 -34.01
N HIS E 138 -2.75 5.35 -34.79
CA HIS E 138 -1.80 6.03 -35.65
C HIS E 138 -2.28 5.87 -37.09
N ASN E 139 -2.71 6.99 -37.69
CA ASN E 139 -3.25 7.00 -39.05
C ASN E 139 -4.63 6.34 -39.10
N GLY E 140 -5.50 6.73 -38.16
CA GLY E 140 -6.84 6.20 -38.10
C GLY E 140 -6.91 4.69 -38.07
N GLU E 141 -5.81 4.05 -37.66
CA GLU E 141 -5.70 2.60 -37.60
C GLU E 141 -5.16 2.22 -36.23
N SER E 142 -5.91 1.40 -35.49
CA SER E 142 -5.58 1.10 -34.11
C SER E 142 -4.11 0.72 -33.96
N SER E 143 -3.48 1.27 -32.93
CA SER E 143 -2.08 1.01 -32.63
C SER E 143 -1.93 0.97 -31.11
N PHE E 144 -0.73 1.24 -30.62
CA PHE E 144 -0.46 1.16 -29.18
C PHE E 144 0.93 1.70 -28.93
N TYR E 145 1.23 1.95 -27.65
CA TYR E 145 2.52 2.52 -27.26
C TYR E 145 3.67 1.79 -27.93
N LYS E 146 4.70 2.55 -28.29
CA LYS E 146 5.86 2.00 -28.96
C LYS E 146 6.92 1.50 -28.00
N ASN E 147 6.78 1.75 -26.70
CA ASN E 147 7.73 1.28 -25.71
C ASN E 147 7.13 0.24 -24.77
N LEU E 148 5.89 -0.17 -25.00
CA LEU E 148 5.21 -1.14 -24.16
C LEU E 148 4.55 -2.20 -25.05
N LEU E 149 4.18 -3.32 -24.43
CA LEU E 149 3.48 -4.41 -25.10
C LEU E 149 2.26 -4.83 -24.30
N TRP E 150 1.17 -5.12 -25.00
CA TRP E 150 -0.03 -5.68 -24.38
C TRP E 150 0.09 -7.20 -24.51
N LEU E 151 0.32 -7.89 -23.41
CA LEU E 151 0.37 -9.35 -23.44
C LEU E 151 -1.02 -9.93 -23.26
N THR E 152 -1.37 -10.88 -24.12
CA THR E 152 -2.67 -11.54 -24.07
C THR E 152 -2.48 -13.03 -24.28
N GLY E 153 -3.57 -13.77 -24.14
CA GLY E 153 -3.50 -15.23 -24.23
C GLY E 153 -3.24 -15.70 -25.65
N LYS E 154 -2.44 -16.77 -25.75
CA LYS E 154 -2.20 -17.48 -27.00
C LYS E 154 -2.84 -18.86 -26.88
N ASN E 155 -3.87 -19.11 -27.68
CA ASN E 155 -4.50 -20.43 -27.76
C ASN E 155 -5.15 -20.80 -26.43
N GLY E 156 -5.99 -19.90 -25.93
CA GLY E 156 -6.72 -20.16 -24.70
C GLY E 156 -5.85 -20.29 -23.47
N LEU E 157 -4.63 -19.76 -23.51
CA LEU E 157 -3.68 -19.90 -22.42
C LEU E 157 -2.96 -18.59 -22.19
N TYR E 158 -2.82 -18.22 -20.91
CA TYR E 158 -1.96 -17.11 -20.50
C TYR E 158 -1.04 -17.70 -19.43
N PRO E 159 0.02 -18.40 -19.84
CA PRO E 159 0.85 -19.10 -18.85
C PRO E 159 1.61 -18.14 -17.95
N ASN E 160 1.77 -18.55 -16.69
CA ASN E 160 2.55 -17.76 -15.74
C ASN E 160 3.90 -17.39 -16.35
N LEU E 161 4.22 -16.10 -16.33
CA LEU E 161 5.45 -15.60 -16.92
C LEU E 161 6.34 -14.99 -15.85
N SER E 162 7.65 -15.09 -16.08
CA SER E 162 8.66 -14.50 -15.20
C SER E 162 9.85 -14.07 -16.06
N LYS E 163 10.13 -12.77 -16.10
CA LYS E 163 11.22 -12.22 -16.88
C LYS E 163 12.10 -11.35 -15.99
N SER E 164 13.34 -11.15 -16.42
CA SER E 164 14.31 -10.39 -15.65
C SER E 164 15.24 -9.66 -16.61
N TYR E 165 15.68 -8.48 -16.19
CA TYR E 165 16.74 -7.77 -16.89
C TYR E 165 17.78 -7.29 -15.88
N ALA E 166 19.05 -7.55 -16.19
CA ALA E 166 20.17 -7.13 -15.38
C ALA E 166 20.85 -5.97 -16.08
N ASN E 167 20.97 -4.84 -15.39
CA ASN E 167 21.57 -3.64 -15.98
C ASN E 167 23.08 -3.78 -16.03
N ASN E 168 23.63 -3.86 -17.24
CA ASN E 168 25.07 -3.91 -17.46
C ASN E 168 25.57 -2.68 -18.20
N LYS E 169 24.82 -1.58 -18.16
CA LYS E 169 25.11 -0.40 -18.97
C LYS E 169 25.81 0.71 -18.20
N GLU E 170 26.21 0.46 -16.96
CA GLU E 170 26.98 1.42 -16.16
C GLU E 170 26.20 2.71 -15.88
N LYS E 171 24.93 2.76 -16.25
CA LYS E 171 24.08 3.93 -16.02
C LYS E 171 22.75 3.46 -15.47
N GLU E 172 21.91 4.41 -15.06
CA GLU E 172 20.60 4.01 -14.57
C GLU E 172 19.68 3.70 -15.73
N VAL E 173 18.81 2.71 -15.54
CA VAL E 173 17.90 2.27 -16.60
C VAL E 173 16.48 2.56 -16.13
N LEU E 174 15.83 3.50 -16.81
CA LEU E 174 14.43 3.79 -16.55
C LEU E 174 13.56 2.75 -17.23
N VAL E 175 12.76 2.05 -16.44
CA VAL E 175 11.85 1.01 -16.91
C VAL E 175 10.42 1.43 -16.60
N LEU E 176 9.54 1.24 -17.58
CA LEU E 176 8.13 1.61 -17.46
C LEU E 176 7.27 0.40 -17.79
N TRP E 177 6.09 0.34 -17.18
CA TRP E 177 5.14 -0.73 -17.45
C TRP E 177 3.76 -0.24 -17.06
N GLY E 178 2.76 -1.13 -17.20
CA GLY E 178 1.41 -0.79 -16.85
C GLY E 178 0.67 -2.01 -16.32
N VAL E 179 -0.55 -1.76 -15.86
CA VAL E 179 -1.42 -2.82 -15.35
C VAL E 179 -2.84 -2.51 -15.81
N HIS E 180 -3.50 -3.51 -16.42
CA HIS E 180 -4.78 -3.33 -17.07
C HIS E 180 -5.92 -3.67 -16.11
N HIS E 181 -6.85 -2.73 -15.96
CA HIS E 181 -8.07 -2.92 -15.17
C HIS E 181 -9.26 -2.92 -16.13
N PRO E 182 -9.80 -4.09 -16.50
CA PRO E 182 -10.91 -4.13 -17.45
C PRO E 182 -12.20 -3.64 -16.83
N PRO E 183 -13.19 -3.27 -17.64
CA PRO E 183 -14.48 -2.83 -17.08
C PRO E 183 -15.43 -3.97 -16.75
N ASN E 184 -15.25 -5.13 -17.36
CA ASN E 184 -16.12 -6.27 -17.15
C ASN E 184 -15.27 -7.52 -16.95
N ILE E 185 -15.90 -8.55 -16.39
CA ILE E 185 -15.18 -9.79 -16.16
C ILE E 185 -15.03 -10.58 -17.47
N GLY E 186 -15.96 -10.39 -18.40
CA GLY E 186 -15.80 -11.01 -19.72
C GLY E 186 -14.48 -10.64 -20.37
N ASP E 187 -14.13 -9.36 -20.34
CA ASP E 187 -12.86 -8.92 -20.90
C ASP E 187 -11.69 -9.57 -20.15
N GLN E 188 -11.79 -9.65 -18.82
CA GLN E 188 -10.72 -10.29 -18.04
C GLN E 188 -10.50 -11.72 -18.51
N ARG E 189 -11.56 -12.53 -18.55
CA ARG E 189 -11.44 -13.92 -18.98
C ARG E 189 -10.93 -14.01 -20.40
N ALA E 190 -11.51 -13.23 -21.31
CA ALA E 190 -11.14 -13.32 -22.71
C ALA E 190 -9.67 -12.97 -22.93
N LEU E 191 -9.17 -11.97 -22.21
CA LEU E 191 -7.81 -11.50 -22.43
C LEU E 191 -6.78 -12.40 -21.76
N TYR E 192 -7.04 -12.83 -20.52
CA TYR E 192 -5.98 -13.44 -19.71
C TYR E 192 -6.32 -14.80 -19.14
N HIS E 193 -7.59 -15.22 -19.18
CA HIS E 193 -7.98 -16.57 -18.79
C HIS E 193 -7.75 -16.84 -17.31
N THR E 194 -7.88 -15.80 -16.47
CA THR E 194 -7.89 -15.97 -15.03
C THR E 194 -8.76 -14.88 -14.43
N GLU E 195 -9.45 -15.22 -13.34
CA GLU E 195 -10.20 -14.23 -12.57
C GLU E 195 -9.45 -13.77 -11.33
N ASN E 196 -8.31 -14.37 -11.02
CA ASN E 196 -7.48 -14.00 -9.88
C ASN E 196 -6.09 -13.70 -10.43
N ALA E 197 -5.83 -12.42 -10.72
CA ALA E 197 -4.64 -12.01 -11.44
C ALA E 197 -3.65 -11.31 -10.51
N TYR E 198 -2.36 -11.50 -10.78
CA TYR E 198 -1.30 -10.87 -10.01
C TYR E 198 -0.21 -10.38 -10.96
N VAL E 199 0.41 -9.26 -10.61
CA VAL E 199 1.61 -8.77 -11.27
C VAL E 199 2.63 -8.38 -10.21
N SER E 200 3.82 -8.95 -10.29
CA SER E 200 4.88 -8.71 -9.32
C SER E 200 6.06 -8.04 -10.02
N VAL E 201 6.51 -6.90 -9.48
CA VAL E 201 7.68 -6.20 -9.98
C VAL E 201 8.65 -6.05 -8.81
N VAL E 202 9.88 -6.52 -8.98
CA VAL E 202 10.83 -6.58 -7.88
C VAL E 202 12.19 -6.04 -8.35
N SER E 203 12.72 -5.08 -7.59
CA SER E 203 14.12 -4.70 -7.66
C SER E 203 14.59 -4.39 -6.24
N SER E 204 15.90 -4.19 -6.08
CA SER E 204 16.44 -3.97 -4.74
C SER E 204 15.92 -2.69 -4.11
N HIS E 205 15.57 -1.70 -4.93
CA HIS E 205 15.06 -0.43 -4.43
C HIS E 205 13.59 -0.19 -4.79
N TYR E 206 12.92 -1.17 -5.40
CA TYR E 206 11.51 -1.06 -5.71
C TYR E 206 10.92 -2.46 -5.75
N SER E 207 9.85 -2.68 -4.98
CA SER E 207 9.18 -3.97 -4.95
C SER E 207 7.70 -3.72 -4.71
N ARG E 208 6.87 -4.04 -5.70
CA ARG E 208 5.43 -3.83 -5.58
C ARG E 208 4.68 -4.96 -6.27
N LYS E 209 3.46 -5.20 -5.81
CA LYS E 209 2.61 -6.29 -6.26
C LYS E 209 1.21 -5.74 -6.54
N PHE E 210 0.55 -6.38 -7.50
CA PHE E 210 -0.69 -5.86 -8.08
C PHE E 210 -1.71 -6.97 -8.13
N THR E 211 -2.93 -6.67 -7.68
CA THR E 211 -4.06 -7.59 -7.76
C THR E 211 -5.22 -6.87 -8.45
N PRO E 212 -5.04 -6.51 -9.72
CA PRO E 212 -6.01 -5.62 -10.38
C PRO E 212 -7.40 -6.23 -10.42
N GLU E 213 -8.37 -5.50 -9.90
CA GLU E 213 -9.76 -5.91 -9.86
C GLU E 213 -10.56 -5.17 -10.93
N ILE E 214 -11.63 -5.80 -11.40
CA ILE E 214 -12.48 -5.19 -12.41
C ILE E 214 -13.05 -3.89 -11.87
N ALA E 215 -13.10 -2.88 -12.72
CA ALA E 215 -13.67 -1.58 -12.35
C ALA E 215 -14.23 -0.95 -13.61
N LYS E 216 -15.55 -0.90 -13.71
CA LYS E 216 -16.20 -0.23 -14.83
C LYS E 216 -16.14 1.28 -14.61
N ARG E 217 -15.63 2.00 -15.59
CA ARG E 217 -15.35 3.42 -15.44
C ARG E 217 -16.06 4.23 -16.51
N PRO E 218 -16.30 5.51 -16.27
CA PRO E 218 -16.92 6.34 -17.32
C PRO E 218 -16.03 6.42 -18.54
N LYS E 219 -16.67 6.45 -19.71
CA LYS E 219 -15.94 6.40 -20.97
C LYS E 219 -15.01 7.60 -21.10
N VAL E 220 -13.71 7.32 -21.16
CA VAL E 220 -12.70 8.31 -21.48
C VAL E 220 -11.98 7.81 -22.73
N ARG E 221 -12.06 8.58 -23.81
CA ARG E 221 -11.63 8.11 -25.11
C ARG E 221 -12.40 6.86 -25.50
N ASP E 222 -13.65 6.78 -25.04
CA ASP E 222 -14.54 5.65 -25.32
C ASP E 222 -13.96 4.34 -24.80
N ARG E 223 -13.60 4.32 -23.51
CA ARG E 223 -13.00 3.14 -22.90
C ARG E 223 -13.38 3.09 -21.43
N GLU E 224 -14.19 2.09 -21.08
CA GLU E 224 -14.64 1.90 -19.71
C GLU E 224 -13.54 1.31 -18.82
N GLY E 225 -12.46 0.78 -19.39
CA GLY E 225 -11.37 0.22 -18.64
C GLY E 225 -10.17 1.15 -18.62
N ARG E 226 -9.16 0.78 -17.84
CA ARG E 226 -8.00 1.65 -17.63
C ARG E 226 -6.71 0.85 -17.66
N ILE E 227 -5.60 1.59 -17.75
CA ILE E 227 -4.26 1.07 -17.54
C ILE E 227 -3.54 2.01 -16.59
N ASN E 228 -3.10 1.50 -15.45
CA ASN E 228 -2.29 2.29 -14.52
C ASN E 228 -0.82 2.14 -14.89
N TYR E 229 -0.15 3.27 -15.03
CA TYR E 229 1.22 3.33 -15.53
C TYR E 229 2.19 3.47 -14.35
N TYR E 230 3.31 2.76 -14.43
CA TYR E 230 4.25 2.65 -13.33
C TYR E 230 5.66 2.65 -13.89
N TRP E 231 6.62 3.14 -13.11
CA TRP E 231 7.99 3.24 -13.57
C TRP E 231 8.94 3.06 -12.39
N THR E 232 10.22 2.87 -12.71
CA THR E 232 11.26 2.88 -11.68
C THR E 232 12.62 2.97 -12.36
N LEU E 233 13.61 3.31 -11.54
CA LEU E 233 15.00 3.39 -11.96
C LEU E 233 15.72 2.14 -11.49
N LEU E 234 16.50 1.54 -12.37
CA LEU E 234 17.28 0.35 -12.08
C LEU E 234 18.74 0.72 -12.17
N GLU E 235 19.40 0.83 -11.02
CA GLU E 235 20.81 1.23 -11.01
C GLU E 235 21.69 0.08 -11.47
N PRO E 236 22.89 0.38 -11.95
CA PRO E 236 23.75 -0.67 -12.52
C PRO E 236 23.96 -1.82 -11.54
N GLY E 237 24.13 -3.02 -12.11
CA GLY E 237 24.35 -4.22 -11.31
C GLY E 237 23.06 -4.85 -10.81
N ASP E 238 22.03 -4.04 -10.59
CA ASP E 238 20.80 -4.55 -10.04
C ASP E 238 19.93 -5.13 -11.15
N THR E 239 19.05 -6.05 -10.76
CA THR E 239 18.22 -6.79 -11.69
C THR E 239 16.75 -6.58 -11.35
N ILE E 240 15.93 -6.32 -12.36
CA ILE E 240 14.49 -6.16 -12.20
C ILE E 240 13.80 -7.42 -12.68
N ILE E 241 12.76 -7.85 -11.95
CA ILE E 241 12.04 -9.08 -12.23
C ILE E 241 10.55 -8.80 -12.30
N PHE E 242 9.93 -9.19 -13.41
CA PHE E 242 8.49 -9.19 -13.60
C PHE E 242 7.95 -10.61 -13.50
N GLU E 243 6.80 -10.76 -12.88
CA GLU E 243 6.08 -12.03 -12.88
C GLU E 243 4.60 -11.73 -13.02
N ALA E 244 3.88 -12.58 -13.74
CA ALA E 244 2.45 -12.28 -13.89
C ALA E 244 1.70 -13.47 -14.43
N ASN E 245 0.41 -13.52 -14.09
CA ASN E 245 -0.54 -14.44 -14.71
C ASN E 245 -1.59 -13.69 -15.52
N GLY E 246 -1.40 -12.40 -15.74
CA GLY E 246 -2.35 -11.61 -16.50
C GLY E 246 -2.21 -10.13 -16.18
N ASN E 247 -2.91 -9.34 -16.99
CA ASN E 247 -3.09 -7.91 -16.77
C ASN E 247 -1.79 -7.12 -16.83
N LEU E 248 -0.70 -7.70 -17.34
CA LEU E 248 0.56 -6.99 -17.43
C LEU E 248 0.71 -6.33 -18.80
N ILE E 249 1.18 -5.07 -18.78
CA ILE E 249 1.57 -4.37 -20.00
C ILE E 249 3.08 -4.26 -20.00
N ALA E 250 3.76 -5.28 -20.54
CA ALA E 250 5.18 -5.43 -20.33
C ALA E 250 5.95 -4.26 -20.94
N PRO E 251 7.16 -3.99 -20.44
CA PRO E 251 8.04 -3.04 -21.12
C PRO E 251 8.60 -3.64 -22.39
N ARG E 252 8.75 -2.80 -23.41
CA ARG E 252 9.44 -3.18 -24.64
C ARG E 252 10.76 -2.47 -24.78
N TYR E 253 10.76 -1.15 -24.66
CA TYR E 253 11.96 -0.33 -24.67
C TYR E 253 12.13 0.34 -23.30
N ALA E 254 13.38 0.36 -22.83
CA ALA E 254 13.76 1.07 -21.63
C ALA E 254 14.80 2.12 -21.99
N PHE E 255 15.14 2.97 -21.03
CA PHE E 255 15.97 4.14 -21.30
C PHE E 255 17.20 4.12 -20.38
N ALA E 256 18.35 3.77 -20.95
CA ALA E 256 19.61 3.84 -20.23
C ALA E 256 20.09 5.28 -20.25
N LEU E 257 20.06 5.94 -19.09
CA LEU E 257 20.40 7.35 -18.98
C LEU E 257 21.38 7.57 -17.85
N SER E 258 22.14 8.66 -18.00
CA SER E 258 22.87 9.30 -16.93
C SER E 258 22.07 10.52 -16.47
N ARG E 259 22.32 10.94 -15.24
CA ARG E 259 21.33 11.73 -14.51
C ARG E 259 21.18 13.14 -15.04
N GLY E 260 22.10 14.03 -14.70
CA GLY E 260 21.85 15.45 -14.76
C GLY E 260 21.16 15.90 -13.48
N PHE E 261 21.09 17.22 -13.30
CA PHE E 261 20.62 17.73 -12.02
C PHE E 261 20.00 19.11 -12.14
N GLY E 262 19.03 19.35 -11.25
CA GLY E 262 18.49 20.68 -10.99
C GLY E 262 17.97 21.46 -12.18
N SER E 263 16.87 21.00 -12.79
CA SER E 263 16.20 21.78 -13.83
C SER E 263 14.69 21.64 -13.63
N GLY E 264 13.93 22.20 -14.56
CA GLY E 264 12.48 22.18 -14.49
C GLY E 264 11.89 22.14 -15.88
N ILE E 265 10.55 22.17 -15.93
CA ILE E 265 9.81 22.08 -17.18
C ILE E 265 9.15 23.43 -17.45
N ILE E 266 9.05 23.76 -18.74
CA ILE E 266 8.42 24.99 -19.19
C ILE E 266 7.17 24.65 -20.00
N ASN E 267 6.10 25.41 -19.74
CA ASN E 267 4.82 25.22 -20.43
C ASN E 267 4.46 26.55 -21.08
N SER E 268 4.89 26.72 -22.33
CA SER E 268 4.60 27.95 -23.07
C SER E 268 4.57 27.64 -24.56
N ASN E 269 3.95 28.56 -25.31
CA ASN E 269 3.81 28.43 -26.75
C ASN E 269 4.84 29.26 -27.51
N ALA E 270 5.86 29.76 -26.82
CA ALA E 270 6.84 30.63 -27.47
C ALA E 270 7.67 29.85 -28.49
N PRO E 271 8.10 30.50 -29.57
CA PRO E 271 8.90 29.80 -30.59
C PRO E 271 10.30 29.49 -30.10
N MET E 272 10.79 28.30 -30.45
CA MET E 272 12.12 27.87 -30.09
C MET E 272 13.15 28.40 -31.10
N ASP E 273 14.33 28.76 -30.60
CA ASP E 273 15.33 29.44 -31.41
C ASP E 273 16.72 28.98 -30.99
N GLU E 274 17.70 29.30 -31.83
CA GLU E 274 19.08 28.83 -31.63
C GLU E 274 19.90 29.74 -30.73
N CYS E 275 19.33 30.86 -30.28
CA CYS E 275 20.03 31.76 -29.37
C CYS E 275 20.49 31.02 -28.12
N ASP E 276 21.55 31.55 -27.50
CA ASP E 276 22.10 31.02 -26.25
C ASP E 276 21.92 32.05 -25.14
N ALA E 277 21.61 31.56 -23.95
CA ALA E 277 21.40 32.42 -22.79
C ALA E 277 21.69 31.63 -21.53
N LYS E 278 21.72 32.35 -20.40
CA LYS E 278 21.94 31.73 -19.09
C LYS E 278 20.71 31.80 -18.19
N CYS E 279 19.65 32.47 -18.62
CA CYS E 279 18.41 32.54 -17.85
C CYS E 279 17.24 32.37 -18.80
N GLN E 280 16.33 31.46 -18.46
CA GLN E 280 15.16 31.17 -19.28
C GLN E 280 13.89 31.34 -18.46
N THR E 281 12.86 31.86 -19.11
CA THR E 281 11.56 32.07 -18.48
C THR E 281 10.47 31.87 -19.53
N PRO E 282 9.29 31.33 -19.13
CA PRO E 282 8.26 30.96 -20.11
C PRO E 282 8.15 31.88 -21.32
N GLN E 283 8.09 33.19 -21.06
CA GLN E 283 7.85 34.14 -22.14
C GLN E 283 9.05 34.25 -23.07
N GLY E 284 10.27 34.24 -22.52
CA GLY E 284 11.47 34.27 -23.34
C GLY E 284 12.73 34.49 -22.51
N ALA E 285 13.88 34.14 -23.05
CA ALA E 285 15.12 34.18 -22.29
C ALA E 285 15.39 35.60 -21.76
N ILE E 286 16.35 35.68 -20.84
CA ILE E 286 16.69 36.92 -20.14
C ILE E 286 18.18 37.17 -20.22
N ASN E 287 18.54 38.45 -20.23
CA ASN E 287 19.93 38.88 -20.09
C ASN E 287 20.29 38.87 -18.60
N SER E 288 21.22 38.00 -18.21
CA SER E 288 21.46 37.68 -16.81
C SER E 288 22.59 38.50 -16.19
N SER E 289 22.98 39.61 -16.81
CA SER E 289 24.09 40.39 -16.28
C SER E 289 23.68 41.27 -15.10
N LEU E 290 22.44 41.76 -15.07
CA LEU E 290 22.03 42.63 -13.98
C LEU E 290 21.50 41.82 -12.80
N PRO E 291 21.54 42.39 -11.59
CA PRO E 291 21.22 41.59 -10.40
C PRO E 291 19.75 41.28 -10.22
N PHE E 292 18.86 42.12 -10.74
CA PHE E 292 17.44 42.06 -10.41
C PHE E 292 16.62 42.02 -11.69
N GLN E 293 15.42 41.45 -11.60
CA GLN E 293 14.52 41.45 -12.74
C GLN E 293 13.09 41.60 -12.24
N ASN E 294 12.17 41.74 -13.20
CA ASN E 294 10.74 41.76 -12.86
C ASN E 294 9.90 41.08 -13.93
N VAL E 295 10.52 40.29 -14.81
CA VAL E 295 9.82 39.67 -15.93
C VAL E 295 8.87 38.61 -15.41
N HIS E 296 9.42 37.52 -14.86
CA HIS E 296 8.60 36.40 -14.43
C HIS E 296 9.25 35.70 -13.23
N PRO E 297 8.48 35.34 -12.21
CA PRO E 297 9.11 34.73 -11.02
C PRO E 297 9.77 33.39 -11.30
N VAL E 298 9.08 32.47 -11.97
CA VAL E 298 9.54 31.10 -12.11
C VAL E 298 10.50 31.03 -13.30
N THR E 299 11.78 30.85 -13.01
CA THR E 299 12.83 30.85 -14.03
C THR E 299 13.60 29.54 -13.99
N ILE E 300 14.51 29.39 -14.94
CA ILE E 300 15.46 28.28 -14.97
C ILE E 300 16.80 28.82 -15.45
N GLY E 301 17.82 28.72 -14.60
CA GLY E 301 19.17 29.03 -14.98
C GLY E 301 19.87 29.89 -13.94
N GLU E 302 21.01 30.43 -14.34
CA GLU E 302 21.76 31.40 -13.54
C GLU E 302 21.08 32.75 -13.71
N CYS E 303 20.00 32.95 -12.95
CA CYS E 303 19.08 34.05 -13.22
C CYS E 303 19.21 35.18 -12.21
N PRO E 304 18.90 36.41 -12.60
CA PRO E 304 18.73 37.48 -11.62
C PRO E 304 17.60 37.17 -10.65
N LYS E 305 17.56 37.92 -9.57
CA LYS E 305 16.51 37.74 -8.57
C LYS E 305 15.25 38.52 -8.99
N TYR E 306 14.11 37.86 -8.83
CA TYR E 306 12.83 38.49 -9.16
C TYR E 306 12.40 39.42 -8.03
N VAL E 307 11.89 40.59 -8.40
CA VAL E 307 11.44 41.57 -7.44
C VAL E 307 10.18 42.24 -7.95
N ARG E 308 9.33 42.67 -7.03
CA ARG E 308 8.08 43.37 -7.39
C ARG E 308 8.36 44.88 -7.52
N SER E 309 9.22 45.20 -8.48
CA SER E 309 9.68 46.57 -8.67
C SER E 309 9.47 47.00 -10.11
N ALA E 310 9.03 48.25 -10.27
CA ALA E 310 8.92 48.87 -11.59
C ALA E 310 10.22 49.53 -12.02
N LYS E 311 10.95 50.14 -11.09
CA LYS E 311 12.11 50.97 -11.41
C LYS E 311 13.16 50.80 -10.34
N LEU E 312 14.36 50.38 -10.75
CA LEU E 312 15.55 50.30 -9.88
C LEU E 312 16.69 50.94 -10.66
N ARG E 313 16.77 52.28 -10.60
CA ARG E 313 17.77 53.02 -11.36
C ARG E 313 18.71 53.72 -10.40
N MET E 314 20.00 53.50 -10.60
CA MET E 314 21.05 54.05 -9.75
C MET E 314 21.72 55.21 -10.46
N VAL E 315 21.95 56.29 -9.73
CA VAL E 315 22.62 57.46 -10.28
C VAL E 315 24.11 57.27 -10.20
N THR E 316 24.80 57.48 -11.32
CA THR E 316 26.26 57.55 -11.36
C THR E 316 26.77 58.97 -11.51
N GLY E 317 25.99 59.84 -12.14
CA GLY E 317 26.33 61.24 -12.27
C GLY E 317 25.84 62.05 -11.09
N LEU E 318 25.54 63.32 -11.35
CA LEU E 318 25.14 64.26 -10.31
C LEU E 318 23.87 64.97 -10.74
N ARG E 319 23.26 65.67 -9.78
CA ARG E 319 21.99 66.33 -10.00
C ARG E 319 22.10 67.33 -11.15
N ASN E 320 21.36 67.06 -12.23
CA ASN E 320 21.46 67.84 -13.46
C ASN E 320 20.68 69.14 -13.29
N ILE E 321 21.40 70.26 -13.23
CA ILE E 321 20.77 71.58 -13.10
C ILE E 321 21.27 72.48 -14.24
N PRO E 322 20.77 72.29 -15.46
CA PRO E 322 21.09 73.27 -16.53
C PRO E 322 20.36 74.59 -16.33
N SER E 323 20.58 75.53 -17.23
CA SER E 323 19.88 76.82 -17.21
C SER E 323 20.26 77.66 -18.42
N GLY F 1 23.42 70.65 -1.35
CA GLY F 1 22.57 69.68 -0.69
C GLY F 1 23.02 69.40 0.73
N LEU F 2 23.68 68.25 0.92
CA LEU F 2 24.17 67.89 2.25
C LEU F 2 25.42 68.68 2.64
N PHE F 3 26.13 69.26 1.67
CA PHE F 3 27.28 70.11 1.93
C PHE F 3 27.09 71.54 1.46
N GLY F 4 25.96 71.87 0.85
CA GLY F 4 25.62 73.24 0.54
C GLY F 4 26.37 73.84 -0.63
N ALA F 5 26.97 73.03 -1.49
CA ALA F 5 27.60 73.51 -2.72
C ALA F 5 26.71 73.29 -3.93
N ILE F 6 26.45 72.03 -4.28
CA ILE F 6 25.49 71.72 -5.34
C ILE F 6 24.09 72.02 -4.85
N ALA F 7 23.35 72.81 -5.63
CA ALA F 7 22.06 73.36 -5.22
C ALA F 7 22.17 74.22 -3.97
N GLY F 8 23.39 74.53 -3.52
CA GLY F 8 23.60 75.36 -2.37
C GLY F 8 24.04 76.75 -2.78
N PHE F 9 25.26 77.16 -2.42
CA PHE F 9 25.71 78.47 -2.86
C PHE F 9 26.03 78.48 -4.35
N ILE F 10 26.36 77.33 -4.95
CA ILE F 10 26.51 77.23 -6.40
C ILE F 10 25.14 76.85 -6.95
N GLU F 11 24.45 77.85 -7.52
CA GLU F 11 23.03 77.69 -7.83
C GLU F 11 22.78 76.63 -8.89
N GLY F 12 23.72 76.42 -9.81
CA GLY F 12 23.46 75.53 -10.92
C GLY F 12 24.73 75.03 -11.55
N GLY F 13 24.57 74.38 -12.70
CA GLY F 13 25.65 73.72 -13.38
C GLY F 13 26.01 74.39 -14.70
N TRP F 14 27.14 73.95 -15.25
CA TRP F 14 27.73 74.52 -16.47
C TRP F 14 27.52 73.53 -17.60
N THR F 15 26.52 73.79 -18.44
CA THR F 15 26.27 72.92 -19.58
C THR F 15 27.41 72.95 -20.57
N GLY F 16 28.27 73.98 -20.49
CA GLY F 16 29.37 74.15 -21.42
C GLY F 16 30.61 73.35 -21.11
N MET F 17 30.70 72.78 -19.92
CA MET F 17 31.88 72.04 -19.51
C MET F 17 31.64 70.57 -19.82
N VAL F 18 32.27 70.09 -20.90
CA VAL F 18 32.14 68.70 -21.32
C VAL F 18 33.36 67.87 -20.96
N ASP F 19 34.44 68.49 -20.50
CA ASP F 19 35.67 67.77 -20.20
C ASP F 19 35.52 66.84 -19.00
N GLY F 20 34.52 67.04 -18.16
CA GLY F 20 34.34 66.16 -17.01
C GLY F 20 33.29 66.70 -16.05
N TRP F 21 33.29 66.11 -14.86
CA TRP F 21 32.30 66.43 -13.83
C TRP F 21 32.65 67.71 -13.07
N TYR F 22 33.92 67.97 -12.82
CA TYR F 22 34.35 69.09 -11.98
C TYR F 22 35.34 69.93 -12.75
N GLY F 23 35.26 71.25 -12.61
CA GLY F 23 36.10 72.10 -13.42
C GLY F 23 35.99 73.57 -13.06
N TYR F 24 36.52 74.38 -13.98
CA TYR F 24 36.83 75.78 -13.76
C TYR F 24 36.28 76.64 -14.90
N HIS F 25 36.02 77.90 -14.57
CA HIS F 25 35.72 78.94 -15.56
C HIS F 25 36.53 80.18 -15.20
N HIS F 26 37.41 80.61 -16.11
CA HIS F 26 38.29 81.74 -15.86
C HIS F 26 37.90 82.93 -16.73
N GLN F 27 38.34 84.11 -16.30
CA GLN F 27 38.03 85.36 -17.00
C GLN F 27 39.23 86.31 -16.96
N ASN F 28 40.32 85.90 -17.59
CA ASN F 28 41.43 86.81 -17.84
C ASN F 28 41.24 87.44 -19.21
N GLU F 29 41.60 88.73 -19.31
CA GLU F 29 41.47 89.54 -20.52
C GLU F 29 41.51 88.68 -21.78
N GLN F 30 42.58 87.90 -21.89
CA GLN F 30 42.89 87.04 -23.03
C GLN F 30 41.64 86.31 -23.50
N GLY F 31 40.76 85.99 -22.58
CA GLY F 31 39.47 85.42 -22.91
C GLY F 31 39.02 84.46 -21.84
N SER F 32 37.82 83.92 -22.06
CA SER F 32 37.20 83.03 -21.09
C SER F 32 37.50 81.57 -21.45
N GLY F 33 36.62 80.66 -21.05
CA GLY F 33 36.77 79.25 -21.35
C GLY F 33 36.38 78.40 -20.16
N TYR F 34 36.04 77.14 -20.44
CA TYR F 34 35.76 76.15 -19.42
C TYR F 34 36.83 75.06 -19.46
N ALA F 35 37.15 74.54 -18.27
CA ALA F 35 38.06 73.41 -18.17
C ALA F 35 37.52 72.45 -17.12
N ALA F 36 38.08 71.24 -17.09
CA ALA F 36 37.73 70.25 -16.09
C ALA F 36 38.97 69.89 -15.28
N ASP F 37 38.76 69.57 -14.01
CA ASP F 37 39.83 69.09 -13.14
C ASP F 37 39.83 67.56 -13.21
N GLN F 38 40.74 67.01 -14.01
CA GLN F 38 40.72 65.58 -14.29
C GLN F 38 41.11 64.73 -13.08
N LYS F 39 41.79 65.30 -12.09
CA LYS F 39 42.14 64.54 -10.90
C LYS F 39 40.88 64.15 -10.13
N SER F 40 40.11 65.16 -9.70
CA SER F 40 38.90 64.88 -8.92
C SER F 40 37.86 64.16 -9.76
N THR F 41 37.66 64.60 -11.01
CA THR F 41 36.71 63.91 -11.88
C THR F 41 37.08 62.45 -12.05
N GLN F 42 38.37 62.16 -12.25
CA GLN F 42 38.79 60.77 -12.46
C GLN F 42 38.63 59.95 -11.20
N ASN F 43 38.97 60.52 -10.03
CA ASN F 43 38.77 59.80 -8.79
C ASN F 43 37.29 59.49 -8.57
N ALA F 44 36.42 60.43 -8.95
CA ALA F 44 34.99 60.21 -8.80
C ALA F 44 34.49 59.14 -9.76
N ILE F 45 35.00 59.13 -11.00
CA ILE F 45 34.60 58.10 -11.95
C ILE F 45 35.05 56.72 -11.46
N ASN F 46 36.26 56.63 -10.92
CA ASN F 46 36.72 55.35 -10.39
C ASN F 46 35.88 54.91 -9.21
N GLY F 47 35.56 55.84 -8.30
CA GLY F 47 34.77 55.47 -7.13
C GLY F 47 33.37 55.02 -7.50
N ILE F 48 32.65 55.83 -8.27
CA ILE F 48 31.28 55.48 -8.65
C ILE F 48 31.28 54.19 -9.47
N THR F 49 32.18 54.10 -10.44
CA THR F 49 32.34 52.85 -11.19
C THR F 49 32.44 51.67 -10.23
N ASN F 50 33.31 51.79 -9.22
CA ASN F 50 33.49 50.67 -8.29
C ASN F 50 32.21 50.39 -7.52
N LYS F 51 31.44 51.43 -7.18
CA LYS F 51 30.18 51.22 -6.49
C LYS F 51 29.23 50.39 -7.36
N VAL F 52 28.96 50.85 -8.58
CA VAL F 52 28.01 50.15 -9.44
C VAL F 52 28.48 48.72 -9.68
N ASN F 53 29.74 48.56 -10.10
CA ASN F 53 30.30 47.22 -10.29
C ASN F 53 30.30 46.41 -9.00
N SER F 54 30.10 47.05 -7.86
CA SER F 54 30.00 46.33 -6.59
C SER F 54 28.56 45.95 -6.28
N VAL F 55 27.58 46.70 -6.76
CA VAL F 55 26.19 46.29 -6.58
C VAL F 55 25.82 45.22 -7.60
N ILE F 56 26.50 45.18 -8.74
CA ILE F 56 26.18 44.20 -9.78
C ILE F 56 27.00 42.94 -9.59
N GLU F 57 28.32 43.06 -9.69
CA GLU F 57 29.23 41.92 -9.73
C GLU F 57 29.17 41.07 -8.46
N LYS F 58 28.53 41.54 -7.40
CA LYS F 58 28.42 40.81 -6.14
C LYS F 58 27.29 39.80 -6.12
N MET F 59 26.49 39.70 -7.19
CA MET F 59 25.34 38.80 -7.21
C MET F 59 25.78 37.46 -7.77
N ASN F 60 26.21 36.58 -6.87
CA ASN F 60 26.34 35.17 -7.21
C ASN F 60 24.97 34.53 -7.34
N THR F 61 24.79 33.71 -8.38
CA THR F 61 23.54 32.99 -8.59
C THR F 61 23.87 31.61 -9.15
N GLN F 62 23.69 30.57 -8.35
CA GLN F 62 23.81 29.22 -8.85
C GLN F 62 22.76 28.95 -9.93
N PHE F 63 22.95 27.83 -10.61
CA PHE F 63 21.96 27.32 -11.56
C PHE F 63 20.79 26.76 -10.77
N THR F 64 19.60 27.32 -11.00
CA THR F 64 18.45 27.03 -10.14
C THR F 64 17.17 26.96 -10.97
N ALA F 65 16.35 25.95 -10.66
CA ALA F 65 15.02 25.79 -11.25
C ALA F 65 13.99 26.15 -10.17
N VAL F 66 13.40 27.34 -10.30
CA VAL F 66 12.49 27.84 -9.27
C VAL F 66 11.21 27.01 -9.21
N GLY F 67 10.77 26.46 -10.34
CA GLY F 67 9.45 25.84 -10.39
C GLY F 67 9.43 24.47 -9.74
N LYS F 68 8.35 24.22 -8.99
CA LYS F 68 8.04 22.90 -8.48
C LYS F 68 6.56 22.66 -8.69
N GLU F 69 6.23 21.45 -9.15
CA GLU F 69 4.87 21.09 -9.49
C GLU F 69 4.41 19.96 -8.56
N PHE F 70 3.23 20.13 -7.99
CA PHE F 70 2.71 19.23 -6.98
C PHE F 70 1.32 18.77 -7.38
N ASN F 71 0.88 17.67 -6.79
CA ASN F 71 -0.44 17.12 -7.08
C ASN F 71 -1.44 17.70 -6.07
N LYS F 72 -2.55 17.00 -5.85
CA LYS F 72 -3.65 17.50 -5.05
C LYS F 72 -3.63 17.04 -3.60
N LEU F 73 -2.79 16.06 -3.27
CA LEU F 73 -2.54 15.69 -1.87
C LEU F 73 -1.16 16.16 -1.41
N GLU F 74 -0.63 17.19 -2.05
CA GLU F 74 0.64 17.80 -1.66
C GLU F 74 0.48 19.30 -1.49
N ARG F 75 -0.72 19.74 -1.07
CA ARG F 75 -0.97 21.16 -0.89
C ARG F 75 -0.07 21.76 0.17
N ARG F 76 0.23 21.02 1.23
CA ARG F 76 1.17 21.52 2.22
C ARG F 76 2.52 21.84 1.60
N MET F 77 3.03 20.90 0.80
CA MET F 77 4.29 21.14 0.09
C MET F 77 4.17 22.30 -0.88
N GLU F 78 3.08 22.37 -1.64
CA GLU F 78 2.92 23.45 -2.61
C GLU F 78 2.92 24.81 -1.92
N ASN F 79 2.22 24.92 -0.77
CA ASN F 79 2.19 26.17 -0.04
C ASN F 79 3.52 26.46 0.66
N LEU F 80 4.27 25.41 1.00
CA LEU F 80 5.62 25.62 1.54
C LEU F 80 6.54 26.20 0.47
N ASN F 81 6.58 25.58 -0.71
CA ASN F 81 7.34 26.13 -1.82
C ASN F 81 6.92 27.58 -2.09
N LYS F 82 5.61 27.80 -2.26
CA LYS F 82 5.10 29.15 -2.46
C LYS F 82 5.61 30.10 -1.38
N LYS F 83 5.70 29.61 -0.15
CA LYS F 83 6.16 30.42 0.98
C LYS F 83 7.63 30.76 0.82
N VAL F 84 8.44 29.82 0.37
CA VAL F 84 9.85 30.08 0.10
C VAL F 84 10.00 31.14 -0.99
N ASP F 85 9.43 30.86 -2.17
CA ASP F 85 9.51 31.79 -3.29
C ASP F 85 9.10 33.19 -2.86
N ASP F 86 7.91 33.32 -2.28
CA ASP F 86 7.38 34.63 -1.92
C ASP F 86 8.24 35.30 -0.87
N GLY F 87 8.77 34.52 0.08
CA GLY F 87 9.66 35.10 1.08
C GLY F 87 10.89 35.73 0.46
N PHE F 88 11.58 34.96 -0.39
CA PHE F 88 12.77 35.54 -1.04
C PHE F 88 12.40 36.76 -1.87
N ILE F 89 11.29 36.70 -2.60
CA ILE F 89 10.91 37.85 -3.43
C ILE F 89 10.69 39.08 -2.57
N ASP F 90 10.00 38.92 -1.43
CA ASP F 90 9.84 40.04 -0.51
C ASP F 90 11.19 40.60 -0.09
N ILE F 91 12.08 39.73 0.41
CA ILE F 91 13.39 40.19 0.87
C ILE F 91 14.08 40.99 -0.22
N TRP F 92 14.29 40.39 -1.39
CA TRP F 92 15.07 41.04 -2.43
C TRP F 92 14.42 42.33 -2.91
N THR F 93 13.09 42.36 -3.01
CA THR F 93 12.42 43.58 -3.40
C THR F 93 12.74 44.70 -2.41
N TYR F 94 12.46 44.45 -1.13
CA TYR F 94 12.64 45.48 -0.11
C TYR F 94 14.10 45.95 -0.08
N ASN F 95 15.03 45.01 0.13
CA ASN F 95 16.43 45.38 0.28
C ASN F 95 16.95 46.06 -0.99
N ALA F 96 16.51 45.60 -2.16
CA ALA F 96 16.97 46.20 -3.40
C ALA F 96 16.54 47.65 -3.51
N GLU F 97 15.25 47.93 -3.29
CA GLU F 97 14.76 49.29 -3.44
C GLU F 97 15.40 50.22 -2.41
N LEU F 98 15.43 49.82 -1.14
CA LEU F 98 16.07 50.68 -0.14
C LEU F 98 17.54 50.88 -0.45
N LEU F 99 18.23 49.84 -0.94
CA LEU F 99 19.62 50.01 -1.33
C LEU F 99 19.77 51.08 -2.39
N VAL F 100 18.96 51.01 -3.45
CA VAL F 100 19.02 52.01 -4.51
C VAL F 100 18.80 53.40 -3.94
N LEU F 101 17.78 53.57 -3.09
CA LEU F 101 17.51 54.87 -2.50
C LEU F 101 18.73 55.39 -1.73
N LEU F 102 19.11 54.66 -0.69
CA LEU F 102 20.19 55.09 0.19
C LEU F 102 21.46 55.41 -0.59
N GLU F 103 21.84 54.55 -1.53
CA GLU F 103 23.09 54.77 -2.24
C GLU F 103 22.98 55.86 -3.29
N ASN F 104 21.78 56.15 -3.80
CA ASN F 104 21.60 57.33 -4.62
C ASN F 104 21.87 58.59 -3.80
N GLU F 105 21.23 58.69 -2.64
CA GLU F 105 21.52 59.80 -1.73
C GLU F 105 23.02 59.91 -1.48
N ARG F 106 23.66 58.77 -1.18
CA ARG F 106 25.09 58.78 -0.91
C ARG F 106 25.89 59.30 -2.10
N THR F 107 25.50 58.91 -3.32
CA THR F 107 26.24 59.37 -4.50
C THR F 107 26.12 60.88 -4.65
N LEU F 108 24.90 61.41 -4.59
CA LEU F 108 24.73 62.85 -4.72
C LEU F 108 25.54 63.59 -3.66
N ASP F 109 25.50 63.10 -2.41
CA ASP F 109 26.30 63.71 -1.35
C ASP F 109 27.79 63.63 -1.66
N PHE F 110 28.22 62.56 -2.32
CA PHE F 110 29.63 62.41 -2.67
C PHE F 110 30.07 63.42 -3.72
N HIS F 111 29.23 63.67 -4.74
CA HIS F 111 29.57 64.73 -5.69
C HIS F 111 29.62 66.07 -5.00
N ASP F 112 28.59 66.40 -4.22
CA ASP F 112 28.60 67.64 -3.44
C ASP F 112 29.90 67.77 -2.66
N SER F 113 30.35 66.66 -2.05
CA SER F 113 31.66 66.64 -1.39
C SER F 113 32.74 67.12 -2.34
N ASN F 114 32.91 66.41 -3.45
CA ASN F 114 34.03 66.72 -4.34
C ASN F 114 34.05 68.19 -4.74
N VAL F 115 32.87 68.77 -5.04
CA VAL F 115 32.87 70.17 -5.45
C VAL F 115 33.27 71.07 -4.28
N LYS F 116 32.70 70.85 -3.09
CA LYS F 116 33.05 71.70 -1.96
C LYS F 116 34.54 71.61 -1.65
N ASN F 117 35.07 70.39 -1.61
CA ASN F 117 36.50 70.20 -1.35
C ASN F 117 37.34 70.92 -2.40
N LEU F 118 36.86 70.96 -3.65
CA LEU F 118 37.61 71.64 -4.69
C LEU F 118 37.61 73.15 -4.46
N TYR F 119 36.42 73.72 -4.20
CA TYR F 119 36.32 75.13 -3.85
C TYR F 119 37.29 75.48 -2.72
N GLU F 120 37.31 74.66 -1.68
CA GLU F 120 38.21 74.92 -0.56
C GLU F 120 39.67 74.82 -0.99
N LYS F 121 40.00 73.85 -1.84
CA LYS F 121 41.35 73.75 -2.38
C LYS F 121 41.78 75.07 -3.02
N VAL F 122 40.91 75.65 -3.86
CA VAL F 122 41.28 76.91 -4.49
C VAL F 122 41.36 78.02 -3.44
N LYS F 123 40.43 78.04 -2.49
CA LYS F 123 40.41 79.11 -1.49
C LYS F 123 41.70 79.12 -0.67
N SER F 124 42.17 77.95 -0.26
CA SER F 124 43.38 77.86 0.57
C SER F 124 44.63 78.33 -0.15
N GLN F 125 44.55 78.58 -1.46
CA GLN F 125 45.68 79.07 -2.24
C GLN F 125 45.67 80.58 -2.43
N LEU F 126 44.55 81.26 -2.14
CA LEU F 126 44.34 82.64 -2.56
C LEU F 126 43.97 83.53 -1.40
N LYS F 127 44.29 83.11 -0.17
CA LYS F 127 43.77 83.70 1.06
C LYS F 127 43.47 85.19 0.94
N ASN F 128 44.50 86.03 0.82
CA ASN F 128 44.29 87.48 0.72
C ASN F 128 44.42 88.02 -0.70
N ASN F 129 44.91 87.23 -1.66
CA ASN F 129 45.06 87.71 -3.02
C ASN F 129 43.76 87.68 -3.82
N ALA F 130 42.62 87.46 -3.18
CA ALA F 130 41.35 87.42 -3.87
C ALA F 130 40.23 87.51 -2.84
N LYS F 131 39.03 87.81 -3.33
CA LYS F 131 37.83 87.86 -2.49
C LYS F 131 36.80 86.90 -3.04
N GLU F 132 35.89 86.48 -2.16
CA GLU F 132 34.83 85.54 -2.53
C GLU F 132 33.67 86.32 -3.11
N ILE F 133 33.67 86.48 -4.42
CA ILE F 133 32.58 87.14 -5.12
C ILE F 133 31.51 86.11 -5.40
N GLY F 134 30.25 86.54 -5.38
CA GLY F 134 29.15 85.68 -5.74
C GLY F 134 29.29 84.29 -5.17
N ASN F 135 29.30 83.29 -6.04
CA ASN F 135 29.26 81.90 -5.61
C ASN F 135 30.08 81.04 -6.56
N GLY F 136 30.94 80.20 -5.98
CA GLY F 136 31.85 79.41 -6.78
C GLY F 136 32.72 80.25 -7.68
N CYS F 137 33.11 81.42 -7.22
CA CYS F 137 33.87 82.37 -8.03
C CYS F 137 34.70 83.25 -7.12
N PHE F 138 35.93 83.51 -7.55
CA PHE F 138 36.85 84.41 -6.86
C PHE F 138 37.26 85.52 -7.82
N GLU F 139 37.38 86.74 -7.30
CA GLU F 139 37.91 87.86 -8.06
C GLU F 139 39.32 88.17 -7.57
N PHE F 140 40.26 88.26 -8.51
CA PHE F 140 41.63 88.55 -8.17
C PHE F 140 41.85 90.04 -7.97
N TYR F 141 42.85 90.35 -7.16
CA TYR F 141 43.36 91.71 -7.02
C TYR F 141 44.49 91.99 -7.99
N HIS F 142 45.28 90.97 -8.31
CA HIS F 142 46.30 91.04 -9.35
C HIS F 142 45.79 90.32 -10.59
N LYS F 143 46.14 90.83 -11.76
CA LYS F 143 45.71 90.21 -13.00
C LYS F 143 46.47 88.91 -13.22
N CYS F 144 45.74 87.86 -13.60
CA CYS F 144 46.20 86.47 -13.61
C CYS F 144 46.07 85.93 -15.03
N ASN F 145 47.13 86.05 -15.81
CA ASN F 145 47.13 85.55 -17.17
C ASN F 145 46.96 84.04 -17.20
N ASP F 146 46.64 83.51 -18.39
CA ASP F 146 46.45 82.08 -18.57
C ASP F 146 47.42 81.24 -17.75
N GLU F 147 48.71 81.60 -17.77
CA GLU F 147 49.70 80.85 -17.02
C GLU F 147 49.30 80.70 -15.56
N CYS F 148 48.97 81.82 -14.92
CA CYS F 148 48.55 81.81 -13.53
C CYS F 148 47.31 80.96 -13.30
N MET F 149 46.29 81.10 -14.15
CA MET F 149 45.10 80.26 -14.04
C MET F 149 45.47 78.78 -14.07
N GLU F 150 46.10 78.34 -15.18
CA GLU F 150 46.57 76.96 -15.28
C GLU F 150 47.47 76.58 -14.12
N SER F 151 48.03 77.56 -13.41
CA SER F 151 48.78 77.25 -12.20
C SER F 151 47.82 76.87 -11.07
N VAL F 152 46.78 77.68 -10.85
CA VAL F 152 45.78 77.30 -9.85
C VAL F 152 45.20 75.93 -10.17
N LYS F 153 45.04 75.60 -11.44
CA LYS F 153 44.40 74.33 -11.80
C LYS F 153 45.26 73.14 -11.38
N ASN F 154 46.57 73.19 -11.63
CA ASN F 154 47.46 72.09 -11.28
C ASN F 154 48.01 72.21 -9.85
N GLY F 155 47.38 72.98 -9.00
CA GLY F 155 47.81 73.10 -7.61
C GLY F 155 48.89 74.13 -7.35
N THR F 156 49.93 74.15 -8.18
CA THR F 156 51.01 75.12 -8.01
C THR F 156 50.50 76.50 -8.39
N TYR F 157 50.59 77.45 -7.47
CA TYR F 157 50.09 78.80 -7.73
C TYR F 157 51.12 79.89 -7.50
N ASP F 158 52.00 79.73 -6.51
CA ASP F 158 53.04 80.71 -6.25
C ASP F 158 52.41 82.00 -5.74
N TYR F 159 52.18 82.06 -4.43
CA TYR F 159 51.48 83.14 -3.76
C TYR F 159 52.36 84.37 -3.55
N PRO F 160 53.54 84.25 -2.93
CA PRO F 160 54.35 85.45 -2.68
C PRO F 160 54.80 86.14 -3.95
N LYS F 161 54.74 85.47 -5.10
CA LYS F 161 55.03 86.14 -6.37
C LYS F 161 54.00 87.21 -6.70
N TYR F 162 52.76 87.05 -6.22
CA TYR F 162 51.69 88.00 -6.50
C TYR F 162 51.18 88.71 -5.25
N SER F 163 51.87 88.56 -4.11
CA SER F 163 51.33 89.07 -2.85
C SER F 163 51.36 90.59 -2.79
N GLU F 164 52.35 91.23 -3.40
CA GLU F 164 52.52 92.66 -3.25
C GLU F 164 51.41 93.42 -3.98
N GLU F 165 51.32 93.24 -5.30
CA GLU F 165 50.24 93.86 -6.07
C GLU F 165 48.89 93.69 -5.36
N SER F 166 48.63 92.49 -4.85
CA SER F 166 47.38 92.25 -4.13
C SER F 166 47.29 93.16 -2.90
N LYS F 167 48.36 93.21 -2.12
CA LYS F 167 48.39 94.06 -0.95
C LYS F 167 48.05 95.51 -1.30
N LEU F 168 48.49 95.97 -2.48
CA LEU F 168 48.13 97.30 -2.93
C LEU F 168 46.64 97.39 -3.25
N ASN F 169 46.20 96.64 -4.26
CA ASN F 169 44.83 96.78 -4.74
C ASN F 169 43.79 96.54 -3.66
N ARG F 170 44.14 95.83 -2.58
CA ARG F 170 43.14 95.48 -1.58
C ARG F 170 42.84 96.64 -0.62
N GLU F 171 43.81 97.51 -0.38
CA GLU F 171 43.67 98.50 0.69
C GLU F 171 42.44 99.38 0.49
N LYS F 172 42.29 99.97 -0.69
CA LYS F 172 41.21 100.92 -0.91
C LYS F 172 39.84 100.25 -0.88
N ILE F 173 39.76 99.01 -1.32
CA ILE F 173 38.48 98.29 -1.33
C ILE F 173 37.86 98.31 0.06
N GLU G 1 -49.70 -14.54 15.84
CA GLU G 1 -48.96 -14.70 17.13
C GLU G 1 -47.81 -15.69 16.99
N VAL G 2 -46.62 -15.25 17.37
CA VAL G 2 -45.41 -16.03 17.18
C VAL G 2 -45.45 -17.28 18.06
N GLN G 3 -45.03 -18.41 17.49
CA GLN G 3 -45.18 -19.69 18.17
C GLN G 3 -44.16 -20.67 17.60
N LEU G 4 -43.52 -21.42 18.50
CA LEU G 4 -42.61 -22.50 18.13
C LEU G 4 -43.15 -23.81 18.72
N VAL G 5 -43.43 -24.77 17.86
CA VAL G 5 -44.01 -26.06 18.26
C VAL G 5 -42.99 -27.15 17.94
N GLN G 6 -42.56 -27.87 18.98
CA GLN G 6 -41.53 -28.88 18.87
C GLN G 6 -42.12 -30.28 18.78
N SER G 7 -41.26 -31.23 18.43
CA SER G 7 -41.66 -32.62 18.26
C SER G 7 -41.87 -33.26 19.64
N GLY G 8 -42.26 -34.55 19.61
CA GLY G 8 -42.67 -35.24 20.81
C GLY G 8 -41.52 -35.86 21.58
N ALA G 9 -41.83 -36.34 22.77
CA ALA G 9 -40.82 -36.91 23.65
C ALA G 9 -40.15 -38.11 22.99
N GLU G 10 -38.91 -38.36 23.41
CA GLU G 10 -38.09 -39.45 22.86
C GLU G 10 -37.44 -40.20 24.01
N VAL G 11 -37.45 -41.53 23.90
CA VAL G 11 -36.70 -42.40 24.81
C VAL G 11 -35.73 -43.20 23.99
N LYS G 12 -34.44 -43.05 24.28
CA LYS G 12 -33.37 -43.68 23.52
C LYS G 12 -32.43 -44.41 24.48
N LYS G 13 -31.72 -45.38 23.94
CA LYS G 13 -30.65 -46.06 24.67
C LYS G 13 -29.30 -45.51 24.23
N PRO G 14 -28.28 -45.63 25.08
CA PRO G 14 -26.97 -45.04 24.75
C PRO G 14 -26.49 -45.47 23.37
N GLY G 15 -25.83 -44.54 22.67
CA GLY G 15 -25.33 -44.76 21.33
C GLY G 15 -26.30 -44.39 20.23
N ALA G 16 -27.60 -44.42 20.50
CA ALA G 16 -28.58 -44.04 19.49
C ALA G 16 -28.45 -42.56 19.15
N SER G 17 -29.36 -42.07 18.30
CA SER G 17 -29.38 -40.67 17.91
C SER G 17 -30.82 -40.17 17.92
N VAL G 18 -30.97 -38.85 17.94
CA VAL G 18 -32.28 -38.20 17.87
C VAL G 18 -32.23 -37.07 16.87
N LYS G 19 -33.40 -36.70 16.38
CA LYS G 19 -33.56 -35.53 15.50
C LYS G 19 -34.83 -34.81 15.96
N VAL G 20 -34.65 -33.73 16.72
CA VAL G 20 -35.75 -32.96 17.28
C VAL G 20 -36.14 -31.87 16.29
N SER G 21 -37.45 -31.60 16.20
CA SER G 21 -37.98 -30.64 15.24
C SER G 21 -38.53 -29.42 15.97
N CYS G 22 -38.50 -28.28 15.28
CA CYS G 22 -39.02 -27.01 15.81
C CYS G 22 -39.67 -26.27 14.65
N LYS G 23 -41.00 -26.30 14.60
CA LYS G 23 -41.77 -25.68 13.53
C LYS G 23 -42.32 -24.34 14.00
N ALA G 24 -42.09 -23.30 13.20
CA ALA G 24 -42.37 -21.93 13.58
C ALA G 24 -43.59 -21.40 12.84
N SER G 25 -44.30 -20.48 13.49
CA SER G 25 -45.48 -19.87 12.90
C SER G 25 -45.66 -18.47 13.47
N GLY G 26 -46.24 -17.58 12.66
CA GLY G 26 -46.56 -16.23 13.08
C GLY G 26 -45.57 -15.17 12.66
N TYR G 27 -44.47 -15.55 12.01
CA TYR G 27 -43.49 -14.59 11.51
C TYR G 27 -42.82 -15.19 10.30
N THR G 28 -42.06 -14.38 9.58
CA THR G 28 -41.28 -14.89 8.46
C THR G 28 -40.12 -15.71 9.01
N PHE G 29 -40.18 -17.03 8.82
CA PHE G 29 -39.25 -17.93 9.46
C PHE G 29 -37.79 -17.60 9.18
N THR G 30 -37.52 -16.80 8.15
CA THR G 30 -36.15 -16.54 7.72
C THR G 30 -35.54 -15.29 8.34
N ASP G 31 -36.30 -14.50 9.10
CA ASP G 31 -35.78 -13.24 9.59
C ASP G 31 -34.90 -13.38 10.84
N TYR G 32 -35.01 -14.47 11.58
CA TYR G 32 -34.36 -14.53 12.89
C TYR G 32 -33.73 -15.89 13.12
N HIS G 33 -32.71 -15.89 13.98
CA HIS G 33 -32.02 -17.12 14.35
C HIS G 33 -32.98 -18.13 14.97
N ILE G 34 -32.59 -19.40 14.90
CA ILE G 34 -33.17 -20.45 15.71
C ILE G 34 -32.07 -20.95 16.63
N ASN G 35 -32.20 -20.61 17.91
CA ASN G 35 -31.28 -21.06 18.94
C ASN G 35 -31.75 -22.39 19.50
N TRP G 36 -30.80 -23.17 20.02
CA TRP G 36 -31.07 -24.43 20.68
C TRP G 36 -30.38 -24.44 22.02
N VAL G 37 -31.16 -24.75 23.07
CA VAL G 37 -30.72 -24.72 24.46
C VAL G 37 -31.33 -25.94 25.14
N ARG G 38 -30.56 -26.65 25.97
CA ARG G 38 -31.08 -27.79 26.69
C ARG G 38 -31.01 -27.54 28.19
N GLN G 39 -31.84 -28.27 28.93
CA GLN G 39 -31.87 -28.22 30.39
C GLN G 39 -31.95 -29.64 30.92
N ALA G 40 -30.90 -30.10 31.59
CA ALA G 40 -30.92 -31.40 32.22
C ALA G 40 -31.78 -31.36 33.48
N PRO G 41 -32.20 -32.52 33.98
CA PRO G 41 -33.05 -32.55 35.17
C PRO G 41 -32.42 -31.80 36.34
N GLY G 42 -33.17 -30.87 36.92
CA GLY G 42 -32.75 -30.17 38.11
C GLY G 42 -31.70 -29.09 37.91
N GLN G 43 -30.92 -29.16 36.84
CA GLN G 43 -29.85 -28.20 36.60
C GLN G 43 -30.37 -27.05 35.74
N GLY G 44 -29.47 -26.15 35.33
CA GLY G 44 -29.84 -24.94 34.65
C GLY G 44 -29.78 -25.05 33.14
N LEU G 45 -29.83 -23.89 32.49
CA LEU G 45 -29.89 -23.80 31.04
C LEU G 45 -28.50 -23.82 30.44
N GLU G 46 -28.34 -24.58 29.36
CA GLU G 46 -27.05 -24.73 28.68
C GLU G 46 -27.29 -24.46 27.20
N TRP G 47 -26.70 -23.38 26.69
CA TRP G 47 -26.90 -23.00 25.30
C TRP G 47 -26.13 -23.93 24.38
N MET G 48 -26.80 -24.42 23.34
CA MET G 48 -26.20 -25.36 22.40
C MET G 48 -25.76 -24.70 21.11
N GLY G 49 -26.56 -23.78 20.54
CA GLY G 49 -26.10 -23.10 19.35
C GLY G 49 -27.21 -22.26 18.74
N TRP G 50 -26.93 -21.74 17.54
CA TRP G 50 -27.99 -21.23 16.69
C TRP G 50 -27.71 -21.57 15.24
N ILE G 51 -28.77 -21.52 14.44
CA ILE G 51 -28.71 -21.61 12.99
C ILE G 51 -29.61 -20.52 12.43
N HIS G 52 -29.14 -19.78 11.44
CA HIS G 52 -29.98 -18.75 10.85
C HIS G 52 -30.70 -19.32 9.64
N PRO G 53 -32.03 -19.43 9.66
CA PRO G 53 -32.73 -20.13 8.57
C PRO G 53 -32.43 -19.58 7.18
N ASN G 54 -32.12 -18.28 7.06
CA ASN G 54 -32.00 -17.67 5.73
C ASN G 54 -30.67 -18.03 5.07
N SER G 55 -29.58 -17.92 5.82
CA SER G 55 -28.25 -18.16 5.27
C SER G 55 -27.78 -19.60 5.48
N GLY G 56 -28.30 -20.28 6.50
CA GLY G 56 -27.76 -21.57 6.90
C GLY G 56 -26.53 -21.48 7.78
N ASP G 57 -25.97 -20.29 7.97
CA ASP G 57 -24.82 -20.13 8.85
C ASP G 57 -25.15 -20.68 10.24
N THR G 58 -24.16 -21.34 10.84
CA THR G 58 -24.35 -22.00 12.13
C THR G 58 -23.32 -21.51 13.14
N ASN G 59 -23.73 -21.46 14.40
CA ASN G 59 -22.83 -21.22 15.52
C ASN G 59 -23.05 -22.32 16.55
N TYR G 60 -22.07 -23.21 16.70
CA TYR G 60 -22.11 -24.27 17.68
C TYR G 60 -21.29 -23.89 18.89
N ALA G 61 -21.81 -24.20 20.08
CA ALA G 61 -20.99 -24.11 21.28
C ALA G 61 -19.86 -25.14 21.22
N GLN G 62 -18.90 -24.99 22.11
CA GLN G 62 -17.71 -25.83 22.06
C GLN G 62 -18.03 -27.26 22.49
N LYS G 63 -18.73 -27.42 23.63
CA LYS G 63 -19.07 -28.76 24.10
C LYS G 63 -19.83 -29.56 23.05
N PHE G 64 -20.62 -28.89 22.21
CA PHE G 64 -21.52 -29.55 21.28
C PHE G 64 -20.98 -29.60 19.86
N GLN G 65 -19.75 -29.15 19.64
CA GLN G 65 -19.14 -29.22 18.32
C GLN G 65 -18.87 -30.67 17.93
N GLY G 66 -19.43 -31.10 16.81
CA GLY G 66 -19.17 -32.43 16.29
C GLY G 66 -20.21 -33.46 16.65
N TRP G 67 -20.65 -33.46 17.91
CA TRP G 67 -21.69 -34.40 18.34
C TRP G 67 -23.06 -34.01 17.80
N VAL G 68 -23.22 -32.78 17.33
CA VAL G 68 -24.53 -32.21 17.02
C VAL G 68 -24.54 -31.67 15.60
N THR G 69 -25.74 -31.63 15.02
CA THR G 69 -25.93 -31.09 13.68
C THR G 69 -27.26 -30.33 13.63
N MET G 70 -27.19 -29.03 13.37
CA MET G 70 -28.38 -28.19 13.28
C MET G 70 -28.67 -27.92 11.81
N THR G 71 -29.93 -28.06 11.41
CA THR G 71 -30.35 -27.84 10.04
C THR G 71 -31.68 -27.11 10.01
N ARG G 72 -32.19 -26.90 8.80
CA ARG G 72 -33.42 -26.16 8.56
C ARG G 72 -34.14 -26.82 7.39
N ASP G 73 -35.17 -26.12 6.88
CA ASP G 73 -35.86 -26.56 5.68
C ASP G 73 -36.46 -25.35 4.95
N THR G 74 -37.02 -24.41 5.72
CA THR G 74 -37.50 -23.14 5.19
C THR G 74 -38.83 -23.29 4.46
N ALA G 75 -38.98 -24.35 3.67
CA ALA G 75 -40.23 -24.57 2.95
C ALA G 75 -41.37 -24.85 3.92
N ILE G 76 -41.12 -25.66 4.95
CA ILE G 76 -42.10 -25.97 5.97
C ILE G 76 -41.89 -25.17 7.24
N SER G 77 -40.99 -24.19 7.22
CA SER G 77 -40.73 -23.33 8.36
C SER G 77 -40.35 -24.15 9.59
N THR G 78 -39.31 -24.98 9.43
CA THR G 78 -38.91 -25.92 10.47
C THR G 78 -37.40 -25.97 10.59
N ALA G 79 -36.92 -26.10 11.82
CA ALA G 79 -35.50 -26.30 12.11
C ALA G 79 -35.32 -27.63 12.81
N TYR G 80 -34.13 -28.23 12.66
CA TYR G 80 -33.87 -29.55 13.21
C TYR G 80 -32.59 -29.53 14.03
N MET G 81 -32.60 -30.33 15.10
CA MET G 81 -31.47 -30.54 16.01
C MET G 81 -31.20 -32.04 16.09
N GLU G 82 -30.11 -32.49 15.47
CA GLU G 82 -29.75 -33.90 15.48
C GLU G 82 -28.60 -34.12 16.46
N VAL G 83 -28.80 -35.04 17.39
CA VAL G 83 -27.78 -35.40 18.37
C VAL G 83 -27.39 -36.85 18.16
N ASN G 84 -26.09 -37.13 18.27
CA ASN G 84 -25.54 -38.44 17.95
C ASN G 84 -24.70 -38.94 19.13
N GLY G 85 -24.57 -40.26 19.24
CA GLY G 85 -23.77 -40.86 20.28
C GLY G 85 -24.29 -40.51 21.65
N LEU G 86 -25.56 -40.80 21.89
CA LEU G 86 -26.24 -40.37 23.10
C LEU G 86 -25.71 -41.08 24.33
N LYS G 87 -25.82 -40.41 25.47
CA LYS G 87 -25.31 -40.93 26.74
C LYS G 87 -26.22 -40.45 27.86
N SER G 88 -26.20 -41.19 28.97
CA SER G 88 -27.16 -40.96 30.05
C SER G 88 -27.20 -39.52 30.50
N ASP G 89 -26.06 -38.82 30.46
CA ASP G 89 -26.02 -37.42 30.85
C ASP G 89 -26.56 -36.49 29.77
N ASP G 90 -26.89 -37.01 28.59
CA ASP G 90 -27.60 -36.23 27.57
C ASP G 90 -29.11 -36.21 27.80
N THR G 91 -29.61 -36.96 28.77
CA THR G 91 -31.00 -36.85 29.18
C THR G 91 -31.31 -35.42 29.58
N ALA G 92 -32.28 -34.80 28.91
CA ALA G 92 -32.59 -33.40 29.18
C ALA G 92 -33.82 -33.01 28.38
N VAL G 93 -34.19 -31.74 28.50
CA VAL G 93 -35.28 -31.15 27.73
C VAL G 93 -34.66 -30.18 26.74
N TYR G 94 -34.98 -30.34 25.46
CA TYR G 94 -34.40 -29.54 24.40
C TYR G 94 -35.41 -28.49 23.95
N TYR G 95 -35.06 -27.23 24.18
CA TYR G 95 -35.84 -26.06 23.79
C TYR G 95 -35.22 -25.40 22.56
N CYS G 96 -36.07 -24.90 21.67
CA CYS G 96 -35.66 -24.00 20.61
C CYS G 96 -36.13 -22.58 20.95
N ALA G 97 -35.47 -21.60 20.34
CA ALA G 97 -35.74 -20.20 20.66
C ALA G 97 -35.57 -19.37 19.41
N ARG G 98 -36.23 -18.22 19.38
CA ARG G 98 -36.21 -17.32 18.24
C ARG G 98 -35.35 -16.11 18.59
N GLY G 99 -34.34 -15.83 17.76
CA GLY G 99 -33.47 -14.69 17.98
C GLY G 99 -34.08 -13.41 17.48
N GLY G 100 -35.21 -13.01 18.06
CA GLY G 100 -35.94 -11.86 17.57
C GLY G 100 -35.73 -10.56 18.31
N LEU G 101 -34.98 -10.59 19.42
CA LEU G 101 -34.60 -9.36 20.08
C LEU G 101 -33.55 -8.63 19.25
N GLU G 102 -33.98 -7.81 18.31
CA GLU G 102 -33.04 -7.15 17.42
C GLU G 102 -32.14 -6.22 18.24
N PRO G 103 -30.83 -6.19 17.97
CA PRO G 103 -29.94 -5.39 18.80
C PRO G 103 -30.17 -3.90 18.63
N ARG G 104 -29.85 -3.16 19.68
CA ARG G 104 -30.03 -1.72 19.71
C ARG G 104 -28.75 -0.95 19.38
N SER G 105 -27.59 -1.53 19.62
CA SER G 105 -26.31 -0.88 19.36
C SER G 105 -25.38 -1.86 18.67
N VAL G 106 -24.41 -1.31 17.92
CA VAL G 106 -23.37 -2.14 17.33
C VAL G 106 -22.27 -2.45 18.35
N ASP G 107 -22.43 -1.98 19.59
CA ASP G 107 -21.49 -2.35 20.65
C ASP G 107 -21.75 -3.78 21.09
N TYR G 108 -23.02 -4.11 21.34
CA TYR G 108 -23.45 -5.46 21.73
C TYR G 108 -24.51 -5.87 20.70
N TYR G 109 -24.05 -6.33 19.54
CA TYR G 109 -24.92 -6.52 18.38
C TYR G 109 -25.34 -7.99 18.37
N TYR G 110 -26.31 -8.30 19.24
CA TYR G 110 -26.71 -9.67 19.52
C TYR G 110 -28.22 -9.79 19.40
N TYR G 111 -28.67 -10.81 18.67
CA TYR G 111 -30.10 -11.10 18.53
C TYR G 111 -30.52 -12.01 19.67
N GLY G 112 -31.14 -11.42 20.70
CA GLY G 112 -31.57 -12.19 21.85
C GLY G 112 -32.79 -13.03 21.54
N MET G 113 -33.14 -13.88 22.51
CA MET G 113 -34.13 -14.93 22.32
C MET G 113 -35.50 -14.44 22.79
N ASP G 114 -36.40 -14.24 21.83
CA ASP G 114 -37.79 -13.87 22.11
C ASP G 114 -38.62 -15.03 22.62
N VAL G 115 -38.99 -15.93 21.70
CA VAL G 115 -40.02 -16.92 21.94
C VAL G 115 -39.36 -18.29 22.05
N TRP G 116 -39.98 -19.16 22.83
CA TRP G 116 -39.44 -20.48 23.14
C TRP G 116 -40.45 -21.55 22.73
N GLY G 117 -39.93 -22.71 22.34
CA GLY G 117 -40.77 -23.87 22.18
C GLY G 117 -41.17 -24.43 23.53
N GLN G 118 -42.11 -25.39 23.50
CA GLN G 118 -42.58 -25.95 24.77
C GLN G 118 -41.59 -26.95 25.36
N GLY G 119 -40.54 -27.30 24.63
CA GLY G 119 -39.58 -28.29 25.08
C GLY G 119 -39.85 -29.66 24.47
N THR G 120 -38.77 -30.43 24.30
CA THR G 120 -38.86 -31.81 23.85
C THR G 120 -38.06 -32.65 24.82
N THR G 121 -38.74 -33.51 25.57
CA THR G 121 -38.09 -34.31 26.60
C THR G 121 -37.40 -35.52 25.96
N VAL G 122 -36.10 -35.63 26.17
CA VAL G 122 -35.29 -36.74 25.64
C VAL G 122 -34.68 -37.47 26.82
N THR G 123 -35.09 -38.72 27.00
CA THR G 123 -34.59 -39.58 28.06
C THR G 123 -33.60 -40.59 27.48
N VAL G 124 -32.41 -40.66 28.06
CA VAL G 124 -31.39 -41.61 27.64
C VAL G 124 -31.11 -42.53 28.81
N SER G 125 -31.57 -43.77 28.72
CA SER G 125 -31.37 -44.76 29.77
C SER G 125 -31.09 -46.12 29.15
N SER G 126 -30.19 -46.87 29.77
CA SER G 126 -29.88 -48.22 29.32
C SER G 126 -30.94 -49.23 29.70
N ALA G 127 -32.07 -48.77 30.24
CA ALA G 127 -33.09 -49.66 30.77
C ALA G 127 -34.12 -49.94 29.70
N SER G 128 -34.71 -51.14 29.78
CA SER G 128 -35.74 -51.56 28.84
C SER G 128 -37.10 -51.50 29.52
N THR G 129 -38.14 -51.27 28.72
CA THR G 129 -39.49 -51.13 29.24
C THR G 129 -39.81 -52.31 30.15
N LYS G 130 -40.06 -52.02 31.42
CA LYS G 130 -40.34 -53.03 32.43
C LYS G 130 -41.56 -52.60 33.22
N GLY G 131 -42.47 -53.55 33.46
CA GLY G 131 -43.65 -53.28 34.23
C GLY G 131 -43.38 -53.36 35.72
N PRO G 132 -44.24 -52.75 36.52
CA PRO G 132 -44.02 -52.72 37.97
C PRO G 132 -44.44 -54.02 38.65
N SER G 133 -43.71 -54.33 39.72
CA SER G 133 -44.15 -55.31 40.71
C SER G 133 -44.90 -54.56 41.80
N VAL G 134 -46.13 -54.99 42.08
CA VAL G 134 -47.04 -54.23 42.93
C VAL G 134 -47.23 -55.01 44.23
N PHE G 135 -47.02 -54.33 45.35
CA PHE G 135 -47.11 -54.98 46.65
C PHE G 135 -48.06 -54.22 47.57
N PRO G 136 -48.79 -54.91 48.43
CA PRO G 136 -49.74 -54.22 49.32
C PRO G 136 -49.06 -53.64 50.55
N LEU G 137 -49.43 -52.41 50.87
CA LEU G 137 -48.99 -51.74 52.10
C LEU G 137 -50.15 -51.78 53.08
N ALA G 138 -50.12 -52.77 53.98
CA ALA G 138 -51.24 -53.06 54.86
C ALA G 138 -51.33 -52.06 56.01
N PRO G 139 -52.49 -51.92 56.62
CA PRO G 139 -52.69 -50.92 57.67
C PRO G 139 -52.13 -51.34 59.02
N SER G 140 -51.67 -50.33 59.76
CA SER G 140 -51.11 -50.52 61.09
C SER G 140 -51.97 -51.43 61.95
N GLY G 147 -59.82 -45.02 64.44
CA GLY G 147 -60.62 -44.04 63.72
C GLY G 147 -60.43 -44.16 62.23
N THR G 148 -59.19 -44.08 61.77
CA THR G 148 -58.86 -44.27 60.37
C THR G 148 -57.54 -45.02 60.28
N ALA G 149 -57.22 -45.49 59.08
CA ALA G 149 -56.08 -46.35 58.86
C ALA G 149 -55.18 -45.77 57.78
N ALA G 150 -53.95 -46.25 57.75
CA ALA G 150 -53.03 -46.01 56.65
C ALA G 150 -53.02 -47.25 55.77
N LEU G 151 -53.07 -47.05 54.46
CA LEU G 151 -53.35 -48.16 53.55
C LEU G 151 -52.87 -47.75 52.16
N GLY G 152 -51.99 -48.55 51.58
CA GLY G 152 -51.39 -48.15 50.31
C GLY G 152 -50.91 -49.28 49.42
N CYS G 153 -50.20 -48.90 48.36
CA CYS G 153 -49.61 -49.85 47.43
C CYS G 153 -48.24 -49.34 47.00
N LEU G 154 -47.31 -50.29 46.87
CA LEU G 154 -45.95 -50.03 46.41
C LEU G 154 -45.83 -50.49 44.96
N VAL G 155 -45.54 -49.55 44.08
CA VAL G 155 -45.34 -49.81 42.65
C VAL G 155 -43.84 -49.77 42.42
N LYS G 156 -43.21 -50.95 42.40
CA LYS G 156 -41.76 -51.06 42.50
C LYS G 156 -41.15 -51.51 41.18
N ASP G 157 -40.02 -50.92 40.83
CA ASP G 157 -39.20 -51.39 39.71
C ASP G 157 -39.95 -51.39 38.39
N TYR G 158 -40.17 -50.22 37.79
CA TYR G 158 -40.78 -50.11 36.48
C TYR G 158 -40.01 -49.09 35.67
N PHE G 159 -40.26 -49.09 34.36
CA PHE G 159 -39.61 -48.14 33.47
C PHE G 159 -40.29 -48.18 32.10
N PRO G 160 -40.52 -47.02 31.48
CA PRO G 160 -40.28 -45.64 31.94
C PRO G 160 -41.50 -45.06 32.62
N GLU G 161 -41.43 -43.79 33.03
CA GLU G 161 -42.62 -43.06 33.40
C GLU G 161 -43.58 -43.07 32.22
N PRO G 162 -44.88 -42.90 32.47
CA PRO G 162 -45.55 -42.70 33.76
C PRO G 162 -46.23 -43.95 34.26
N VAL G 163 -46.85 -43.87 35.43
CA VAL G 163 -47.72 -44.92 35.94
C VAL G 163 -48.84 -44.25 36.72
N THR G 164 -50.03 -44.84 36.65
CA THR G 164 -51.21 -44.29 37.29
C THR G 164 -51.74 -45.23 38.35
N VAL G 165 -52.29 -44.65 39.42
CA VAL G 165 -52.88 -45.41 40.52
C VAL G 165 -54.24 -44.82 40.83
N SER G 166 -55.26 -45.68 40.90
CA SER G 166 -56.58 -45.27 41.35
C SER G 166 -57.12 -46.29 42.32
N TRP G 167 -57.94 -45.87 43.26
CA TRP G 167 -58.43 -46.74 44.33
C TRP G 167 -59.89 -47.11 44.11
N ASN G 168 -60.19 -48.40 44.32
CA ASN G 168 -61.52 -48.94 44.06
C ASN G 168 -62.07 -48.47 42.73
N SER G 169 -61.19 -48.44 41.72
CA SER G 169 -61.57 -48.11 40.35
C SER G 169 -62.13 -46.68 40.24
N GLY G 170 -61.64 -45.78 41.09
CA GLY G 170 -62.08 -44.41 41.11
C GLY G 170 -63.08 -44.08 42.19
N ALA G 171 -63.63 -45.09 42.88
CA ALA G 171 -64.61 -44.84 43.92
C ALA G 171 -64.02 -43.98 45.03
N LEU G 172 -62.82 -44.33 45.49
CA LEU G 172 -62.10 -43.51 46.44
C LEU G 172 -61.25 -42.50 45.69
N THR G 173 -61.35 -41.23 46.10
CA THR G 173 -60.68 -40.15 45.40
C THR G 173 -60.16 -39.11 46.39
N SER G 174 -60.98 -38.75 47.37
CA SER G 174 -60.50 -37.94 48.48
C SER G 174 -59.74 -38.83 49.46
N GLY G 175 -58.66 -38.31 50.00
CA GLY G 175 -57.79 -39.09 50.85
C GLY G 175 -56.74 -39.88 50.12
N VAL G 176 -56.73 -39.86 48.79
CA VAL G 176 -55.70 -40.52 48.00
C VAL G 176 -54.53 -39.56 47.87
N HIS G 177 -53.35 -40.02 48.25
CA HIS G 177 -52.11 -39.29 48.02
C HIS G 177 -51.15 -40.25 47.34
N THR G 178 -50.82 -39.97 46.08
CA THR G 178 -49.89 -40.76 45.29
C THR G 178 -48.62 -39.94 45.11
N PHE G 179 -47.53 -40.42 45.70
CA PHE G 179 -46.29 -39.69 45.69
C PHE G 179 -45.59 -39.85 44.34
N PRO G 180 -44.85 -38.83 43.90
CA PRO G 180 -44.06 -38.99 42.67
C PRO G 180 -42.94 -40.00 42.85
N ALA G 181 -42.51 -40.58 41.73
CA ALA G 181 -41.62 -41.72 41.76
C ALA G 181 -40.18 -41.31 42.06
N VAL G 182 -39.46 -42.24 42.68
CA VAL G 182 -38.02 -42.12 42.88
C VAL G 182 -37.31 -42.85 41.75
N LEU G 183 -36.31 -42.20 41.17
CA LEU G 183 -35.45 -42.85 40.19
C LEU G 183 -34.33 -43.58 40.92
N GLN G 184 -34.42 -44.91 40.99
CA GLN G 184 -33.37 -45.69 41.63
C GLN G 184 -32.05 -45.55 40.88
N SER G 185 -30.98 -45.99 41.54
CA SER G 185 -29.68 -46.07 40.89
C SER G 185 -29.72 -47.00 39.69
N SER G 186 -30.54 -48.05 39.75
CA SER G 186 -30.64 -49.03 38.68
C SER G 186 -31.27 -48.47 37.40
N GLY G 187 -31.66 -47.19 37.40
CA GLY G 187 -32.38 -46.64 36.27
C GLY G 187 -33.86 -46.96 36.24
N LEU G 188 -34.36 -47.71 37.21
CA LEU G 188 -35.76 -48.06 37.32
C LEU G 188 -36.46 -47.18 38.36
N TYR G 189 -37.77 -47.04 38.20
CA TYR G 189 -38.57 -46.18 39.06
C TYR G 189 -39.32 -46.99 40.11
N SER G 190 -39.72 -46.29 41.18
CA SER G 190 -40.62 -46.84 42.19
C SER G 190 -41.44 -45.70 42.76
N LEU G 191 -42.66 -46.01 43.19
CA LEU G 191 -43.50 -45.02 43.87
C LEU G 191 -44.45 -45.75 44.81
N SER G 192 -45.25 -44.96 45.53
CA SER G 192 -46.21 -45.48 46.49
C SER G 192 -47.45 -44.61 46.46
N SER G 193 -48.59 -45.21 46.83
CA SER G 193 -49.85 -44.48 46.90
C SER G 193 -50.64 -44.93 48.12
N VAL G 194 -51.03 -43.99 48.97
CA VAL G 194 -51.73 -44.31 50.20
C VAL G 194 -53.09 -43.62 50.23
N VAL G 195 -54.05 -44.27 50.89
CA VAL G 195 -55.40 -43.74 51.08
C VAL G 195 -55.74 -43.81 52.56
N THR G 196 -56.23 -42.71 53.11
CA THR G 196 -56.75 -42.68 54.48
C THR G 196 -58.19 -43.17 54.48
N VAL G 197 -58.53 -43.97 55.49
CA VAL G 197 -59.78 -44.74 55.43
C VAL G 197 -60.21 -45.10 56.85
N PRO G 198 -61.50 -45.24 57.15
CA PRO G 198 -61.91 -45.53 58.53
C PRO G 198 -61.48 -46.91 59.00
N SER G 199 -60.98 -46.96 60.23
CA SER G 199 -60.50 -48.21 60.81
C SER G 199 -61.61 -49.25 60.94
N SER G 200 -62.87 -48.83 61.04
CA SER G 200 -63.95 -49.77 61.27
C SER G 200 -64.33 -50.52 59.99
N SER G 201 -64.29 -49.82 58.86
CA SER G 201 -64.59 -50.47 57.58
C SER G 201 -63.69 -51.65 57.30
N LEU G 202 -62.51 -51.71 57.92
CA LEU G 202 -61.60 -52.83 57.69
C LEU G 202 -62.29 -54.13 58.04
N GLY G 203 -62.13 -55.14 57.18
CA GLY G 203 -62.80 -56.40 57.31
C GLY G 203 -64.19 -56.43 56.69
N THR G 204 -64.89 -55.28 56.68
CA THR G 204 -66.19 -55.18 56.03
C THR G 204 -66.12 -54.58 54.64
N GLN G 205 -65.21 -53.64 54.41
CA GLN G 205 -64.99 -53.05 53.09
C GLN G 205 -63.70 -53.59 52.49
N THR G 206 -63.72 -53.82 51.18
CA THR G 206 -62.58 -54.35 50.45
C THR G 206 -61.93 -53.22 49.66
N TYR G 207 -60.62 -53.04 49.86
CA TYR G 207 -59.89 -51.95 49.24
C TYR G 207 -58.89 -52.49 48.24
N ILE G 208 -58.85 -51.89 47.06
CA ILE G 208 -58.00 -52.35 45.96
C ILE G 208 -57.33 -51.14 45.34
N CYS G 209 -56.07 -51.30 44.94
CA CYS G 209 -55.39 -50.29 44.14
C CYS G 209 -55.24 -50.80 42.72
N ASN G 210 -55.45 -49.87 41.78
CA ASN G 210 -55.48 -50.13 40.34
C ASN G 210 -54.26 -49.41 39.76
N VAL G 211 -53.24 -50.20 39.44
CA VAL G 211 -51.97 -49.71 38.91
C VAL G 211 -51.96 -49.95 37.41
N ASN G 212 -51.63 -48.91 36.65
CA ASN G 212 -51.60 -49.01 35.20
C ASN G 212 -50.29 -48.39 34.70
N HIS G 213 -49.45 -49.22 34.09
CA HIS G 213 -48.22 -48.80 33.44
C HIS G 213 -48.39 -49.08 31.95
N LYS G 214 -48.76 -48.07 31.18
CA LYS G 214 -49.15 -48.30 29.80
C LYS G 214 -47.97 -48.60 28.89
N PRO G 215 -46.79 -47.99 29.08
CA PRO G 215 -45.64 -48.36 28.25
C PRO G 215 -45.38 -49.85 28.17
N SER G 216 -45.50 -50.58 29.28
CA SER G 216 -45.37 -52.04 29.26
C SER G 216 -46.72 -52.73 29.13
N ASN G 217 -47.81 -51.97 28.97
CA ASN G 217 -49.15 -52.52 28.86
C ASN G 217 -49.46 -53.43 30.06
N THR G 218 -49.06 -52.98 31.25
CA THR G 218 -49.26 -53.73 32.48
C THR G 218 -50.39 -53.10 33.27
N LYS G 219 -51.33 -53.94 33.71
CA LYS G 219 -52.47 -53.51 34.50
C LYS G 219 -52.64 -54.47 35.67
N VAL G 220 -52.61 -53.94 36.89
CA VAL G 220 -52.59 -54.75 38.10
C VAL G 220 -53.61 -54.21 39.09
N ASP G 221 -54.19 -55.12 39.86
CA ASP G 221 -55.14 -54.79 40.91
C ASP G 221 -54.70 -55.51 42.17
N LYS G 222 -54.61 -54.80 43.31
CA LYS G 222 -54.20 -55.44 44.55
C LYS G 222 -55.19 -55.14 45.66
N ARG G 223 -55.71 -56.20 46.26
CA ARG G 223 -56.39 -56.11 47.55
C ARG G 223 -55.37 -55.81 48.64
N VAL G 224 -55.60 -54.75 49.40
CA VAL G 224 -54.77 -54.40 50.54
C VAL G 224 -55.53 -54.80 51.79
N GLU G 225 -55.11 -55.89 52.42
CA GLU G 225 -55.76 -56.44 53.59
C GLU G 225 -54.86 -56.30 54.80
N PRO G 226 -55.42 -56.34 56.01
CA PRO G 226 -54.59 -56.29 57.21
C PRO G 226 -53.74 -57.55 57.35
N LYS G 227 -52.63 -57.41 58.06
CA LYS G 227 -51.69 -58.50 58.25
C LYS G 227 -52.08 -59.38 59.43
N GLU H 1 20.17 -45.63 21.93
CA GLU H 1 20.87 -45.63 20.62
C GLU H 1 19.87 -45.61 19.46
N VAL H 2 20.04 -44.63 18.56
CA VAL H 2 19.11 -44.44 17.47
C VAL H 2 19.18 -45.62 16.52
N GLN H 3 18.01 -46.08 16.06
CA GLN H 3 17.93 -47.28 15.26
C GLN H 3 16.65 -47.24 14.43
N LEU H 4 16.77 -47.61 13.15
CA LEU H 4 15.64 -47.74 12.25
C LEU H 4 15.59 -49.17 11.74
N VAL H 5 14.49 -49.86 12.01
CA VAL H 5 14.32 -51.27 11.64
C VAL H 5 13.19 -51.37 10.63
N GLN H 6 13.51 -51.89 9.45
CA GLN H 6 12.56 -51.98 8.36
C GLN H 6 11.94 -53.37 8.26
N SER H 7 10.89 -53.46 7.46
CA SER H 7 10.15 -54.71 7.27
C SER H 7 10.96 -55.66 6.38
N GLY H 8 10.40 -56.84 6.15
CA GLY H 8 11.12 -57.89 5.44
C GLY H 8 11.00 -57.78 3.95
N ALA H 9 11.81 -58.58 3.26
CA ALA H 9 11.88 -58.55 1.80
C ALA H 9 10.51 -58.89 1.20
N GLU H 10 10.31 -58.40 -0.02
CA GLU H 10 9.05 -58.56 -0.74
C GLU H 10 9.34 -59.03 -2.16
N VAL H 11 8.54 -59.98 -2.63
CA VAL H 11 8.55 -60.41 -4.02
C VAL H 11 7.16 -60.15 -4.58
N LYS H 12 7.09 -59.30 -5.61
CA LYS H 12 5.84 -58.91 -6.22
C LYS H 12 5.90 -59.10 -7.73
N LYS H 13 4.73 -59.21 -8.34
CA LYS H 13 4.63 -59.23 -9.78
C LYS H 13 4.17 -57.86 -10.28
N PRO H 14 4.47 -57.52 -11.53
CA PRO H 14 4.14 -56.18 -12.02
C PRO H 14 2.67 -55.84 -11.79
N GLY H 15 2.41 -54.58 -11.48
CA GLY H 15 1.07 -54.11 -11.18
C GLY H 15 0.68 -54.18 -9.71
N ALA H 16 1.30 -55.08 -8.96
CA ALA H 16 1.01 -55.22 -7.53
C ALA H 16 1.44 -53.96 -6.78
N SER H 17 1.30 -53.97 -5.45
CA SER H 17 1.72 -52.86 -4.62
C SER H 17 2.45 -53.39 -3.40
N VAL H 18 3.20 -52.50 -2.75
CA VAL H 18 3.91 -52.85 -1.52
C VAL H 18 3.69 -51.75 -0.51
N LYS H 19 3.86 -52.12 0.77
CA LYS H 19 3.83 -51.15 1.86
C LYS H 19 4.97 -51.53 2.80
N VAL H 20 6.07 -50.81 2.71
CA VAL H 20 7.27 -51.06 3.49
C VAL H 20 7.18 -50.27 4.78
N SER H 21 7.66 -50.86 5.87
CA SER H 21 7.58 -50.26 7.19
C SER H 21 8.97 -49.86 7.68
N CYS H 22 9.01 -48.81 8.50
CA CYS H 22 10.25 -48.30 9.08
C CYS H 22 9.95 -47.87 10.51
N LYS H 23 10.33 -48.70 11.48
CA LYS H 23 10.06 -48.46 12.88
C LYS H 23 11.30 -47.92 13.57
N ALA H 24 11.13 -46.82 14.31
CA ALA H 24 12.24 -46.07 14.87
C ALA H 24 12.33 -46.28 16.39
N SER H 25 13.55 -46.19 16.91
CA SER H 25 13.78 -46.35 18.34
C SER H 25 15.00 -45.54 18.73
N GLY H 26 15.01 -45.07 19.98
CA GLY H 26 16.14 -44.36 20.53
C GLY H 26 16.03 -42.84 20.51
N TYR H 27 14.96 -42.31 19.94
CA TYR H 27 14.73 -40.87 19.93
C TYR H 27 13.24 -40.63 19.88
N THR H 28 12.85 -39.38 20.09
CA THR H 28 11.44 -39.00 19.98
C THR H 28 11.05 -38.99 18.50
N PHE H 29 10.23 -39.97 18.10
CA PHE H 29 9.96 -40.21 16.69
C PHE H 29 9.43 -39.00 15.95
N THR H 30 8.93 -37.99 16.65
CA THR H 30 8.27 -36.86 16.00
C THR H 30 9.20 -35.68 15.74
N ASP H 31 10.46 -35.73 16.19
CA ASP H 31 11.33 -34.58 16.08
C ASP H 31 11.96 -34.40 14.69
N TYR H 32 12.04 -35.45 13.88
CA TYR H 32 12.84 -35.39 12.67
C TYR H 32 12.13 -36.07 11.51
N HIS H 33 12.48 -35.63 10.31
CA HIS H 33 11.94 -36.22 9.09
C HIS H 33 12.27 -37.71 9.02
N ILE H 34 11.44 -38.43 8.26
CA ILE H 34 11.75 -39.76 7.79
C ILE H 34 11.86 -39.68 6.27
N ASN H 35 13.10 -39.80 5.78
CA ASN H 35 13.39 -39.80 4.35
C ASN H 35 13.28 -41.23 3.82
N TRP H 36 12.98 -41.32 2.53
CA TRP H 36 12.96 -42.59 1.82
C TRP H 36 13.81 -42.46 0.57
N VAL H 37 14.73 -43.40 0.41
CA VAL H 37 15.72 -43.42 -0.66
C VAL H 37 15.83 -44.85 -1.14
N ARG H 38 15.86 -45.06 -2.46
CA ARG H 38 16.01 -46.40 -3.00
C ARG H 38 17.31 -46.51 -3.77
N GLN H 39 17.76 -47.76 -3.93
CA GLN H 39 18.96 -48.06 -4.70
C GLN H 39 18.67 -49.31 -5.52
N ALA H 40 18.63 -49.15 -6.84
CA ALA H 40 18.45 -50.28 -7.72
C ALA H 40 19.73 -51.10 -7.78
N PRO H 41 19.66 -52.35 -8.24
CA PRO H 41 20.87 -53.18 -8.29
C PRO H 41 21.97 -52.51 -9.08
N GLY H 42 23.16 -52.41 -8.46
CA GLY H 42 24.34 -51.90 -9.13
C GLY H 42 24.39 -50.40 -9.32
N GLN H 43 23.26 -49.71 -9.30
CA GLN H 43 23.22 -48.27 -9.54
C GLN H 43 23.34 -47.53 -8.21
N GLY H 44 23.20 -46.21 -8.24
CA GLY H 44 23.42 -45.38 -7.09
C GLY H 44 22.13 -45.07 -6.32
N LEU H 45 22.24 -44.08 -5.43
CA LEU H 45 21.15 -43.74 -4.53
C LEU H 45 20.22 -42.74 -5.21
N GLU H 46 18.91 -42.97 -5.05
CA GLU H 46 17.88 -42.13 -5.64
C GLU H 46 16.93 -41.72 -4.53
N TRP H 47 16.88 -40.43 -4.22
CA TRP H 47 16.04 -39.95 -3.14
C TRP H 47 14.58 -39.93 -3.57
N MET H 48 13.72 -40.48 -2.72
CA MET H 48 12.30 -40.60 -3.03
C MET H 48 11.46 -39.54 -2.32
N GLY H 49 11.72 -39.24 -1.06
CA GLY H 49 10.97 -38.18 -0.42
C GLY H 49 11.25 -38.12 1.07
N TRP H 50 10.46 -37.29 1.77
CA TRP H 50 10.40 -37.37 3.22
C TRP H 50 8.97 -37.12 3.70
N ILE H 51 8.73 -37.54 4.94
CA ILE H 51 7.52 -37.23 5.69
C ILE H 51 7.94 -36.82 7.09
N HIS H 52 7.36 -35.75 7.61
CA HIS H 52 7.67 -35.34 8.97
C HIS H 52 6.65 -35.93 9.92
N PRO H 53 7.02 -36.84 10.82
CA PRO H 53 6.01 -37.54 11.63
C PRO H 53 5.10 -36.62 12.42
N ASN H 54 5.57 -35.44 12.82
CA ASN H 54 4.78 -34.61 13.74
C ASN H 54 3.65 -33.88 13.02
N SER H 55 3.96 -33.30 11.86
CA SER H 55 2.95 -32.54 11.10
C SER H 55 2.25 -33.38 10.06
N GLY H 56 2.87 -34.45 9.58
CA GLY H 56 2.38 -35.18 8.43
C GLY H 56 2.73 -34.59 7.09
N ASP H 57 3.33 -33.39 7.06
CA ASP H 57 3.75 -32.78 5.81
C ASP H 57 4.65 -33.74 5.03
N THR H 58 4.48 -33.74 3.71
CA THR H 58 5.21 -34.65 2.84
C THR H 58 5.93 -33.87 1.75
N ASN H 59 7.09 -34.37 1.35
CA ASN H 59 7.82 -33.87 0.19
C ASN H 59 8.15 -35.06 -0.69
N TYR H 60 7.53 -35.12 -1.86
CA TYR H 60 7.78 -36.18 -2.83
C TYR H 60 8.69 -35.67 -3.93
N ALA H 61 9.65 -36.50 -4.33
CA ALA H 61 10.40 -36.20 -5.53
C ALA H 61 9.46 -36.23 -6.74
N GLN H 62 9.94 -35.70 -7.87
CA GLN H 62 9.07 -35.55 -9.02
C GLN H 62 8.77 -36.89 -9.67
N LYS H 63 9.79 -37.71 -9.89
CA LYS H 63 9.58 -39.02 -10.50
C LYS H 63 8.56 -39.84 -9.73
N PHE H 64 8.48 -39.64 -8.42
CA PHE H 64 7.67 -40.50 -7.55
C PHE H 64 6.36 -39.86 -7.14
N GLN H 65 6.03 -38.68 -7.66
CA GLN H 65 4.75 -38.04 -7.35
C GLN H 65 3.61 -38.85 -7.95
N GLY H 66 2.68 -39.27 -7.11
CA GLY H 66 1.50 -39.98 -7.56
C GLY H 66 1.62 -41.49 -7.47
N TRP H 67 2.78 -42.03 -7.86
CA TRP H 67 3.01 -43.46 -7.74
C TRP H 67 3.20 -43.92 -6.30
N VAL H 68 3.49 -42.99 -5.39
CA VAL H 68 3.96 -43.29 -4.05
C VAL H 68 3.09 -42.60 -3.02
N THR H 69 3.02 -43.19 -1.82
CA THR H 69 2.28 -42.63 -0.71
C THR H 69 3.06 -42.89 0.58
N MET H 70 3.49 -41.82 1.23
CA MET H 70 4.23 -41.91 2.49
C MET H 70 3.31 -41.56 3.65
N THR H 71 3.32 -42.39 4.71
CA THR H 71 2.46 -42.17 5.86
C THR H 71 3.24 -42.47 7.14
N ARG H 72 2.54 -42.36 8.27
CA ARG H 72 3.12 -42.54 9.59
C ARG H 72 2.09 -43.20 10.50
N ASP H 73 2.38 -43.20 11.80
CA ASP H 73 1.44 -43.69 12.81
C ASP H 73 1.69 -42.99 14.14
N THR H 74 2.95 -42.81 14.51
CA THR H 74 3.34 -42.04 15.69
C THR H 74 3.10 -42.84 16.98
N ALA H 75 1.95 -43.53 17.05
CA ALA H 75 1.66 -44.31 18.25
C ALA H 75 2.64 -45.46 18.41
N ILE H 76 2.98 -46.14 17.31
CA ILE H 76 3.95 -47.22 17.32
C ILE H 76 5.30 -46.78 16.78
N SER H 77 5.49 -45.47 16.55
CA SER H 77 6.75 -44.92 16.08
C SER H 77 7.20 -45.59 14.78
N THR H 78 6.32 -45.55 13.79
CA THR H 78 6.54 -46.22 12.52
C THR H 78 6.11 -45.35 11.36
N ALA H 79 6.88 -45.41 10.27
CA ALA H 79 6.54 -44.73 9.03
C ALA H 79 6.36 -45.77 7.93
N TYR H 80 5.55 -45.44 6.93
CA TYR H 80 5.23 -46.38 5.86
C TYR H 80 5.46 -45.76 4.50
N MET H 81 5.91 -46.61 3.57
CA MET H 81 6.15 -46.27 2.17
C MET H 81 5.35 -47.24 1.31
N GLU H 82 4.27 -46.75 0.70
CA GLU H 82 3.44 -47.57 -0.17
C GLU H 82 3.73 -47.22 -1.61
N VAL H 83 4.06 -48.23 -2.41
CA VAL H 83 4.34 -48.06 -3.83
C VAL H 83 3.29 -48.84 -4.60
N ASN H 84 2.82 -48.25 -5.70
CA ASN H 84 1.71 -48.79 -6.48
C ASN H 84 2.14 -48.90 -7.94
N GLY H 85 1.49 -49.81 -8.66
CA GLY H 85 1.78 -49.99 -10.07
C GLY H 85 3.23 -50.37 -10.30
N LEU H 86 3.68 -51.44 -9.65
CA LEU H 86 5.08 -51.81 -9.67
C LEU H 86 5.48 -52.29 -11.07
N LYS H 87 6.77 -52.16 -11.34
CA LYS H 87 7.33 -52.48 -12.65
C LYS H 87 8.73 -53.03 -12.44
N SER H 88 9.18 -53.85 -13.41
CA SER H 88 10.42 -54.59 -13.21
C SER H 88 11.58 -53.67 -12.83
N ASP H 89 11.58 -52.44 -13.33
CA ASP H 89 12.62 -51.48 -13.00
C ASP H 89 12.46 -50.86 -11.62
N ASP H 90 11.36 -51.15 -10.92
CA ASP H 90 11.24 -50.75 -9.52
C ASP H 90 11.88 -51.75 -8.56
N THR H 91 12.38 -52.88 -9.06
CA THR H 91 13.18 -53.78 -8.26
C THR H 91 14.38 -53.03 -7.69
N ALA H 92 14.49 -53.01 -6.37
CA ALA H 92 15.55 -52.24 -5.73
C ALA H 92 15.54 -52.51 -4.23
N VAL H 93 16.42 -51.83 -3.51
CA VAL H 93 16.46 -51.86 -2.05
C VAL H 93 15.96 -50.51 -1.55
N TYR H 94 14.96 -50.54 -0.68
CA TYR H 94 14.34 -49.33 -0.16
C TYR H 94 14.83 -49.07 1.27
N TYR H 95 15.53 -47.95 1.43
CA TYR H 95 16.06 -47.47 2.70
C TYR H 95 15.20 -46.34 3.23
N CYS H 96 15.04 -46.29 4.56
CA CYS H 96 14.56 -45.11 5.24
C CYS H 96 15.73 -44.47 5.98
N ALA H 97 15.59 -43.19 6.28
CA ALA H 97 16.67 -42.42 6.88
C ALA H 97 16.05 -41.39 7.81
N ARG H 98 16.84 -40.93 8.78
CA ARG H 98 16.39 -39.98 9.79
C ARG H 98 17.00 -38.62 9.48
N GLY H 99 16.16 -37.60 9.33
CA GLY H 99 16.64 -36.26 9.06
C GLY H 99 17.09 -35.55 10.33
N GLY H 100 18.12 -36.09 10.97
CA GLY H 100 18.55 -35.57 12.26
C GLY H 100 19.73 -34.62 12.25
N LEU H 101 20.35 -34.41 11.09
CA LEU H 101 21.40 -33.39 10.99
C LEU H 101 20.77 -32.01 11.02
N GLU H 102 20.59 -31.46 12.22
CA GLU H 102 19.94 -30.16 12.35
C GLU H 102 20.78 -29.09 11.64
N PRO H 103 20.15 -28.18 10.90
CA PRO H 103 20.93 -27.21 10.12
C PRO H 103 21.65 -26.21 11.02
N ARG H 104 22.76 -25.68 10.50
CA ARG H 104 23.57 -24.71 11.22
C ARG H 104 23.27 -23.27 10.81
N SER H 105 22.77 -23.05 9.60
CA SER H 105 22.46 -21.72 9.11
C SER H 105 21.10 -21.74 8.43
N VAL H 106 20.46 -20.56 8.39
CA VAL H 106 19.22 -20.42 7.62
C VAL H 106 19.50 -20.22 6.15
N ASP H 107 20.77 -20.22 5.75
CA ASP H 107 21.12 -20.15 4.34
C ASP H 107 20.84 -21.47 3.65
N TYR H 108 21.28 -22.57 4.27
CA TYR H 108 21.05 -23.93 3.78
C TYR H 108 20.36 -24.67 4.92
N TYR H 109 19.04 -24.45 5.03
CA TYR H 109 18.28 -24.87 6.21
C TYR H 109 17.66 -26.23 5.90
N TYR H 110 18.51 -27.26 5.99
CA TYR H 110 18.17 -28.61 5.55
C TYR H 110 18.52 -29.61 6.64
N TYR H 111 17.57 -30.49 6.95
CA TYR H 111 17.78 -31.56 7.93
C TYR H 111 18.38 -32.76 7.21
N GLY H 112 19.70 -32.91 7.32
CA GLY H 112 20.37 -34.01 6.66
C GLY H 112 20.11 -35.34 7.32
N MET H 113 20.56 -36.40 6.66
CA MET H 113 20.20 -37.77 7.03
C MET H 113 21.27 -38.36 7.94
N ASP H 114 20.92 -38.57 9.20
CA ASP H 114 21.78 -39.21 10.19
C ASP H 114 21.85 -40.72 10.01
N VAL H 115 20.79 -41.40 10.41
CA VAL H 115 20.78 -42.84 10.58
C VAL H 115 19.93 -43.46 9.48
N TRP H 116 20.30 -44.68 9.11
CA TRP H 116 19.69 -45.40 7.99
C TRP H 116 19.15 -46.74 8.48
N GLY H 117 18.09 -47.19 7.85
CA GLY H 117 17.61 -48.54 8.06
C GLY H 117 18.51 -49.56 7.37
N GLN H 118 18.26 -50.83 7.65
CA GLN H 118 19.08 -51.87 7.07
C GLN H 118 18.73 -52.15 5.61
N GLY H 119 17.66 -51.57 5.11
CA GLY H 119 17.20 -51.81 3.75
C GLY H 119 16.08 -52.83 3.71
N THR H 120 15.21 -52.67 2.70
CA THR H 120 14.15 -53.63 2.44
C THR H 120 14.21 -53.99 0.96
N THR H 121 14.55 -55.25 0.67
CA THR H 121 14.72 -55.68 -0.71
C THR H 121 13.35 -55.95 -1.32
N VAL H 122 13.05 -55.26 -2.41
CA VAL H 122 11.80 -55.43 -3.14
C VAL H 122 12.15 -55.91 -4.54
N THR H 123 11.75 -57.14 -4.85
CA THR H 123 11.96 -57.74 -6.16
C THR H 123 10.65 -57.73 -6.92
N VAL H 124 10.66 -57.16 -8.12
CA VAL H 124 9.49 -57.11 -8.99
C VAL H 124 9.83 -57.91 -10.23
N SER H 125 9.26 -59.10 -10.33
CA SER H 125 9.50 -59.99 -11.45
C SER H 125 8.19 -60.66 -11.83
N SER H 126 7.99 -60.82 -13.13
CA SER H 126 6.81 -61.49 -13.68
C SER H 126 6.87 -63.00 -13.54
N ALA H 127 7.88 -63.53 -12.86
CA ALA H 127 8.13 -64.96 -12.83
C ALA H 127 7.45 -65.61 -11.63
N SER H 128 7.12 -66.88 -11.80
CA SER H 128 6.53 -67.68 -10.73
C SER H 128 7.58 -68.63 -10.18
N THR H 129 7.43 -68.99 -8.91
CA THR H 129 8.41 -69.85 -8.24
C THR H 129 8.68 -71.09 -9.08
N LYS H 130 9.94 -71.24 -9.49
CA LYS H 130 10.35 -72.35 -10.34
C LYS H 130 11.63 -72.95 -9.78
N GLY H 131 11.69 -74.28 -9.72
CA GLY H 131 12.87 -74.97 -9.26
C GLY H 131 13.91 -75.08 -10.35
N PRO H 132 15.17 -75.29 -9.97
CA PRO H 132 16.25 -75.33 -10.97
C PRO H 132 16.31 -76.66 -11.69
N SER H 133 16.74 -76.58 -12.95
CA SER H 133 17.21 -77.75 -13.68
C SER H 133 18.72 -77.83 -13.49
N VAL H 134 19.21 -78.97 -13.01
CA VAL H 134 20.58 -79.13 -12.58
C VAL H 134 21.29 -80.04 -13.57
N PHE H 135 22.43 -79.59 -14.10
CA PHE H 135 23.16 -80.34 -15.10
C PHE H 135 24.60 -80.54 -14.65
N PRO H 136 25.22 -81.67 -14.99
CA PRO H 136 26.61 -81.90 -14.57
C PRO H 136 27.60 -81.24 -15.53
N LEU H 137 28.61 -80.59 -14.94
CA LEU H 137 29.73 -80.02 -15.67
C LEU H 137 30.92 -80.95 -15.49
N ALA H 138 31.13 -81.81 -16.48
CA ALA H 138 32.10 -82.89 -16.40
C ALA H 138 33.52 -82.38 -16.53
N PRO H 139 34.50 -83.14 -16.03
CA PRO H 139 35.89 -82.68 -16.06
C PRO H 139 36.55 -82.84 -17.42
N SER H 140 37.45 -81.92 -17.70
CA SER H 140 38.21 -81.91 -18.95
C SER H 140 38.78 -83.28 -19.27
N GLY H 147 46.86 -83.77 -12.80
CA GLY H 147 47.08 -83.43 -11.41
C GLY H 147 45.79 -83.12 -10.67
N THR H 148 45.03 -82.17 -11.20
CA THR H 148 43.72 -81.83 -10.66
C THR H 148 42.78 -81.51 -11.81
N ALA H 149 41.49 -81.46 -11.49
CA ALA H 149 40.44 -81.35 -12.49
C ALA H 149 39.51 -80.18 -12.19
N ALA H 150 38.77 -79.80 -13.21
CA ALA H 150 37.63 -78.90 -13.07
C ALA H 150 36.36 -79.73 -13.10
N LEU H 151 35.43 -79.42 -12.20
CA LEU H 151 34.29 -80.31 -11.96
C LEU H 151 33.19 -79.51 -11.29
N GLY H 152 32.01 -79.47 -11.90
CA GLY H 152 30.97 -78.62 -11.37
C GLY H 152 29.54 -79.03 -11.66
N CYS H 153 28.61 -78.13 -11.33
CA CYS H 153 27.19 -78.29 -11.61
C CYS H 153 26.60 -76.96 -12.03
N LEU H 154 25.71 -77.03 -13.00
CA LEU H 154 24.98 -75.87 -13.52
C LEU H 154 23.57 -75.90 -12.96
N VAL H 155 23.23 -74.87 -12.17
CA VAL H 155 21.91 -74.72 -11.58
C VAL H 155 21.19 -73.68 -12.42
N LYS H 156 20.36 -74.14 -13.35
CA LYS H 156 19.84 -73.32 -14.42
C LYS H 156 18.35 -73.06 -14.24
N ASP H 157 17.95 -71.82 -14.54
CA ASP H 157 16.54 -71.46 -14.66
C ASP H 157 15.75 -71.75 -13.38
N TYR H 158 15.93 -70.91 -12.35
CA TYR H 158 15.17 -71.03 -11.12
C TYR H 158 14.74 -69.64 -10.68
N PHE H 159 13.80 -69.60 -9.74
CA PHE H 159 13.31 -68.34 -9.20
C PHE H 159 12.48 -68.59 -7.95
N PRO H 160 12.64 -67.76 -6.91
CA PRO H 160 13.57 -66.64 -6.73
C PRO H 160 14.87 -67.08 -6.06
N GLU H 161 15.77 -66.15 -5.79
CA GLU H 161 16.88 -66.42 -4.89
C GLU H 161 16.28 -66.85 -3.54
N PRO H 162 17.04 -67.60 -2.74
CA PRO H 162 18.38 -68.12 -2.98
C PRO H 162 18.39 -69.57 -3.39
N VAL H 163 19.58 -70.10 -3.63
CA VAL H 163 19.78 -71.54 -3.82
C VAL H 163 21.13 -71.88 -3.23
N THR H 164 21.22 -73.07 -2.65
CA THR H 164 22.44 -73.50 -1.97
C THR H 164 23.01 -74.73 -2.67
N VAL H 165 24.34 -74.81 -2.69
CA VAL H 165 25.05 -75.94 -3.29
C VAL H 165 26.08 -76.42 -2.29
N SER H 166 26.09 -77.72 -2.02
CA SER H 166 27.12 -78.34 -1.19
C SER H 166 27.59 -79.61 -1.88
N TRP H 167 28.85 -79.97 -1.67
CA TRP H 167 29.44 -81.10 -2.37
C TRP H 167 29.63 -82.28 -1.42
N ASN H 168 29.26 -83.46 -1.90
CA ASN H 168 29.29 -84.69 -1.11
C ASN H 168 28.67 -84.48 0.27
N SER H 169 27.58 -83.72 0.31
CA SER H 169 26.79 -83.53 1.53
C SER H 169 27.62 -82.86 2.63
N GLY H 170 28.56 -82.01 2.26
CA GLY H 170 29.42 -81.32 3.19
C GLY H 170 30.81 -81.92 3.35
N ALA H 171 31.06 -83.11 2.80
CA ALA H 171 32.39 -83.71 2.91
C ALA H 171 33.44 -82.85 2.23
N LEU H 172 33.18 -82.42 1.00
CA LEU H 172 34.07 -81.49 0.30
C LEU H 172 33.68 -80.05 0.63
N THR H 173 34.68 -79.26 0.99
CA THR H 173 34.47 -77.89 1.43
C THR H 173 35.61 -77.01 0.91
N SER H 174 36.84 -77.49 1.01
CA SER H 174 37.97 -76.82 0.39
C SER H 174 38.00 -77.11 -1.10
N GLY H 175 38.34 -76.10 -1.89
CA GLY H 175 38.32 -76.21 -3.33
C GLY H 175 36.99 -75.94 -3.99
N VAL H 176 35.94 -75.69 -3.21
CA VAL H 176 34.63 -75.37 -3.75
C VAL H 176 34.56 -73.86 -3.98
N HIS H 177 34.18 -73.48 -5.20
CA HIS H 177 33.86 -72.09 -5.52
C HIS H 177 32.49 -72.09 -6.17
N THR H 178 31.52 -71.47 -5.51
CA THR H 178 30.15 -71.35 -6.00
C THR H 178 29.94 -69.89 -6.41
N PHE H 179 29.74 -69.67 -7.70
CA PHE H 179 29.63 -68.33 -8.23
C PHE H 179 28.23 -67.76 -7.98
N PRO H 180 28.13 -66.45 -7.80
CA PRO H 180 26.79 -65.84 -7.65
C PRO H 180 26.01 -65.93 -8.95
N ALA H 181 24.69 -65.89 -8.80
CA ALA H 181 23.79 -66.18 -9.92
C ALA H 181 23.71 -64.98 -10.87
N VAL H 182 23.48 -65.30 -12.14
CA VAL H 182 23.18 -64.31 -13.17
C VAL H 182 21.67 -64.24 -13.32
N LEU H 183 21.13 -63.02 -13.32
CA LEU H 183 19.72 -62.79 -13.62
C LEU H 183 19.57 -62.67 -15.13
N GLN H 184 19.03 -63.72 -15.75
CA GLN H 184 18.82 -63.73 -17.19
C GLN H 184 17.80 -62.68 -17.58
N SER H 185 17.70 -62.44 -18.90
CA SER H 185 16.63 -61.60 -19.40
C SER H 185 15.25 -62.16 -19.04
N SER H 186 15.11 -63.49 -18.98
CA SER H 186 13.84 -64.13 -18.71
C SER H 186 13.33 -63.90 -17.29
N GLY H 187 14.06 -63.17 -16.46
CA GLY H 187 13.69 -63.03 -15.07
C GLY H 187 14.04 -64.21 -14.20
N LEU H 188 14.62 -65.27 -14.78
CA LEU H 188 15.04 -66.45 -14.05
C LEU H 188 16.55 -66.40 -13.81
N TYR H 189 16.98 -67.08 -12.77
CA TYR H 189 18.38 -67.07 -12.37
C TYR H 189 19.10 -68.33 -12.83
N SER H 190 20.42 -68.22 -12.90
CA SER H 190 21.27 -69.38 -13.12
C SER H 190 22.59 -69.15 -12.41
N LEU H 191 23.23 -70.24 -11.99
CA LEU H 191 24.55 -70.16 -11.40
C LEU H 191 25.28 -71.48 -11.64
N SER H 192 26.53 -71.53 -11.19
CA SER H 192 27.36 -72.70 -11.35
C SER H 192 28.22 -72.87 -10.11
N SER H 193 28.62 -74.11 -9.82
CA SER H 193 29.50 -74.38 -8.69
C SER H 193 30.54 -75.40 -9.12
N VAL H 194 31.82 -75.05 -8.94
CA VAL H 194 32.91 -75.93 -9.37
C VAL H 194 33.77 -76.27 -8.17
N VAL H 195 34.37 -77.46 -8.23
CA VAL H 195 35.29 -77.94 -7.20
C VAL H 195 36.56 -78.41 -7.88
N THR H 196 37.70 -77.94 -7.38
CA THR H 196 38.99 -78.45 -7.84
C THR H 196 39.32 -79.70 -7.04
N VAL H 197 39.84 -80.72 -7.73
CA VAL H 197 39.89 -82.06 -7.16
C VAL H 197 40.98 -82.83 -7.90
N PRO H 198 41.64 -83.82 -7.30
CA PRO H 198 42.70 -84.51 -8.04
C PRO H 198 42.16 -85.29 -9.22
N SER H 199 42.85 -85.17 -10.36
CA SER H 199 42.42 -85.82 -11.59
C SER H 199 42.41 -87.33 -11.45
N SER H 200 43.20 -87.88 -10.52
CA SER H 200 43.34 -89.32 -10.39
C SER H 200 42.16 -89.96 -9.68
N SER H 201 41.62 -89.30 -8.65
CA SER H 201 40.47 -89.84 -7.94
C SER H 201 39.31 -90.13 -8.87
N LEU H 202 39.30 -89.52 -10.06
CA LEU H 202 38.24 -89.75 -11.03
C LEU H 202 38.15 -91.24 -11.33
N GLY H 203 36.92 -91.76 -11.35
CA GLY H 203 36.68 -93.17 -11.50
C GLY H 203 36.72 -93.96 -10.21
N THR H 204 37.56 -93.54 -9.25
CA THR H 204 37.62 -94.18 -7.94
C THR H 204 36.80 -93.46 -6.87
N GLN H 205 36.74 -92.13 -6.93
CA GLN H 205 35.91 -91.34 -6.04
C GLN H 205 34.70 -90.82 -6.81
N THR H 206 33.55 -90.81 -6.14
CA THR H 206 32.30 -90.36 -6.74
C THR H 206 31.96 -88.98 -6.18
N TYR H 207 31.72 -88.02 -7.08
CA TYR H 207 31.48 -86.64 -6.70
C TYR H 207 30.04 -86.27 -7.03
N ILE H 208 29.37 -85.62 -6.08
CA ILE H 208 27.97 -85.27 -6.19
C ILE H 208 27.77 -83.84 -5.73
N CYS H 209 26.89 -83.10 -6.41
CA CYS H 209 26.48 -81.78 -5.96
C CYS H 209 25.05 -81.84 -5.44
N ASN H 210 24.83 -81.14 -4.33
CA ASN H 210 23.57 -81.13 -3.58
C ASN H 210 23.03 -79.71 -3.72
N VAL H 211 22.02 -79.57 -4.58
CA VAL H 211 21.40 -78.28 -4.87
C VAL H 211 20.08 -78.22 -4.12
N ASN H 212 19.86 -77.12 -3.40
CA ASN H 212 18.63 -76.95 -2.62
C ASN H 212 18.06 -75.57 -2.90
N HIS H 213 16.85 -75.55 -3.47
CA HIS H 213 16.10 -74.33 -3.72
C HIS H 213 14.85 -74.41 -2.85
N LYS H 214 14.90 -73.75 -1.68
CA LYS H 214 13.85 -73.94 -0.69
C LYS H 214 12.55 -73.23 -1.09
N PRO H 215 12.60 -72.07 -1.74
CA PRO H 215 11.34 -71.45 -2.20
C PRO H 215 10.46 -72.41 -2.98
N SER H 216 11.03 -73.24 -3.84
CA SER H 216 10.27 -74.28 -4.54
C SER H 216 10.33 -75.62 -3.83
N ASN H 217 10.97 -75.69 -2.67
CA ASN H 217 11.12 -76.92 -1.90
C ASN H 217 11.70 -78.03 -2.77
N THR H 218 12.70 -77.66 -3.58
CA THR H 218 13.35 -78.56 -4.53
C THR H 218 14.72 -78.95 -4.00
N LYS H 219 15.02 -80.25 -4.04
CA LYS H 219 16.30 -80.78 -3.60
C LYS H 219 16.78 -81.79 -4.64
N VAL H 220 17.99 -81.55 -5.18
CA VAL H 220 18.52 -82.33 -6.29
C VAL H 220 19.95 -82.74 -5.98
N ASP H 221 20.34 -83.91 -6.48
CA ASP H 221 21.69 -84.43 -6.32
C ASP H 221 22.18 -84.90 -7.68
N LYS H 222 23.39 -84.50 -8.07
CA LYS H 222 23.93 -84.92 -9.36
C LYS H 222 25.33 -85.51 -9.21
N ARG H 223 25.49 -86.74 -9.69
CA ARG H 223 26.80 -87.30 -9.95
C ARG H 223 27.45 -86.60 -11.13
N VAL H 224 28.65 -86.09 -10.93
CA VAL H 224 29.42 -85.47 -12.00
C VAL H 224 30.50 -86.46 -12.41
N GLU H 225 30.31 -87.09 -13.56
CA GLU H 225 31.21 -88.11 -14.07
C GLU H 225 31.90 -87.63 -15.34
N PRO H 226 33.05 -88.19 -15.70
CA PRO H 226 33.70 -87.83 -16.96
C PRO H 226 32.87 -88.27 -18.16
N LYS H 227 33.07 -87.56 -19.27
CA LYS H 227 32.32 -87.82 -20.50
C LYS H 227 32.99 -88.92 -21.31
N GLU I 1 -8.49 -28.07 -45.77
CA GLU I 1 -9.76 -27.30 -45.68
C GLU I 1 -10.49 -27.57 -44.36
N VAL I 2 -10.80 -26.49 -43.64
CA VAL I 2 -11.40 -26.61 -42.32
C VAL I 2 -12.80 -27.19 -42.44
N GLN I 3 -13.13 -28.12 -41.55
CA GLN I 3 -14.38 -28.86 -41.65
C GLN I 3 -14.74 -29.39 -40.26
N LEU I 4 -16.03 -29.25 -39.91
CA LEU I 4 -16.57 -29.81 -38.69
C LEU I 4 -17.69 -30.78 -39.06
N VAL I 5 -17.54 -32.04 -38.67
CA VAL I 5 -18.50 -33.10 -39.00
C VAL I 5 -19.14 -33.58 -37.72
N GLN I 6 -20.46 -33.46 -37.64
CA GLN I 6 -21.21 -33.81 -36.44
C GLN I 6 -21.83 -35.20 -36.55
N SER I 7 -22.32 -35.68 -35.40
CA SER I 7 -22.91 -37.00 -35.31
C SER I 7 -24.30 -37.01 -35.95
N GLY I 8 -24.93 -38.18 -35.92
CA GLY I 8 -26.20 -38.39 -36.62
C GLY I 8 -27.40 -38.01 -35.78
N ALA I 9 -28.55 -38.00 -36.45
CA ALA I 9 -29.80 -37.60 -35.82
C ALA I 9 -30.12 -38.49 -34.63
N GLU I 10 -30.88 -37.94 -33.69
CA GLU I 10 -31.25 -38.60 -32.45
C GLU I 10 -32.74 -38.42 -32.20
N VAL I 11 -33.40 -39.50 -31.79
CA VAL I 11 -34.78 -39.43 -31.32
C VAL I 11 -34.81 -39.95 -29.89
N LYS I 12 -35.24 -39.10 -28.97
CA LYS I 12 -35.27 -39.43 -27.55
C LYS I 12 -36.66 -39.13 -27.00
N LYS I 13 -36.97 -39.79 -25.87
CA LYS I 13 -38.17 -39.47 -25.14
C LYS I 13 -37.83 -38.60 -23.94
N PRO I 14 -38.79 -37.83 -23.45
CA PRO I 14 -38.49 -36.89 -22.35
C PRO I 14 -37.81 -37.59 -21.18
N GLY I 15 -36.88 -36.87 -20.55
CA GLY I 15 -36.09 -37.40 -19.46
C GLY I 15 -34.78 -38.03 -19.90
N ALA I 16 -34.71 -38.54 -21.13
CA ALA I 16 -33.48 -39.14 -21.63
C ALA I 16 -32.38 -38.08 -21.74
N SER I 17 -31.23 -38.51 -22.27
CA SER I 17 -30.10 -37.63 -22.48
C SER I 17 -29.50 -37.90 -23.85
N VAL I 18 -28.70 -36.95 -24.35
CA VAL I 18 -28.00 -37.12 -25.62
C VAL I 18 -26.55 -36.68 -25.43
N LYS I 19 -25.70 -37.20 -26.32
CA LYS I 19 -24.29 -36.78 -26.37
C LYS I 19 -23.93 -36.64 -27.84
N VAL I 20 -23.92 -35.40 -28.33
CA VAL I 20 -23.65 -35.09 -29.72
C VAL I 20 -22.15 -34.88 -29.89
N SER I 21 -21.63 -35.31 -31.04
CA SER I 21 -20.21 -35.24 -31.33
C SER I 21 -19.94 -34.22 -32.44
N CYS I 22 -18.76 -33.63 -32.40
CA CYS I 22 -18.30 -32.65 -33.39
C CYS I 22 -16.82 -32.89 -33.62
N LYS I 23 -16.50 -33.54 -34.74
CA LYS I 23 -15.12 -33.91 -35.07
C LYS I 23 -14.55 -32.90 -36.06
N ALA I 24 -13.38 -32.36 -35.75
CA ALA I 24 -12.78 -31.26 -36.47
C ALA I 24 -11.62 -31.74 -37.33
N SER I 25 -11.43 -31.07 -38.47
CA SER I 25 -10.34 -31.40 -39.37
C SER I 25 -9.94 -30.16 -40.14
N GLY I 26 -8.67 -30.10 -40.54
CA GLY I 26 -8.15 -29.03 -41.34
C GLY I 26 -7.42 -27.94 -40.58
N TYR I 27 -7.35 -28.03 -39.25
CA TYR I 27 -6.62 -27.08 -38.44
C TYR I 27 -6.17 -27.78 -37.17
N THR I 28 -5.29 -27.12 -36.43
CA THR I 28 -4.86 -27.66 -35.14
C THR I 28 -6.02 -27.50 -34.15
N PHE I 29 -6.62 -28.63 -33.77
CA PHE I 29 -7.87 -28.61 -33.01
C PHE I 29 -7.78 -27.81 -31.72
N THR I 30 -6.57 -27.54 -31.22
CA THR I 30 -6.40 -26.89 -29.92
C THR I 30 -6.30 -25.37 -30.01
N ASP I 31 -6.25 -24.78 -31.21
CA ASP I 31 -6.02 -23.36 -31.31
C ASP I 31 -7.26 -22.51 -31.06
N TYR I 32 -8.47 -23.07 -31.23
CA TYR I 32 -9.66 -22.23 -31.25
C TYR I 32 -10.79 -22.89 -30.48
N HIS I 33 -11.70 -22.04 -30.00
CA HIS I 33 -12.89 -22.50 -29.29
C HIS I 33 -13.74 -23.42 -30.16
N ILE I 34 -14.54 -24.24 -29.48
CA ILE I 34 -15.65 -24.95 -30.10
C ILE I 34 -16.92 -24.42 -29.45
N ASN I 35 -17.69 -23.64 -30.20
CA ASN I 35 -18.96 -23.12 -29.76
C ASN I 35 -20.08 -24.11 -30.07
N TRP I 36 -21.16 -24.02 -29.30
CA TRP I 36 -22.36 -24.82 -29.50
C TRP I 36 -23.56 -23.89 -29.50
N VAL I 37 -24.38 -24.03 -30.55
CA VAL I 37 -25.54 -23.18 -30.82
C VAL I 37 -26.65 -24.09 -31.33
N ARG I 38 -27.88 -23.90 -30.83
CA ARG I 38 -28.99 -24.70 -31.32
C ARG I 38 -30.03 -23.82 -32.01
N GLN I 39 -30.85 -24.46 -32.84
CA GLN I 39 -31.95 -23.79 -33.53
C GLN I 39 -33.17 -24.70 -33.46
N ALA I 40 -34.19 -24.26 -32.74
CA ALA I 40 -35.43 -25.01 -32.68
C ALA I 40 -36.19 -24.85 -34.01
N PRO I 41 -37.14 -25.74 -34.27
CA PRO I 41 -37.88 -25.65 -35.54
C PRO I 41 -38.51 -24.27 -35.73
N GLY I 42 -38.24 -23.66 -36.88
CA GLY I 42 -38.85 -22.40 -37.25
C GLY I 42 -38.30 -21.18 -36.55
N GLN I 43 -37.68 -21.34 -35.38
CA GLN I 43 -37.18 -20.20 -34.62
C GLN I 43 -35.71 -19.94 -34.99
N GLY I 44 -35.08 -19.01 -34.28
CA GLY I 44 -33.75 -18.56 -34.62
C GLY I 44 -32.65 -19.26 -33.85
N LEU I 45 -31.46 -18.68 -33.92
CA LEU I 45 -30.27 -19.28 -33.34
C LEU I 45 -30.13 -18.88 -31.88
N GLU I 46 -29.78 -19.87 -31.04
CA GLU I 46 -29.63 -19.66 -29.60
C GLU I 46 -28.28 -20.21 -29.19
N TRP I 47 -27.38 -19.33 -28.74
CA TRP I 47 -26.04 -19.75 -28.37
C TRP I 47 -26.05 -20.48 -27.04
N MET I 48 -25.37 -21.63 -27.01
CA MET I 48 -25.34 -22.48 -25.83
C MET I 48 -24.04 -22.37 -25.04
N GLY I 49 -22.88 -22.30 -25.71
CA GLY I 49 -21.66 -22.11 -24.97
C GLY I 49 -20.44 -22.28 -25.85
N TRP I 50 -19.27 -22.28 -25.21
CA TRP I 50 -18.07 -22.78 -25.88
C TRP I 50 -17.19 -23.54 -24.90
N ILE I 51 -16.29 -24.34 -25.48
CA ILE I 51 -15.22 -24.99 -24.74
C ILE I 51 -13.94 -24.82 -25.55
N HIS I 52 -12.84 -24.47 -24.88
CA HIS I 52 -11.58 -24.32 -25.58
C HIS I 52 -10.82 -25.64 -25.47
N PRO I 53 -10.58 -26.35 -26.57
CA PRO I 53 -9.97 -27.69 -26.45
C PRO I 53 -8.64 -27.70 -25.71
N ASN I 54 -7.86 -26.62 -25.76
CA ASN I 54 -6.51 -26.67 -25.21
C ASN I 54 -6.52 -26.57 -23.69
N SER I 55 -7.30 -25.63 -23.14
CA SER I 55 -7.35 -25.44 -21.69
C SER I 55 -8.47 -26.23 -21.03
N GLY I 56 -9.52 -26.58 -21.78
CA GLY I 56 -10.70 -27.16 -21.19
C GLY I 56 -11.64 -26.15 -20.58
N ASP I 57 -11.24 -24.88 -20.50
CA ASP I 57 -12.12 -23.85 -19.97
C ASP I 57 -13.44 -23.85 -20.72
N THR I 58 -14.53 -23.62 -19.98
CA THR I 58 -15.87 -23.67 -20.53
C THR I 58 -16.59 -22.37 -20.22
N ASN I 59 -17.44 -21.94 -21.15
CA ASN I 59 -18.34 -20.82 -20.92
C ASN I 59 -19.74 -21.27 -21.31
N TYR I 60 -20.61 -21.42 -20.32
CA TYR I 60 -22.00 -21.82 -20.52
C TYR I 60 -22.90 -20.60 -20.47
N ALA I 61 -23.90 -20.56 -21.36
CA ALA I 61 -24.95 -19.59 -21.23
C ALA I 61 -25.75 -19.85 -19.95
N GLN I 62 -26.58 -18.89 -19.57
CA GLN I 62 -27.29 -19.01 -18.30
C GLN I 62 -28.39 -20.06 -18.39
N LYS I 63 -29.20 -20.01 -19.45
CA LYS I 63 -30.28 -20.98 -19.59
C LYS I 63 -29.79 -22.41 -19.55
N PHE I 64 -28.57 -22.66 -20.02
CA PHE I 64 -28.07 -24.02 -20.21
C PHE I 64 -27.10 -24.44 -19.12
N GLN I 65 -26.91 -23.61 -18.10
CA GLN I 65 -26.04 -23.96 -16.98
C GLN I 65 -26.63 -25.12 -16.20
N GLY I 66 -25.89 -26.22 -16.08
CA GLY I 66 -26.31 -27.35 -15.28
C GLY I 66 -26.99 -28.45 -16.08
N TRP I 67 -27.88 -28.07 -17.00
CA TRP I 67 -28.53 -29.05 -17.87
C TRP I 67 -27.58 -29.62 -18.90
N VAL I 68 -26.44 -28.97 -19.13
CA VAL I 68 -25.57 -29.26 -20.25
C VAL I 68 -24.14 -29.51 -19.76
N THR I 69 -23.40 -30.29 -20.53
CA THR I 69 -22.00 -30.59 -20.24
C THR I 69 -21.23 -30.63 -21.55
N MET I 70 -20.25 -29.74 -21.69
CA MET I 70 -19.42 -29.68 -22.87
C MET I 70 -18.05 -30.28 -22.55
N THR I 71 -17.57 -31.16 -23.43
CA THR I 71 -16.29 -31.83 -23.21
C THR I 71 -15.51 -31.91 -24.52
N ARG I 72 -14.35 -32.54 -24.46
CA ARG I 72 -13.42 -32.65 -25.57
C ARG I 72 -12.74 -34.00 -25.53
N ASP I 73 -11.69 -34.16 -26.35
CA ASP I 73 -10.87 -35.36 -26.32
C ASP I 73 -9.45 -35.05 -26.78
N THR I 74 -9.32 -34.24 -27.83
CA THR I 74 -8.04 -33.74 -28.31
C THR I 74 -7.27 -34.81 -29.07
N ALA I 75 -7.27 -36.04 -28.56
CA ALA I 75 -6.57 -37.13 -29.24
C ALA I 75 -7.23 -37.45 -30.58
N ILE I 76 -8.57 -37.47 -30.62
CA ILE I 76 -9.31 -37.71 -31.85
C ILE I 76 -9.87 -36.41 -32.43
N SER I 77 -9.48 -35.26 -31.90
CA SER I 77 -9.91 -33.96 -32.41
C SER I 77 -11.43 -33.87 -32.44
N THR I 78 -12.03 -34.09 -31.27
CA THR I 78 -13.49 -34.16 -31.16
C THR I 78 -13.96 -33.43 -29.91
N ALA I 79 -15.10 -32.77 -30.03
CA ALA I 79 -15.78 -32.13 -28.91
C ALA I 79 -17.16 -32.75 -28.74
N TYR I 80 -17.67 -32.72 -27.51
CA TYR I 80 -18.94 -33.35 -27.19
C TYR I 80 -19.87 -32.37 -26.49
N MET I 81 -21.16 -32.51 -26.79
CA MET I 81 -22.22 -31.72 -26.17
C MET I 81 -23.24 -32.70 -25.60
N GLU I 82 -23.26 -32.83 -24.27
CA GLU I 82 -24.18 -33.73 -23.59
C GLU I 82 -25.31 -32.93 -22.96
N VAL I 83 -26.55 -33.30 -23.28
CA VAL I 83 -27.74 -32.65 -22.74
C VAL I 83 -28.51 -33.68 -21.91
N ASN I 84 -29.03 -33.22 -20.77
CA ASN I 84 -29.70 -34.08 -19.81
C ASN I 84 -31.08 -33.52 -19.50
N GLY I 85 -31.99 -34.39 -19.07
CA GLY I 85 -33.34 -33.98 -18.72
C GLY I 85 -34.07 -33.36 -19.89
N LEU I 86 -34.15 -34.07 -20.99
CA LEU I 86 -34.70 -33.53 -22.23
C LEU I 86 -36.20 -33.30 -22.12
N LYS I 87 -36.68 -32.35 -22.92
CA LYS I 87 -38.08 -31.96 -22.91
C LYS I 87 -38.46 -31.54 -24.32
N SER I 88 -39.77 -31.61 -24.60
CA SER I 88 -40.25 -31.42 -25.96
C SER I 88 -39.74 -30.13 -26.58
N ASP I 89 -39.52 -29.09 -25.76
CA ASP I 89 -39.01 -27.83 -26.28
C ASP I 89 -37.51 -27.86 -26.54
N ASP I 90 -36.83 -28.96 -26.18
CA ASP I 90 -35.43 -29.15 -26.55
C ASP I 90 -35.28 -29.74 -27.95
N THR I 91 -36.38 -30.09 -28.61
CA THR I 91 -36.34 -30.49 -30.01
C THR I 91 -35.72 -29.38 -30.83
N ALA I 92 -34.62 -29.68 -31.52
CA ALA I 92 -33.92 -28.63 -32.28
C ALA I 92 -32.78 -29.27 -33.06
N VAL I 93 -32.03 -28.43 -33.76
CA VAL I 93 -30.82 -28.82 -34.48
C VAL I 93 -29.63 -28.21 -33.75
N TYR I 94 -28.65 -29.05 -33.42
CA TYR I 94 -27.49 -28.63 -32.65
C TYR I 94 -26.29 -28.48 -33.56
N TYR I 95 -25.80 -27.25 -33.69
CA TYR I 95 -24.64 -26.88 -34.47
C TYR I 95 -23.43 -26.66 -33.56
N CYS I 96 -22.26 -27.05 -34.04
CA CYS I 96 -20.99 -26.64 -33.46
C CYS I 96 -20.32 -25.65 -34.40
N ALA I 97 -19.42 -24.84 -33.85
CA ALA I 97 -18.78 -23.79 -34.61
C ALA I 97 -17.36 -23.59 -34.10
N ARG I 98 -16.51 -23.05 -34.96
CA ARG I 98 -15.10 -22.85 -34.64
C ARG I 98 -14.85 -21.37 -34.37
N GLY I 99 -14.31 -21.06 -33.20
CA GLY I 99 -14.01 -19.70 -32.84
C GLY I 99 -12.69 -19.23 -33.43
N GLY I 100 -12.61 -19.19 -34.76
CA GLY I 100 -11.38 -18.88 -35.45
C GLY I 100 -11.22 -17.46 -35.94
N LEU I 101 -12.25 -16.61 -35.81
CA LEU I 101 -12.08 -15.20 -36.12
C LEU I 101 -11.25 -14.52 -35.04
N GLU I 102 -9.94 -14.55 -35.19
CA GLU I 102 -9.08 -13.97 -34.15
C GLU I 102 -9.37 -12.47 -34.02
N PRO I 103 -9.44 -11.95 -32.80
CA PRO I 103 -9.84 -10.55 -32.63
C PRO I 103 -8.79 -9.60 -33.16
N ARG I 104 -9.26 -8.41 -33.55
CA ARG I 104 -8.41 -7.37 -34.09
C ARG I 104 -7.99 -6.33 -33.07
N SER I 105 -8.79 -6.14 -32.02
CA SER I 105 -8.50 -5.16 -30.99
C SER I 105 -8.72 -5.80 -29.62
N VAL I 106 -8.04 -5.24 -28.60
CA VAL I 106 -8.30 -5.66 -27.22
C VAL I 106 -9.52 -4.97 -26.66
N ASP I 107 -10.19 -4.13 -27.44
CA ASP I 107 -11.43 -3.50 -27.01
C ASP I 107 -12.58 -4.52 -27.04
N TYR I 108 -12.69 -5.25 -28.14
CA TYR I 108 -13.69 -6.30 -28.33
C TYR I 108 -12.90 -7.55 -28.66
N TYR I 109 -12.38 -8.19 -27.61
CA TYR I 109 -11.38 -9.25 -27.77
C TYR I 109 -12.14 -10.58 -27.75
N TYR I 110 -12.76 -10.87 -28.89
CA TYR I 110 -13.70 -11.98 -29.03
C TYR I 110 -13.36 -12.82 -30.24
N TYR I 111 -13.32 -14.14 -30.04
CA TYR I 111 -13.07 -15.09 -31.12
C TYR I 111 -14.41 -15.48 -31.74
N GLY I 112 -14.73 -14.88 -32.89
CA GLY I 112 -15.97 -15.17 -33.58
C GLY I 112 -15.94 -16.50 -34.27
N MET I 113 -17.11 -16.90 -34.79
CA MET I 113 -17.32 -18.26 -35.29
C MET I 113 -17.09 -18.30 -36.80
N ASP I 114 -16.01 -18.98 -37.21
CA ASP I 114 -15.69 -19.21 -38.61
C ASP I 114 -16.58 -20.26 -39.25
N VAL I 115 -16.32 -21.52 -38.92
CA VAL I 115 -16.84 -22.67 -39.65
C VAL I 115 -17.89 -23.36 -38.79
N TRP I 116 -18.87 -23.97 -39.46
CA TRP I 116 -20.01 -24.58 -38.82
C TRP I 116 -20.12 -26.05 -39.20
N GLY I 117 -20.64 -26.86 -38.28
CA GLY I 117 -21.01 -28.21 -38.62
C GLY I 117 -22.31 -28.23 -39.39
N GLN I 118 -22.66 -29.41 -39.91
CA GLN I 118 -23.88 -29.51 -40.71
C GLN I 118 -25.14 -29.56 -39.84
N GLY I 119 -25.00 -29.65 -38.54
CA GLY I 119 -26.14 -29.76 -37.65
C GLY I 119 -26.41 -31.20 -37.25
N THR I 120 -26.96 -31.37 -36.05
CA THR I 120 -27.40 -32.68 -35.57
C THR I 120 -28.83 -32.54 -35.09
N THR I 121 -29.76 -33.20 -35.79
CA THR I 121 -31.18 -33.06 -35.49
C THR I 121 -31.51 -33.93 -34.29
N VAL I 122 -32.03 -33.32 -33.23
CA VAL I 122 -32.44 -34.01 -32.01
C VAL I 122 -33.92 -33.77 -31.83
N THR I 123 -34.70 -34.85 -31.93
CA THR I 123 -36.15 -34.82 -31.76
C THR I 123 -36.50 -35.42 -30.40
N VAL I 124 -37.27 -34.68 -29.61
CA VAL I 124 -37.72 -35.13 -28.31
C VAL I 124 -39.24 -35.24 -28.36
N SER I 125 -39.75 -36.46 -28.40
CA SER I 125 -41.18 -36.70 -28.46
C SER I 125 -41.52 -37.93 -27.62
N SER I 126 -42.64 -37.86 -26.92
CA SER I 126 -43.13 -38.96 -26.10
C SER I 126 -43.75 -40.10 -26.90
N ALA I 127 -43.64 -40.07 -28.23
CA ALA I 127 -44.38 -40.99 -29.07
C ALA I 127 -43.56 -42.25 -29.37
N SER I 128 -44.28 -43.36 -29.55
CA SER I 128 -43.70 -44.65 -29.90
C SER I 128 -44.00 -44.96 -31.36
N THR I 129 -43.12 -45.75 -31.98
CA THR I 129 -43.24 -46.06 -33.40
C THR I 129 -44.64 -46.55 -33.72
N LYS I 130 -45.32 -45.82 -34.61
CA LYS I 130 -46.69 -46.13 -35.00
C LYS I 130 -46.81 -46.03 -36.51
N GLY I 131 -47.50 -47.00 -37.11
CA GLY I 131 -47.72 -46.98 -38.54
C GLY I 131 -48.88 -46.09 -38.93
N PRO I 132 -48.91 -45.65 -40.18
CA PRO I 132 -49.95 -44.72 -40.61
C PRO I 132 -51.28 -45.40 -40.90
N SER I 133 -52.35 -44.67 -40.63
CA SER I 133 -53.66 -45.00 -41.15
C SER I 133 -53.86 -44.24 -42.46
N VAL I 134 -54.18 -44.96 -43.52
CA VAL I 134 -54.18 -44.41 -44.87
C VAL I 134 -55.63 -44.34 -45.35
N PHE I 135 -56.05 -43.17 -45.80
CA PHE I 135 -57.43 -42.95 -46.22
C PHE I 135 -57.47 -42.37 -47.63
N PRO I 136 -58.47 -42.73 -48.43
CA PRO I 136 -58.54 -42.20 -49.79
C PRO I 136 -59.16 -40.81 -49.85
N LEU I 137 -58.55 -39.95 -50.64
CA LEU I 137 -59.06 -38.61 -50.92
C LEU I 137 -59.66 -38.64 -52.32
N ALA I 138 -60.99 -38.83 -52.37
CA ALA I 138 -61.70 -39.08 -53.61
C ALA I 138 -61.83 -37.82 -54.46
N PRO I 139 -62.05 -37.97 -55.76
CA PRO I 139 -62.09 -36.80 -56.63
C PRO I 139 -63.43 -36.06 -56.59
N SER I 140 -63.33 -34.75 -56.80
CA SER I 140 -64.50 -33.86 -56.80
C SER I 140 -65.61 -34.42 -57.68
N GLY I 147 -62.31 -32.32 -67.29
CA GLY I 147 -61.03 -32.45 -67.96
C GLY I 147 -60.03 -33.24 -67.14
N THR I 148 -59.80 -32.81 -65.90
CA THR I 148 -58.92 -33.52 -64.98
C THR I 148 -59.51 -33.45 -63.58
N ALA I 149 -58.97 -34.28 -62.69
CA ALA I 149 -59.51 -34.47 -61.36
C ALA I 149 -58.43 -34.24 -60.31
N ALA I 150 -58.88 -34.02 -59.08
CA ALA I 150 -58.02 -34.05 -57.90
C ALA I 150 -58.22 -35.40 -57.21
N LEU I 151 -57.11 -36.01 -56.78
CA LEU I 151 -57.16 -37.41 -56.37
C LEU I 151 -55.94 -37.68 -55.49
N GLY I 152 -56.17 -38.15 -54.26
CA GLY I 152 -55.06 -38.29 -53.35
C GLY I 152 -55.22 -39.33 -52.25
N CYS I 153 -54.28 -39.31 -51.31
CA CYS I 153 -54.30 -40.17 -50.13
C CYS I 153 -53.83 -39.38 -48.92
N LEU I 154 -54.47 -39.66 -47.79
CA LEU I 154 -54.13 -39.09 -46.49
C LEU I 154 -53.40 -40.13 -45.67
N VAL I 155 -52.14 -39.83 -45.34
CA VAL I 155 -51.31 -40.70 -44.51
C VAL I 155 -51.31 -40.08 -43.12
N LYS I 156 -52.17 -40.60 -42.23
CA LYS I 156 -52.50 -39.93 -40.98
C LYS I 156 -51.91 -40.69 -39.80
N ASP I 157 -51.39 -39.92 -38.83
CA ASP I 157 -51.01 -40.44 -37.52
C ASP I 157 -49.96 -41.53 -37.64
N TYR I 158 -48.72 -41.15 -37.90
CA TYR I 158 -47.61 -42.08 -37.92
C TYR I 158 -46.42 -41.46 -37.21
N PHE I 159 -45.45 -42.30 -36.89
CA PHE I 159 -44.23 -41.84 -36.24
C PHE I 159 -43.18 -42.95 -36.25
N PRO I 160 -41.91 -42.61 -36.52
CA PRO I 160 -41.34 -41.30 -36.90
C PRO I 160 -41.28 -41.11 -38.41
N GLU I 161 -40.73 -39.98 -38.85
CA GLU I 161 -40.34 -39.85 -40.25
C GLU I 161 -39.37 -40.97 -40.57
N PRO I 162 -39.26 -41.36 -41.85
CA PRO I 162 -39.99 -40.85 -43.00
C PRO I 162 -41.11 -41.77 -43.42
N VAL I 163 -41.82 -41.40 -44.48
CA VAL I 163 -42.79 -42.26 -45.14
C VAL I 163 -42.74 -41.95 -46.63
N THR I 164 -42.92 -42.98 -47.44
CA THR I 164 -42.85 -42.83 -48.89
C THR I 164 -44.19 -43.14 -49.51
N VAL I 165 -44.50 -42.42 -50.59
CA VAL I 165 -45.74 -42.58 -51.33
C VAL I 165 -45.41 -42.68 -52.82
N SER I 166 -45.96 -43.70 -53.47
CA SER I 166 -45.85 -43.82 -54.92
C SER I 166 -47.21 -44.19 -55.47
N TRP I 167 -47.50 -43.78 -56.70
CA TRP I 167 -48.81 -44.01 -57.30
C TRP I 167 -48.74 -45.09 -58.37
N ASN I 168 -49.71 -45.99 -58.35
CA ASN I 168 -49.75 -47.14 -59.27
C ASN I 168 -48.39 -47.83 -59.35
N SER I 169 -47.75 -47.98 -58.20
CA SER I 169 -46.49 -48.73 -58.09
C SER I 169 -45.38 -48.09 -58.92
N GLY I 170 -45.45 -46.76 -59.09
CA GLY I 170 -44.48 -46.03 -59.86
C GLY I 170 -44.93 -45.70 -61.27
N ALA I 171 -46.03 -46.27 -61.73
CA ALA I 171 -46.51 -45.99 -63.09
C ALA I 171 -46.83 -44.52 -63.26
N LEU I 172 -47.56 -43.93 -62.32
CA LEU I 172 -47.81 -42.51 -62.32
C LEU I 172 -46.70 -41.77 -61.57
N THR I 173 -46.17 -40.74 -62.19
CA THR I 173 -45.04 -40.00 -61.66
C THR I 173 -45.19 -38.52 -61.97
N SER I 174 -45.59 -38.19 -63.20
CA SER I 174 -45.97 -36.82 -63.53
C SER I 174 -47.36 -36.54 -63.01
N GLY I 175 -47.56 -35.32 -62.50
CA GLY I 175 -48.81 -34.94 -61.88
C GLY I 175 -48.93 -35.29 -60.41
N VAL I 176 -47.93 -35.97 -59.84
CA VAL I 176 -47.91 -36.30 -58.42
C VAL I 176 -47.30 -35.14 -57.65
N HIS I 177 -47.99 -34.67 -56.62
CA HIS I 177 -47.42 -33.75 -55.65
C HIS I 177 -47.68 -34.32 -54.27
N THR I 178 -46.60 -34.67 -53.57
CA THR I 178 -46.66 -35.22 -52.22
C THR I 178 -46.15 -34.15 -51.26
N PHE I 179 -47.03 -33.68 -50.38
CA PHE I 179 -46.70 -32.59 -49.48
C PHE I 179 -45.86 -33.10 -48.30
N PRO I 180 -44.99 -32.26 -47.77
CA PRO I 180 -44.25 -32.65 -46.56
C PRO I 180 -45.18 -32.75 -45.36
N ALA I 181 -44.75 -33.54 -44.39
CA ALA I 181 -45.61 -33.89 -43.27
C ALA I 181 -45.74 -32.74 -42.29
N VAL I 182 -46.90 -32.67 -41.65
CA VAL I 182 -47.14 -31.78 -40.53
C VAL I 182 -46.89 -32.56 -39.25
N LEU I 183 -46.14 -31.95 -38.32
CA LEU I 183 -45.99 -32.52 -36.99
C LEU I 183 -47.18 -32.06 -36.17
N GLN I 184 -48.12 -32.97 -35.92
CA GLN I 184 -49.29 -32.61 -35.17
C GLN I 184 -48.83 -32.19 -33.77
N SER I 185 -49.74 -31.59 -33.01
CA SER I 185 -49.44 -31.35 -31.61
C SER I 185 -49.16 -32.66 -30.88
N SER I 186 -49.84 -33.74 -31.28
CA SER I 186 -49.73 -35.04 -30.61
C SER I 186 -48.36 -35.68 -30.74
N GLY I 187 -47.41 -35.06 -31.43
CA GLY I 187 -46.13 -35.69 -31.69
C GLY I 187 -46.16 -36.67 -32.83
N LEU I 188 -47.30 -36.90 -33.45
CA LEU I 188 -47.44 -37.79 -34.60
C LEU I 188 -47.50 -36.97 -35.88
N TYR I 189 -47.12 -37.61 -36.98
CA TYR I 189 -47.07 -36.95 -38.27
C TYR I 189 -48.27 -37.32 -39.13
N SER I 190 -48.55 -36.45 -40.10
CA SER I 190 -49.51 -36.74 -41.15
C SER I 190 -49.09 -36.00 -42.40
N LEU I 191 -49.45 -36.55 -43.55
CA LEU I 191 -49.19 -35.88 -44.82
C LEU I 191 -50.25 -36.32 -45.83
N SER I 192 -50.14 -35.77 -47.03
CA SER I 192 -51.09 -36.05 -48.10
C SER I 192 -50.34 -36.11 -49.42
N SER I 193 -50.88 -36.86 -50.37
CA SER I 193 -50.30 -36.93 -51.71
C SER I 193 -51.42 -36.91 -52.73
N VAL I 194 -51.38 -35.96 -53.65
CA VAL I 194 -52.43 -35.82 -54.64
C VAL I 194 -51.83 -35.97 -56.03
N VAL I 195 -52.64 -36.52 -56.94
CA VAL I 195 -52.25 -36.68 -58.33
C VAL I 195 -53.35 -36.09 -59.21
N THR I 196 -52.96 -35.23 -60.16
CA THR I 196 -53.88 -34.73 -61.16
C THR I 196 -53.97 -35.73 -62.30
N VAL I 197 -55.19 -35.93 -62.80
CA VAL I 197 -55.46 -37.08 -63.67
C VAL I 197 -56.67 -36.76 -64.54
N PRO I 198 -56.80 -37.31 -65.76
CA PRO I 198 -57.94 -36.93 -66.59
C PRO I 198 -59.26 -37.46 -66.02
N SER I 199 -60.27 -36.59 -66.06
CA SER I 199 -61.59 -36.90 -65.52
C SER I 199 -62.25 -38.09 -66.22
N SER I 200 -61.88 -38.37 -67.48
CA SER I 200 -62.57 -39.41 -68.22
C SER I 200 -62.12 -40.80 -67.79
N SER I 201 -60.83 -40.97 -67.50
CA SER I 201 -60.33 -42.26 -67.05
C SER I 201 -61.04 -42.77 -65.81
N LEU I 202 -61.65 -41.88 -65.02
CA LEU I 202 -62.35 -42.31 -63.82
C LEU I 202 -63.42 -43.35 -64.14
N GLY I 203 -63.49 -44.39 -63.31
CA GLY I 203 -64.38 -45.51 -63.52
C GLY I 203 -63.80 -46.58 -64.42
N THR I 204 -62.98 -46.19 -65.38
CA THR I 204 -62.29 -47.14 -66.25
C THR I 204 -60.86 -47.39 -65.79
N GLN I 205 -60.21 -46.39 -65.21
CA GLN I 205 -58.87 -46.57 -64.66
C GLN I 205 -58.91 -46.65 -63.14
N THR I 206 -58.07 -47.53 -62.61
CA THR I 206 -57.97 -47.77 -61.17
C THR I 206 -56.69 -47.11 -60.65
N TYR I 207 -56.84 -46.24 -59.66
CA TYR I 207 -55.72 -45.50 -59.10
C TYR I 207 -55.48 -45.96 -57.67
N ILE I 208 -54.20 -46.19 -57.34
CA ILE I 208 -53.82 -46.73 -56.04
C ILE I 208 -52.63 -45.94 -55.53
N CYS I 209 -52.60 -45.69 -54.23
CA CYS I 209 -51.42 -45.13 -53.59
C CYS I 209 -50.74 -46.20 -52.74
N ASN I 210 -49.41 -46.19 -52.81
CA ASN I 210 -48.54 -47.17 -52.18
C ASN I 210 -47.77 -46.42 -51.10
N VAL I 211 -48.19 -46.62 -49.86
CA VAL I 211 -47.61 -45.96 -48.70
C VAL I 211 -46.70 -46.95 -48.00
N ASN I 212 -45.47 -46.52 -47.70
CA ASN I 212 -44.49 -47.37 -47.04
C ASN I 212 -43.87 -46.61 -45.88
N HIS I 213 -44.09 -47.11 -44.67
CA HIS I 213 -43.50 -46.58 -43.44
C HIS I 213 -42.58 -47.66 -42.90
N LYS I 214 -41.28 -47.54 -43.18
CA LYS I 214 -40.36 -48.63 -42.87
C LYS I 214 -40.08 -48.72 -41.37
N PRO I 215 -40.02 -47.60 -40.64
CA PRO I 215 -39.83 -47.70 -39.18
C PRO I 215 -40.79 -48.68 -38.50
N SER I 216 -42.06 -48.69 -38.88
CA SER I 216 -43.03 -49.66 -38.36
C SER I 216 -43.17 -50.87 -39.27
N ASN I 217 -42.39 -50.95 -40.34
CA ASN I 217 -42.48 -52.05 -41.30
C ASN I 217 -43.91 -52.20 -41.81
N THR I 218 -44.56 -51.07 -42.08
CA THR I 218 -45.93 -51.01 -42.53
C THR I 218 -45.98 -50.66 -44.00
N LYS I 219 -46.77 -51.42 -44.76
CA LYS I 219 -46.93 -51.20 -46.20
C LYS I 219 -48.42 -51.29 -46.53
N VAL I 220 -48.95 -50.23 -47.15
CA VAL I 220 -50.39 -50.11 -47.38
C VAL I 220 -50.61 -49.68 -48.83
N ASP I 221 -51.72 -50.15 -49.40
CA ASP I 221 -52.14 -49.81 -50.76
C ASP I 221 -53.61 -49.41 -50.71
N LYS I 222 -53.97 -48.27 -51.30
CA LYS I 222 -55.37 -47.84 -51.30
C LYS I 222 -55.84 -47.49 -52.71
N ARG I 223 -56.92 -48.15 -53.11
CA ARG I 223 -57.71 -47.70 -54.26
C ARG I 223 -58.44 -46.41 -53.92
N VAL I 224 -58.26 -45.40 -54.77
CA VAL I 224 -58.97 -44.13 -54.64
C VAL I 224 -60.05 -44.10 -55.70
N GLU I 225 -61.30 -44.27 -55.28
CA GLU I 225 -62.44 -44.33 -56.17
C GLU I 225 -63.35 -43.13 -55.94
N PRO I 226 -64.17 -42.75 -56.91
CA PRO I 226 -65.12 -41.66 -56.69
C PRO I 226 -66.20 -42.05 -55.68
N LYS I 227 -66.76 -41.03 -55.04
CA LYS I 227 -67.77 -41.23 -54.00
C LYS I 227 -69.17 -41.34 -54.62
N SER J 1 -16.40 -17.74 29.43
CA SER J 1 -16.45 -17.15 30.77
C SER J 1 -17.62 -17.73 31.56
N VAL J 2 -17.95 -17.08 32.69
CA VAL J 2 -18.95 -17.59 33.62
C VAL J 2 -19.81 -16.44 34.10
N LEU J 3 -21.06 -16.75 34.45
CA LEU J 3 -22.00 -15.80 35.05
C LEU J 3 -22.42 -16.33 36.41
N THR J 4 -22.04 -15.62 37.46
CA THR J 4 -22.36 -16.00 38.83
C THR J 4 -23.74 -15.47 39.19
N GLN J 5 -24.61 -16.37 39.66
CA GLN J 5 -25.99 -16.04 39.95
C GLN J 5 -26.34 -16.78 41.23
N PRO J 6 -26.86 -16.10 42.25
CA PRO J 6 -27.03 -16.74 43.56
C PRO J 6 -28.03 -17.88 43.48
N PRO J 7 -27.71 -19.05 44.03
CA PRO J 7 -28.64 -20.19 43.91
C PRO J 7 -30.05 -19.91 44.41
N SER J 8 -30.19 -19.31 45.58
CA SER J 8 -31.50 -19.13 46.19
C SER J 8 -31.67 -17.70 46.71
N VAL J 9 -32.93 -17.27 46.76
CA VAL J 9 -33.30 -15.95 47.28
C VAL J 9 -34.65 -16.09 47.96
N SER J 10 -34.76 -15.56 49.18
CA SER J 10 -35.99 -15.60 49.96
C SER J 10 -36.55 -14.19 50.11
N VAL J 11 -37.87 -14.06 49.93
CA VAL J 11 -38.52 -12.76 49.93
C VAL J 11 -39.97 -12.94 50.38
N ALA J 12 -40.54 -11.87 51.04
CA ALA J 12 -41.93 -11.81 51.45
C ALA J 12 -42.77 -11.02 50.46
N PRO J 13 -44.07 -11.28 50.36
CA PRO J 13 -44.91 -10.53 49.40
C PRO J 13 -44.84 -9.03 49.64
N GLY J 14 -45.31 -8.28 48.65
CA GLY J 14 -45.31 -6.83 48.72
C GLY J 14 -43.94 -6.19 48.78
N GLN J 15 -42.88 -6.98 48.83
CA GLN J 15 -41.53 -6.49 49.03
C GLN J 15 -40.91 -6.16 47.67
N THR J 16 -39.59 -5.92 47.63
CA THR J 16 -38.86 -5.74 46.38
C THR J 16 -37.81 -6.85 46.29
N ALA J 17 -37.99 -7.74 45.33
CA ALA J 17 -37.05 -8.84 45.13
C ALA J 17 -35.89 -8.38 44.26
N ARG J 18 -34.67 -8.62 44.73
CA ARG J 18 -33.46 -8.16 44.04
C ARG J 18 -32.56 -9.36 43.82
N ILE J 19 -32.12 -9.54 42.57
CA ILE J 19 -31.32 -10.70 42.19
C ILE J 19 -30.09 -10.26 41.40
N THR J 20 -28.99 -10.96 41.62
CA THR J 20 -27.68 -10.62 41.07
C THR J 20 -27.33 -11.51 39.88
N CYS J 21 -26.61 -10.92 38.93
CA CYS J 21 -25.96 -11.64 37.84
C CYS J 21 -24.54 -11.12 37.75
N GLY J 22 -23.58 -11.92 38.23
CA GLY J 22 -22.21 -11.49 38.26
C GLY J 22 -21.43 -11.85 37.00
N GLY J 23 -20.46 -11.02 36.68
CA GLY J 23 -19.64 -11.23 35.51
C GLY J 23 -18.72 -10.06 35.29
N ASN J 24 -17.78 -10.26 34.36
CA ASN J 24 -16.77 -9.25 34.05
C ASN J 24 -17.29 -8.32 32.97
N ASP J 25 -17.13 -7.01 33.19
CA ASP J 25 -17.60 -5.99 32.26
C ASP J 25 -18.99 -6.32 31.73
N ILE J 26 -19.86 -6.83 32.60
CA ILE J 26 -21.22 -7.13 32.19
C ILE J 26 -22.03 -5.86 31.96
N GLY J 27 -21.53 -4.72 32.45
CA GLY J 27 -22.24 -3.46 32.29
C GLY J 27 -22.29 -2.95 30.87
N ARG J 28 -21.38 -3.41 30.02
CA ARG J 28 -21.35 -3.03 28.60
C ARG J 28 -21.92 -4.11 27.70
N LYS J 29 -22.53 -5.16 28.27
CA LYS J 29 -23.03 -6.29 27.50
C LYS J 29 -24.55 -6.39 27.42
N SER J 30 -25.29 -5.62 28.22
CA SER J 30 -26.74 -5.60 28.12
C SER J 30 -27.34 -6.98 28.38
N VAL J 31 -27.81 -7.20 29.61
CA VAL J 31 -28.25 -8.53 30.03
C VAL J 31 -29.71 -8.77 29.62
N HIS J 32 -30.07 -10.04 29.49
CA HIS J 32 -31.47 -10.43 29.34
C HIS J 32 -31.84 -11.43 30.42
N TRP J 33 -33.12 -11.46 30.80
CA TRP J 33 -33.59 -12.27 31.91
C TRP J 33 -34.76 -13.14 31.50
N ASN J 34 -34.75 -14.39 31.97
CA ASN J 34 -35.80 -15.36 31.68
C ASN J 34 -36.40 -15.88 32.98
N GLN J 35 -37.72 -16.04 32.96
CA GLN J 35 -38.47 -16.67 34.04
C GLN J 35 -38.86 -18.08 33.62
N GLN J 36 -38.64 -19.04 34.52
CA GLN J 36 -39.03 -20.43 34.29
C GLN J 36 -39.78 -20.93 35.52
N LYS J 37 -41.07 -21.11 35.39
CA LYS J 37 -41.85 -21.78 36.42
C LYS J 37 -41.71 -23.30 36.25
N PRO J 38 -41.78 -24.06 37.34
CA PRO J 38 -41.59 -25.51 37.22
C PRO J 38 -42.61 -26.14 36.28
N GLY J 39 -42.12 -27.03 35.42
CA GLY J 39 -42.97 -27.71 34.46
C GLY J 39 -43.28 -26.94 33.20
N GLN J 40 -42.79 -25.71 33.07
CA GLN J 40 -43.04 -24.88 31.91
C GLN J 40 -41.73 -24.47 31.25
N ALA J 41 -41.84 -23.92 30.04
CA ALA J 41 -40.68 -23.44 29.31
C ALA J 41 -40.31 -22.03 29.79
N PRO J 42 -39.08 -21.59 29.54
CA PRO J 42 -38.68 -20.23 29.93
C PRO J 42 -39.51 -19.17 29.22
N VAL J 43 -39.48 -17.97 29.78
CA VAL J 43 -40.22 -16.82 29.25
C VAL J 43 -39.38 -15.57 29.45
N LEU J 44 -39.43 -14.67 28.47
CA LEU J 44 -38.70 -13.41 28.55
C LEU J 44 -39.49 -12.39 29.36
N VAL J 45 -38.87 -11.83 30.39
CA VAL J 45 -39.50 -10.86 31.27
C VAL J 45 -38.80 -9.50 31.22
N VAL J 46 -37.47 -9.49 31.24
CA VAL J 46 -36.70 -8.26 31.16
C VAL J 46 -35.71 -8.38 30.00
N CYS J 47 -35.72 -7.38 29.12
CA CYS J 47 -34.79 -7.31 28.00
C CYS J 47 -34.07 -5.97 28.05
N TYR J 48 -32.77 -5.99 27.76
CA TYR J 48 -31.97 -4.78 27.68
C TYR J 48 -31.90 -4.08 29.05
N ASP J 49 -31.69 -4.87 30.10
CA ASP J 49 -31.37 -4.37 31.43
C ASP J 49 -32.59 -3.81 32.15
N SER J 50 -33.37 -2.95 31.49
CA SER J 50 -34.44 -2.21 32.14
C SER J 50 -35.80 -2.36 31.48
N ASP J 51 -35.89 -2.95 30.28
CA ASP J 51 -37.11 -2.87 29.49
C ASP J 51 -37.86 -4.20 29.59
N ARG J 52 -38.99 -4.28 28.87
CA ARG J 52 -39.91 -5.40 28.98
C ARG J 52 -40.52 -5.66 27.61
N PRO J 53 -40.79 -6.92 27.27
CA PRO J 53 -41.67 -7.19 26.13
C PRO J 53 -43.13 -6.95 26.50
N SER J 54 -43.97 -6.88 25.48
CA SER J 54 -45.39 -6.63 25.71
C SER J 54 -46.00 -7.77 26.52
N GLY J 55 -46.81 -7.42 27.52
CA GLY J 55 -47.51 -8.39 28.32
C GLY J 55 -46.93 -8.63 29.70
N ILE J 56 -45.89 -7.92 30.08
CA ILE J 56 -45.18 -8.14 31.35
C ILE J 56 -45.56 -7.01 32.30
N PRO J 57 -45.89 -7.28 33.56
CA PRO J 57 -46.21 -6.19 34.49
C PRO J 57 -45.08 -5.20 34.61
N GLU J 58 -45.43 -3.94 34.87
CA GLU J 58 -44.43 -2.88 34.94
C GLU J 58 -43.49 -3.05 36.13
N ARG J 59 -43.84 -3.89 37.10
CA ARG J 59 -43.02 -4.11 38.28
C ARG J 59 -41.83 -5.04 38.01
N PHE J 60 -41.64 -5.49 36.77
CA PHE J 60 -40.44 -6.21 36.37
C PHE J 60 -39.49 -5.23 35.68
N SER J 61 -38.29 -5.08 36.21
CA SER J 61 -37.28 -4.23 35.57
C SER J 61 -35.91 -4.67 36.09
N GLY J 62 -34.91 -3.82 35.95
CA GLY J 62 -33.60 -4.17 36.43
C GLY J 62 -32.61 -3.05 36.17
N SER J 63 -31.36 -3.34 36.53
CA SER J 63 -30.25 -2.42 36.36
C SER J 63 -29.02 -3.23 35.95
N ASN J 64 -28.03 -2.54 35.39
CA ASN J 64 -26.80 -3.19 34.97
C ASN J 64 -25.65 -2.20 35.07
N SER J 65 -24.56 -2.60 35.72
CA SER J 65 -23.42 -1.68 35.78
C SER J 65 -22.19 -2.40 36.31
N GLY J 66 -21.03 -1.89 35.91
CA GLY J 66 -19.77 -2.40 36.41
C GLY J 66 -19.62 -3.88 36.13
N ASN J 67 -19.46 -4.67 37.19
CA ASN J 67 -19.33 -6.12 37.09
C ASN J 67 -20.55 -6.84 37.63
N THR J 68 -21.66 -6.12 37.80
CA THR J 68 -22.86 -6.71 38.38
C THR J 68 -24.08 -6.20 37.63
N ALA J 69 -24.90 -7.15 37.16
CA ALA J 69 -26.25 -6.87 36.71
C ALA J 69 -27.23 -7.30 37.78
N THR J 70 -28.45 -6.76 37.70
CA THR J 70 -29.45 -7.02 38.73
C THR J 70 -30.84 -7.00 38.11
N LEU J 71 -31.65 -7.99 38.47
CA LEU J 71 -33.06 -8.01 38.14
C LEU J 71 -33.86 -7.60 39.36
N THR J 72 -34.87 -6.75 39.14
CA THR J 72 -35.63 -6.09 40.20
C THR J 72 -37.11 -6.35 39.96
N ILE J 73 -37.76 -6.96 40.95
CA ILE J 73 -39.19 -7.24 40.91
C ILE J 73 -39.84 -6.45 42.04
N SER J 74 -40.51 -5.35 41.69
CA SER J 74 -41.27 -4.61 42.68
C SER J 74 -42.59 -5.32 42.99
N ARG J 75 -43.15 -5.00 44.16
CA ARG J 75 -44.47 -5.48 44.56
C ARG J 75 -44.61 -6.99 44.31
N VAL J 76 -43.72 -7.75 44.96
CA VAL J 76 -43.68 -9.19 44.75
C VAL J 76 -45.04 -9.81 45.02
N GLU J 77 -45.41 -10.78 44.19
CA GLU J 77 -46.59 -11.59 44.38
C GLU J 77 -46.17 -13.05 44.57
N ALA J 78 -47.17 -13.93 44.75
CA ALA J 78 -46.89 -15.35 44.89
C ALA J 78 -46.67 -16.01 43.55
N GLY J 79 -47.40 -15.59 42.52
CA GLY J 79 -47.25 -16.14 41.19
C GLY J 79 -45.89 -15.89 40.56
N ASP J 80 -45.03 -15.17 41.26
CA ASP J 80 -43.68 -14.88 40.80
C ASP J 80 -42.64 -15.86 41.30
N GLU J 81 -43.05 -16.86 42.10
CA GLU J 81 -42.12 -17.87 42.59
C GLU J 81 -41.69 -18.76 41.43
N ALA J 82 -40.41 -18.73 41.10
CA ALA J 82 -39.91 -19.44 39.92
C ALA J 82 -38.39 -19.38 39.93
N ASP J 83 -37.79 -19.93 38.86
CA ASP J 83 -36.35 -19.88 38.66
C ASP J 83 -36.03 -18.81 37.62
N TYR J 84 -35.06 -17.94 37.92
CA TYR J 84 -34.70 -16.85 37.04
C TYR J 84 -33.28 -17.03 36.53
N TYR J 85 -33.09 -16.74 35.24
CA TYR J 85 -31.81 -16.92 34.57
C TYR J 85 -31.42 -15.63 33.85
N CYS J 86 -30.15 -15.25 33.97
CA CYS J 86 -29.61 -14.13 33.20
C CYS J 86 -28.75 -14.68 32.07
N GLN J 87 -28.76 -13.96 30.94
CA GLN J 87 -28.06 -14.40 29.74
C GLN J 87 -27.37 -13.21 29.08
N VAL J 88 -26.16 -13.44 28.59
CA VAL J 88 -25.38 -12.46 27.84
C VAL J 88 -24.75 -13.17 26.64
N TRP J 89 -24.26 -12.38 25.70
CA TRP J 89 -23.52 -12.91 24.55
C TRP J 89 -22.08 -12.43 24.61
N ASP J 90 -21.17 -13.38 24.80
CA ASP J 90 -19.73 -13.10 24.81
C ASP J 90 -19.22 -13.14 23.37
N SER J 91 -18.78 -11.97 22.89
CA SER J 91 -18.30 -11.86 21.51
C SER J 91 -16.94 -12.52 21.34
N SER J 92 -16.14 -12.59 22.40
CA SER J 92 -14.83 -13.21 22.31
C SER J 92 -14.95 -14.64 21.76
N SER J 93 -15.64 -15.50 22.51
CA SER J 93 -15.88 -16.87 22.09
C SER J 93 -17.12 -17.01 21.22
N ASP J 94 -17.90 -15.93 21.06
CA ASP J 94 -19.10 -15.96 20.23
C ASP J 94 -20.13 -16.93 20.80
N HIS J 95 -20.29 -16.91 22.12
CA HIS J 95 -21.18 -17.81 22.82
C HIS J 95 -22.31 -17.05 23.50
N VAL J 96 -23.42 -17.76 23.75
CA VAL J 96 -24.49 -17.28 24.62
C VAL J 96 -24.32 -17.98 25.95
N ILE J 97 -24.17 -17.21 27.02
CA ILE J 97 -23.90 -17.74 28.35
C ILE J 97 -25.07 -17.43 29.26
N PHE J 98 -25.44 -18.40 30.09
CA PHE J 98 -26.45 -18.27 31.12
C PHE J 98 -25.79 -18.28 32.50
N GLY J 99 -26.51 -17.75 33.48
CA GLY J 99 -26.14 -17.94 34.86
C GLY J 99 -26.65 -19.25 35.40
N GLY J 100 -26.10 -19.64 36.56
CA GLY J 100 -26.54 -20.87 37.20
C GLY J 100 -28.03 -20.89 37.52
N GLY J 101 -28.67 -19.73 37.54
CA GLY J 101 -30.08 -19.64 37.88
C GLY J 101 -30.29 -19.36 39.36
N THR J 102 -31.48 -18.83 39.66
CA THR J 102 -31.83 -18.54 41.05
C THR J 102 -33.25 -19.00 41.34
N LYS J 103 -33.42 -19.67 42.47
CA LYS J 103 -34.73 -20.08 42.95
C LYS J 103 -35.29 -18.96 43.82
N LEU J 104 -36.30 -18.25 43.32
CA LEU J 104 -36.97 -17.20 44.09
C LEU J 104 -38.06 -17.84 44.93
N THR J 105 -37.86 -17.89 46.25
CA THR J 105 -38.84 -18.44 47.18
C THR J 105 -39.65 -17.29 47.76
N VAL J 106 -40.96 -17.29 47.49
CA VAL J 106 -41.87 -16.31 48.07
C VAL J 106 -42.51 -16.94 49.30
N LEU J 107 -42.30 -16.31 50.46
CA LEU J 107 -42.79 -16.85 51.73
C LEU J 107 -44.22 -16.37 51.91
N GLY J 108 -45.17 -17.22 51.51
CA GLY J 108 -46.58 -16.87 51.57
C GLY J 108 -47.42 -17.72 52.49
N GLN J 109 -46.82 -18.35 53.50
CA GLN J 109 -47.58 -19.14 54.46
C GLN J 109 -46.64 -19.60 55.57
N PRO J 110 -47.18 -19.99 56.71
CA PRO J 110 -46.34 -20.32 57.87
C PRO J 110 -45.57 -21.61 57.68
N LYS J 111 -44.67 -21.85 58.63
CA LYS J 111 -43.91 -23.09 58.69
C LYS J 111 -44.83 -24.26 59.04
N ALA J 112 -44.54 -25.42 58.48
CA ALA J 112 -45.31 -26.63 58.72
C ALA J 112 -44.37 -27.81 58.93
N ALA J 113 -44.68 -28.64 59.95
CA ALA J 113 -43.86 -29.81 60.23
C ALA J 113 -44.35 -31.00 59.41
N PRO J 114 -43.45 -31.90 58.99
CA PRO J 114 -43.86 -33.00 58.12
C PRO J 114 -44.61 -34.10 58.86
N SER J 115 -45.62 -34.65 58.18
CA SER J 115 -46.24 -35.90 58.59
C SER J 115 -45.51 -37.05 57.92
N VAL J 116 -45.24 -38.10 58.70
CA VAL J 116 -44.43 -39.23 58.25
C VAL J 116 -45.19 -40.51 58.52
N THR J 117 -45.35 -41.35 57.50
CA THR J 117 -45.96 -42.66 57.63
C THR J 117 -45.01 -43.70 57.07
N LEU J 118 -44.71 -44.73 57.87
CA LEU J 118 -43.69 -45.71 57.53
C LEU J 118 -44.30 -47.10 57.45
N PHE J 119 -44.03 -47.80 56.33
CA PHE J 119 -44.56 -49.12 56.04
C PHE J 119 -43.46 -50.18 56.04
N PRO J 120 -43.73 -51.34 56.67
CA PRO J 120 -42.78 -52.46 56.62
C PRO J 120 -42.80 -53.14 55.27
N PRO J 121 -41.89 -54.09 55.03
CA PRO J 121 -42.02 -54.95 53.85
C PRO J 121 -43.28 -55.79 53.93
N SER J 122 -43.91 -55.99 52.77
CA SER J 122 -45.12 -56.80 52.68
C SER J 122 -44.77 -58.29 52.74
N SER J 123 -45.80 -59.10 52.97
CA SER J 123 -45.61 -60.55 52.97
C SER J 123 -45.24 -61.04 51.58
N GLU J 124 -45.83 -60.47 50.53
CA GLU J 124 -45.45 -60.85 49.17
C GLU J 124 -43.99 -60.53 48.88
N GLU J 125 -43.58 -59.29 49.16
CA GLU J 125 -42.22 -58.87 48.83
C GLU J 125 -41.19 -59.76 49.53
N LEU J 126 -41.41 -60.04 50.81
CA LEU J 126 -40.53 -60.97 51.53
C LEU J 126 -40.61 -62.36 50.93
N GLN J 127 -41.81 -62.78 50.53
CA GLN J 127 -42.01 -64.12 49.99
C GLN J 127 -41.31 -64.30 48.65
N ALA J 128 -40.95 -63.21 47.98
CA ALA J 128 -40.12 -63.25 46.78
C ALA J 128 -38.66 -62.95 47.10
N ASN J 129 -38.27 -63.03 48.37
CA ASN J 129 -36.88 -62.85 48.79
C ASN J 129 -36.39 -61.43 48.51
N LYS J 130 -37.22 -60.44 48.85
CA LYS J 130 -36.83 -59.05 48.80
C LYS J 130 -37.55 -58.30 49.94
N ALA J 131 -37.01 -57.15 50.32
CA ALA J 131 -37.66 -56.32 51.33
C ALA J 131 -37.42 -54.85 51.03
N THR J 132 -38.46 -54.05 51.23
CA THR J 132 -38.38 -52.59 51.04
C THR J 132 -39.19 -51.91 52.13
N LEU J 133 -38.61 -50.89 52.74
CA LEU J 133 -39.27 -50.08 53.75
C LEU J 133 -39.66 -48.75 53.13
N VAL J 134 -40.90 -48.32 53.36
CA VAL J 134 -41.47 -47.19 52.64
C VAL J 134 -41.73 -46.05 53.64
N CYS J 135 -40.95 -44.98 53.54
CA CYS J 135 -41.12 -43.81 54.40
C CYS J 135 -41.73 -42.69 53.57
N LEU J 136 -42.94 -42.28 53.95
CA LEU J 136 -43.72 -41.30 53.18
C LEU J 136 -43.85 -40.01 53.98
N ILE J 137 -43.54 -38.89 53.32
CA ILE J 137 -43.37 -37.59 53.96
C ILE J 137 -44.28 -36.59 53.26
N SER J 138 -45.09 -35.87 54.04
CA SER J 138 -46.07 -34.96 53.45
C SER J 138 -46.23 -33.72 54.33
N ASP J 139 -46.80 -32.67 53.72
CA ASP J 139 -47.35 -31.52 54.45
C ASP J 139 -46.29 -30.77 55.25
N PHE J 140 -45.23 -30.34 54.56
CA PHE J 140 -44.23 -29.47 55.15
C PHE J 140 -43.93 -28.32 54.20
N TYR J 141 -43.63 -27.15 54.77
CA TYR J 141 -43.26 -26.00 53.97
C TYR J 141 -41.79 -25.64 54.28
N PRO J 142 -41.25 -24.56 53.73
CA PRO J 142 -40.00 -24.73 52.99
C PRO J 142 -39.80 -26.17 52.49
N GLY J 143 -39.79 -26.34 51.18
CA GLY J 143 -39.59 -27.65 50.60
C GLY J 143 -38.17 -28.15 50.75
N ALA J 144 -37.70 -28.20 51.99
CA ALA J 144 -36.33 -28.61 52.32
C ALA J 144 -36.41 -29.57 53.49
N VAL J 145 -36.03 -30.82 53.27
CA VAL J 145 -36.08 -31.84 54.32
C VAL J 145 -34.92 -32.80 54.13
N THR J 146 -34.47 -33.38 55.23
CA THR J 146 -33.38 -34.36 55.22
C THR J 146 -33.87 -35.65 55.87
N VAL J 147 -33.62 -36.77 55.22
CA VAL J 147 -34.06 -38.08 55.70
C VAL J 147 -32.84 -38.91 56.08
N ALA J 148 -32.98 -39.68 57.15
CA ALA J 148 -31.90 -40.51 57.69
C ALA J 148 -32.51 -41.79 58.25
N TRP J 149 -32.03 -42.92 57.76
CA TRP J 149 -32.51 -44.23 58.19
C TRP J 149 -31.61 -44.79 59.27
N LYS J 150 -32.19 -45.62 60.14
CA LYS J 150 -31.43 -46.23 61.23
C LYS J 150 -31.92 -47.64 61.49
N ALA J 151 -30.97 -48.54 61.72
CA ALA J 151 -31.23 -49.94 62.06
C ALA J 151 -30.74 -50.17 63.49
N ASP J 152 -31.66 -50.07 64.46
CA ASP J 152 -31.31 -50.19 65.87
C ASP J 152 -30.31 -49.09 66.26
N SER J 153 -30.68 -47.85 65.97
CA SER J 153 -29.92 -46.65 66.33
C SER J 153 -28.70 -46.45 65.45
N SER J 154 -28.27 -47.48 64.73
CA SER J 154 -27.10 -47.39 63.86
C SER J 154 -27.54 -46.93 62.47
N PRO J 155 -27.08 -45.78 61.98
CA PRO J 155 -27.59 -45.26 60.71
C PRO J 155 -27.32 -46.21 59.56
N VAL J 156 -27.96 -45.94 58.43
CA VAL J 156 -27.89 -46.81 57.26
C VAL J 156 -27.90 -45.91 56.03
N LYS J 157 -26.83 -45.97 55.23
CA LYS J 157 -26.74 -45.16 54.01
C LYS J 157 -26.89 -45.95 52.73
N ALA J 158 -26.38 -47.17 52.66
CA ALA J 158 -26.44 -47.93 51.42
C ALA J 158 -27.83 -48.55 51.24
N GLY J 159 -28.26 -48.61 49.98
CA GLY J 159 -29.56 -49.16 49.66
C GLY J 159 -30.72 -48.23 49.98
N VAL J 160 -30.48 -46.92 49.99
CA VAL J 160 -31.47 -45.93 50.41
C VAL J 160 -31.66 -44.95 49.27
N GLU J 161 -32.85 -44.93 48.69
CA GLU J 161 -33.18 -44.07 47.56
C GLU J 161 -34.24 -43.06 48.00
N THR J 162 -33.90 -41.77 47.96
CA THR J 162 -34.78 -40.71 48.42
C THR J 162 -35.07 -39.74 47.29
N THR J 163 -36.29 -39.23 47.27
CA THR J 163 -36.75 -38.28 46.25
C THR J 163 -36.42 -36.85 46.65
N THR J 164 -36.72 -35.93 45.74
CA THR J 164 -36.72 -34.51 46.04
C THR J 164 -38.13 -34.05 46.36
N PRO J 165 -38.30 -32.98 47.12
CA PRO J 165 -39.64 -32.56 47.51
C PRO J 165 -40.41 -31.94 46.35
N SER J 166 -41.73 -32.11 46.39
CA SER J 166 -42.61 -31.65 45.33
C SER J 166 -43.85 -31.02 45.94
N LYS J 167 -44.31 -29.93 45.34
CA LYS J 167 -45.57 -29.33 45.77
C LYS J 167 -46.72 -30.31 45.61
N GLN J 168 -47.67 -30.20 46.53
CA GLN J 168 -48.92 -30.94 46.48
C GLN J 168 -50.08 -29.94 46.46
N SER J 169 -51.30 -30.47 46.39
CA SER J 169 -52.48 -29.64 46.14
C SER J 169 -52.50 -28.40 47.03
N ASN J 170 -52.07 -28.55 48.29
CA ASN J 170 -52.22 -27.51 49.30
C ASN J 170 -51.00 -26.58 49.40
N ASN J 171 -50.14 -26.57 48.38
CA ASN J 171 -48.94 -25.75 48.30
C ASN J 171 -47.88 -26.11 49.34
N LYS J 172 -48.09 -27.10 50.19
CA LYS J 172 -47.02 -27.64 50.99
C LYS J 172 -46.24 -28.65 50.14
N TYR J 173 -45.19 -29.23 50.72
CA TYR J 173 -44.32 -30.14 49.99
C TYR J 173 -44.41 -31.54 50.57
N ALA J 174 -43.86 -32.49 49.81
CA ALA J 174 -43.91 -33.90 50.14
C ALA J 174 -42.78 -34.62 49.43
N ALA J 175 -42.27 -35.65 50.08
CA ALA J 175 -41.19 -36.46 49.54
C ALA J 175 -41.36 -37.88 50.05
N SER J 176 -40.52 -38.79 49.56
CA SER J 176 -40.57 -40.17 49.99
C SER J 176 -39.19 -40.78 49.91
N SER J 177 -38.90 -41.70 50.83
CA SER J 177 -37.62 -42.38 50.88
C SER J 177 -37.85 -43.87 51.06
N TYR J 178 -37.20 -44.66 50.22
CA TYR J 178 -37.31 -46.12 50.21
C TYR J 178 -35.99 -46.72 50.68
N LEU J 179 -36.07 -47.74 51.54
CA LEU J 179 -34.88 -48.43 52.02
C LEU J 179 -35.01 -49.90 51.64
N SER J 180 -34.25 -50.31 50.62
CA SER J 180 -34.24 -51.68 50.16
C SER J 180 -33.23 -52.50 50.96
N LEU J 181 -33.59 -53.75 51.24
CA LEU J 181 -32.68 -54.68 51.90
C LEU J 181 -33.28 -56.08 51.87
N THR J 182 -32.49 -57.04 52.35
CA THR J 182 -32.82 -58.45 52.31
C THR J 182 -33.70 -58.85 53.48
N PRO J 183 -34.44 -59.96 53.36
CA PRO J 183 -35.20 -60.46 54.52
C PRO J 183 -34.32 -60.76 55.72
N GLU J 184 -33.12 -61.28 55.49
CA GLU J 184 -32.21 -61.60 56.60
C GLU J 184 -31.86 -60.35 57.39
N GLN J 185 -31.50 -59.27 56.69
CA GLN J 185 -31.29 -57.99 57.37
C GLN J 185 -32.56 -57.54 58.06
N TRP J 186 -33.72 -57.76 57.43
CA TRP J 186 -34.99 -57.34 58.02
C TRP J 186 -35.22 -57.99 59.38
N LYS J 187 -34.86 -59.27 59.52
CA LYS J 187 -35.07 -59.98 60.79
C LYS J 187 -33.87 -59.92 61.72
N SER J 188 -32.77 -59.31 61.32
CA SER J 188 -31.58 -59.20 62.18
C SER J 188 -31.65 -58.03 63.14
N HIS J 189 -32.73 -57.25 63.10
CA HIS J 189 -32.93 -56.10 63.96
C HIS J 189 -34.40 -56.12 64.35
N ARG J 190 -34.74 -55.78 65.60
CA ARG J 190 -36.16 -55.82 65.89
C ARG J 190 -36.90 -54.63 65.30
N SER J 191 -36.21 -53.60 64.83
CA SER J 191 -36.91 -52.45 64.28
C SER J 191 -35.98 -51.61 63.42
N TYR J 192 -36.59 -50.87 62.50
CA TYR J 192 -35.94 -49.84 61.71
C TYR J 192 -36.67 -48.52 61.93
N SER J 193 -35.97 -47.42 61.69
CA SER J 193 -36.53 -46.09 61.94
C SER J 193 -36.22 -45.17 60.78
N CYS J 194 -37.18 -44.30 60.48
CA CYS J 194 -37.06 -43.22 59.51
C CYS J 194 -37.09 -41.91 60.28
N GLN J 195 -36.05 -41.09 60.09
CA GLN J 195 -35.92 -39.79 60.74
C GLN J 195 -35.97 -38.69 59.68
N VAL J 196 -36.92 -37.78 59.82
CA VAL J 196 -37.16 -36.71 58.86
C VAL J 196 -36.92 -35.40 59.60
N THR J 197 -35.87 -34.69 59.21
CA THR J 197 -35.48 -33.42 59.83
C THR J 197 -35.91 -32.28 58.92
N HIS J 198 -36.61 -31.32 59.52
CA HIS J 198 -37.20 -30.19 58.81
C HIS J 198 -37.01 -28.94 59.64
N GLU J 199 -36.22 -27.99 59.11
CA GLU J 199 -35.95 -26.73 59.81
C GLU J 199 -35.54 -26.98 61.25
N GLY J 200 -34.74 -28.03 61.47
CA GLY J 200 -34.25 -28.38 62.78
C GLY J 200 -35.10 -29.39 63.52
N SER J 201 -36.41 -29.35 63.34
CA SER J 201 -37.31 -30.26 64.06
C SER J 201 -37.26 -31.63 63.41
N THR J 202 -36.93 -32.65 64.19
CA THR J 202 -36.84 -34.03 63.70
C THR J 202 -38.06 -34.83 64.14
N VAL J 203 -38.68 -35.50 63.17
CA VAL J 203 -39.81 -36.40 63.42
C VAL J 203 -39.35 -37.80 63.03
N GLU J 204 -39.84 -38.80 63.77
CA GLU J 204 -39.34 -40.17 63.59
C GLU J 204 -40.50 -41.15 63.59
N LYS J 205 -40.28 -42.27 62.88
CA LYS J 205 -41.22 -43.39 62.92
C LYS J 205 -40.46 -44.70 62.83
N THR J 206 -40.87 -45.66 63.66
CA THR J 206 -40.24 -46.97 63.71
C THR J 206 -41.21 -48.07 63.31
N VAL J 207 -40.63 -49.19 62.90
CA VAL J 207 -41.38 -50.37 62.48
C VAL J 207 -40.59 -51.61 62.88
N ALA J 208 -41.31 -52.67 63.24
CA ALA J 208 -40.70 -53.89 63.73
C ALA J 208 -41.29 -55.10 63.02
N PRO J 209 -40.51 -56.17 62.82
CA PRO J 209 -41.06 -57.39 62.24
C PRO J 209 -42.14 -58.01 63.13
N THR J 210 -42.86 -58.96 62.56
CA THR J 210 -43.88 -59.70 63.31
C THR J 210 -43.89 -61.17 62.88
N SER K 1 18.88 -30.54 -10.67
CA SER K 1 20.25 -30.44 -11.13
C SER K 1 20.97 -31.78 -10.98
N VAL K 2 22.30 -31.77 -11.12
CA VAL K 2 23.10 -32.98 -11.12
C VAL K 2 24.37 -32.75 -10.30
N LEU K 3 24.88 -33.84 -9.73
CA LEU K 3 26.14 -33.84 -9.00
C LEU K 3 27.09 -34.80 -9.68
N THR K 4 28.18 -34.27 -10.24
CA THR K 4 29.17 -35.07 -10.93
C THR K 4 30.17 -35.64 -9.93
N GLN K 5 30.35 -36.95 -9.96
CA GLN K 5 31.18 -37.64 -8.99
C GLN K 5 31.95 -38.70 -9.77
N PRO K 6 33.28 -38.75 -9.65
CA PRO K 6 34.06 -39.63 -10.52
C PRO K 6 33.74 -41.09 -10.25
N PRO K 7 33.49 -41.89 -11.29
CA PRO K 7 33.10 -43.30 -11.05
C PRO K 7 34.09 -44.09 -10.20
N SER K 8 35.38 -44.00 -10.49
CA SER K 8 36.37 -44.83 -9.81
C SER K 8 37.57 -44.00 -9.38
N VAL K 9 38.21 -44.46 -8.30
CA VAL K 9 39.42 -43.83 -7.77
C VAL K 9 40.31 -44.92 -7.20
N SER K 10 41.59 -44.89 -7.57
CA SER K 10 42.57 -45.86 -7.10
C SER K 10 43.60 -45.16 -6.21
N VAL K 11 43.95 -45.82 -5.09
CA VAL K 11 44.83 -45.25 -4.09
C VAL K 11 45.54 -46.38 -3.38
N ALA K 12 46.81 -46.10 -2.90
CA ALA K 12 47.59 -47.03 -2.10
C ALA K 12 47.47 -46.73 -0.62
N PRO K 13 47.67 -47.72 0.25
CA PRO K 13 47.54 -47.47 1.69
C PRO K 13 48.47 -46.36 2.15
N GLY K 14 48.20 -45.86 3.36
CA GLY K 14 48.99 -44.79 3.94
C GLY K 14 48.93 -43.48 3.19
N GLN K 15 48.24 -43.43 2.06
CA GLN K 15 48.22 -42.27 1.17
C GLN K 15 47.12 -41.31 1.65
N THR K 16 46.80 -40.30 0.84
CA THR K 16 45.67 -39.42 1.10
C THR K 16 44.71 -39.55 -0.07
N ALA K 17 43.54 -40.12 0.18
CA ALA K 17 42.53 -40.32 -0.86
C ALA K 17 41.69 -39.05 -0.99
N ARG K 18 41.55 -38.56 -2.22
CA ARG K 18 40.84 -37.33 -2.49
C ARG K 18 39.76 -37.59 -3.52
N ILE K 19 38.54 -37.19 -3.22
CA ILE K 19 37.39 -37.47 -4.09
C ILE K 19 36.60 -36.19 -4.33
N THR K 20 36.08 -36.06 -5.55
CA THR K 20 35.42 -34.86 -6.03
C THR K 20 33.90 -35.04 -6.03
N CYS K 21 33.21 -33.94 -5.76
CA CYS K 21 31.76 -33.83 -5.95
C CYS K 21 31.52 -32.52 -6.69
N GLY K 22 31.20 -32.63 -7.98
CA GLY K 22 31.00 -31.45 -8.80
C GLY K 22 29.57 -30.98 -8.82
N GLY K 23 29.41 -29.67 -8.98
CA GLY K 23 28.09 -29.06 -9.02
C GLY K 23 28.22 -27.56 -9.05
N ASN K 24 27.08 -26.92 -9.31
CA ASN K 24 27.03 -25.47 -9.45
C ASN K 24 26.79 -24.84 -8.08
N ASP K 25 27.59 -23.81 -7.76
CA ASP K 25 27.51 -23.11 -6.49
C ASP K 25 27.33 -24.08 -5.33
N ILE K 26 28.04 -25.21 -5.38
CA ILE K 26 27.99 -26.18 -4.30
C ILE K 26 28.70 -25.67 -3.05
N GLY K 27 29.51 -24.62 -3.18
CA GLY K 27 30.23 -24.08 -2.04
C GLY K 27 29.36 -23.41 -1.01
N ARG K 28 28.15 -22.98 -1.39
CA ARG K 28 27.22 -22.36 -0.47
C ARG K 28 26.11 -23.31 -0.02
N LYS K 29 26.23 -24.60 -0.33
CA LYS K 29 25.18 -25.57 -0.03
C LYS K 29 25.55 -26.56 1.07
N SER K 30 26.81 -26.63 1.49
CA SER K 30 27.19 -27.49 2.61
C SER K 30 26.89 -28.96 2.31
N VAL K 31 27.90 -29.69 1.85
CA VAL K 31 27.72 -31.07 1.37
C VAL K 31 27.74 -32.05 2.54
N HIS K 32 27.11 -33.21 2.33
CA HIS K 32 27.25 -34.34 3.24
C HIS K 32 27.74 -35.56 2.48
N TRP K 33 28.43 -36.46 3.18
CA TRP K 33 29.07 -37.62 2.56
C TRP K 33 28.64 -38.92 3.26
N ASN K 34 28.39 -39.94 2.44
CA ASN K 34 27.98 -41.25 2.92
C ASN K 34 28.95 -42.32 2.44
N GLN K 35 29.26 -43.27 3.33
CA GLN K 35 30.04 -44.45 3.01
C GLN K 35 29.10 -45.65 2.89
N GLN K 36 29.28 -46.44 1.83
CA GLN K 36 28.51 -47.66 1.63
C GLN K 36 29.47 -48.78 1.28
N LYS K 37 29.67 -49.70 2.21
CA LYS K 37 30.40 -50.93 1.92
C LYS K 37 29.45 -51.94 1.26
N PRO K 38 29.98 -52.81 0.40
CA PRO K 38 29.10 -53.73 -0.33
C PRO K 38 28.29 -54.60 0.63
N GLY K 39 26.99 -54.72 0.33
CA GLY K 39 26.09 -55.53 1.12
C GLY K 39 25.55 -54.86 2.37
N GLN K 40 25.96 -53.63 2.67
CA GLN K 40 25.52 -52.92 3.86
C GLN K 40 24.85 -51.62 3.47
N ALA K 41 24.19 -51.01 4.44
CA ALA K 41 23.53 -49.74 4.21
C ALA K 41 24.52 -48.59 4.30
N PRO K 42 24.19 -47.42 3.73
CA PRO K 42 25.09 -46.28 3.82
C PRO K 42 25.31 -45.85 5.26
N VAL K 43 26.37 -45.06 5.46
CA VAL K 43 26.76 -44.56 6.77
C VAL K 43 27.28 -43.14 6.60
N LEU K 44 26.95 -42.29 7.56
CA LEU K 44 27.41 -40.91 7.53
C LEU K 44 28.83 -40.83 8.08
N VAL K 45 29.75 -40.25 7.29
CA VAL K 45 31.14 -40.15 7.67
C VAL K 45 31.59 -38.70 7.79
N VAL K 46 31.19 -37.85 6.86
CA VAL K 46 31.52 -36.43 6.89
C VAL K 46 30.22 -35.64 6.77
N CYS K 47 30.02 -34.70 7.68
CA CYS K 47 28.86 -33.82 7.66
C CYS K 47 29.33 -32.38 7.68
N TYR K 48 28.66 -31.53 6.90
CA TYR K 48 28.96 -30.09 6.88
C TYR K 48 30.39 -29.84 6.38
N ASP K 49 30.75 -30.52 5.29
CA ASP K 49 31.97 -30.26 4.53
C ASP K 49 33.22 -30.79 5.23
N SER K 50 33.38 -30.48 6.51
CA SER K 50 34.63 -30.76 7.22
C SER K 50 34.48 -31.56 8.50
N ASP K 51 33.26 -31.77 9.00
CA ASP K 51 33.06 -32.27 10.34
C ASP K 51 32.69 -33.76 10.29
N ARG K 52 32.43 -34.34 11.46
CA ARG K 52 32.24 -35.78 11.60
C ARG K 52 31.20 -36.03 12.67
N PRO K 53 30.37 -37.07 12.52
CA PRO K 53 29.59 -37.56 13.66
C PRO K 53 30.49 -38.37 14.60
N SER K 54 29.97 -38.62 15.80
CA SER K 54 30.74 -39.38 16.78
C SER K 54 31.00 -40.78 16.27
N GLY K 55 32.23 -41.24 16.44
CA GLY K 55 32.61 -42.60 16.08
C GLY K 55 33.38 -42.73 14.79
N ILE K 56 33.71 -41.63 14.13
CA ILE K 56 34.40 -41.67 12.84
C ILE K 56 35.86 -41.27 13.07
N PRO K 57 36.83 -41.98 12.50
CA PRO K 57 38.22 -41.58 12.70
C PRO K 57 38.47 -40.15 12.25
N GLU K 58 39.44 -39.50 12.92
CA GLU K 58 39.73 -38.11 12.63
C GLU K 58 40.29 -37.90 11.23
N ARG K 59 40.74 -38.97 10.59
CA ARG K 59 41.32 -38.92 9.26
C ARG K 59 40.27 -38.80 8.16
N PHE K 60 38.99 -38.71 8.50
CA PHE K 60 37.93 -38.39 7.57
C PHE K 60 37.60 -36.91 7.69
N SER K 61 37.72 -36.17 6.58
CA SER K 61 37.34 -34.77 6.59
C SER K 61 37.07 -34.35 5.14
N GLY K 62 37.09 -33.06 4.86
CA GLY K 62 36.86 -32.61 3.50
C GLY K 62 36.90 -31.10 3.42
N SER K 63 36.64 -30.62 2.20
CA SER K 63 36.59 -29.19 1.90
C SER K 63 35.49 -28.94 0.89
N ASN K 64 35.06 -27.69 0.79
CA ASN K 64 34.02 -27.31 -0.15
C ASN K 64 34.25 -25.88 -0.59
N SER K 65 34.25 -25.64 -1.90
CA SER K 65 34.43 -24.26 -2.36
C SER K 65 34.11 -24.16 -3.85
N GLY K 66 33.72 -22.96 -4.25
CA GLY K 66 33.47 -22.68 -5.65
C GLY K 66 32.40 -23.59 -6.21
N ASN K 67 32.76 -24.35 -7.23
CA ASN K 67 31.85 -25.30 -7.87
C ASN K 67 32.26 -26.74 -7.58
N THR K 68 33.13 -26.96 -6.59
CA THR K 68 33.64 -28.30 -6.30
C THR K 68 33.72 -28.52 -4.80
N ALA K 69 33.13 -29.62 -4.36
CA ALA K 69 33.36 -30.15 -3.03
C ALA K 69 34.31 -31.33 -3.11
N THR K 70 34.92 -31.66 -1.97
CA THR K 70 35.93 -32.72 -1.93
C THR K 70 35.89 -33.43 -0.59
N LEU K 71 35.91 -34.75 -0.63
CA LEU K 71 36.10 -35.56 0.56
C LEU K 71 37.55 -36.04 0.62
N THR K 72 38.13 -35.97 1.82
CA THR K 72 39.55 -36.20 2.05
C THR K 72 39.69 -37.26 3.12
N ILE K 73 40.35 -38.36 2.78
CA ILE K 73 40.61 -39.45 3.71
C ILE K 73 42.12 -39.53 3.87
N SER K 74 42.62 -39.03 5.01
CA SER K 74 44.03 -39.17 5.32
C SER K 74 44.33 -40.59 5.81
N ARG K 75 45.59 -40.98 5.71
CA ARG K 75 46.07 -42.25 6.25
C ARG K 75 45.15 -43.40 5.85
N VAL K 76 44.98 -43.57 4.53
CA VAL K 76 44.06 -44.56 4.01
C VAL K 76 44.38 -45.93 4.57
N GLU K 77 43.34 -46.69 4.89
CA GLU K 77 43.45 -48.08 5.30
C GLU K 77 42.75 -48.97 4.26
N ALA K 78 42.77 -50.28 4.50
CA ALA K 78 42.08 -51.21 3.61
C ALA K 78 40.59 -51.25 3.90
N GLY K 79 40.21 -51.15 5.18
CA GLY K 79 38.81 -51.15 5.57
C GLY K 79 38.03 -49.97 5.05
N ASP K 80 38.71 -49.06 4.35
CA ASP K 80 38.08 -47.88 3.77
C ASP K 80 37.65 -48.10 2.33
N GLU K 81 37.88 -49.29 1.79
CA GLU K 81 37.46 -49.60 0.42
C GLU K 81 35.94 -49.72 0.38
N ALA K 82 35.29 -48.84 -0.37
CA ALA K 82 33.83 -48.78 -0.37
C ALA K 82 33.38 -47.81 -1.46
N ASP K 83 32.07 -47.61 -1.54
CA ASP K 83 31.46 -46.63 -2.44
C ASP K 83 31.09 -45.39 -1.64
N TYR K 84 31.47 -44.22 -2.14
CA TYR K 84 31.22 -42.96 -1.45
C TYR K 84 30.24 -42.11 -2.26
N TYR K 85 29.30 -41.48 -1.56
CA TYR K 85 28.27 -40.66 -2.19
C TYR K 85 28.22 -39.28 -1.54
N CYS K 86 28.13 -38.25 -2.36
CA CYS K 86 27.92 -36.90 -1.85
C CYS K 86 26.46 -36.50 -2.08
N GLN K 87 25.94 -35.70 -1.14
CA GLN K 87 24.53 -35.33 -1.15
C GLN K 87 24.38 -33.86 -0.77
N VAL K 88 23.47 -33.19 -1.47
CA VAL K 88 23.12 -31.80 -1.19
C VAL K 88 21.61 -31.66 -1.28
N TRP K 89 21.09 -30.53 -0.80
CA TRP K 89 19.68 -30.20 -0.91
C TRP K 89 19.52 -28.98 -1.80
N ASP K 90 18.90 -29.18 -2.97
CA ASP K 90 18.60 -28.10 -3.90
C ASP K 90 17.29 -27.45 -3.49
N SER K 91 17.36 -26.19 -3.05
CA SER K 91 16.18 -25.47 -2.59
C SER K 91 15.28 -25.07 -3.75
N SER K 92 15.85 -24.89 -4.95
CA SER K 92 15.05 -24.51 -6.11
C SER K 92 13.92 -25.51 -6.33
N SER K 93 14.27 -26.77 -6.60
CA SER K 93 13.30 -27.84 -6.77
C SER K 93 12.91 -28.49 -5.46
N ASP K 94 13.58 -28.15 -4.36
CA ASP K 94 13.27 -28.72 -3.05
C ASP K 94 13.55 -30.23 -3.04
N HIS K 95 14.66 -30.63 -3.63
CA HIS K 95 15.04 -32.03 -3.74
C HIS K 95 16.33 -32.31 -3.00
N VAL K 96 16.53 -33.58 -2.64
CA VAL K 96 17.81 -34.06 -2.14
C VAL K 96 18.49 -34.79 -3.29
N ILE K 97 19.69 -34.37 -3.64
CA ILE K 97 20.41 -34.90 -4.80
C ILE K 97 21.65 -35.63 -4.31
N PHE K 98 21.91 -36.78 -4.92
CA PHE K 98 23.12 -37.57 -4.70
C PHE K 98 24.01 -37.49 -5.93
N GLY K 99 25.29 -37.79 -5.72
CA GLY K 99 26.18 -38.01 -6.82
C GLY K 99 26.10 -39.45 -7.33
N GLY K 100 26.65 -39.67 -8.53
CA GLY K 100 26.67 -41.00 -9.08
C GLY K 100 27.37 -42.01 -8.20
N GLY K 101 28.20 -41.54 -7.26
CA GLY K 101 28.97 -42.41 -6.42
C GLY K 101 30.37 -42.66 -6.96
N THR K 102 31.26 -43.06 -6.07
CA THR K 102 32.64 -43.37 -6.44
C THR K 102 33.09 -44.66 -5.79
N LYS K 103 33.72 -45.52 -6.58
CA LYS K 103 34.32 -46.75 -6.07
C LYS K 103 35.75 -46.45 -5.66
N LEU K 104 36.01 -46.44 -4.36
CA LEU K 104 37.36 -46.23 -3.85
C LEU K 104 38.06 -47.58 -3.77
N THR K 105 39.04 -47.80 -4.66
CA THR K 105 39.80 -49.03 -4.69
C THR K 105 41.11 -48.82 -3.95
N VAL K 106 41.31 -49.58 -2.87
CA VAL K 106 42.55 -49.57 -2.12
C VAL K 106 43.42 -50.71 -2.63
N LEU K 107 44.60 -50.36 -3.17
CA LEU K 107 45.50 -51.33 -3.79
C LEU K 107 46.39 -51.95 -2.72
N GLY K 108 45.99 -53.12 -2.22
CA GLY K 108 46.74 -53.80 -1.19
C GLY K 108 47.34 -55.10 -1.68
N GLN K 109 47.56 -55.22 -2.99
CA GLN K 109 48.18 -56.42 -3.56
C GLN K 109 48.44 -56.25 -5.05
N PRO K 110 49.34 -57.05 -5.62
CA PRO K 110 49.73 -56.85 -7.03
C PRO K 110 48.62 -57.26 -8.01
N LYS K 111 48.88 -56.94 -9.27
CA LYS K 111 48.02 -57.34 -10.37
C LYS K 111 48.06 -58.85 -10.56
N ALA K 112 46.90 -59.42 -10.92
CA ALA K 112 46.77 -60.86 -11.15
C ALA K 112 45.94 -61.10 -12.40
N ALA K 113 46.39 -62.06 -13.24
CA ALA K 113 45.67 -62.39 -14.46
C ALA K 113 44.60 -63.46 -14.17
N PRO K 114 43.46 -63.41 -14.87
CA PRO K 114 42.37 -64.34 -14.56
C PRO K 114 42.65 -65.75 -15.05
N SER K 115 42.21 -66.72 -14.25
CA SER K 115 42.10 -68.11 -14.68
C SER K 115 40.71 -68.33 -15.27
N VAL K 116 40.66 -69.05 -16.39
CA VAL K 116 39.44 -69.23 -17.16
C VAL K 116 39.22 -70.73 -17.36
N THR K 117 38.03 -71.21 -17.01
CA THR K 117 37.63 -72.58 -17.24
C THR K 117 36.32 -72.58 -18.01
N LEU K 118 36.28 -73.28 -19.15
CA LEU K 118 35.13 -73.25 -20.05
C LEU K 118 34.56 -74.65 -20.20
N PHE K 119 33.23 -74.76 -19.99
CA PHE K 119 32.52 -76.03 -20.04
C PHE K 119 31.56 -76.07 -21.23
N PRO K 120 31.52 -77.21 -21.94
CA PRO K 120 30.56 -77.39 -23.03
C PRO K 120 29.17 -77.64 -22.49
N PRO K 121 28.17 -77.69 -23.36
CA PRO K 121 26.86 -78.19 -22.93
C PRO K 121 26.96 -79.65 -22.51
N SER K 122 26.21 -80.00 -21.47
CA SER K 122 26.19 -81.38 -21.01
C SER K 122 25.33 -82.22 -21.95
N SER K 123 25.47 -83.54 -21.82
CA SER K 123 24.66 -84.45 -22.63
C SER K 123 23.19 -84.35 -22.26
N GLU K 124 22.88 -84.19 -20.98
CA GLU K 124 21.49 -84.02 -20.56
C GLU K 124 20.88 -82.77 -21.18
N GLU K 125 21.57 -81.63 -21.06
CA GLU K 125 21.00 -80.38 -21.56
C GLU K 125 20.71 -80.46 -23.05
N LEU K 126 21.64 -81.02 -23.84
CA LEU K 126 21.38 -81.21 -25.25
C LEU K 126 20.23 -82.18 -25.46
N GLN K 127 20.13 -83.20 -24.62
CA GLN K 127 19.07 -84.19 -24.73
C GLN K 127 17.72 -83.59 -24.42
N ALA K 128 17.68 -82.44 -23.74
CA ALA K 128 16.46 -81.66 -23.54
C ALA K 128 16.32 -80.53 -24.55
N ASN K 129 17.11 -80.55 -25.63
CA ASN K 129 17.02 -79.57 -26.71
C ASN K 129 17.37 -78.16 -26.23
N LYS K 130 18.45 -78.06 -25.46
CA LYS K 130 19.02 -76.78 -25.06
C LYS K 130 20.53 -76.92 -24.98
N ALA K 131 21.22 -75.80 -25.05
CA ALA K 131 22.67 -75.83 -24.89
C ALA K 131 23.13 -74.56 -24.19
N THR K 132 24.07 -74.71 -23.26
CA THR K 132 24.64 -73.58 -22.54
C THR K 132 26.14 -73.82 -22.36
N LEU K 133 26.93 -72.79 -22.65
CA LEU K 133 28.37 -72.82 -22.49
C LEU K 133 28.71 -72.01 -21.24
N VAL K 134 29.56 -72.57 -20.38
CA VAL K 134 29.79 -71.99 -19.05
C VAL K 134 31.24 -71.53 -18.99
N CYS K 135 31.46 -70.21 -18.97
CA CYS K 135 32.79 -69.64 -18.87
C CYS K 135 32.96 -69.09 -17.46
N LEU K 136 33.91 -69.66 -16.72
CA LEU K 136 34.11 -69.34 -15.31
C LEU K 136 35.47 -68.65 -15.15
N ILE K 137 35.46 -67.53 -14.45
CA ILE K 137 36.59 -66.60 -14.41
C ILE K 137 36.93 -66.36 -12.95
N SER K 138 38.20 -66.53 -12.58
CA SER K 138 38.60 -66.44 -11.19
C SER K 138 39.98 -65.80 -11.06
N ASP K 139 40.27 -65.34 -9.84
CA ASP K 139 41.63 -65.02 -9.41
C ASP K 139 42.27 -63.91 -10.26
N PHE K 140 41.58 -62.77 -10.33
CA PHE K 140 42.13 -61.58 -10.94
C PHE K 140 41.88 -60.39 -10.03
N TYR K 141 42.82 -59.44 -10.03
CA TYR K 141 42.67 -58.23 -9.22
C TYR K 141 42.53 -57.05 -10.21
N PRO K 142 42.49 -55.80 -9.71
CA PRO K 142 41.37 -54.97 -10.16
C PRO K 142 40.16 -55.78 -10.62
N GLY K 143 39.05 -55.66 -9.90
CA GLY K 143 37.84 -56.38 -10.26
C GLY K 143 37.18 -55.79 -11.50
N ALA K 144 37.94 -55.72 -12.58
CA ALA K 144 37.48 -55.15 -13.85
C ALA K 144 37.90 -56.09 -14.96
N VAL K 145 36.93 -56.70 -15.63
CA VAL K 145 37.23 -57.65 -16.70
C VAL K 145 36.15 -57.54 -17.77
N THR K 146 36.52 -57.84 -19.01
CA THR K 146 35.61 -57.80 -20.14
C THR K 146 35.60 -59.17 -20.81
N VAL K 147 34.41 -59.69 -21.08
CA VAL K 147 34.25 -61.02 -21.67
C VAL K 147 33.68 -60.88 -23.07
N ALA K 148 34.17 -61.74 -23.98
CA ALA K 148 33.77 -61.71 -25.38
C ALA K 148 33.74 -63.14 -25.90
N TRP K 149 32.59 -63.54 -26.43
CA TRP K 149 32.40 -64.89 -26.97
C TRP K 149 32.60 -64.89 -28.48
N LYS K 150 33.02 -66.04 -29.02
CA LYS K 150 33.25 -66.14 -30.45
C LYS K 150 32.87 -67.54 -30.94
N ALA K 151 32.23 -67.58 -32.11
CA ALA K 151 31.84 -68.82 -32.77
C ALA K 151 32.65 -68.91 -34.06
N ASP K 152 33.75 -69.66 -34.01
CA ASP K 152 34.68 -69.73 -35.13
C ASP K 152 35.21 -68.34 -35.47
N SER K 153 35.73 -67.65 -34.45
CA SER K 153 36.36 -66.34 -34.57
C SER K 153 35.37 -65.21 -34.74
N SER K 154 34.14 -65.53 -35.13
CA SER K 154 33.14 -64.50 -35.37
C SER K 154 32.43 -64.18 -34.05
N PRO K 155 32.50 -62.96 -33.54
CA PRO K 155 31.96 -62.68 -32.21
C PRO K 155 30.47 -62.98 -32.13
N VAL K 156 29.99 -63.04 -30.89
CA VAL K 156 28.62 -63.44 -30.59
C VAL K 156 28.15 -62.58 -29.43
N LYS K 157 27.11 -61.78 -29.65
CA LYS K 157 26.56 -60.92 -28.60
C LYS K 157 25.23 -61.40 -28.06
N ALA K 158 24.36 -61.97 -28.90
CA ALA K 158 23.06 -62.40 -28.45
C ALA K 158 23.16 -63.73 -27.70
N GLY K 159 22.32 -63.88 -26.69
CA GLY K 159 22.33 -65.09 -25.88
C GLY K 159 23.47 -65.16 -24.90
N VAL K 160 24.00 -64.03 -24.46
CA VAL K 160 25.18 -63.99 -23.60
C VAL K 160 24.83 -63.20 -22.35
N GLU K 161 24.81 -63.90 -21.21
CA GLU K 161 24.49 -63.30 -19.91
C GLU K 161 25.73 -63.37 -19.04
N THR K 162 26.25 -62.21 -18.64
CA THR K 162 27.49 -62.12 -17.89
C THR K 162 27.24 -61.45 -16.54
N THR K 163 27.95 -61.93 -15.51
CA THR K 163 27.83 -61.40 -14.18
C THR K 163 28.80 -60.23 -13.97
N THR K 164 28.69 -59.60 -12.81
CA THR K 164 29.68 -58.64 -12.39
C THR K 164 30.68 -59.30 -11.45
N PRO K 165 31.90 -58.77 -11.36
CA PRO K 165 32.91 -59.42 -10.53
C PRO K 165 32.62 -59.25 -9.05
N SER K 166 33.04 -60.26 -8.27
CA SER K 166 32.79 -60.31 -6.84
C SER K 166 34.05 -60.78 -6.13
N LYS K 167 34.34 -60.18 -4.97
CA LYS K 167 35.45 -60.68 -4.17
C LYS K 167 35.22 -62.12 -3.76
N GLN K 168 36.32 -62.85 -3.68
CA GLN K 168 36.36 -64.22 -3.18
C GLN K 168 37.31 -64.27 -1.97
N SER K 169 37.44 -65.47 -1.42
CA SER K 169 38.13 -65.64 -0.14
C SER K 169 39.47 -64.90 -0.11
N ASN K 170 40.20 -64.91 -1.22
CA ASN K 170 41.57 -64.42 -1.27
C ASN K 170 41.67 -62.95 -1.69
N ASN K 171 40.56 -62.20 -1.61
CA ASN K 171 40.49 -60.79 -1.97
C ASN K 171 40.71 -60.53 -3.45
N LYS K 172 40.92 -61.55 -4.27
CA LYS K 172 40.87 -61.36 -5.72
C LYS K 172 39.41 -61.42 -6.14
N TYR K 173 39.17 -61.26 -7.44
CA TYR K 173 37.82 -61.21 -7.95
C TYR K 173 37.53 -62.39 -8.87
N ALA K 174 36.24 -62.56 -9.17
CA ALA K 174 35.78 -63.69 -9.96
C ALA K 174 34.43 -63.33 -10.56
N ALA K 175 34.18 -63.84 -11.76
CA ALA K 175 32.93 -63.61 -12.47
C ALA K 175 32.64 -64.83 -13.31
N SER K 176 31.47 -64.83 -13.96
CA SER K 176 31.08 -65.94 -14.81
C SER K 176 30.20 -65.41 -15.92
N SER K 177 30.31 -66.05 -17.09
CA SER K 177 29.56 -65.67 -18.27
C SER K 177 28.98 -66.92 -18.90
N TYR K 178 27.67 -66.88 -19.18
CA TYR K 178 26.94 -68.00 -19.74
C TYR K 178 26.52 -67.64 -21.16
N LEU K 179 26.69 -68.58 -22.09
CA LEU K 179 26.28 -68.38 -23.48
C LEU K 179 25.27 -69.46 -23.84
N SER K 180 23.99 -69.09 -23.90
CA SER K 180 22.94 -70.00 -24.28
C SER K 180 22.77 -70.04 -25.78
N LEU K 181 22.47 -71.22 -26.30
CA LEU K 181 22.18 -71.40 -27.73
C LEU K 181 21.64 -72.81 -27.96
N THR K 182 21.23 -73.05 -29.20
CA THR K 182 20.57 -74.29 -29.58
C THR K 182 21.60 -75.37 -29.90
N PRO K 183 21.21 -76.65 -29.80
CA PRO K 183 22.12 -77.72 -30.25
C PRO K 183 22.53 -77.57 -31.70
N GLU K 184 21.63 -77.10 -32.56
CA GLU K 184 21.96 -76.93 -33.98
C GLU K 184 23.10 -75.94 -34.16
N GLN K 185 23.03 -74.77 -33.50
CA GLN K 185 24.15 -73.85 -33.53
C GLN K 185 25.40 -74.51 -32.95
N TRP K 186 25.21 -75.29 -31.88
CA TRP K 186 26.34 -75.94 -31.20
C TRP K 186 27.10 -76.86 -32.15
N LYS K 187 26.39 -77.57 -33.03
CA LYS K 187 27.04 -78.50 -33.95
C LYS K 187 27.37 -77.87 -35.30
N SER K 188 26.98 -76.62 -35.53
CA SER K 188 27.27 -75.94 -36.78
C SER K 188 28.65 -75.29 -36.81
N HIS K 189 29.40 -75.37 -35.71
CA HIS K 189 30.73 -74.79 -35.60
C HIS K 189 31.58 -75.83 -34.89
N ARG K 190 32.83 -75.98 -35.30
CA ARG K 190 33.58 -76.99 -34.56
C ARG K 190 34.03 -76.48 -33.20
N SER K 191 33.93 -75.18 -32.93
CA SER K 191 34.39 -74.70 -31.63
C SER K 191 33.78 -73.34 -31.31
N TYR K 192 33.70 -73.07 -30.01
CA TYR K 192 33.37 -71.77 -29.45
C TYR K 192 34.48 -71.36 -28.50
N SER K 193 34.63 -70.04 -28.29
CA SER K 193 35.72 -69.53 -27.48
C SER K 193 35.21 -68.45 -26.54
N CYS K 194 35.79 -68.42 -25.35
CA CYS K 194 35.58 -67.38 -24.35
C CYS K 194 36.88 -66.61 -24.20
N GLN K 195 36.80 -65.29 -24.40
CA GLN K 195 37.94 -64.39 -24.30
C GLN K 195 37.73 -63.44 -23.13
N VAL K 196 38.68 -63.43 -22.21
CA VAL K 196 38.59 -62.65 -20.98
C VAL K 196 39.74 -61.65 -21.00
N THR K 197 39.40 -60.37 -21.12
CA THR K 197 40.38 -59.29 -21.19
C THR K 197 40.46 -58.59 -19.85
N HIS K 198 41.68 -58.47 -19.33
CA HIS K 198 41.93 -57.93 -18.01
C HIS K 198 43.16 -57.04 -18.06
N GLU K 199 42.97 -55.74 -17.82
CA GLU K 199 44.07 -54.78 -17.86
C GLU K 199 44.90 -54.94 -19.13
N GLY K 200 44.20 -55.21 -20.24
CA GLY K 200 44.83 -55.38 -21.54
C GLY K 200 45.17 -56.81 -21.90
N SER K 201 45.54 -57.64 -20.92
CA SER K 201 45.94 -59.01 -21.19
C SER K 201 44.70 -59.87 -21.45
N THR K 202 44.67 -60.52 -22.61
CA THR K 202 43.54 -61.37 -22.99
C THR K 202 43.91 -62.84 -22.81
N VAL K 203 43.04 -63.57 -22.14
CA VAL K 203 43.16 -65.02 -21.96
C VAL K 203 42.00 -65.67 -22.67
N GLU K 204 42.23 -66.85 -23.25
CA GLU K 204 41.21 -67.46 -24.10
C GLU K 204 41.08 -68.94 -23.79
N LYS K 205 39.88 -69.47 -24.01
CA LYS K 205 39.63 -70.90 -23.90
C LYS K 205 38.59 -71.32 -24.93
N THR K 206 38.85 -72.44 -25.60
CA THR K 206 37.95 -72.97 -26.62
C THR K 206 37.40 -74.33 -26.21
N VAL K 207 36.27 -74.67 -26.83
CA VAL K 207 35.60 -75.93 -26.60
C VAL K 207 34.97 -76.37 -27.92
N ALA K 208 34.97 -77.67 -28.17
CA ALA K 208 34.49 -78.23 -29.43
C ALA K 208 33.55 -79.40 -29.15
N PRO K 209 32.58 -79.62 -30.03
CA PRO K 209 31.72 -80.81 -29.88
C PRO K 209 32.51 -82.10 -30.01
N THR K 210 31.87 -83.20 -29.61
CA THR K 210 32.46 -84.52 -29.74
C THR K 210 31.39 -85.54 -30.15
N SER L 1 -28.66 -8.89 -22.73
CA SER L 1 -29.30 -7.87 -23.55
C SER L 1 -29.97 -8.52 -24.77
N VAL L 2 -30.36 -7.69 -25.75
CA VAL L 2 -31.13 -8.13 -26.90
C VAL L 2 -30.61 -7.45 -28.15
N LEU L 3 -30.77 -8.12 -29.30
CA LEU L 3 -30.45 -7.57 -30.61
C LEU L 3 -31.71 -7.58 -31.46
N THR L 4 -32.19 -6.39 -31.80
CA THR L 4 -33.40 -6.24 -32.59
C THR L 4 -33.06 -6.36 -34.07
N GLN L 5 -33.76 -7.25 -34.77
CA GLN L 5 -33.47 -7.54 -36.15
C GLN L 5 -34.81 -7.70 -36.86
N PRO L 6 -35.05 -7.00 -37.97
CA PRO L 6 -36.39 -7.00 -38.58
C PRO L 6 -36.76 -8.39 -39.09
N PRO L 7 -37.97 -8.87 -38.79
CA PRO L 7 -38.32 -10.25 -39.20
C PRO L 7 -38.17 -10.52 -40.68
N SER L 8 -38.66 -9.64 -41.55
CA SER L 8 -38.68 -9.90 -42.98
C SER L 8 -38.20 -8.66 -43.74
N VAL L 9 -37.65 -8.90 -44.92
CA VAL L 9 -37.20 -7.85 -45.82
C VAL L 9 -37.43 -8.30 -47.25
N SER L 10 -38.05 -7.43 -48.04
CA SER L 10 -38.33 -7.71 -49.45
C SER L 10 -37.49 -6.80 -50.34
N VAL L 11 -36.93 -7.38 -51.39
CA VAL L 11 -36.02 -6.68 -52.29
C VAL L 11 -36.11 -7.32 -53.67
N ALA L 12 -35.87 -6.49 -54.72
CA ALA L 12 -35.82 -7.01 -56.07
C ALA L 12 -34.36 -7.23 -56.48
N PRO L 13 -34.09 -8.16 -57.40
CA PRO L 13 -32.70 -8.42 -57.80
C PRO L 13 -32.01 -7.16 -58.29
N GLY L 14 -30.69 -7.23 -58.38
CA GLY L 14 -29.87 -6.13 -58.86
C GLY L 14 -29.89 -4.91 -57.97
N GLN L 15 -30.70 -4.94 -56.93
CA GLN L 15 -30.91 -3.79 -56.05
C GLN L 15 -29.84 -3.84 -54.97
N THR L 16 -29.98 -3.03 -53.92
CA THR L 16 -29.09 -3.07 -52.77
C THR L 16 -29.91 -3.43 -51.54
N ALA L 17 -29.66 -4.61 -50.99
CA ALA L 17 -30.37 -5.07 -49.81
C ALA L 17 -29.69 -4.56 -48.55
N ARG L 18 -30.48 -3.95 -47.67
CA ARG L 18 -29.96 -3.34 -46.45
C ARG L 18 -30.74 -3.91 -45.27
N ILE L 19 -30.02 -4.42 -44.28
CA ILE L 19 -30.64 -5.09 -43.14
C ILE L 19 -30.06 -4.54 -41.84
N THR L 20 -30.92 -4.44 -40.83
CA THR L 20 -30.62 -3.79 -39.57
C THR L 20 -30.31 -4.80 -38.47
N CYS L 21 -29.38 -4.42 -37.59
CA CYS L 21 -29.14 -5.12 -36.33
C CYS L 21 -29.09 -4.05 -35.25
N GLY L 22 -30.16 -3.96 -34.47
CA GLY L 22 -30.27 -2.94 -33.44
C GLY L 22 -29.73 -3.40 -32.11
N GLY L 23 -29.21 -2.45 -31.34
CA GLY L 23 -28.66 -2.74 -30.04
C GLY L 23 -27.99 -1.51 -29.45
N ASN L 24 -27.64 -1.63 -28.18
CA ASN L 24 -27.05 -0.52 -27.44
C ASN L 24 -25.54 -0.54 -27.61
N ASP L 25 -24.97 0.62 -27.91
CA ASP L 25 -23.53 0.76 -28.14
C ASP L 25 -22.98 -0.38 -28.98
N ILE L 26 -23.74 -0.80 -29.99
CA ILE L 26 -23.29 -1.86 -30.88
C ILE L 26 -22.17 -1.38 -31.78
N GLY L 27 -21.98 -0.06 -31.90
CA GLY L 27 -20.94 0.49 -32.74
C GLY L 27 -19.53 0.22 -32.25
N ARG L 28 -19.36 -0.06 -30.96
CA ARG L 28 -18.06 -0.38 -30.39
C ARG L 28 -17.88 -1.87 -30.17
N LYS L 29 -18.78 -2.70 -30.68
CA LYS L 29 -18.75 -4.14 -30.45
C LYS L 29 -18.36 -4.96 -31.67
N SER L 30 -18.33 -4.37 -32.86
CA SER L 30 -17.87 -5.09 -34.05
C SER L 30 -18.73 -6.32 -34.33
N VAL L 31 -19.71 -6.18 -35.22
CA VAL L 31 -20.72 -7.22 -35.45
C VAL L 31 -20.20 -8.26 -36.44
N HIS L 32 -20.77 -9.47 -36.35
CA HIS L 32 -20.56 -10.50 -37.36
C HIS L 32 -21.90 -10.97 -37.91
N TRP L 33 -21.91 -11.45 -39.15
CA TRP L 33 -23.14 -11.81 -39.84
C TRP L 33 -23.05 -13.23 -40.41
N ASN L 34 -24.15 -13.96 -40.29
CA ASN L 34 -24.27 -15.34 -40.77
C ASN L 34 -25.41 -15.45 -41.77
N GLN L 35 -25.17 -16.23 -42.83
CA GLN L 35 -26.16 -16.60 -43.81
C GLN L 35 -26.62 -18.03 -43.56
N GLN L 36 -27.92 -18.25 -43.55
CA GLN L 36 -28.50 -19.59 -43.40
C GLN L 36 -29.55 -19.79 -44.47
N LYS L 37 -29.24 -20.61 -45.46
CA LYS L 37 -30.22 -21.05 -46.43
C LYS L 37 -31.02 -22.22 -45.86
N PRO L 38 -32.28 -22.38 -46.26
CA PRO L 38 -33.10 -23.44 -45.67
C PRO L 38 -32.49 -24.81 -45.91
N GLY L 39 -32.48 -25.62 -44.85
CA GLY L 39 -31.95 -26.97 -44.91
C GLY L 39 -30.45 -27.08 -44.79
N GLN L 40 -29.74 -25.96 -44.66
CA GLN L 40 -28.29 -25.95 -44.56
C GLN L 40 -27.86 -25.29 -43.25
N ALA L 41 -26.58 -25.46 -42.92
CA ALA L 41 -26.01 -24.85 -41.74
C ALA L 41 -25.63 -23.40 -42.02
N PRO L 42 -25.48 -22.59 -40.98
CA PRO L 42 -25.09 -21.20 -41.19
C PRO L 42 -23.72 -21.07 -41.85
N VAL L 43 -23.45 -19.88 -42.37
CA VAL L 43 -22.20 -19.57 -43.06
C VAL L 43 -21.81 -18.14 -42.72
N LEU L 44 -20.51 -17.92 -42.55
CA LEU L 44 -20.00 -16.58 -42.28
C LEU L 44 -19.85 -15.83 -43.59
N VAL L 45 -20.47 -14.65 -43.68
CA VAL L 45 -20.43 -13.82 -44.88
C VAL L 45 -19.76 -12.49 -44.64
N VAL L 46 -20.07 -11.83 -43.52
CA VAL L 46 -19.45 -10.56 -43.17
C VAL L 46 -18.88 -10.68 -41.76
N CYS L 47 -17.62 -10.30 -41.61
CA CYS L 47 -16.95 -10.28 -40.31
C CYS L 47 -16.37 -8.91 -40.08
N TYR L 48 -16.46 -8.43 -38.85
CA TYR L 48 -15.86 -7.15 -38.45
C TYR L 48 -16.49 -5.99 -39.22
N ASP L 49 -17.83 -6.01 -39.28
CA ASP L 49 -18.63 -4.89 -39.75
C ASP L 49 -18.60 -4.74 -41.28
N SER L 50 -17.41 -4.75 -41.88
CA SER L 50 -17.26 -4.42 -43.30
C SER L 50 -16.51 -5.47 -44.11
N ASP L 51 -15.89 -6.47 -43.48
CA ASP L 51 -14.94 -7.33 -44.16
C ASP L 51 -15.60 -8.68 -44.47
N ARG L 52 -14.82 -9.59 -45.06
CA ARG L 52 -15.32 -10.85 -45.59
C ARG L 52 -14.27 -11.93 -45.38
N PRO L 53 -14.69 -13.17 -45.14
CA PRO L 53 -13.75 -14.29 -45.27
C PRO L 53 -13.53 -14.63 -46.74
N SER L 54 -12.49 -15.42 -46.97
CA SER L 54 -12.14 -15.81 -48.34
C SER L 54 -13.27 -16.62 -48.96
N GLY L 55 -13.62 -16.29 -50.20
CA GLY L 55 -14.63 -17.01 -50.94
C GLY L 55 -15.98 -16.33 -51.03
N ILE L 56 -16.13 -15.14 -50.49
CA ILE L 56 -17.40 -14.43 -50.45
C ILE L 56 -17.37 -13.32 -51.50
N PRO L 57 -18.41 -13.14 -52.31
CA PRO L 57 -18.40 -12.06 -53.29
C PRO L 57 -18.18 -10.70 -52.63
N GLU L 58 -17.56 -9.80 -53.38
CA GLU L 58 -17.23 -8.47 -52.85
C GLU L 58 -18.48 -7.65 -52.56
N ARG L 59 -19.63 -8.04 -53.09
CA ARG L 59 -20.87 -7.32 -52.89
C ARG L 59 -21.49 -7.57 -51.52
N PHE L 60 -20.83 -8.35 -50.66
CA PHE L 60 -21.23 -8.49 -49.26
C PHE L 60 -20.35 -7.57 -48.41
N SER L 61 -20.98 -6.65 -47.69
CA SER L 61 -20.25 -5.77 -46.79
C SER L 61 -21.24 -5.25 -45.75
N GLY L 62 -20.89 -4.16 -45.08
CA GLY L 62 -21.78 -3.60 -44.08
C GLY L 62 -21.16 -2.39 -43.43
N SER L 63 -21.91 -1.85 -42.47
CA SER L 63 -21.49 -0.69 -41.69
C SER L 63 -21.96 -0.89 -40.25
N ASN L 64 -21.36 -0.14 -39.34
CA ASN L 64 -21.71 -0.23 -37.92
C ASN L 64 -21.47 1.12 -37.27
N SER L 65 -22.47 1.62 -36.55
CA SER L 65 -22.24 2.89 -35.86
C SER L 65 -23.36 3.15 -34.87
N GLY L 66 -23.04 3.92 -33.84
CA GLY L 66 -24.04 4.35 -32.88
C GLY L 66 -24.72 3.17 -32.23
N ASN L 67 -26.04 3.10 -32.41
CA ASN L 67 -26.85 2.02 -31.87
C ASN L 67 -27.39 1.10 -32.96
N THR L 68 -26.83 1.18 -34.17
CA THR L 68 -27.34 0.39 -35.29
C THR L 68 -26.18 -0.13 -36.13
N ALA L 69 -26.18 -1.44 -36.36
CA ALA L 69 -25.35 -2.06 -37.37
C ALA L 69 -26.21 -2.40 -38.58
N THR L 70 -25.55 -2.58 -39.72
CA THR L 70 -26.25 -2.82 -40.97
C THR L 70 -25.42 -3.73 -41.86
N LEU L 71 -26.08 -4.74 -42.43
CA LEU L 71 -25.49 -5.58 -43.46
C LEU L 71 -25.99 -5.11 -44.82
N THR L 72 -25.07 -5.04 -45.78
CA THR L 72 -25.30 -4.46 -47.08
C THR L 72 -24.91 -5.47 -48.15
N ILE L 73 -25.88 -5.84 -48.98
CA ILE L 73 -25.66 -6.77 -50.08
C ILE L 73 -25.91 -5.98 -51.36
N SER L 74 -24.84 -5.60 -52.05
CA SER L 74 -24.96 -4.95 -53.34
C SER L 74 -25.28 -5.99 -54.42
N ARG L 75 -25.85 -5.50 -55.52
CA ARG L 75 -26.10 -6.33 -56.70
C ARG L 75 -26.77 -7.65 -56.28
N VAL L 76 -27.91 -7.52 -55.61
CA VAL L 76 -28.59 -8.69 -55.07
C VAL L 76 -28.86 -9.69 -56.18
N GLU L 77 -28.67 -10.96 -55.86
CA GLU L 77 -29.01 -12.06 -56.75
C GLU L 77 -30.14 -12.88 -56.12
N ALA L 78 -30.55 -13.93 -56.84
CA ALA L 78 -31.58 -14.81 -56.31
C ALA L 78 -30.99 -15.81 -55.32
N GLY L 79 -29.77 -16.26 -55.57
CA GLY L 79 -29.09 -17.17 -54.66
C GLY L 79 -28.78 -16.58 -53.30
N ASP L 80 -29.12 -15.30 -53.11
CA ASP L 80 -28.91 -14.61 -51.84
C ASP L 80 -30.14 -14.65 -50.94
N GLU L 81 -31.23 -15.27 -51.39
CA GLU L 81 -32.43 -15.38 -50.59
C GLU L 81 -32.19 -16.37 -49.45
N ALA L 82 -32.25 -15.89 -48.21
CA ALA L 82 -31.91 -16.73 -47.06
C ALA L 82 -32.25 -15.97 -45.79
N ASP L 83 -31.94 -16.59 -44.65
CA ASP L 83 -32.12 -15.97 -43.34
C ASP L 83 -30.76 -15.46 -42.86
N TYR L 84 -30.72 -14.21 -42.41
CA TYR L 84 -29.49 -13.60 -41.96
C TYR L 84 -29.56 -13.30 -40.47
N TYR L 85 -28.46 -13.58 -39.78
CA TYR L 85 -28.38 -13.39 -38.33
C TYR L 85 -27.15 -12.54 -37.99
N CYS L 86 -27.33 -11.58 -37.10
CA CYS L 86 -26.21 -10.80 -36.58
C CYS L 86 -25.85 -11.30 -35.20
N GLN L 87 -24.55 -11.25 -34.89
CA GLN L 87 -24.04 -11.79 -33.64
C GLN L 87 -23.01 -10.84 -33.07
N VAL L 88 -23.06 -10.65 -31.75
CA VAL L 88 -22.09 -9.85 -31.00
C VAL L 88 -21.76 -10.61 -29.72
N TRP L 89 -20.70 -10.17 -29.05
CA TRP L 89 -20.31 -10.70 -27.76
C TRP L 89 -20.46 -9.62 -26.70
N ASP L 90 -21.39 -9.83 -25.77
CA ASP L 90 -21.62 -8.94 -24.65
C ASP L 90 -20.64 -9.33 -23.54
N SER L 91 -19.70 -8.44 -23.24
CA SER L 91 -18.67 -8.72 -22.25
C SER L 91 -19.22 -8.66 -20.83
N SER L 92 -20.27 -7.88 -20.60
CA SER L 92 -20.85 -7.79 -19.27
C SER L 92 -21.22 -9.17 -18.74
N SER L 93 -22.15 -9.84 -19.44
CA SER L 93 -22.56 -11.18 -19.08
C SER L 93 -21.68 -12.25 -19.69
N ASP L 94 -20.77 -11.87 -20.58
CA ASP L 94 -19.85 -12.81 -21.22
C ASP L 94 -20.62 -13.81 -22.09
N HIS L 95 -21.61 -13.29 -22.83
CA HIS L 95 -22.47 -14.11 -23.68
C HIS L 95 -22.28 -13.74 -25.14
N VAL L 96 -22.61 -14.69 -26.02
CA VAL L 96 -22.72 -14.43 -27.45
C VAL L 96 -24.20 -14.32 -27.78
N ILE L 97 -24.60 -13.19 -28.37
CA ILE L 97 -26.00 -12.90 -28.62
C ILE L 97 -26.23 -12.85 -30.13
N PHE L 98 -27.34 -13.42 -30.56
CA PHE L 98 -27.83 -13.35 -31.93
C PHE L 98 -29.06 -12.46 -31.99
N GLY L 99 -29.33 -11.96 -33.18
CA GLY L 99 -30.60 -11.31 -33.44
C GLY L 99 -31.67 -12.32 -33.78
N GLY L 100 -32.92 -11.87 -33.74
CA GLY L 100 -34.03 -12.72 -34.09
C GLY L 100 -33.93 -13.31 -35.49
N GLY L 101 -33.10 -12.72 -36.34
CA GLY L 101 -32.95 -13.17 -37.72
C GLY L 101 -33.87 -12.41 -38.66
N THR L 102 -33.50 -12.43 -39.94
CA THR L 102 -34.29 -11.77 -40.96
C THR L 102 -34.43 -12.66 -42.19
N LYS L 103 -35.66 -12.75 -42.70
CA LYS L 103 -35.93 -13.46 -43.94
C LYS L 103 -35.79 -12.50 -45.10
N LEU L 104 -34.73 -12.67 -45.90
CA LEU L 104 -34.53 -11.84 -47.08
C LEU L 104 -35.28 -12.50 -48.24
N THR L 105 -36.36 -11.87 -48.68
CA THR L 105 -37.16 -12.35 -49.80
C THR L 105 -36.74 -11.61 -51.05
N VAL L 106 -36.20 -12.33 -52.02
CA VAL L 106 -35.84 -11.77 -53.32
C VAL L 106 -36.97 -12.04 -54.29
N LEU L 107 -37.55 -10.97 -54.83
CA LEU L 107 -38.69 -11.08 -55.73
C LEU L 107 -38.15 -11.31 -57.14
N GLY L 108 -38.04 -12.58 -57.54
CA GLY L 108 -37.46 -12.94 -58.81
C GLY L 108 -38.46 -13.54 -59.77
N GLN L 109 -39.73 -13.22 -59.58
CA GLN L 109 -40.81 -13.65 -60.46
C GLN L 109 -42.08 -12.97 -59.97
N PRO L 110 -43.12 -12.88 -60.80
CA PRO L 110 -44.29 -12.10 -60.41
C PRO L 110 -45.07 -12.77 -59.28
N LYS L 111 -45.99 -12.00 -58.73
CA LYS L 111 -46.90 -12.50 -57.71
C LYS L 111 -47.84 -13.54 -58.28
N ALA L 112 -48.15 -14.55 -57.48
CA ALA L 112 -49.07 -15.62 -57.88
C ALA L 112 -50.01 -15.92 -56.72
N ALA L 113 -51.30 -16.08 -57.05
CA ALA L 113 -52.28 -16.40 -56.03
C ALA L 113 -52.38 -17.92 -55.84
N PRO L 114 -52.66 -18.38 -54.62
CA PRO L 114 -52.63 -19.83 -54.37
C PRO L 114 -53.83 -20.54 -54.96
N SER L 115 -53.59 -21.74 -55.46
CA SER L 115 -54.64 -22.69 -55.79
C SER L 115 -54.93 -23.53 -54.55
N VAL L 116 -56.22 -23.74 -54.27
CA VAL L 116 -56.66 -24.40 -53.05
C VAL L 116 -57.60 -25.53 -53.41
N THR L 117 -57.32 -26.73 -52.91
CA THR L 117 -58.19 -27.88 -53.08
C THR L 117 -58.49 -28.47 -51.70
N LEU L 118 -59.78 -28.62 -51.39
CA LEU L 118 -60.21 -29.04 -50.06
C LEU L 118 -60.96 -30.37 -50.16
N PHE L 119 -60.55 -31.35 -49.34
CA PHE L 119 -61.12 -32.68 -49.32
C PHE L 119 -61.90 -32.94 -48.03
N PRO L 120 -63.08 -33.55 -48.14
CA PRO L 120 -63.85 -33.93 -46.94
C PRO L 120 -63.26 -35.16 -46.27
N PRO L 121 -63.77 -35.52 -45.09
CA PRO L 121 -63.42 -36.83 -44.52
C PRO L 121 -63.91 -37.95 -45.42
N SER L 122 -63.12 -39.01 -45.50
CA SER L 122 -63.48 -40.18 -46.29
C SER L 122 -64.51 -41.03 -45.56
N SER L 123 -65.13 -41.96 -46.29
CA SER L 123 -66.08 -42.88 -45.67
C SER L 123 -65.38 -43.80 -44.68
N GLU L 124 -64.16 -44.25 -45.00
CA GLU L 124 -63.41 -45.08 -44.07
C GLU L 124 -63.12 -44.34 -42.78
N GLU L 125 -62.56 -43.14 -42.88
CA GLU L 125 -62.16 -42.41 -41.68
C GLU L 125 -63.35 -42.19 -40.75
N LEU L 126 -64.50 -41.80 -41.32
CA LEU L 126 -65.71 -41.67 -40.51
C LEU L 126 -66.14 -43.02 -39.95
N GLN L 127 -65.99 -44.08 -40.73
CA GLN L 127 -66.39 -45.40 -40.29
C GLN L 127 -65.51 -45.91 -39.16
N ALA L 128 -64.33 -45.30 -38.96
CA ALA L 128 -63.49 -45.56 -37.81
C ALA L 128 -63.68 -44.51 -36.71
N ASN L 129 -64.76 -43.72 -36.79
CA ASN L 129 -65.09 -42.73 -35.76
C ASN L 129 -64.03 -41.64 -35.68
N LYS L 130 -63.59 -41.14 -36.84
CA LYS L 130 -62.70 -39.99 -36.91
C LYS L 130 -63.05 -39.19 -38.15
N ALA L 131 -62.64 -37.92 -38.17
CA ALA L 131 -62.84 -37.11 -39.35
C ALA L 131 -61.69 -36.11 -39.48
N THR L 132 -61.24 -35.92 -40.72
CA THR L 132 -60.17 -34.98 -41.02
C THR L 132 -60.48 -34.27 -42.33
N LEU L 133 -60.32 -32.95 -42.33
CA LEU L 133 -60.52 -32.13 -43.52
C LEU L 133 -59.15 -31.71 -44.03
N VAL L 134 -58.92 -31.87 -45.34
CA VAL L 134 -57.58 -31.71 -45.90
C VAL L 134 -57.60 -30.52 -46.87
N CYS L 135 -56.94 -29.43 -46.48
CA CYS L 135 -56.84 -28.24 -47.31
C CYS L 135 -55.43 -28.16 -47.91
N LEU L 136 -55.35 -28.23 -49.22
CA LEU L 136 -54.08 -28.29 -49.94
C LEU L 136 -53.88 -27.00 -50.73
N ILE L 137 -52.70 -26.41 -50.58
CA ILE L 137 -52.42 -25.06 -51.06
C ILE L 137 -51.16 -25.14 -51.92
N SER L 138 -51.24 -24.60 -53.14
CA SER L 138 -50.13 -24.72 -54.08
C SER L 138 -49.99 -23.47 -54.93
N ASP L 139 -48.81 -23.33 -55.54
CA ASP L 139 -48.58 -22.42 -56.66
C ASP L 139 -48.83 -20.96 -56.26
N PHE L 140 -48.13 -20.53 -55.21
CA PHE L 140 -48.13 -19.12 -54.81
C PHE L 140 -46.70 -18.66 -54.55
N TYR L 141 -46.43 -17.39 -54.85
CA TYR L 141 -45.10 -16.84 -54.60
C TYR L 141 -45.26 -15.75 -53.52
N PRO L 142 -44.18 -15.03 -53.18
CA PRO L 142 -43.88 -14.95 -51.75
C PRO L 142 -44.44 -16.13 -50.95
N GLY L 143 -43.54 -16.97 -50.42
CA GLY L 143 -43.97 -18.11 -49.62
C GLY L 143 -44.50 -17.70 -48.26
N ALA L 144 -45.51 -16.83 -48.26
CA ALA L 144 -46.11 -16.32 -47.03
C ALA L 144 -47.62 -16.39 -47.21
N VAL L 145 -48.27 -17.22 -46.40
CA VAL L 145 -49.71 -17.40 -46.50
C VAL L 145 -50.27 -17.66 -45.11
N THR L 146 -51.52 -17.28 -44.90
CA THR L 146 -52.22 -17.47 -43.63
C THR L 146 -53.50 -18.27 -43.88
N VAL L 147 -53.72 -19.30 -43.08
CA VAL L 147 -54.87 -20.18 -43.24
C VAL L 147 -55.81 -20.02 -42.07
N ALA L 148 -57.11 -20.06 -42.34
CA ALA L 148 -58.14 -19.85 -41.34
C ALA L 148 -59.33 -20.75 -41.69
N TRP L 149 -59.73 -21.60 -40.75
CA TRP L 149 -60.84 -22.51 -40.94
C TRP L 149 -62.12 -21.93 -40.35
N LYS L 150 -63.26 -22.33 -40.92
CA LYS L 150 -64.54 -21.83 -40.43
C LYS L 150 -65.60 -22.92 -40.54
N ALA L 151 -66.45 -23.00 -39.51
CA ALA L 151 -67.58 -23.92 -39.45
C ALA L 151 -68.86 -23.10 -39.49
N ASP L 152 -69.44 -22.95 -40.68
CA ASP L 152 -70.61 -22.11 -40.89
C ASP L 152 -70.31 -20.66 -40.48
N SER L 153 -69.21 -20.13 -41.03
CA SER L 153 -68.79 -18.75 -40.85
C SER L 153 -68.13 -18.50 -39.49
N SER L 154 -68.30 -19.43 -38.55
CA SER L 154 -67.71 -19.27 -37.23
C SER L 154 -66.31 -19.87 -37.22
N PRO L 155 -65.26 -19.09 -36.99
CA PRO L 155 -63.90 -19.64 -37.12
C PRO L 155 -63.63 -20.78 -36.16
N VAL L 156 -62.53 -21.49 -36.42
CA VAL L 156 -62.17 -22.70 -35.70
C VAL L 156 -60.65 -22.69 -35.55
N LYS L 157 -60.17 -22.69 -34.31
CA LYS L 157 -58.73 -22.71 -34.05
C LYS L 157 -58.22 -24.03 -33.50
N ALA L 158 -59.00 -24.73 -32.67
CA ALA L 158 -58.55 -25.97 -32.08
C ALA L 158 -58.68 -27.12 -33.07
N GLY L 159 -57.73 -28.05 -33.00
CA GLY L 159 -57.72 -29.18 -33.90
C GLY L 159 -57.25 -28.84 -35.30
N VAL L 160 -56.41 -27.81 -35.44
CA VAL L 160 -55.99 -27.29 -36.73
C VAL L 160 -54.46 -27.31 -36.77
N GLU L 161 -53.90 -28.15 -37.62
CA GLU L 161 -52.46 -28.30 -37.77
C GLU L 161 -52.06 -27.85 -39.16
N THR L 162 -51.23 -26.82 -39.25
CA THR L 162 -50.84 -26.23 -40.53
C THR L 162 -49.34 -26.32 -40.72
N THR L 163 -48.91 -26.55 -41.96
CA THR L 163 -47.51 -26.66 -42.31
C THR L 163 -46.93 -25.29 -42.64
N THR L 164 -45.64 -25.27 -42.86
CA THR L 164 -44.98 -24.10 -43.40
C THR L 164 -44.81 -24.25 -44.90
N PRO L 165 -44.71 -23.16 -45.64
CA PRO L 165 -44.61 -23.27 -47.10
C PRO L 165 -43.26 -23.79 -47.54
N SER L 166 -43.26 -24.51 -48.65
CA SER L 166 -42.07 -25.15 -49.19
C SER L 166 -42.04 -24.95 -50.70
N LYS L 167 -40.86 -24.69 -51.24
CA LYS L 167 -40.72 -24.60 -52.69
C LYS L 167 -41.10 -25.91 -53.35
N GLN L 168 -41.64 -25.79 -54.55
CA GLN L 168 -41.95 -26.91 -55.43
C GLN L 168 -41.19 -26.71 -56.74
N SER L 169 -41.34 -27.66 -57.65
CA SER L 169 -40.51 -27.71 -58.85
C SER L 169 -40.40 -26.35 -59.55
N ASN L 170 -41.50 -25.59 -59.57
CA ASN L 170 -41.58 -24.37 -60.36
C ASN L 170 -41.17 -23.11 -59.58
N ASN L 171 -40.48 -23.26 -58.45
CA ASN L 171 -40.03 -22.17 -57.59
C ASN L 171 -41.16 -21.42 -56.91
N LYS L 172 -42.42 -21.80 -57.12
CA LYS L 172 -43.50 -21.28 -56.28
C LYS L 172 -43.55 -22.09 -54.99
N TYR L 173 -44.47 -21.74 -54.10
CA TYR L 173 -44.56 -22.37 -52.80
C TYR L 173 -45.86 -23.15 -52.66
N ALA L 174 -45.91 -23.96 -51.61
CA ALA L 174 -47.04 -24.84 -51.35
C ALA L 174 -47.05 -25.19 -49.87
N ALA L 175 -48.25 -25.36 -49.33
CA ALA L 175 -48.45 -25.71 -47.94
C ALA L 175 -49.73 -26.54 -47.84
N SER L 176 -50.00 -27.03 -46.64
CA SER L 176 -51.20 -27.82 -46.39
C SER L 176 -51.64 -27.61 -44.96
N SER L 177 -52.96 -27.67 -44.74
CA SER L 177 -53.55 -27.49 -43.43
C SER L 177 -54.59 -28.57 -43.21
N TYR L 178 -54.50 -29.24 -42.06
CA TYR L 178 -55.39 -30.33 -41.70
C TYR L 178 -56.26 -29.88 -40.54
N LEU L 179 -57.55 -30.19 -40.61
CA LEU L 179 -58.48 -29.87 -39.53
C LEU L 179 -59.12 -31.17 -39.04
N SER L 180 -58.69 -31.63 -37.88
CA SER L 180 -59.22 -32.86 -37.29
C SER L 180 -60.46 -32.53 -36.47
N LEU L 181 -61.44 -33.44 -36.51
CA LEU L 181 -62.63 -33.31 -35.69
C LEU L 181 -63.44 -34.59 -35.75
N THR L 182 -64.49 -34.64 -34.92
CA THR L 182 -65.31 -35.83 -34.74
C THR L 182 -66.40 -35.89 -35.82
N PRO L 183 -66.92 -37.08 -36.08
CA PRO L 183 -68.07 -37.17 -37.01
C PRO L 183 -69.25 -36.33 -36.57
N GLU L 184 -69.49 -36.24 -35.27
CA GLU L 184 -70.61 -35.45 -34.77
C GLU L 184 -70.44 -33.98 -35.16
N GLN L 185 -69.24 -33.45 -34.95
CA GLN L 185 -68.95 -32.09 -35.42
C GLN L 185 -69.08 -32.00 -36.94
N TRP L 186 -68.63 -33.04 -37.65
CA TRP L 186 -68.71 -33.02 -39.11
C TRP L 186 -70.14 -32.88 -39.61
N LYS L 187 -71.09 -33.55 -38.96
CA LYS L 187 -72.47 -33.54 -39.41
C LYS L 187 -73.31 -32.46 -38.74
N SER L 188 -72.75 -31.71 -37.80
CA SER L 188 -73.46 -30.66 -37.08
C SER L 188 -73.44 -29.32 -37.82
N HIS L 189 -72.81 -29.26 -38.98
CA HIS L 189 -72.74 -28.05 -39.78
C HIS L 189 -72.88 -28.49 -41.24
N ARG L 190 -73.60 -27.72 -42.06
CA ARG L 190 -73.71 -28.22 -43.43
C ARG L 190 -72.43 -27.99 -44.22
N SER L 191 -71.50 -27.19 -43.72
CA SER L 191 -70.27 -26.97 -44.47
C SER L 191 -69.17 -26.43 -43.58
N TYR L 192 -67.94 -26.71 -44.01
CA TYR L 192 -66.72 -26.13 -43.45
C TYR L 192 -65.98 -25.44 -44.59
N SER L 193 -65.16 -24.46 -44.24
CA SER L 193 -64.46 -23.67 -45.24
C SER L 193 -63.01 -23.50 -44.84
N CYS L 194 -62.14 -23.51 -45.85
CA CYS L 194 -60.72 -23.21 -45.73
C CYS L 194 -60.49 -21.87 -46.43
N GLN L 195 -59.94 -20.91 -45.70
CA GLN L 195 -59.65 -19.58 -46.20
C GLN L 195 -58.14 -19.38 -46.18
N VAL L 196 -57.58 -19.07 -47.35
CA VAL L 196 -56.15 -18.93 -47.55
C VAL L 196 -55.90 -17.50 -47.98
N THR L 197 -55.23 -16.73 -47.13
CA THR L 197 -54.93 -15.33 -47.38
C THR L 197 -53.47 -15.18 -47.81
N HIS L 198 -53.27 -14.51 -48.94
CA HIS L 198 -51.95 -14.36 -49.55
C HIS L 198 -51.81 -12.93 -50.06
N GLU L 199 -50.88 -12.19 -49.47
CA GLU L 199 -50.63 -10.80 -49.87
C GLU L 199 -51.94 -10.02 -49.98
N GLY L 200 -52.86 -10.27 -49.04
CA GLY L 200 -54.14 -9.60 -48.98
C GLY L 200 -55.27 -10.32 -49.68
N SER L 201 -54.99 -11.02 -50.78
CA SER L 201 -56.03 -11.70 -51.53
C SER L 201 -56.41 -13.00 -50.83
N THR L 202 -57.70 -13.16 -50.53
CA THR L 202 -58.21 -14.34 -49.84
C THR L 202 -58.90 -15.25 -50.84
N VAL L 203 -58.54 -16.52 -50.83
CA VAL L 203 -59.17 -17.56 -51.64
C VAL L 203 -59.82 -18.55 -50.68
N GLU L 204 -60.97 -19.10 -51.06
CA GLU L 204 -61.75 -19.91 -50.14
C GLU L 204 -62.27 -21.15 -50.84
N LYS L 205 -62.45 -22.22 -50.07
CA LYS L 205 -63.10 -23.43 -50.56
C LYS L 205 -63.94 -24.05 -49.45
N THR L 206 -65.15 -24.48 -49.79
CA THR L 206 -66.07 -25.08 -48.85
C THR L 206 -66.37 -26.52 -49.21
N VAL L 207 -66.83 -27.26 -48.19
CA VAL L 207 -67.18 -28.66 -48.34
C VAL L 207 -68.34 -28.96 -47.40
N ALA L 208 -69.23 -29.84 -47.85
CA ALA L 208 -70.46 -30.17 -47.13
C ALA L 208 -70.65 -31.67 -47.06
N PRO L 209 -71.27 -32.18 -45.99
CA PRO L 209 -71.59 -33.61 -45.93
C PRO L 209 -72.53 -34.03 -47.05
N THR L 210 -72.66 -35.33 -47.21
CA THR L 210 -73.60 -35.89 -48.19
C THR L 210 -74.26 -37.15 -47.65
#